data_5VR8
#
_entry.id   5VR8
#
_cell.length_a   89.080
_cell.length_b   196.490
_cell.length_c   111.260
_cell.angle_alpha   90.00
_cell.angle_beta   111.91
_cell.angle_gamma   90.00
#
_symmetry.space_group_name_H-M   'P 1 21 1'
#
loop_
_entity.id
_entity.type
_entity.pdbx_description
1 polymer 'UDP-glucose 6-dehydrogenase'
2 non-polymer "URIDINE-5'-DIPHOSPHATE-XYLOPYRANOSE"
3 non-polymer "ADENOSINE-5'-DIPHOSPHATE"
4 water water
#
_entity_poly.entity_id   1
_entity_poly.type   'polypeptide(L)'
_entity_poly.pdbx_seq_one_letter_code
;HMFEIKKICCIGAGYVGGPTCSVIAHMCPEIRVTVVDVNESRINAWNSPTLPIYEPGLKEVVESCRGKNLFFSTNIDDAI
KEADLVFISVNTPTKTYGMGKGRAADLKYIEACARRIVQNSNGYKIVTEKSTVPVRAAESIRRIFDANTKPNLNLQVLSN
PEFLAEGTAIKDLKNPDRVLIGGDETPEGQRAVQALCAVYEHWVPREKILTTNTWSSELSKLAANAFLAQRISSINSISA
LCEATGADVEEVATAIGMDQRIGNKFLKASVGFGGSCFQKDVLNLVYLCEALNLPEVARYWQQVIDMNDYQRRRFASRII
DSLFNTVTDKKIAILGFAFKKDTGDTRESSSIYISKYLMDEGAHLHIYDPKVPREQIVVDLSHPGVSEDDQVSRLVTISK
DPYEACDGAHAVVICTEWDMFKELDYERIHKKMLKPAFIFDGRRVLDGLHNELQTIGFQIETIGKKVSSKRIPYAPSGEI
PKFSLQDPPNKKPKV
;
_entity_poly.pdbx_strand_id   A,B,C,D,E,F
#
loop_
_chem_comp.id
_chem_comp.type
_chem_comp.name
_chem_comp.formula
ADP non-polymer ADENOSINE-5'-DIPHOSPHATE 'C10 H15 N5 O10 P2'
UDX non-polymer URIDINE-5'-DIPHOSPHATE-XYLOPYRANOSE 'C14 H22 N2 O16 P2'
#
# COMPACT_ATOMS: atom_id res chain seq x y z
N MET A 2 20.60 -48.73 -30.01
CA MET A 2 19.64 -49.63 -30.63
C MET A 2 18.83 -48.94 -31.74
N PHE A 3 18.22 -47.81 -31.43
CA PHE A 3 17.36 -47.10 -32.38
C PHE A 3 18.13 -45.98 -33.06
N GLU A 4 18.09 -45.97 -34.39
CA GLU A 4 18.77 -44.95 -35.19
C GLU A 4 17.76 -44.03 -35.86
N ILE A 5 17.87 -42.73 -35.61
CA ILE A 5 17.03 -41.73 -36.26
C ILE A 5 17.49 -41.55 -37.70
N LYS A 6 16.62 -41.88 -38.67
CA LYS A 6 16.93 -41.72 -40.08
C LYS A 6 16.07 -40.69 -40.78
N LYS A 7 14.87 -40.40 -40.25
CA LYS A 7 13.99 -39.39 -40.81
C LYS A 7 13.56 -38.46 -39.68
N ILE A 8 13.70 -37.16 -39.91
CA ILE A 8 13.31 -36.14 -38.95
C ILE A 8 12.25 -35.27 -39.59
N CYS A 9 11.17 -35.02 -38.85
CA CYS A 9 10.15 -34.04 -39.18
C CYS A 9 10.19 -32.96 -38.11
N CYS A 10 10.16 -31.69 -38.53
CA CYS A 10 10.09 -30.57 -37.60
C CYS A 10 8.84 -29.79 -37.91
N ILE A 11 7.93 -29.70 -36.94
CA ILE A 11 6.74 -28.89 -37.09
C ILE A 11 7.07 -27.48 -36.65
N GLY A 12 7.10 -26.57 -37.60
CA GLY A 12 7.44 -25.18 -37.30
C GLY A 12 8.68 -24.76 -38.05
N ALA A 13 8.51 -23.93 -39.06
CA ALA A 13 9.63 -23.50 -39.92
C ALA A 13 10.01 -22.06 -39.62
N GLY A 14 10.19 -21.74 -38.35
CA GLY A 14 10.46 -20.38 -37.92
C GLY A 14 11.93 -20.14 -37.65
N TYR A 15 12.19 -19.13 -36.80
CA TYR A 15 13.56 -18.77 -36.45
C TYR A 15 14.26 -19.92 -35.73
N VAL A 16 13.50 -20.78 -35.07
CA VAL A 16 14.09 -21.94 -34.40
C VAL A 16 14.13 -23.13 -35.36
N GLY A 17 12.97 -23.53 -35.88
CA GLY A 17 12.92 -24.78 -36.64
C GLY A 17 13.73 -24.75 -37.92
N GLY A 18 13.66 -23.65 -38.67
CA GLY A 18 14.34 -23.57 -39.94
C GLY A 18 15.85 -23.70 -39.84
N PRO A 19 16.50 -22.78 -39.12
CA PRO A 19 17.97 -22.86 -39.01
C PRO A 19 18.43 -24.13 -38.32
N THR A 20 17.72 -24.59 -37.27
CA THR A 20 18.13 -25.80 -36.57
C THR A 20 18.12 -27.00 -37.50
N CYS A 21 17.03 -27.18 -38.24
CA CYS A 21 16.95 -28.32 -39.14
C CYS A 21 17.91 -28.20 -40.31
N SER A 22 18.14 -26.98 -40.79
CA SER A 22 19.11 -26.78 -41.87
C SER A 22 20.50 -27.24 -41.44
N VAL A 23 20.89 -26.94 -40.19
CA VAL A 23 22.20 -27.33 -39.71
C VAL A 23 22.27 -28.84 -39.49
N ILE A 24 21.21 -29.42 -38.92
CA ILE A 24 21.17 -30.88 -38.76
C ILE A 24 21.37 -31.56 -40.10
N ALA A 25 20.61 -31.13 -41.11
CA ALA A 25 20.75 -31.71 -42.45
C ALA A 25 22.17 -31.53 -42.95
N HIS A 26 22.75 -30.34 -42.71
CA HIS A 26 24.11 -30.07 -43.18
C HIS A 26 25.12 -31.02 -42.54
N MET A 27 24.97 -31.29 -41.24
CA MET A 27 25.95 -32.11 -40.53
C MET A 27 25.67 -33.61 -40.58
N CYS A 28 24.47 -34.01 -40.99
CA CYS A 28 24.07 -35.42 -41.01
C CYS A 28 23.54 -35.78 -42.39
N PRO A 29 24.44 -35.96 -43.37
CA PRO A 29 23.96 -36.18 -44.76
C PRO A 29 23.09 -37.41 -44.94
N GLU A 30 23.16 -38.41 -44.07
CA GLU A 30 22.36 -39.62 -44.24
C GLU A 30 20.99 -39.54 -43.57
N ILE A 31 20.62 -38.40 -42.99
CA ILE A 31 19.33 -38.22 -42.33
C ILE A 31 18.49 -37.30 -43.20
N ARG A 32 17.26 -37.72 -43.45
CA ARG A 32 16.32 -36.89 -44.19
C ARG A 32 15.58 -35.99 -43.22
N VAL A 33 15.67 -34.67 -43.45
CA VAL A 33 15.10 -33.67 -42.56
C VAL A 33 14.04 -32.89 -43.32
N THR A 34 12.79 -32.99 -42.86
CA THR A 34 11.67 -32.32 -43.48
C THR A 34 11.06 -31.33 -42.51
N VAL A 35 11.11 -30.04 -42.86
CA VAL A 35 10.54 -28.97 -42.04
C VAL A 35 9.15 -28.65 -42.57
N VAL A 36 8.14 -28.65 -41.69
CA VAL A 36 6.77 -28.39 -42.13
C VAL A 36 6.19 -27.24 -41.33
N ASP A 37 5.14 -26.63 -41.89
CA ASP A 37 4.53 -25.44 -41.32
C ASP A 37 3.15 -25.28 -41.95
N VAL A 38 2.21 -24.72 -41.17
CA VAL A 38 0.91 -24.38 -41.74
C VAL A 38 1.00 -23.16 -42.65
N ASN A 39 2.03 -22.34 -42.48
CA ASN A 39 2.16 -21.09 -43.22
C ASN A 39 2.75 -21.38 -44.59
N GLU A 40 1.90 -21.39 -45.63
CA GLU A 40 2.36 -21.79 -46.95
C GLU A 40 3.34 -20.79 -47.54
N SER A 41 3.09 -19.50 -47.34
CA SER A 41 4.01 -18.53 -47.95
C SER A 41 5.40 -18.61 -47.31
N ARG A 42 5.48 -18.97 -46.03
CA ARG A 42 6.77 -19.17 -45.38
C ARG A 42 7.50 -20.39 -45.97
N ILE A 43 6.79 -21.50 -46.14
CA ILE A 43 7.37 -22.69 -46.77
C ILE A 43 7.83 -22.37 -48.19
N ASN A 44 7.02 -21.65 -48.96
CA ASN A 44 7.42 -21.30 -50.32
C ASN A 44 8.69 -20.46 -50.32
N ALA A 45 8.82 -19.55 -49.36
CA ALA A 45 10.02 -18.73 -49.30
C ALA A 45 11.24 -19.58 -48.95
N TRP A 46 11.11 -20.53 -48.00
CA TRP A 46 12.23 -21.43 -47.70
C TRP A 46 12.68 -22.19 -48.94
N ASN A 47 11.77 -22.45 -49.88
CA ASN A 47 12.06 -23.15 -51.13
C ASN A 47 12.45 -22.22 -52.28
N SER A 48 12.70 -20.94 -52.01
CA SER A 48 12.98 -19.90 -53.02
C SER A 48 14.38 -19.32 -52.86
N PRO A 49 14.84 -18.44 -53.76
CA PRO A 49 16.13 -17.75 -53.55
C PRO A 49 16.11 -16.70 -52.45
N THR A 50 14.96 -16.35 -51.90
CA THR A 50 14.85 -15.35 -50.85
C THR A 50 14.18 -15.97 -49.64
N LEU A 51 14.99 -16.38 -48.65
CA LEU A 51 14.49 -17.06 -47.46
C LEU A 51 13.60 -16.13 -46.64
N PRO A 52 12.68 -16.69 -45.84
CA PRO A 52 11.72 -15.83 -45.11
C PRO A 52 12.32 -15.13 -43.90
N ILE A 53 13.53 -15.47 -43.48
CA ILE A 53 14.20 -14.73 -42.41
C ILE A 53 15.62 -14.42 -42.86
N TYR A 54 16.21 -13.39 -42.24
CA TYR A 54 17.60 -13.02 -42.47
C TYR A 54 18.48 -13.52 -41.32
N GLU A 55 19.39 -14.44 -41.64
CA GLU A 55 20.43 -14.96 -40.74
C GLU A 55 21.73 -15.04 -41.51
N PRO A 56 22.81 -14.41 -41.07
CA PRO A 56 24.09 -14.58 -41.76
C PRO A 56 24.43 -16.05 -41.93
N GLY A 57 24.84 -16.42 -43.13
CA GLY A 57 25.23 -17.78 -43.43
C GLY A 57 24.11 -18.77 -43.67
N LEU A 58 22.85 -18.40 -43.41
CA LEU A 58 21.76 -19.38 -43.53
C LEU A 58 21.53 -19.79 -44.98
N LYS A 59 21.52 -18.81 -45.90
CA LYS A 59 21.29 -19.11 -47.31
C LYS A 59 22.28 -20.16 -47.82
N GLU A 60 23.55 -20.03 -47.45
CA GLU A 60 24.56 -20.99 -47.91
C GLU A 60 24.29 -22.38 -47.36
N VAL A 61 23.90 -22.47 -46.08
CA VAL A 61 23.61 -23.78 -45.48
C VAL A 61 22.39 -24.42 -46.14
N VAL A 62 21.32 -23.65 -46.30
CA VAL A 62 20.10 -24.19 -46.90
C VAL A 62 20.38 -24.68 -48.31
N GLU A 63 21.08 -23.87 -49.10
CA GLU A 63 21.31 -24.22 -50.50
C GLU A 63 22.27 -25.38 -50.65
N SER A 64 23.12 -25.67 -49.67
CA SER A 64 23.96 -26.84 -49.80
C SER A 64 23.24 -28.16 -49.51
N CYS A 65 22.05 -28.10 -48.89
CA CYS A 65 21.29 -29.27 -48.44
C CYS A 65 19.92 -29.41 -49.08
N ARG A 66 19.28 -28.30 -49.45
CA ARG A 66 17.87 -28.35 -49.81
C ARG A 66 17.67 -29.18 -51.07
N GLY A 67 16.69 -30.09 -51.02
CA GLY A 67 16.44 -30.99 -52.12
C GLY A 67 17.33 -32.22 -52.12
N LYS A 68 18.31 -32.27 -51.23
CA LYS A 68 19.20 -33.41 -51.09
C LYS A 68 18.78 -34.21 -49.86
N ASN A 69 18.92 -33.64 -48.66
CA ASN A 69 18.37 -34.26 -47.47
C ASN A 69 17.62 -33.24 -46.60
N LEU A 70 17.37 -32.04 -47.12
CA LEU A 70 16.63 -31.01 -46.40
C LEU A 70 15.42 -30.61 -47.24
N PHE A 71 14.22 -30.69 -46.66
CA PHE A 71 13.00 -30.44 -47.41
C PHE A 71 12.11 -29.52 -46.59
N PHE A 72 11.38 -28.65 -47.28
CA PHE A 72 10.39 -27.76 -46.68
C PHE A 72 9.04 -28.04 -47.34
N SER A 73 8.01 -28.29 -46.53
CA SER A 73 6.74 -28.76 -47.09
C SER A 73 5.56 -28.30 -46.25
N THR A 74 4.41 -28.13 -46.91
CA THR A 74 3.15 -27.94 -46.22
C THR A 74 2.42 -29.24 -45.92
N ASN A 75 2.96 -30.38 -46.36
CA ASN A 75 2.34 -31.69 -46.11
C ASN A 75 2.77 -32.17 -44.71
N ILE A 76 2.09 -31.63 -43.70
CA ILE A 76 2.42 -31.97 -42.33
C ILE A 76 2.13 -33.43 -42.03
N ASP A 77 0.99 -33.94 -42.50
CA ASP A 77 0.54 -35.28 -42.10
C ASP A 77 1.52 -36.35 -42.55
N ASP A 78 1.98 -36.29 -43.81
CA ASP A 78 2.85 -37.33 -44.32
C ASP A 78 4.25 -37.23 -43.73
N ALA A 79 4.72 -36.02 -43.43
CA ALA A 79 6.03 -35.89 -42.79
C ALA A 79 6.03 -36.53 -41.41
N ILE A 80 4.95 -36.34 -40.64
CA ILE A 80 4.84 -36.99 -39.32
C ILE A 80 4.79 -38.51 -39.48
N LYS A 81 3.94 -38.99 -40.40
CA LYS A 81 3.70 -40.43 -40.54
C LYS A 81 4.99 -41.20 -40.76
N GLU A 82 5.92 -40.65 -41.54
CA GLU A 82 7.15 -41.38 -41.82
C GLU A 82 8.31 -41.03 -40.89
N ALA A 83 8.14 -40.12 -39.93
CA ALA A 83 9.28 -39.65 -39.16
C ALA A 83 9.67 -40.63 -38.06
N ASP A 84 10.99 -40.75 -37.83
CA ASP A 84 11.51 -41.37 -36.61
C ASP A 84 11.51 -40.39 -35.45
N LEU A 85 11.83 -39.12 -35.73
CA LEU A 85 11.89 -38.08 -34.72
C LEU A 85 11.04 -36.91 -35.20
N VAL A 86 10.15 -36.42 -34.35
CA VAL A 86 9.34 -35.25 -34.67
C VAL A 86 9.71 -34.15 -33.69
N PHE A 87 10.30 -33.07 -34.21
CA PHE A 87 10.48 -31.85 -33.42
C PHE A 87 9.20 -31.03 -33.41
N ILE A 88 8.89 -30.41 -32.27
CA ILE A 88 7.85 -29.40 -32.19
C ILE A 88 8.56 -28.08 -31.87
N SER A 89 8.56 -27.16 -32.83
CA SER A 89 9.23 -25.87 -32.68
C SER A 89 8.26 -24.79 -33.14
N VAL A 90 7.16 -24.63 -32.40
CA VAL A 90 6.12 -23.68 -32.76
C VAL A 90 6.16 -22.52 -31.77
N ASN A 91 5.34 -21.51 -32.03
CA ASN A 91 5.30 -20.37 -31.13
C ASN A 91 4.25 -20.60 -30.04
N THR A 92 4.54 -20.10 -28.84
CA THR A 92 3.62 -20.15 -27.71
C THR A 92 3.39 -18.70 -27.32
N PRO A 93 2.38 -18.05 -27.90
CA PRO A 93 2.18 -16.63 -27.63
C PRO A 93 1.66 -16.42 -26.22
N THR A 94 1.85 -15.20 -25.73
CA THR A 94 1.33 -14.87 -24.42
C THR A 94 -0.18 -14.77 -24.51
N LYS A 95 -0.86 -15.27 -23.47
CA LYS A 95 -2.31 -15.15 -23.40
C LYS A 95 -2.73 -13.69 -23.47
N THR A 96 -3.78 -13.39 -24.24
CA THR A 96 -4.27 -12.02 -24.35
C THR A 96 -5.52 -11.79 -23.51
N TYR A 97 -6.03 -12.82 -22.83
CA TYR A 97 -7.14 -12.66 -21.90
C TYR A 97 -7.10 -13.82 -20.92
N GLY A 98 -7.99 -13.76 -19.92
CA GLY A 98 -8.07 -14.82 -18.93
C GLY A 98 -6.99 -14.75 -17.86
N MET A 99 -6.85 -15.87 -17.13
CA MET A 99 -5.83 -15.98 -16.08
C MET A 99 -4.43 -15.89 -16.68
N GLY A 100 -3.60 -15.02 -16.11
CA GLY A 100 -2.26 -14.84 -16.65
C GLY A 100 -2.20 -14.03 -17.92
N LYS A 101 -3.27 -13.30 -18.23
CA LYS A 101 -3.30 -12.40 -19.38
C LYS A 101 -2.06 -11.53 -19.42
N GLY A 102 -1.41 -11.48 -20.58
CA GLY A 102 -0.21 -10.70 -20.75
C GLY A 102 1.04 -11.28 -20.11
N ARG A 103 0.94 -12.45 -19.47
CA ARG A 103 2.11 -12.99 -18.78
C ARG A 103 2.36 -14.47 -19.06
N ALA A 104 1.31 -15.29 -18.96
CA ALA A 104 1.46 -16.73 -19.08
C ALA A 104 1.41 -17.18 -20.53
N ALA A 105 2.20 -18.21 -20.85
CA ALA A 105 2.21 -18.75 -22.20
C ALA A 105 0.90 -19.49 -22.50
N ASP A 106 0.47 -19.40 -23.75
CA ASP A 106 -0.68 -20.13 -24.27
C ASP A 106 -0.18 -21.38 -24.98
N LEU A 107 -0.51 -22.55 -24.44
CA LEU A 107 -0.02 -23.82 -24.96
C LEU A 107 -0.87 -24.40 -26.09
N LYS A 108 -1.83 -23.64 -26.64
CA LYS A 108 -2.79 -24.22 -27.58
C LYS A 108 -2.13 -24.76 -28.84
N TYR A 109 -1.04 -24.13 -29.30
CA TYR A 109 -0.39 -24.64 -30.52
C TYR A 109 0.42 -25.90 -30.24
N ILE A 110 1.08 -25.97 -29.07
CA ILE A 110 1.77 -27.19 -28.65
C ILE A 110 0.78 -28.35 -28.57
N GLU A 111 -0.36 -28.11 -27.93
CA GLU A 111 -1.36 -29.16 -27.76
C GLU A 111 -1.94 -29.58 -29.12
N ALA A 112 -2.20 -28.62 -30.01
CA ALA A 112 -2.70 -28.96 -31.34
C ALA A 112 -1.67 -29.79 -32.11
N CYS A 113 -0.38 -29.49 -31.95
CA CYS A 113 0.65 -30.32 -32.57
C CYS A 113 0.65 -31.73 -32.01
N ALA A 114 0.53 -31.86 -30.68
CA ALA A 114 0.51 -33.19 -30.07
C ALA A 114 -0.68 -34.01 -30.56
N ARG A 115 -1.86 -33.40 -30.66
CA ARG A 115 -3.01 -34.14 -31.16
C ARG A 115 -2.81 -34.56 -32.62
N ARG A 116 -2.21 -33.67 -33.42
CA ARG A 116 -1.98 -34.01 -34.82
C ARG A 116 -0.94 -35.11 -34.98
N ILE A 117 0.05 -35.16 -34.09
CA ILE A 117 1.03 -36.24 -34.13
C ILE A 117 0.35 -37.58 -33.84
N VAL A 118 -0.48 -37.64 -32.79
CA VAL A 118 -1.19 -38.88 -32.48
C VAL A 118 -2.03 -39.33 -33.66
N GLN A 119 -2.78 -38.39 -34.26
CA GLN A 119 -3.65 -38.74 -35.39
C GLN A 119 -2.88 -39.36 -36.55
N ASN A 120 -1.61 -38.99 -36.74
CA ASN A 120 -0.86 -39.38 -37.92
C ASN A 120 0.27 -40.35 -37.62
N SER A 121 0.30 -40.95 -36.44
CA SER A 121 1.41 -41.81 -36.03
C SER A 121 0.92 -43.23 -35.74
N ASN A 122 1.74 -44.19 -36.13
CA ASN A 122 1.70 -45.58 -35.67
C ASN A 122 3.12 -46.01 -35.37
N GLY A 123 3.25 -47.05 -34.54
CA GLY A 123 4.58 -47.56 -34.20
C GLY A 123 5.32 -46.63 -33.24
N TYR A 124 6.65 -46.65 -33.36
CA TYR A 124 7.54 -45.96 -32.44
C TYR A 124 7.97 -44.63 -33.04
N LYS A 125 7.88 -43.56 -32.26
CA LYS A 125 8.44 -42.28 -32.67
C LYS A 125 8.95 -41.56 -31.42
N ILE A 126 9.96 -40.72 -31.62
CA ILE A 126 10.44 -39.80 -30.58
C ILE A 126 9.92 -38.41 -30.92
N VAL A 127 9.27 -37.76 -29.94
CA VAL A 127 8.71 -36.43 -30.12
C VAL A 127 9.47 -35.50 -29.19
N THR A 128 10.11 -34.47 -29.76
CA THR A 128 11.03 -33.62 -29.04
C THR A 128 10.57 -32.17 -29.13
N GLU A 129 10.32 -31.55 -27.99
CA GLU A 129 9.96 -30.16 -28.01
C GLU A 129 11.25 -29.33 -27.99
N LYS A 130 11.38 -28.41 -28.96
CA LYS A 130 12.55 -27.55 -29.09
C LYS A 130 12.09 -26.12 -29.28
N SER A 131 12.37 -25.28 -28.27
CA SER A 131 12.01 -23.87 -28.33
C SER A 131 13.03 -23.11 -27.49
N THR A 132 13.02 -21.77 -27.61
CA THR A 132 13.88 -20.99 -26.72
C THR A 132 13.27 -20.80 -25.34
N VAL A 133 11.94 -20.88 -25.22
CA VAL A 133 11.26 -20.68 -23.93
C VAL A 133 10.25 -21.81 -23.69
N PRO A 134 10.69 -22.98 -23.24
CA PRO A 134 9.73 -24.08 -22.99
C PRO A 134 9.02 -23.88 -21.65
N VAL A 135 7.69 -23.81 -21.68
CA VAL A 135 6.88 -23.56 -20.49
C VAL A 135 5.90 -24.71 -20.38
N ARG A 136 6.23 -25.70 -19.55
CA ARG A 136 5.40 -26.90 -19.36
C ARG A 136 5.11 -27.60 -20.68
N ALA A 137 6.03 -27.50 -21.64
CA ALA A 137 5.76 -28.01 -22.97
C ALA A 137 5.78 -29.54 -23.00
N ALA A 138 6.81 -30.15 -22.43
CA ALA A 138 6.89 -31.61 -22.43
C ALA A 138 5.71 -32.22 -21.66
N GLU A 139 5.36 -31.63 -20.53
CA GLU A 139 4.23 -32.15 -19.76
C GLU A 139 2.93 -32.10 -20.57
N SER A 140 2.71 -31.02 -21.31
CA SER A 140 1.45 -30.92 -22.04
C SER A 140 1.40 -31.90 -23.21
N ILE A 141 2.54 -32.15 -23.87
CA ILE A 141 2.58 -33.18 -24.90
C ILE A 141 2.31 -34.56 -24.29
N ARG A 142 2.96 -34.89 -23.17
CA ARG A 142 2.73 -36.18 -22.54
C ARG A 142 1.26 -36.32 -22.13
N ARG A 143 0.68 -35.24 -21.62
CA ARG A 143 -0.73 -35.26 -21.23
C ARG A 143 -1.61 -35.72 -22.38
N ILE A 144 -1.35 -35.19 -23.58
CA ILE A 144 -2.13 -35.57 -24.75
C ILE A 144 -1.84 -37.02 -25.15
N PHE A 145 -0.56 -37.41 -25.18
CA PHE A 145 -0.20 -38.75 -25.63
C PHE A 145 -0.73 -39.82 -24.67
N ASP A 146 -0.65 -39.57 -23.37
CA ASP A 146 -1.12 -40.56 -22.40
C ASP A 146 -2.61 -40.81 -22.52
N ALA A 147 -3.37 -39.80 -22.93
CA ALA A 147 -4.82 -39.91 -23.02
C ALA A 147 -5.33 -40.39 -24.38
N ASN A 148 -4.45 -40.49 -25.39
CA ASN A 148 -4.85 -40.82 -26.76
C ASN A 148 -3.97 -41.94 -27.31
N THR A 149 -4.07 -43.12 -26.71
CA THR A 149 -3.28 -44.28 -27.10
C THR A 149 -3.93 -45.05 -28.26
N LYS A 150 -3.10 -45.79 -28.99
CA LYS A 150 -3.45 -46.78 -30.00
C LYS A 150 -2.67 -48.06 -29.75
N PRO A 151 -3.20 -49.20 -30.20
CA PRO A 151 -2.38 -50.42 -30.21
C PRO A 151 -1.08 -50.18 -30.97
N ASN A 152 0.04 -50.57 -30.37
CA ASN A 152 1.37 -50.51 -30.96
C ASN A 152 1.89 -49.09 -31.18
N LEU A 153 1.14 -48.05 -30.81
CA LEU A 153 1.67 -46.69 -30.86
C LEU A 153 2.47 -46.42 -29.59
N ASN A 154 3.73 -45.99 -29.75
CA ASN A 154 4.65 -45.84 -28.63
C ASN A 154 5.43 -44.56 -28.85
N LEU A 155 4.90 -43.44 -28.35
CA LEU A 155 5.52 -42.13 -28.52
C LEU A 155 6.32 -41.79 -27.27
N GLN A 156 7.56 -41.38 -27.47
CA GLN A 156 8.47 -40.95 -26.40
C GLN A 156 8.63 -39.42 -26.47
N VAL A 157 8.58 -38.75 -25.33
CA VAL A 157 8.65 -37.29 -25.28
C VAL A 157 10.00 -36.87 -24.69
N LEU A 158 10.72 -36.04 -25.43
CA LEU A 158 11.97 -35.44 -24.98
C LEU A 158 11.83 -33.92 -24.96
N SER A 159 12.68 -33.29 -24.14
CA SER A 159 12.88 -31.85 -24.16
C SER A 159 14.27 -31.57 -24.71
N ASN A 160 14.39 -30.63 -25.64
CA ASN A 160 15.68 -30.28 -26.25
C ASN A 160 15.72 -28.78 -26.54
N PRO A 161 15.88 -27.96 -25.50
CA PRO A 161 15.80 -26.51 -25.68
C PRO A 161 16.84 -25.99 -26.64
N GLU A 162 16.51 -24.88 -27.32
CA GLU A 162 17.40 -24.28 -28.31
C GLU A 162 18.07 -23.05 -27.73
N PHE A 163 19.40 -23.04 -27.71
CA PHE A 163 20.18 -21.95 -27.12
C PHE A 163 20.67 -20.91 -28.12
N LEU A 164 20.41 -21.11 -29.42
CA LEU A 164 20.93 -20.17 -30.39
C LEU A 164 20.37 -18.78 -30.12
N ALA A 165 21.17 -17.78 -30.48
CA ALA A 165 20.72 -16.39 -30.52
C ALA A 165 20.57 -15.99 -31.99
N GLU A 166 19.51 -15.24 -32.28
CA GLU A 166 19.29 -14.80 -33.66
C GLU A 166 20.39 -13.84 -34.09
N GLY A 167 20.70 -13.87 -35.39
CA GLY A 167 21.83 -13.15 -35.92
C GLY A 167 23.15 -13.89 -35.87
N THR A 168 23.28 -14.86 -34.97
CA THR A 168 24.44 -15.75 -34.95
C THR A 168 23.99 -17.20 -34.94
N ALA A 169 22.81 -17.48 -35.51
CA ALA A 169 22.20 -18.81 -35.39
C ALA A 169 23.11 -19.90 -35.94
N ILE A 170 23.68 -19.68 -37.14
CA ILE A 170 24.43 -20.76 -37.79
C ILE A 170 25.69 -21.08 -36.99
N LYS A 171 26.46 -20.05 -36.61
CA LYS A 171 27.64 -20.30 -35.79
C LYS A 171 27.27 -20.92 -34.46
N ASP A 172 26.18 -20.46 -33.83
CA ASP A 172 25.75 -21.05 -32.55
C ASP A 172 25.33 -22.51 -32.72
N LEU A 173 24.60 -22.82 -33.81
CA LEU A 173 24.17 -24.21 -33.99
C LEU A 173 25.33 -25.12 -34.31
N LYS A 174 26.36 -24.60 -35.01
CA LYS A 174 27.47 -25.45 -35.39
C LYS A 174 28.46 -25.68 -34.25
N ASN A 175 28.53 -24.77 -33.28
CA ASN A 175 29.45 -24.91 -32.15
C ASN A 175 28.73 -24.50 -30.86
N PRO A 176 27.73 -25.26 -30.44
CA PRO A 176 27.01 -24.89 -29.22
C PRO A 176 27.86 -25.05 -27.98
N ASP A 177 27.67 -24.14 -27.01
CA ASP A 177 28.34 -24.29 -25.73
C ASP A 177 27.95 -25.60 -25.07
N ARG A 178 26.67 -25.96 -25.17
CA ARG A 178 26.20 -27.27 -24.72
C ARG A 178 24.90 -27.59 -25.44
N VAL A 179 24.62 -28.89 -25.51
CA VAL A 179 23.33 -29.42 -25.96
C VAL A 179 22.65 -30.00 -24.75
N LEU A 180 21.38 -29.69 -24.57
CA LEU A 180 20.64 -30.10 -23.38
C LEU A 180 19.46 -30.96 -23.82
N ILE A 181 19.40 -32.20 -23.34
CA ILE A 181 18.34 -33.13 -23.71
C ILE A 181 17.75 -33.69 -22.42
N GLY A 182 16.45 -33.56 -22.25
CA GLY A 182 15.72 -34.14 -21.13
C GLY A 182 14.82 -35.26 -21.62
N GLY A 183 14.79 -36.37 -20.87
CA GLY A 183 13.91 -37.48 -21.14
C GLY A 183 13.63 -38.23 -19.85
N ASP A 184 12.67 -39.15 -19.89
CA ASP A 184 12.31 -39.88 -18.69
C ASP A 184 13.44 -40.78 -18.21
N GLU A 185 13.51 -40.94 -16.89
CA GLU A 185 14.48 -41.84 -16.27
C GLU A 185 13.90 -43.25 -16.21
N THR A 186 13.61 -43.77 -17.39
CA THR A 186 13.11 -45.12 -17.61
C THR A 186 13.96 -45.73 -18.70
N PRO A 187 13.92 -47.06 -18.88
CA PRO A 187 14.63 -47.65 -20.03
C PRO A 187 14.23 -47.03 -21.37
N GLU A 188 12.93 -46.88 -21.64
CA GLU A 188 12.49 -46.29 -22.91
C GLU A 188 12.92 -44.83 -23.03
N GLY A 189 12.79 -44.07 -21.95
CA GLY A 189 13.23 -42.69 -22.01
C GLY A 189 14.71 -42.56 -22.32
N GLN A 190 15.54 -43.41 -21.69
CA GLN A 190 16.98 -43.33 -21.93
C GLN A 190 17.35 -43.82 -23.34
N ARG A 191 16.63 -44.83 -23.85
CA ARG A 191 16.83 -45.20 -25.25
C ARG A 191 16.52 -44.03 -26.19
N ALA A 192 15.44 -43.28 -25.93
CA ALA A 192 15.12 -42.13 -26.75
C ALA A 192 16.18 -41.03 -26.64
N VAL A 193 16.59 -40.71 -25.41
CA VAL A 193 17.65 -39.71 -25.21
C VAL A 193 18.89 -40.08 -26.00
N GLN A 194 19.31 -41.34 -25.89
CA GLN A 194 20.52 -41.78 -26.56
C GLN A 194 20.39 -41.64 -28.08
N ALA A 195 19.21 -41.97 -28.62
CA ALA A 195 19.00 -41.80 -30.07
C ALA A 195 19.19 -40.34 -30.49
N LEU A 196 18.66 -39.38 -29.72
CA LEU A 196 18.86 -37.97 -30.09
C LEU A 196 20.31 -37.53 -29.90
N CYS A 197 20.96 -38.00 -28.82
CA CYS A 197 22.40 -37.76 -28.64
C CYS A 197 23.19 -38.18 -29.88
N ALA A 198 22.85 -39.35 -30.45
CA ALA A 198 23.57 -39.86 -31.62
C ALA A 198 23.46 -38.93 -32.82
N VAL A 199 22.34 -38.22 -32.96
CA VAL A 199 22.25 -37.20 -34.02
C VAL A 199 23.26 -36.09 -33.76
N TYR A 200 23.21 -35.49 -32.57
CA TYR A 200 24.09 -34.35 -32.28
C TYR A 200 25.56 -34.74 -32.30
N GLU A 201 25.88 -36.00 -32.00
CA GLU A 201 27.29 -36.41 -32.00
C GLU A 201 27.91 -36.42 -33.39
N HIS A 202 27.12 -36.24 -34.45
CA HIS A 202 27.75 -36.07 -35.75
C HIS A 202 28.62 -34.82 -35.81
N TRP A 203 28.36 -33.82 -34.95
CA TRP A 203 29.18 -32.62 -34.98
C TRP A 203 29.44 -31.97 -33.62
N VAL A 204 28.85 -32.47 -32.54
CA VAL A 204 29.03 -31.90 -31.19
C VAL A 204 29.78 -32.92 -30.34
N PRO A 205 30.88 -32.55 -29.69
CA PRO A 205 31.59 -33.49 -28.81
C PRO A 205 30.69 -33.97 -27.68
N ARG A 206 30.89 -35.23 -27.28
CA ARG A 206 30.04 -35.86 -26.28
C ARG A 206 30.08 -35.11 -24.95
N GLU A 207 31.23 -34.54 -24.58
CA GLU A 207 31.34 -33.85 -23.30
C GLU A 207 30.52 -32.55 -23.28
N LYS A 208 30.04 -32.07 -24.41
CA LYS A 208 29.20 -30.87 -24.44
C LYS A 208 27.71 -31.20 -24.50
N ILE A 209 27.34 -32.48 -24.40
CA ILE A 209 25.94 -32.89 -24.42
C ILE A 209 25.53 -33.27 -22.99
N LEU A 210 24.59 -32.52 -22.43
CA LEU A 210 24.05 -32.80 -21.11
C LEU A 210 22.70 -33.50 -21.22
N THR A 211 22.49 -34.53 -20.42
CA THR A 211 21.22 -35.25 -20.40
C THR A 211 20.63 -35.22 -18.99
N THR A 212 19.31 -35.06 -18.93
CA THR A 212 18.61 -34.91 -17.65
C THR A 212 17.16 -35.36 -17.89
N ASN A 213 16.25 -35.02 -16.97
CA ASN A 213 14.84 -35.32 -17.21
C ASN A 213 14.18 -34.09 -17.85
N THR A 214 12.92 -34.25 -18.30
CA THR A 214 12.35 -33.17 -19.12
C THR A 214 12.13 -31.90 -18.30
N TRP A 215 11.69 -32.03 -17.05
CA TRP A 215 11.44 -30.82 -16.27
C TRP A 215 12.74 -30.09 -15.98
N SER A 216 13.78 -30.81 -15.57
CA SER A 216 15.05 -30.15 -15.27
C SER A 216 15.58 -29.44 -16.51
N SER A 217 15.41 -30.06 -17.68
CA SER A 217 15.80 -29.44 -18.95
C SER A 217 15.07 -28.11 -19.17
N GLU A 218 13.74 -28.10 -19.02
CA GLU A 218 12.99 -26.87 -19.25
C GLU A 218 13.31 -25.82 -18.20
N LEU A 219 13.39 -26.22 -16.94
CA LEU A 219 13.73 -25.26 -15.90
C LEU A 219 15.11 -24.66 -16.13
N SER A 220 16.07 -25.48 -16.56
CA SER A 220 17.42 -24.97 -16.82
C SER A 220 17.39 -23.90 -17.89
N LYS A 221 16.60 -24.11 -18.95
CA LYS A 221 16.49 -23.12 -20.01
C LYS A 221 15.82 -21.84 -19.51
N LEU A 222 14.70 -21.97 -18.80
CA LEU A 222 14.02 -20.80 -18.26
C LEU A 222 14.97 -19.99 -17.37
N ALA A 223 15.74 -20.67 -16.52
CA ALA A 223 16.65 -19.97 -15.64
C ALA A 223 17.81 -19.36 -16.41
N ALA A 224 18.39 -20.11 -17.35
CA ALA A 224 19.55 -19.59 -18.08
C ALA A 224 19.17 -18.33 -18.85
N ASN A 225 18.04 -18.35 -19.56
CA ASN A 225 17.56 -17.14 -20.24
C ASN A 225 17.45 -15.97 -19.26
N ALA A 226 16.90 -16.24 -18.06
CA ALA A 226 16.70 -15.16 -17.10
C ALA A 226 18.03 -14.60 -16.58
N PHE A 227 19.03 -15.46 -16.39
CA PHE A 227 20.34 -14.97 -15.97
C PHE A 227 20.92 -14.03 -17.02
N LEU A 228 20.77 -14.37 -18.30
CA LEU A 228 21.26 -13.51 -19.39
C LEU A 228 20.52 -12.17 -19.39
N ALA A 229 19.19 -12.21 -19.34
CA ALA A 229 18.42 -10.97 -19.30
C ALA A 229 18.80 -10.13 -18.10
N GLN A 230 19.08 -10.78 -16.97
CA GLN A 230 19.47 -10.06 -15.74
C GLN A 230 20.80 -9.33 -15.88
N ARG A 231 21.78 -9.93 -16.56
CA ARG A 231 23.05 -9.23 -16.77
C ARG A 231 22.83 -7.89 -17.49
N ILE A 232 21.95 -7.88 -18.48
CA ILE A 232 21.67 -6.67 -19.24
C ILE A 232 20.97 -5.62 -18.36
N SER A 233 19.93 -6.03 -17.64
CA SER A 233 19.24 -5.09 -16.77
C SER A 233 20.17 -4.59 -15.68
N SER A 234 21.08 -5.44 -15.20
CA SER A 234 22.03 -5.01 -14.20
C SER A 234 22.95 -3.94 -14.77
N ILE A 235 23.49 -4.17 -15.99
CA ILE A 235 24.42 -3.15 -16.50
C ILE A 235 23.64 -1.89 -16.92
N ASN A 236 22.39 -2.05 -17.36
CA ASN A 236 21.57 -0.90 -17.68
C ASN A 236 21.22 -0.08 -16.43
N SER A 237 20.98 -0.75 -15.30
CA SER A 237 20.80 0.00 -14.05
C SER A 237 22.05 0.80 -13.68
N ILE A 238 23.23 0.22 -13.91
CA ILE A 238 24.48 0.95 -13.67
C ILE A 238 24.62 2.12 -14.66
N SER A 239 24.08 1.96 -15.89
CA SER A 239 24.17 3.04 -16.85
C SER A 239 23.41 4.28 -16.38
N ALA A 240 22.26 4.08 -15.72
CA ALA A 240 21.54 5.22 -15.16
C ALA A 240 22.34 5.87 -14.04
N LEU A 241 22.99 5.06 -13.21
CA LEU A 241 23.85 5.59 -12.16
C LEU A 241 25.05 6.35 -12.74
N CYS A 242 25.61 5.86 -13.86
CA CYS A 242 26.71 6.55 -14.53
C CYS A 242 26.27 7.92 -15.03
N GLU A 243 25.11 7.97 -15.69
CA GLU A 243 24.60 9.25 -16.20
C GLU A 243 24.41 10.26 -15.08
N ALA A 244 23.99 9.79 -13.90
CA ALA A 244 23.73 10.71 -12.80
C ALA A 244 24.99 11.17 -12.09
N THR A 245 26.14 10.52 -12.31
CA THR A 245 27.32 10.81 -11.50
C THR A 245 28.58 11.11 -12.31
N GLY A 246 28.49 11.18 -13.64
CA GLY A 246 29.64 11.57 -14.44
C GLY A 246 30.59 10.45 -14.79
N ALA A 247 30.21 9.20 -14.61
CA ALA A 247 31.01 8.05 -14.99
C ALA A 247 30.53 7.53 -16.35
N ASP A 248 31.27 6.58 -16.91
CA ASP A 248 30.99 6.03 -18.24
C ASP A 248 30.74 4.53 -18.12
N VAL A 249 29.52 4.09 -18.47
CA VAL A 249 29.15 2.69 -18.24
C VAL A 249 30.05 1.73 -19.02
N GLU A 250 30.55 2.14 -20.19
CA GLU A 250 31.43 1.24 -20.94
C GLU A 250 32.74 1.00 -20.18
N GLU A 251 33.27 2.03 -19.53
CA GLU A 251 34.48 1.84 -18.71
C GLU A 251 34.16 1.03 -17.46
N VAL A 252 33.03 1.32 -16.81
CA VAL A 252 32.66 0.54 -15.63
C VAL A 252 32.45 -0.91 -16.01
N ALA A 253 31.80 -1.15 -17.16
CA ALA A 253 31.57 -2.52 -17.61
C ALA A 253 32.89 -3.25 -17.85
N THR A 254 33.89 -2.55 -18.40
CA THR A 254 35.19 -3.18 -18.60
C THR A 254 35.78 -3.63 -17.27
N ALA A 255 35.75 -2.74 -16.27
CA ALA A 255 36.30 -3.08 -14.97
C ALA A 255 35.54 -4.26 -14.35
N ILE A 256 34.21 -4.26 -14.45
CA ILE A 256 33.42 -5.36 -13.90
C ILE A 256 33.79 -6.68 -14.58
N GLY A 257 33.77 -6.68 -15.92
CA GLY A 257 33.88 -7.91 -16.70
C GLY A 257 35.24 -8.56 -16.64
N MET A 258 36.26 -7.85 -16.18
CA MET A 258 37.57 -8.47 -16.03
C MET A 258 37.65 -9.40 -14.84
N ASP A 259 36.67 -9.38 -13.93
CA ASP A 259 36.53 -10.44 -12.95
C ASP A 259 36.13 -11.73 -13.67
N GLN A 260 36.99 -12.74 -13.66
CA GLN A 260 36.69 -13.98 -14.35
C GLN A 260 35.55 -14.75 -13.70
N ARG A 261 35.17 -14.41 -12.48
CA ARG A 261 33.96 -15.01 -11.91
C ARG A 261 32.70 -14.37 -12.45
N ILE A 262 32.79 -13.14 -12.95
CA ILE A 262 31.64 -12.48 -13.56
C ILE A 262 31.63 -12.72 -15.08
N GLY A 263 32.79 -12.64 -15.72
CA GLY A 263 32.88 -12.76 -17.17
C GLY A 263 32.56 -11.44 -17.86
N ASN A 264 33.03 -11.32 -19.11
CA ASN A 264 32.96 -10.02 -19.79
C ASN A 264 31.89 -9.96 -20.89
N LYS A 265 31.02 -10.96 -21.01
CA LYS A 265 29.98 -10.98 -22.03
C LYS A 265 28.65 -10.47 -21.46
N PHE A 266 27.78 -9.98 -22.36
CA PHE A 266 26.45 -9.49 -21.99
C PHE A 266 26.50 -8.38 -20.96
N LEU A 267 27.47 -7.48 -21.13
CA LEU A 267 27.56 -6.28 -20.31
C LEU A 267 27.52 -5.01 -21.16
N LYS A 268 26.84 -5.07 -22.31
CA LYS A 268 26.72 -3.92 -23.21
C LYS A 268 25.39 -3.23 -22.90
N ALA A 269 25.47 -2.09 -22.22
CA ALA A 269 24.27 -1.32 -21.88
C ALA A 269 23.59 -0.85 -23.18
N SER A 270 22.27 -0.69 -23.11
CA SER A 270 21.50 -0.43 -24.32
C SER A 270 20.19 0.23 -23.94
N VAL A 271 19.45 0.68 -24.96
CA VAL A 271 18.10 1.19 -24.75
C VAL A 271 17.19 0.16 -24.10
N GLY A 272 17.49 -1.11 -24.25
CA GLY A 272 16.79 -2.18 -23.55
C GLY A 272 16.76 -3.44 -24.41
N PHE A 273 16.76 -4.59 -23.73
CA PHE A 273 16.73 -5.84 -24.48
C PHE A 273 15.36 -6.09 -25.10
N GLY A 274 15.39 -6.74 -26.26
CA GLY A 274 14.17 -7.21 -26.92
C GLY A 274 14.27 -8.65 -27.35
N GLY A 275 13.44 -9.06 -28.32
CA GLY A 275 13.45 -10.43 -28.76
C GLY A 275 12.28 -11.21 -28.16
N SER A 276 11.93 -12.30 -28.84
CA SER A 276 10.82 -13.17 -28.43
C SER A 276 11.16 -14.04 -27.22
N CYS A 277 12.39 -14.00 -26.71
CA CYS A 277 12.79 -14.86 -25.60
C CYS A 277 12.71 -14.18 -24.24
N PHE A 278 13.48 -13.11 -24.03
CA PHE A 278 13.81 -12.70 -22.65
C PHE A 278 12.57 -12.25 -21.87
N GLN A 279 11.80 -11.29 -22.40
CA GLN A 279 10.66 -10.81 -21.63
C GLN A 279 9.66 -11.93 -21.37
N LYS A 280 9.32 -12.69 -22.43
CA LYS A 280 8.41 -13.82 -22.28
C LYS A 280 8.93 -14.80 -21.24
N ASP A 281 10.23 -15.08 -21.26
CA ASP A 281 10.82 -16.04 -20.33
C ASP A 281 10.69 -15.56 -18.88
N VAL A 282 11.02 -14.30 -18.60
CA VAL A 282 10.94 -13.81 -17.23
C VAL A 282 9.48 -13.72 -16.77
N LEU A 283 8.59 -13.23 -17.63
CA LEU A 283 7.18 -13.18 -17.28
C LEU A 283 6.63 -14.57 -16.93
N ASN A 284 7.01 -15.60 -17.71
CA ASN A 284 6.53 -16.94 -17.41
C ASN A 284 7.19 -17.50 -16.15
N LEU A 285 8.46 -17.15 -15.90
CA LEU A 285 9.11 -17.56 -14.66
C LEU A 285 8.42 -16.94 -13.46
N VAL A 286 8.12 -15.63 -13.54
CA VAL A 286 7.41 -14.95 -12.45
C VAL A 286 6.04 -15.60 -12.24
N TYR A 287 5.31 -15.86 -13.34
CA TYR A 287 3.98 -16.45 -13.22
C TYR A 287 4.05 -17.85 -12.62
N LEU A 288 5.01 -18.67 -13.05
CA LEU A 288 5.19 -19.98 -12.46
C LEU A 288 5.47 -19.87 -10.96
N CYS A 289 6.34 -18.93 -10.55
CA CYS A 289 6.66 -18.79 -9.14
C CYS A 289 5.45 -18.39 -8.33
N GLU A 290 4.64 -17.45 -8.83
CA GLU A 290 3.42 -17.07 -8.11
C GLU A 290 2.49 -18.27 -7.97
N ALA A 291 2.37 -19.08 -9.02
CA ALA A 291 1.48 -20.24 -8.95
C ALA A 291 1.96 -21.28 -7.94
N LEU A 292 3.27 -21.36 -7.72
CA LEU A 292 3.85 -22.28 -6.74
C LEU A 292 3.93 -21.67 -5.35
N ASN A 293 3.30 -20.52 -5.14
CA ASN A 293 3.40 -19.81 -3.85
C ASN A 293 4.86 -19.52 -3.50
N LEU A 294 5.60 -18.99 -4.46
CA LEU A 294 6.96 -18.48 -4.23
C LEU A 294 6.99 -16.99 -4.55
N PRO A 295 6.26 -16.16 -3.79
CA PRO A 295 6.19 -14.74 -4.15
C PRO A 295 7.53 -14.03 -4.03
N GLU A 296 8.41 -14.46 -3.12
CA GLU A 296 9.73 -13.82 -3.03
C GLU A 296 10.56 -14.06 -4.30
N VAL A 297 10.50 -15.27 -4.85
CA VAL A 297 11.21 -15.54 -6.09
C VAL A 297 10.58 -14.77 -7.24
N ALA A 298 9.24 -14.73 -7.29
CA ALA A 298 8.55 -13.99 -8.34
C ALA A 298 8.97 -12.52 -8.36
N ARG A 299 8.95 -11.85 -7.20
CA ARG A 299 9.29 -10.42 -7.26
C ARG A 299 10.78 -10.21 -7.47
N TYR A 300 11.60 -11.19 -7.14
CA TYR A 300 13.03 -11.10 -7.45
C TYR A 300 13.24 -11.01 -8.95
N TRP A 301 12.63 -11.92 -9.72
CA TRP A 301 12.86 -11.92 -11.16
C TRP A 301 12.08 -10.82 -11.88
N GLN A 302 10.94 -10.38 -11.33
CA GLN A 302 10.19 -9.30 -11.95
C GLN A 302 11.04 -8.04 -12.14
N GLN A 303 12.00 -7.80 -11.25
CA GLN A 303 12.84 -6.61 -11.37
C GLN A 303 13.60 -6.58 -12.69
N VAL A 304 13.90 -7.74 -13.29
CA VAL A 304 14.59 -7.76 -14.57
C VAL A 304 13.76 -7.05 -15.63
N ILE A 305 12.45 -7.29 -15.63
CA ILE A 305 11.54 -6.64 -16.57
C ILE A 305 11.31 -5.18 -16.20
N ASP A 306 11.06 -4.90 -14.92
CA ASP A 306 10.82 -3.52 -14.50
C ASP A 306 11.99 -2.62 -14.87
N MET A 307 13.23 -3.11 -14.67
CA MET A 307 14.40 -2.31 -15.04
C MET A 307 14.47 -2.10 -16.54
N ASN A 308 14.18 -3.15 -17.33
CA ASN A 308 14.19 -2.99 -18.78
C ASN A 308 13.15 -1.96 -19.21
N ASP A 309 11.95 -2.01 -18.62
CA ASP A 309 10.93 -1.02 -18.97
C ASP A 309 11.36 0.38 -18.59
N TYR A 310 11.98 0.53 -17.43
CA TYR A 310 12.48 1.82 -16.99
C TYR A 310 13.57 2.35 -17.92
N GLN A 311 14.47 1.46 -18.35
CA GLN A 311 15.56 1.88 -19.25
C GLN A 311 15.01 2.48 -20.54
N ARG A 312 14.01 1.83 -21.14
CA ARG A 312 13.38 2.36 -22.34
C ARG A 312 12.70 3.69 -22.05
N ARG A 313 11.91 3.75 -20.97
CA ARG A 313 11.21 5.00 -20.64
C ARG A 313 12.19 6.15 -20.39
N ARG A 314 13.28 5.88 -19.68
CA ARG A 314 14.26 6.93 -19.40
C ARG A 314 14.90 7.44 -20.69
N PHE A 315 15.21 6.53 -21.61
CA PHE A 315 15.81 6.94 -22.88
C PHE A 315 14.85 7.85 -23.65
N ALA A 316 13.58 7.45 -23.77
CA ALA A 316 12.61 8.26 -24.51
C ALA A 316 12.45 9.64 -23.87
N SER A 317 12.39 9.70 -22.54
CA SER A 317 12.15 10.99 -21.90
C SER A 317 13.39 11.89 -21.97
N ARG A 318 14.59 11.31 -22.07
CA ARG A 318 15.78 12.12 -22.36
C ARG A 318 15.68 12.77 -23.72
N ILE A 319 15.18 12.02 -24.72
CA ILE A 319 14.96 12.58 -26.04
C ILE A 319 13.94 13.71 -25.97
N ILE A 320 12.83 13.47 -25.29
CA ILE A 320 11.77 14.45 -25.23
C ILE A 320 12.23 15.69 -24.48
N ASP A 321 12.96 15.50 -23.38
CA ASP A 321 13.51 16.62 -22.63
C ASP A 321 14.47 17.43 -23.47
N SER A 322 15.34 16.74 -24.23
CA SER A 322 16.29 17.45 -25.08
C SER A 322 15.59 18.28 -26.14
N LEU A 323 14.42 17.84 -26.60
CA LEU A 323 13.59 18.63 -27.50
C LEU A 323 12.68 19.60 -26.74
N PHE A 324 12.97 19.83 -25.46
CA PHE A 324 12.27 20.82 -24.62
C PHE A 324 10.78 20.51 -24.46
N ASN A 325 10.45 19.21 -24.44
CA ASN A 325 9.15 18.68 -24.04
C ASN A 325 8.03 19.03 -25.02
N THR A 326 8.34 19.44 -26.24
CA THR A 326 7.33 19.49 -27.30
C THR A 326 7.93 18.88 -28.56
N VAL A 327 7.26 17.87 -29.10
CA VAL A 327 7.74 17.17 -30.27
C VAL A 327 6.70 17.19 -31.39
N THR A 328 5.61 17.91 -31.18
CA THR A 328 4.57 18.02 -32.19
C THR A 328 5.15 18.48 -33.52
N ASP A 329 4.91 17.69 -34.56
CA ASP A 329 5.31 17.97 -35.93
C ASP A 329 6.82 18.01 -36.14
N LYS A 330 7.62 17.53 -35.19
CA LYS A 330 9.06 17.46 -35.38
C LYS A 330 9.46 16.16 -36.05
N LYS A 331 10.26 16.26 -37.11
CA LYS A 331 10.76 15.06 -37.77
C LYS A 331 11.89 14.46 -36.95
N ILE A 332 11.82 13.16 -36.71
CA ILE A 332 12.82 12.42 -35.95
C ILE A 332 13.14 11.16 -36.73
N ALA A 333 14.42 10.91 -36.96
CA ALA A 333 14.87 9.69 -37.62
C ALA A 333 15.07 8.58 -36.59
N ILE A 334 14.48 7.42 -36.87
CA ILE A 334 14.69 6.19 -36.09
C ILE A 334 15.58 5.30 -36.95
N LEU A 335 16.82 5.10 -36.53
CA LEU A 335 17.77 4.24 -37.25
C LEU A 335 17.84 2.91 -36.51
N GLY A 336 17.27 1.87 -37.10
CA GLY A 336 17.27 0.56 -36.49
C GLY A 336 15.92 0.20 -35.92
N PHE A 337 15.28 -0.83 -36.45
CA PHE A 337 14.02 -1.32 -35.92
C PHE A 337 14.09 -2.77 -35.46
N ALA A 338 15.02 -3.57 -35.98
CA ALA A 338 15.20 -4.94 -35.50
C ALA A 338 15.61 -4.92 -34.02
N PHE A 339 15.38 -6.04 -33.33
CA PHE A 339 15.65 -6.05 -31.90
C PHE A 339 17.14 -6.15 -31.57
N LYS A 340 17.98 -6.49 -32.55
CA LYS A 340 19.44 -6.50 -32.49
C LYS A 340 19.92 -6.53 -33.93
N LYS A 341 21.23 -6.41 -34.13
CA LYS A 341 21.73 -6.36 -35.50
C LYS A 341 21.71 -7.74 -36.15
N ASP A 342 21.77 -7.74 -37.48
CA ASP A 342 21.91 -8.95 -38.30
C ASP A 342 20.68 -9.86 -38.23
N THR A 343 19.50 -9.29 -38.02
CA THR A 343 18.24 -10.00 -38.15
C THR A 343 17.18 -9.02 -38.66
N GLY A 344 16.15 -9.56 -39.32
CA GLY A 344 14.98 -8.77 -39.64
C GLY A 344 13.85 -8.89 -38.64
N ASP A 345 14.07 -9.65 -37.55
CA ASP A 345 13.07 -9.91 -36.52
C ASP A 345 12.88 -8.67 -35.64
N THR A 346 11.63 -8.29 -35.37
CA THR A 346 11.33 -7.13 -34.53
C THR A 346 10.65 -7.48 -33.21
N ARG A 347 10.47 -8.77 -32.90
CA ARG A 347 9.65 -9.12 -31.75
C ARG A 347 10.19 -8.49 -30.46
N GLU A 348 9.33 -7.72 -29.78
CA GLU A 348 9.67 -6.98 -28.55
C GLU A 348 10.87 -6.05 -28.72
N SER A 349 11.14 -5.59 -29.95
CA SER A 349 12.25 -4.66 -30.14
C SER A 349 12.02 -3.37 -29.36
N SER A 350 13.07 -2.87 -28.72
CA SER A 350 12.97 -1.58 -28.04
C SER A 350 12.61 -0.46 -29.01
N SER A 351 12.93 -0.63 -30.30
CA SER A 351 12.58 0.39 -31.30
C SER A 351 11.07 0.62 -31.36
N ILE A 352 10.27 -0.43 -31.17
CA ILE A 352 8.81 -0.27 -31.15
C ILE A 352 8.40 0.65 -30.02
N TYR A 353 8.94 0.40 -28.83
CA TYR A 353 8.54 1.17 -27.65
C TYR A 353 9.01 2.61 -27.72
N ILE A 354 10.27 2.82 -28.14
CA ILE A 354 10.76 4.19 -28.28
C ILE A 354 9.91 4.95 -29.31
N SER A 355 9.60 4.30 -30.44
CA SER A 355 8.76 4.91 -31.46
C SER A 355 7.38 5.28 -30.90
N LYS A 356 6.78 4.36 -30.13
CA LYS A 356 5.45 4.64 -29.60
C LYS A 356 5.49 5.78 -28.58
N TYR A 357 6.53 5.84 -27.74
CA TYR A 357 6.63 6.97 -26.83
C TYR A 357 6.69 8.29 -27.58
N LEU A 358 7.44 8.34 -28.69
CA LEU A 358 7.56 9.57 -29.45
C LEU A 358 6.28 9.87 -30.22
N MET A 359 5.60 8.84 -30.73
CA MET A 359 4.32 9.06 -31.41
C MET A 359 3.29 9.65 -30.45
N ASP A 360 3.31 9.20 -29.19
CA ASP A 360 2.44 9.78 -28.17
C ASP A 360 2.74 11.26 -27.95
N GLU A 361 3.91 11.74 -28.37
CA GLU A 361 4.25 13.16 -28.31
C GLU A 361 3.99 13.88 -29.62
N GLY A 362 3.44 13.20 -30.62
CA GLY A 362 3.13 13.86 -31.88
C GLY A 362 4.29 13.96 -32.84
N ALA A 363 5.38 13.23 -32.60
CA ALA A 363 6.52 13.28 -33.49
C ALA A 363 6.21 12.66 -34.85
N HIS A 364 6.88 13.15 -35.90
CA HIS A 364 6.83 12.56 -37.23
C HIS A 364 8.07 11.67 -37.38
N LEU A 365 7.89 10.38 -37.23
CA LEU A 365 9.00 9.43 -37.26
C LEU A 365 9.26 9.00 -38.70
N HIS A 366 10.53 9.00 -39.09
CA HIS A 366 10.97 8.40 -40.35
C HIS A 366 11.92 7.27 -39.97
N ILE A 367 11.54 6.04 -40.29
CA ILE A 367 12.19 4.86 -39.74
C ILE A 367 12.99 4.16 -40.82
N TYR A 368 14.25 3.86 -40.54
CA TYR A 368 15.08 3.11 -41.48
C TYR A 368 15.68 1.88 -40.79
N ASP A 369 15.60 0.73 -41.46
CA ASP A 369 16.27 -0.47 -41.02
C ASP A 369 16.66 -1.24 -42.28
N PRO A 370 17.89 -1.75 -42.37
CA PRO A 370 18.34 -2.41 -43.62
C PRO A 370 17.66 -3.73 -43.93
N LYS A 371 17.03 -4.38 -42.95
CA LYS A 371 16.47 -5.71 -43.16
C LYS A 371 15.01 -5.88 -42.72
N VAL A 372 14.50 -5.06 -41.82
CA VAL A 372 13.10 -5.25 -41.40
C VAL A 372 12.18 -4.84 -42.55
N PRO A 373 11.22 -5.70 -42.94
CA PRO A 373 10.29 -5.32 -44.02
C PRO A 373 9.41 -4.15 -43.62
N ARG A 374 9.11 -3.29 -44.61
CA ARG A 374 8.29 -2.10 -44.36
C ARG A 374 6.96 -2.46 -43.70
N GLU A 375 6.27 -3.46 -44.24
CA GLU A 375 4.96 -3.84 -43.72
C GLU A 375 5.03 -4.29 -42.26
N GLN A 376 6.16 -4.87 -41.84
CA GLN A 376 6.30 -5.28 -40.44
C GLN A 376 6.35 -4.07 -39.51
N ILE A 377 7.06 -3.02 -39.91
CA ILE A 377 7.10 -1.81 -39.08
C ILE A 377 5.71 -1.22 -38.92
N VAL A 378 4.92 -1.20 -40.01
CA VAL A 378 3.56 -0.66 -39.96
C VAL A 378 2.72 -1.44 -38.95
N VAL A 379 2.78 -2.77 -39.03
CA VAL A 379 2.02 -3.61 -38.11
C VAL A 379 2.47 -3.37 -36.67
N ASP A 380 3.80 -3.33 -36.43
CA ASP A 380 4.32 -3.21 -35.07
C ASP A 380 3.88 -1.91 -34.41
N LEU A 381 3.75 -0.84 -35.17
CA LEU A 381 3.41 0.46 -34.60
C LEU A 381 1.92 0.74 -34.56
N SER A 382 1.09 -0.16 -35.13
CA SER A 382 -0.36 -0.03 -35.11
C SER A 382 -0.96 -0.65 -33.86
N HIS A 383 -2.15 -0.19 -33.49
CA HIS A 383 -2.79 -0.66 -32.24
C HIS A 383 -3.23 -2.12 -32.32
N ASP A 389 -3.11 2.63 -36.33
CA ASP A 389 -3.65 2.76 -37.69
C ASP A 389 -3.72 4.24 -38.13
N ASP A 390 -4.70 4.98 -37.60
CA ASP A 390 -4.78 6.42 -37.92
C ASP A 390 -3.56 7.18 -37.39
N GLN A 391 -3.11 6.86 -36.18
CA GLN A 391 -1.87 7.45 -35.67
C GLN A 391 -0.66 7.07 -36.52
N VAL A 392 -0.58 5.81 -36.96
CA VAL A 392 0.49 5.40 -37.85
C VAL A 392 0.41 6.16 -39.17
N SER A 393 -0.80 6.30 -39.69
CA SER A 393 -0.99 7.02 -40.95
C SER A 393 -0.50 8.47 -40.84
N ARG A 394 -0.79 9.13 -39.72
CA ARG A 394 -0.41 10.53 -39.57
C ARG A 394 1.07 10.72 -39.29
N LEU A 395 1.70 9.80 -38.54
CA LEU A 395 2.98 10.12 -37.91
C LEU A 395 4.17 9.32 -38.43
N VAL A 396 3.94 8.20 -39.11
CA VAL A 396 5.02 7.25 -39.39
C VAL A 396 5.32 7.26 -40.89
N THR A 397 6.59 7.46 -41.23
CA THR A 397 7.11 7.28 -42.58
C THR A 397 8.21 6.24 -42.52
N ILE A 398 8.22 5.33 -43.48
CA ILE A 398 9.28 4.33 -43.57
C ILE A 398 10.19 4.71 -44.72
N SER A 399 11.44 4.99 -44.38
CA SER A 399 12.43 5.52 -45.30
C SER A 399 13.18 4.36 -45.95
N LYS A 400 13.55 4.55 -47.20
CA LYS A 400 14.31 3.54 -47.91
C LYS A 400 15.81 3.72 -47.74
N ASP A 401 16.27 4.87 -47.27
CA ASP A 401 17.69 5.00 -46.96
C ASP A 401 17.82 5.93 -45.77
N PRO A 402 18.93 5.85 -45.03
CA PRO A 402 19.01 6.61 -43.79
C PRO A 402 19.17 8.12 -43.99
N TYR A 403 19.70 8.57 -45.13
CA TYR A 403 19.85 10.01 -45.35
C TYR A 403 18.49 10.67 -45.56
N GLU A 404 17.56 9.95 -46.18
CA GLU A 404 16.19 10.44 -46.31
C GLU A 404 15.52 10.53 -44.94
N ALA A 405 15.80 9.56 -44.06
CA ALA A 405 15.22 9.61 -42.72
C ALA A 405 15.71 10.82 -41.92
N CYS A 406 16.96 11.22 -42.12
CA CYS A 406 17.56 12.33 -41.37
C CYS A 406 17.34 13.69 -42.01
N ASP A 407 16.87 13.74 -43.27
CA ASP A 407 16.75 14.99 -44.00
C ASP A 407 15.67 15.86 -43.37
N GLY A 408 16.07 17.00 -42.82
CA GLY A 408 15.16 17.86 -42.09
C GLY A 408 14.80 17.39 -40.70
N ALA A 409 15.52 16.42 -40.15
CA ALA A 409 15.23 15.89 -38.82
C ALA A 409 15.78 16.82 -37.73
N HIS A 410 15.12 16.80 -36.56
CA HIS A 410 15.64 17.43 -35.35
C HIS A 410 16.61 16.51 -34.60
N ALA A 411 16.41 15.20 -34.72
CA ALA A 411 17.14 14.24 -33.90
C ALA A 411 17.27 12.94 -34.65
N VAL A 412 18.37 12.24 -34.39
CA VAL A 412 18.62 10.90 -34.93
C VAL A 412 18.69 9.95 -33.73
N VAL A 413 17.85 8.93 -33.74
CA VAL A 413 17.77 7.98 -32.64
C VAL A 413 18.22 6.62 -33.15
N ILE A 414 19.36 6.16 -32.62
CA ILE A 414 19.91 4.86 -33.00
C ILE A 414 19.43 3.84 -31.98
N CYS A 415 18.61 2.89 -32.43
CA CYS A 415 18.02 1.88 -31.55
C CYS A 415 18.58 0.49 -31.77
N THR A 416 19.21 0.24 -32.91
CA THR A 416 19.75 -1.06 -33.25
C THR A 416 21.19 -0.89 -33.72
N GLU A 417 22.07 -1.78 -33.28
CA GLU A 417 23.51 -1.59 -33.45
C GLU A 417 24.01 -2.09 -34.81
N TRP A 418 23.24 -1.87 -35.89
CA TRP A 418 23.71 -2.21 -37.23
C TRP A 418 25.05 -1.53 -37.50
N ASP A 419 26.01 -2.31 -38.01
CA ASP A 419 27.37 -1.78 -38.19
C ASP A 419 27.40 -0.60 -39.17
N MET A 420 26.50 -0.57 -40.14
CA MET A 420 26.50 0.52 -41.13
C MET A 420 26.25 1.89 -40.50
N PHE A 421 25.64 1.97 -39.32
CA PHE A 421 25.33 3.29 -38.76
C PHE A 421 26.58 4.03 -38.33
N LYS A 422 27.64 3.34 -37.92
CA LYS A 422 28.83 4.12 -37.59
C LYS A 422 29.55 4.62 -38.82
N GLU A 423 29.18 4.14 -40.02
CA GLU A 423 29.85 4.53 -41.26
C GLU A 423 29.09 5.61 -42.03
N LEU A 424 28.00 6.15 -41.48
CA LEU A 424 27.27 7.16 -42.20
C LEU A 424 28.08 8.44 -42.36
N ASP A 425 27.71 9.22 -43.37
CA ASP A 425 28.29 10.54 -43.65
C ASP A 425 27.59 11.55 -42.74
N TYR A 426 28.11 11.72 -41.53
CA TYR A 426 27.43 12.58 -40.56
C TYR A 426 27.60 14.06 -40.83
N GLU A 427 28.64 14.44 -41.58
CA GLU A 427 28.74 15.81 -42.05
C GLU A 427 27.60 16.15 -43.00
N ARG A 428 27.32 15.25 -43.95
CA ARG A 428 26.18 15.45 -44.83
C ARG A 428 24.87 15.49 -44.05
N ILE A 429 24.71 14.60 -43.07
CA ILE A 429 23.49 14.55 -42.27
C ILE A 429 23.28 15.87 -41.52
N HIS A 430 24.35 16.40 -40.92
CA HIS A 430 24.23 17.62 -40.14
C HIS A 430 23.80 18.81 -41.01
N LYS A 431 24.33 18.89 -42.24
CA LYS A 431 24.00 20.02 -43.10
C LYS A 431 22.49 20.15 -43.33
N LYS A 432 21.77 19.04 -43.41
CA LYS A 432 20.35 19.10 -43.72
C LYS A 432 19.43 18.91 -42.50
N MET A 433 19.98 18.75 -41.31
CA MET A 433 19.14 18.68 -40.12
C MET A 433 18.79 20.09 -39.64
N LEU A 434 17.66 20.20 -38.94
CA LEU A 434 17.36 21.41 -38.19
C LEU A 434 18.24 21.48 -36.95
N LYS A 435 18.52 22.70 -36.50
CA LYS A 435 19.43 22.91 -35.38
C LYS A 435 18.67 23.48 -34.16
N PRO A 436 19.01 23.04 -32.93
CA PRO A 436 20.06 22.06 -32.61
C PRO A 436 19.78 20.65 -33.09
N ALA A 437 20.81 20.00 -33.62
CA ALA A 437 20.71 18.65 -34.17
C ALA A 437 21.23 17.65 -33.13
N PHE A 438 20.38 16.71 -32.73
CA PHE A 438 20.71 15.75 -31.69
C PHE A 438 20.98 14.38 -32.28
N ILE A 439 21.93 13.65 -31.70
CA ILE A 439 22.06 12.21 -31.93
C ILE A 439 21.87 11.52 -30.60
N PHE A 440 20.90 10.62 -30.53
CA PHE A 440 20.69 9.79 -29.34
C PHE A 440 21.11 8.38 -29.70
N ASP A 441 22.26 7.98 -29.20
CA ASP A 441 22.86 6.68 -29.48
C ASP A 441 22.37 5.71 -28.41
N GLY A 442 21.34 4.93 -28.74
CA GLY A 442 20.87 3.97 -27.77
C GLY A 442 21.65 2.67 -27.70
N ARG A 443 22.77 2.58 -28.43
CA ARG A 443 23.54 1.34 -28.52
C ARG A 443 25.03 1.50 -28.30
N ARG A 444 25.53 2.71 -28.02
CA ARG A 444 26.97 2.98 -27.91
C ARG A 444 27.72 2.67 -29.21
N VAL A 445 27.08 2.71 -30.38
CA VAL A 445 27.82 2.38 -31.61
C VAL A 445 28.68 3.53 -32.10
N LEU A 446 28.45 4.76 -31.63
CA LEU A 446 29.19 5.91 -32.11
C LEU A 446 30.30 6.34 -31.16
N ASP A 447 30.64 5.51 -30.16
CA ASP A 447 31.75 5.84 -29.28
C ASP A 447 33.00 6.09 -30.11
N GLY A 448 33.82 7.05 -29.68
CA GLY A 448 35.01 7.38 -30.42
C GLY A 448 34.81 8.29 -31.60
N LEU A 449 33.59 8.40 -32.12
CA LEU A 449 33.25 9.46 -33.06
C LEU A 449 32.78 10.73 -32.36
N HIS A 450 32.76 10.75 -31.02
CA HIS A 450 32.13 11.85 -30.29
C HIS A 450 32.81 13.19 -30.58
N ASN A 451 34.14 13.19 -30.67
CA ASN A 451 34.85 14.42 -30.98
C ASN A 451 34.51 14.93 -32.36
N GLU A 452 34.57 14.04 -33.37
CA GLU A 452 34.20 14.45 -34.72
C GLU A 452 32.77 14.97 -34.76
N LEU A 453 31.83 14.23 -34.16
CA LEU A 453 30.43 14.64 -34.20
C LEU A 453 30.21 15.96 -33.50
N GLN A 454 30.90 16.19 -32.37
CA GLN A 454 30.76 17.48 -31.68
C GLN A 454 31.35 18.62 -32.49
N THR A 455 32.50 18.38 -33.13
CA THR A 455 33.08 19.41 -34.00
C THR A 455 32.15 19.74 -35.16
N ILE A 456 31.51 18.73 -35.74
CA ILE A 456 30.53 18.97 -36.80
C ILE A 456 29.40 19.83 -36.26
N GLY A 457 29.02 19.63 -35.01
CA GLY A 457 28.02 20.48 -34.38
C GLY A 457 26.87 19.75 -33.74
N PHE A 458 26.93 18.42 -33.73
CA PHE A 458 25.87 17.64 -33.12
C PHE A 458 25.89 17.77 -31.61
N GLN A 459 24.70 17.64 -31.02
CA GLN A 459 24.54 17.33 -29.60
C GLN A 459 24.44 15.81 -29.52
N ILE A 460 25.44 15.15 -28.93
CA ILE A 460 25.46 13.69 -28.82
C ILE A 460 25.09 13.28 -27.41
N GLU A 461 24.08 12.44 -27.31
CA GLU A 461 23.64 11.83 -26.06
C GLU A 461 23.68 10.33 -26.22
N THR A 462 24.27 9.64 -25.25
CA THR A 462 24.35 8.20 -25.32
C THR A 462 24.05 7.61 -23.96
N ILE A 463 23.67 6.33 -23.98
CA ILE A 463 23.33 5.63 -22.75
C ILE A 463 24.58 5.43 -21.89
N GLY A 464 24.45 5.72 -20.59
CA GLY A 464 25.52 5.46 -19.65
C GLY A 464 26.64 6.47 -19.66
N LYS A 465 26.41 7.64 -20.23
CA LYS A 465 27.39 8.73 -20.22
C LYS A 465 26.62 10.05 -20.29
N LYS A 466 27.01 11.04 -19.51
CA LYS A 466 26.33 12.33 -19.59
C LYS A 466 27.24 13.41 -20.07
N HIS B 1 59.31 14.75 -14.63
CA HIS B 1 58.72 14.81 -13.28
C HIS B 1 57.96 13.56 -12.94
N MET B 2 58.43 12.79 -11.96
CA MET B 2 57.61 11.69 -11.46
C MET B 2 57.96 11.45 -10.00
N PHE B 3 57.35 10.41 -9.43
CA PHE B 3 57.41 10.10 -8.01
C PHE B 3 57.66 8.61 -7.88
N GLU B 4 58.65 8.23 -7.08
CA GLU B 4 58.99 6.84 -6.84
C GLU B 4 58.63 6.51 -5.41
N ILE B 5 57.79 5.50 -5.22
CA ILE B 5 57.42 5.05 -3.88
C ILE B 5 58.50 4.14 -3.32
N LYS B 6 59.16 4.56 -2.24
CA LYS B 6 60.16 3.73 -1.58
C LYS B 6 59.73 3.29 -0.18
N LYS B 7 58.79 3.98 0.43
CA LYS B 7 58.30 3.68 1.76
C LYS B 7 56.78 3.74 1.71
N ILE B 8 56.15 2.68 2.20
CA ILE B 8 54.70 2.57 2.24
C ILE B 8 54.27 2.43 3.69
N CYS B 9 53.25 3.18 4.07
CA CYS B 9 52.55 3.04 5.33
C CYS B 9 51.12 2.61 5.05
N CYS B 10 50.62 1.62 5.77
CA CYS B 10 49.23 1.22 5.63
C CYS B 10 48.55 1.38 6.96
N ILE B 11 47.56 2.27 7.02
CA ILE B 11 46.77 2.45 8.22
C ILE B 11 45.63 1.44 8.16
N GLY B 12 45.67 0.45 9.04
CA GLY B 12 44.70 -0.62 9.04
C GLY B 12 45.36 -1.96 8.81
N ALA B 13 45.48 -2.76 9.87
CA ALA B 13 46.13 -4.06 9.77
C ALA B 13 45.10 -5.19 9.80
N GLY B 14 44.05 -5.09 8.99
CA GLY B 14 42.98 -6.06 9.00
C GLY B 14 43.08 -7.08 7.88
N TYR B 15 41.92 -7.63 7.52
CA TYR B 15 41.87 -8.63 6.47
C TYR B 15 42.31 -8.04 5.12
N VAL B 16 42.16 -6.73 4.94
CA VAL B 16 42.61 -6.08 3.70
C VAL B 16 44.06 -5.63 3.85
N GLY B 17 44.34 -4.80 4.86
CA GLY B 17 45.65 -4.16 4.95
C GLY B 17 46.80 -5.13 5.19
N GLY B 18 46.62 -6.08 6.11
CA GLY B 18 47.67 -7.01 6.46
C GLY B 18 48.12 -7.85 5.29
N PRO B 19 47.22 -8.65 4.72
CA PRO B 19 47.61 -9.48 3.57
C PRO B 19 48.10 -8.67 2.37
N THR B 20 47.44 -7.54 2.05
CA THR B 20 47.85 -6.78 0.86
C THR B 20 49.28 -6.27 1.01
N CYS B 21 49.58 -5.67 2.16
CA CYS B 21 50.93 -5.12 2.36
C CYS B 21 51.97 -6.22 2.49
N SER B 22 51.61 -7.37 3.07
CA SER B 22 52.55 -8.48 3.12
C SER B 22 52.93 -8.94 1.71
N VAL B 23 51.96 -8.99 0.78
CA VAL B 23 52.29 -9.39 -0.58
C VAL B 23 53.09 -8.30 -1.28
N ILE B 24 52.74 -7.03 -1.06
CA ILE B 24 53.54 -5.95 -1.64
C ILE B 24 55.00 -6.08 -1.22
N ALA B 25 55.23 -6.22 0.10
CA ALA B 25 56.60 -6.36 0.61
C ALA B 25 57.28 -7.58 0.02
N HIS B 26 56.54 -8.68 -0.08
CA HIS B 26 57.10 -9.90 -0.64
C HIS B 26 57.55 -9.69 -2.08
N MET B 27 56.77 -8.96 -2.86
CA MET B 27 57.03 -8.78 -4.29
C MET B 27 57.94 -7.60 -4.60
N CYS B 28 58.17 -6.70 -3.64
CA CYS B 28 58.97 -5.49 -3.85
C CYS B 28 60.01 -5.39 -2.75
N PRO B 29 61.10 -6.17 -2.82
CA PRO B 29 62.07 -6.18 -1.70
C PRO B 29 62.73 -4.84 -1.42
N GLU B 30 62.72 -3.91 -2.36
CA GLU B 30 63.37 -2.62 -2.17
C GLU B 30 62.42 -1.57 -1.56
N ILE B 31 61.17 -1.92 -1.32
CA ILE B 31 60.19 -1.00 -0.72
C ILE B 31 59.99 -1.40 0.73
N ARG B 32 60.10 -0.42 1.63
CA ARG B 32 59.84 -0.64 3.04
C ARG B 32 58.35 -0.46 3.30
N VAL B 33 57.72 -1.50 3.86
CA VAL B 33 56.27 -1.53 4.05
C VAL B 33 56.00 -1.62 5.54
N THR B 34 55.31 -0.62 6.10
CA THR B 34 54.96 -0.59 7.51
C THR B 34 53.45 -0.58 7.65
N VAL B 35 52.91 -1.61 8.27
CA VAL B 35 51.47 -1.72 8.56
C VAL B 35 51.24 -1.24 9.98
N VAL B 36 50.29 -0.30 10.16
CA VAL B 36 50.02 0.27 11.47
C VAL B 36 48.54 0.13 11.80
N ASP B 37 48.24 0.22 13.10
CA ASP B 37 46.89 0.00 13.58
C ASP B 37 46.77 0.59 14.98
N VAL B 38 45.56 1.04 15.33
CA VAL B 38 45.33 1.46 16.72
C VAL B 38 45.24 0.27 17.65
N ASN B 39 44.91 -0.91 17.13
CA ASN B 39 44.70 -2.10 17.95
C ASN B 39 46.04 -2.76 18.26
N GLU B 40 46.52 -2.60 19.50
CA GLU B 40 47.84 -3.10 19.88
C GLU B 40 47.90 -4.61 19.89
N SER B 41 46.85 -5.29 20.37
CA SER B 41 46.91 -6.74 20.42
C SER B 41 46.95 -7.33 19.01
N ARG B 42 46.29 -6.68 18.06
CA ARG B 42 46.35 -7.12 16.67
C ARG B 42 47.76 -6.97 16.10
N ILE B 43 48.40 -5.82 16.35
CA ILE B 43 49.79 -5.59 15.92
C ILE B 43 50.72 -6.60 16.56
N ASN B 44 50.55 -6.85 17.88
CA ASN B 44 51.40 -7.85 18.53
C ASN B 44 51.23 -9.22 17.87
N ALA B 45 50.00 -9.57 17.49
CA ALA B 45 49.77 -10.86 16.84
C ALA B 45 50.45 -10.93 15.48
N TRP B 46 50.38 -9.85 14.70
CA TRP B 46 51.10 -9.83 13.42
C TRP B 46 52.59 -10.06 13.59
N ASN B 47 53.15 -9.64 14.74
CA ASN B 47 54.57 -9.81 15.01
C ASN B 47 54.88 -11.13 15.72
N SER B 48 53.90 -12.03 15.86
CA SER B 48 54.03 -13.27 16.61
C SER B 48 53.97 -14.48 15.68
N PRO B 49 54.19 -15.70 16.19
CA PRO B 49 54.00 -16.90 15.36
C PRO B 49 52.55 -17.25 15.08
N THR B 50 51.58 -16.58 15.71
CA THR B 50 50.15 -16.84 15.51
C THR B 50 49.49 -15.55 15.04
N LEU B 51 49.29 -15.44 13.72
CA LEU B 51 48.74 -14.23 13.13
C LEU B 51 47.31 -14.01 13.60
N PRO B 52 46.83 -12.76 13.58
CA PRO B 52 45.49 -12.47 14.10
C PRO B 52 44.34 -12.87 13.18
N ILE B 53 44.60 -13.26 11.94
CA ILE B 53 43.57 -13.78 11.05
C ILE B 53 44.10 -15.10 10.47
N TYR B 54 43.18 -15.95 10.03
CA TYR B 54 43.53 -17.20 9.38
C TYR B 54 43.32 -17.03 7.87
N GLU B 55 44.41 -17.08 7.12
CA GLU B 55 44.47 -17.04 5.66
C GLU B 55 45.49 -18.07 5.22
N PRO B 56 45.11 -19.05 4.41
CA PRO B 56 46.08 -20.02 3.90
C PRO B 56 47.26 -19.33 3.22
N GLY B 57 48.47 -19.77 3.56
CA GLY B 57 49.67 -19.22 2.96
C GLY B 57 50.14 -17.89 3.51
N LEU B 58 49.33 -17.21 4.33
CA LEU B 58 49.70 -15.89 4.82
C LEU B 58 50.91 -15.94 5.75
N LYS B 59 50.95 -16.93 6.66
CA LYS B 59 52.07 -17.02 7.59
C LYS B 59 53.39 -17.11 6.83
N GLU B 60 53.42 -17.91 5.76
CA GLU B 60 54.67 -18.05 4.99
C GLU B 60 55.06 -16.74 4.31
N VAL B 61 54.08 -15.99 3.78
CA VAL B 61 54.39 -14.72 3.15
C VAL B 61 54.93 -13.74 4.19
N VAL B 62 54.25 -13.63 5.33
CA VAL B 62 54.68 -12.71 6.38
C VAL B 62 56.08 -13.06 6.87
N GLU B 63 56.33 -14.34 7.15
CA GLU B 63 57.62 -14.72 7.73
C GLU B 63 58.77 -14.61 6.75
N SER B 64 58.50 -14.58 5.43
CA SER B 64 59.59 -14.38 4.49
C SER B 64 60.08 -12.93 4.43
N CYS B 65 59.26 -11.97 4.90
CA CYS B 65 59.51 -10.53 4.83
C CYS B 65 59.60 -9.79 6.15
N ARG B 66 58.94 -10.28 7.19
CA ARG B 66 58.78 -9.47 8.38
C ARG B 66 60.14 -9.18 9.00
N GLY B 67 60.40 -7.92 9.32
CA GLY B 67 61.69 -7.54 9.85
C GLY B 67 62.76 -7.25 8.82
N LYS B 68 62.51 -7.54 7.54
CA LYS B 68 63.44 -7.13 6.49
C LYS B 68 62.88 -5.87 5.84
N ASN B 69 61.76 -5.98 5.14
CA ASN B 69 61.10 -4.82 4.57
C ASN B 69 59.61 -4.76 4.92
N LEU B 70 59.14 -5.63 5.81
CA LEU B 70 57.76 -5.63 6.27
C LEU B 70 57.73 -5.45 7.78
N PHE B 71 57.00 -4.45 8.26
CA PHE B 71 56.96 -4.14 9.68
C PHE B 71 55.52 -3.89 10.12
N PHE B 72 55.20 -4.31 11.36
CA PHE B 72 53.90 -4.07 11.96
C PHE B 72 54.09 -3.27 13.25
N SER B 73 53.38 -2.15 13.37
CA SER B 73 53.68 -1.21 14.44
C SER B 73 52.42 -0.47 14.89
N THR B 74 52.41 -0.08 16.16
CA THR B 74 51.39 0.85 16.68
C THR B 74 51.81 2.30 16.55
N ASN B 75 53.03 2.59 16.08
CA ASN B 75 53.49 3.96 15.92
C ASN B 75 52.97 4.48 14.58
N ILE B 76 51.70 4.90 14.59
CA ILE B 76 51.05 5.37 13.38
C ILE B 76 51.72 6.64 12.88
N ASP B 77 52.04 7.56 13.80
CA ASP B 77 52.50 8.90 13.44
C ASP B 77 53.83 8.85 12.69
N ASP B 78 54.78 8.05 13.19
CA ASP B 78 56.09 7.97 12.53
C ASP B 78 55.99 7.25 11.20
N ALA B 79 55.09 6.27 11.08
CA ALA B 79 54.95 5.59 9.80
C ALA B 79 54.44 6.56 8.74
N ILE B 80 53.47 7.40 9.10
CA ILE B 80 52.95 8.38 8.14
C ILE B 80 54.04 9.39 7.77
N LYS B 81 54.73 9.93 8.79
CA LYS B 81 55.68 11.00 8.56
C LYS B 81 56.72 10.58 7.52
N GLU B 82 57.15 9.33 7.56
CA GLU B 82 58.21 8.89 6.67
C GLU B 82 57.71 8.30 5.37
N ALA B 83 56.41 8.10 5.21
CA ALA B 83 55.90 7.36 4.05
C ALA B 83 55.90 8.20 2.77
N ASP B 84 56.21 7.54 1.65
CA ASP B 84 55.89 8.10 0.33
C ASP B 84 54.43 7.85 -0.03
N LEU B 85 53.92 6.68 0.31
CA LEU B 85 52.56 6.26 0.01
C LEU B 85 51.92 5.83 1.32
N VAL B 86 50.72 6.36 1.58
CA VAL B 86 49.93 5.97 2.74
C VAL B 86 48.65 5.33 2.23
N PHE B 87 48.49 4.04 2.49
CA PHE B 87 47.20 3.38 2.29
C PHE B 87 46.30 3.67 3.49
N ILE B 88 45.01 3.89 3.22
CA ILE B 88 43.99 3.88 4.25
C ILE B 88 43.14 2.65 3.99
N SER B 89 43.19 1.67 4.90
CA SER B 89 42.44 0.42 4.78
C SER B 89 41.75 0.13 6.11
N VAL B 90 40.82 0.98 6.49
CA VAL B 90 40.16 0.86 7.77
C VAL B 90 38.72 0.39 7.52
N ASN B 91 38.00 0.12 8.62
CA ASN B 91 36.63 -0.32 8.48
C ASN B 91 35.68 0.87 8.47
N THR B 92 34.60 0.73 7.72
CA THR B 92 33.56 1.75 7.66
C THR B 92 32.28 1.06 8.12
N PRO B 93 31.99 1.07 9.41
CA PRO B 93 30.80 0.35 9.89
C PRO B 93 29.54 1.04 9.43
N THR B 94 28.47 0.26 9.39
CA THR B 94 27.18 0.82 9.05
C THR B 94 26.68 1.70 10.19
N LYS B 95 26.08 2.84 9.83
CA LYS B 95 25.48 3.70 10.84
C LYS B 95 24.44 2.94 11.64
N THR B 96 24.44 3.16 12.95
CA THR B 96 23.44 2.52 13.81
C THR B 96 22.36 3.48 14.26
N TYR B 97 22.45 4.76 13.88
CA TYR B 97 21.39 5.71 14.14
C TYR B 97 21.48 6.82 13.09
N GLY B 98 20.49 7.71 13.10
CA GLY B 98 20.47 8.82 12.17
C GLY B 98 20.03 8.44 10.76
N MET B 99 20.28 9.36 9.83
CA MET B 99 19.90 9.17 8.44
C MET B 99 20.69 8.00 7.82
N GLY B 100 19.96 7.08 7.19
CA GLY B 100 20.61 5.90 6.64
C GLY B 100 20.97 4.85 7.68
N LYS B 101 20.39 4.95 8.88
CA LYS B 101 20.58 3.96 9.93
C LYS B 101 20.40 2.55 9.41
N GLY B 102 21.37 1.68 9.71
CA GLY B 102 21.34 0.31 9.25
C GLY B 102 21.66 0.11 7.78
N ARG B 103 21.97 1.18 7.05
CA ARG B 103 22.14 1.06 5.61
C ARG B 103 23.40 1.77 5.11
N ALA B 104 23.59 3.02 5.53
CA ALA B 104 24.68 3.84 5.01
C ALA B 104 25.97 3.62 5.79
N ALA B 105 27.10 3.64 5.08
CA ALA B 105 28.41 3.50 5.72
C ALA B 105 28.76 4.75 6.51
N ASP B 106 29.44 4.54 7.64
CA ASP B 106 29.91 5.62 8.49
C ASP B 106 31.37 5.90 8.16
N LEU B 107 31.65 7.10 7.64
CA LEU B 107 33.00 7.45 7.17
C LEU B 107 33.89 8.02 8.27
N LYS B 108 33.49 7.91 9.54
CA LYS B 108 34.19 8.61 10.62
C LYS B 108 35.66 8.17 10.75
N TYR B 109 35.97 6.89 10.55
CA TYR B 109 37.36 6.47 10.69
C TYR B 109 38.20 6.89 9.49
N ILE B 110 37.61 6.89 8.28
CA ILE B 110 38.31 7.42 7.12
C ILE B 110 38.65 8.90 7.33
N GLU B 111 37.66 9.66 7.80
CA GLU B 111 37.88 11.09 8.01
C GLU B 111 38.94 11.33 9.09
N ALA B 112 38.91 10.53 10.17
CA ALA B 112 39.92 10.69 11.22
C ALA B 112 41.32 10.34 10.70
N CYS B 113 41.43 9.32 9.83
CA CYS B 113 42.73 9.01 9.21
C CYS B 113 43.20 10.16 8.34
N ALA B 114 42.29 10.74 7.54
CA ALA B 114 42.68 11.86 6.70
C ALA B 114 43.19 13.02 7.56
N ARG B 115 42.50 13.32 8.66
CA ARG B 115 42.93 14.41 9.54
C ARG B 115 44.28 14.10 10.19
N ARG B 116 44.48 12.85 10.59
CA ARG B 116 45.73 12.43 11.18
C ARG B 116 46.88 12.52 10.18
N ILE B 117 46.60 12.20 8.92
CA ILE B 117 47.63 12.30 7.89
C ILE B 117 48.09 13.74 7.71
N VAL B 118 47.15 14.69 7.61
CA VAL B 118 47.56 16.09 7.48
C VAL B 118 48.45 16.50 8.64
N GLN B 119 48.03 16.15 9.86
CA GLN B 119 48.77 16.52 11.05
C GLN B 119 50.22 16.05 11.00
N ASN B 120 50.44 14.85 10.47
CA ASN B 120 51.74 14.21 10.54
C ASN B 120 52.53 14.25 9.24
N SER B 121 52.12 15.08 8.28
CA SER B 121 52.76 15.06 6.98
C SER B 121 53.40 16.40 6.65
N ASN B 122 54.55 16.33 5.98
CA ASN B 122 55.12 17.48 5.29
C ASN B 122 55.54 17.04 3.90
N GLY B 123 55.65 18.00 2.99
CA GLY B 123 56.10 17.66 1.66
C GLY B 123 55.05 16.90 0.88
N TYR B 124 55.52 16.05 -0.03
CA TYR B 124 54.66 15.37 -0.99
C TYR B 124 54.39 13.93 -0.53
N LYS B 125 53.12 13.52 -0.58
CA LYS B 125 52.75 12.13 -0.31
C LYS B 125 51.55 11.74 -1.17
N ILE B 126 51.48 10.45 -1.47
CA ILE B 126 50.30 9.86 -2.12
C ILE B 126 49.51 9.13 -1.05
N VAL B 127 48.22 9.40 -0.99
CA VAL B 127 47.33 8.75 -0.04
C VAL B 127 46.29 7.96 -0.85
N THR B 128 46.22 6.66 -0.61
CA THR B 128 45.42 5.75 -1.42
C THR B 128 44.42 5.04 -0.52
N GLU B 129 43.14 5.17 -0.83
CA GLU B 129 42.14 4.44 -0.08
C GLU B 129 41.99 3.05 -0.71
N LYS B 130 42.11 2.01 0.12
CA LYS B 130 42.00 0.62 -0.35
C LYS B 130 41.06 -0.13 0.57
N SER B 131 39.90 -0.53 0.03
CA SER B 131 38.92 -1.29 0.79
C SER B 131 38.13 -2.14 -0.20
N THR B 132 37.35 -3.07 0.35
CA THR B 132 36.49 -3.86 -0.52
C THR B 132 35.21 -3.11 -0.88
N VAL B 133 34.77 -2.16 -0.06
CA VAL B 133 33.53 -1.41 -0.31
C VAL B 133 33.79 0.07 -0.13
N PRO B 134 34.35 0.76 -1.12
CA PRO B 134 34.62 2.20 -0.96
C PRO B 134 33.34 2.98 -1.24
N VAL B 135 32.91 3.80 -0.28
CA VAL B 135 31.67 4.56 -0.38
C VAL B 135 32.00 6.03 -0.18
N ARG B 136 32.20 6.74 -1.29
CA ARG B 136 32.58 8.15 -1.27
C ARG B 136 33.85 8.39 -0.48
N ALA B 137 34.73 7.38 -0.43
CA ALA B 137 35.92 7.44 0.41
C ALA B 137 36.93 8.44 -0.12
N ALA B 138 37.25 8.37 -1.42
CA ALA B 138 38.22 9.29 -1.99
C ALA B 138 37.75 10.73 -1.84
N GLU B 139 36.46 10.96 -2.09
CA GLU B 139 35.94 12.32 -1.96
C GLU B 139 36.07 12.85 -0.54
N SER B 140 35.80 12.02 0.47
CA SER B 140 35.84 12.56 1.82
C SER B 140 37.28 12.87 2.22
N ILE B 141 38.24 12.07 1.77
CA ILE B 141 39.65 12.36 2.03
C ILE B 141 40.06 13.66 1.38
N ARG B 142 39.71 13.83 0.09
CA ARG B 142 40.06 15.08 -0.60
C ARG B 142 39.48 16.30 0.09
N ARG B 143 38.24 16.18 0.58
CA ARG B 143 37.60 17.30 1.26
C ARG B 143 38.40 17.76 2.48
N ILE B 144 38.89 16.81 3.27
CA ILE B 144 39.75 17.13 4.40
C ILE B 144 41.06 17.76 3.92
N PHE B 145 41.70 17.16 2.91
CA PHE B 145 42.99 17.68 2.45
C PHE B 145 42.84 19.07 1.83
N ASP B 146 41.77 19.30 1.07
CA ASP B 146 41.57 20.61 0.43
C ASP B 146 41.40 21.71 1.47
N ALA B 147 40.83 21.39 2.62
CA ALA B 147 40.52 22.37 3.64
C ALA B 147 41.63 22.58 4.66
N ASN B 148 42.68 21.75 4.65
CA ASN B 148 43.74 21.78 5.66
C ASN B 148 45.13 21.81 5.01
N THR B 149 45.40 22.87 4.28
CA THR B 149 46.69 22.99 3.59
C THR B 149 47.76 23.55 4.52
N LYS B 150 49.02 23.24 4.21
CA LYS B 150 50.23 23.79 4.81
C LYS B 150 51.15 24.24 3.68
N PRO B 151 52.03 25.23 3.93
CA PRO B 151 53.08 25.50 2.95
C PRO B 151 53.87 24.22 2.66
N ASN B 152 54.03 23.93 1.37
CA ASN B 152 54.83 22.82 0.84
C ASN B 152 54.23 21.44 1.09
N LEU B 153 53.06 21.35 1.73
CA LEU B 153 52.37 20.07 1.83
C LEU B 153 51.58 19.81 0.56
N ASN B 154 51.81 18.65 -0.07
CA ASN B 154 51.19 18.35 -1.36
C ASN B 154 50.74 16.90 -1.35
N LEU B 155 49.47 16.67 -0.96
CA LEU B 155 48.91 15.34 -0.85
C LEU B 155 48.05 15.00 -2.07
N GLN B 156 48.30 13.85 -2.69
CA GLN B 156 47.49 13.33 -3.78
C GLN B 156 46.63 12.19 -3.28
N VAL B 157 45.38 12.11 -3.74
CA VAL B 157 44.44 11.08 -3.31
C VAL B 157 44.16 10.13 -4.47
N LEU B 158 44.40 8.84 -4.25
CA LEU B 158 44.08 7.78 -5.18
C LEU B 158 43.04 6.84 -4.56
N SER B 159 42.32 6.16 -5.44
CA SER B 159 41.45 5.04 -5.09
C SER B 159 42.07 3.76 -5.65
N ASN B 160 42.15 2.71 -4.82
CA ASN B 160 42.75 1.44 -5.25
C ASN B 160 42.00 0.29 -4.57
N PRO B 161 40.77 0.00 -5.04
CA PRO B 161 39.93 -1.02 -4.39
C PRO B 161 40.59 -2.39 -4.37
N GLU B 162 40.28 -3.15 -3.34
CA GLU B 162 40.88 -4.45 -3.13
C GLU B 162 39.87 -5.50 -3.56
N PHE B 163 40.25 -6.36 -4.51
CA PHE B 163 39.36 -7.38 -5.05
C PHE B 163 39.52 -8.75 -4.39
N LEU B 164 40.46 -8.91 -3.47
CA LEU B 164 40.70 -10.24 -2.88
C LEU B 164 39.45 -10.77 -2.19
N ALA B 165 39.32 -12.09 -2.18
CA ALA B 165 38.33 -12.79 -1.39
C ALA B 165 39.03 -13.47 -0.23
N GLU B 166 38.43 -13.39 0.96
CA GLU B 166 39.06 -13.99 2.13
C GLU B 166 39.08 -15.51 1.99
N GLY B 167 40.12 -16.13 2.54
CA GLY B 167 40.33 -17.54 2.33
C GLY B 167 41.15 -17.89 1.11
N THR B 168 41.17 -17.01 0.10
CA THR B 168 42.07 -17.14 -1.05
C THR B 168 42.88 -15.85 -1.23
N ALA B 169 43.08 -15.09 -0.15
CA ALA B 169 43.68 -13.76 -0.27
C ALA B 169 45.04 -13.80 -0.95
N ILE B 170 45.92 -14.73 -0.54
CA ILE B 170 47.29 -14.70 -1.05
C ILE B 170 47.32 -15.03 -2.54
N LYS B 171 46.62 -16.08 -2.96
CA LYS B 171 46.56 -16.38 -4.39
C LYS B 171 45.94 -15.23 -5.17
N ASP B 172 44.86 -14.64 -4.64
CA ASP B 172 44.21 -13.53 -5.32
C ASP B 172 45.15 -12.32 -5.47
N LEU B 173 45.91 -12.01 -4.41
CA LEU B 173 46.81 -10.85 -4.46
C LEU B 173 48.00 -11.07 -5.38
N LYS B 174 48.48 -12.31 -5.49
CA LYS B 174 49.64 -12.60 -6.33
C LYS B 174 49.27 -12.72 -7.81
N ASN B 175 48.02 -13.06 -8.12
CA ASN B 175 47.56 -13.19 -9.51
C ASN B 175 46.18 -12.55 -9.64
N PRO B 176 46.08 -11.24 -9.47
CA PRO B 176 44.76 -10.60 -9.56
C PRO B 176 44.25 -10.62 -11.00
N ASP B 177 42.93 -10.77 -11.16
CA ASP B 177 42.32 -10.64 -12.49
C ASP B 177 42.56 -9.24 -13.05
N ARG B 178 42.47 -8.22 -12.20
CA ARG B 178 42.87 -6.88 -12.59
C ARG B 178 43.15 -6.07 -11.34
N VAL B 179 43.97 -5.04 -11.52
CA VAL B 179 44.22 -4.03 -10.51
C VAL B 179 43.56 -2.74 -10.97
N LEU B 180 42.84 -2.07 -10.08
CA LEU B 180 42.08 -0.88 -10.43
C LEU B 180 42.60 0.30 -9.62
N ILE B 181 43.04 1.35 -10.31
CA ILE B 181 43.59 2.54 -9.68
C ILE B 181 42.86 3.76 -10.24
N GLY B 182 42.29 4.57 -9.36
CA GLY B 182 41.64 5.83 -9.75
C GLY B 182 42.43 7.01 -9.24
N GLY B 183 42.61 8.01 -10.10
CA GLY B 183 43.27 9.24 -9.71
C GLY B 183 42.76 10.40 -10.55
N ASP B 184 43.11 11.61 -10.13
CA ASP B 184 42.63 12.80 -10.83
C ASP B 184 43.19 12.88 -12.24
N GLU B 185 42.39 13.45 -13.13
CA GLU B 185 42.80 13.67 -14.53
C GLU B 185 43.49 15.03 -14.65
N THR B 186 44.57 15.17 -13.89
CA THR B 186 45.45 16.33 -13.88
C THR B 186 46.88 15.81 -13.98
N PRO B 187 47.84 16.69 -14.31
CA PRO B 187 49.25 16.26 -14.25
C PRO B 187 49.64 15.65 -12.92
N GLU B 188 49.23 16.24 -11.79
CA GLU B 188 49.56 15.70 -10.48
C GLU B 188 48.95 14.33 -10.29
N GLY B 189 47.67 14.18 -10.63
CA GLY B 189 47.00 12.91 -10.49
C GLY B 189 47.64 11.81 -11.32
N GLN B 190 48.01 12.14 -12.56
CA GLN B 190 48.59 11.11 -13.42
C GLN B 190 49.97 10.68 -12.92
N ARG B 191 50.75 11.63 -12.39
CA ARG B 191 52.03 11.27 -11.78
C ARG B 191 51.84 10.34 -10.59
N ALA B 192 50.81 10.59 -9.77
CA ALA B 192 50.56 9.73 -8.62
C ALA B 192 50.09 8.35 -9.06
N VAL B 193 49.17 8.31 -10.02
CA VAL B 193 48.70 7.04 -10.57
C VAL B 193 49.86 6.21 -11.11
N GLN B 194 50.74 6.84 -11.90
CA GLN B 194 51.88 6.10 -12.46
C GLN B 194 52.76 5.53 -11.36
N ALA B 195 52.99 6.31 -10.30
CA ALA B 195 53.79 5.83 -9.18
C ALA B 195 53.19 4.56 -8.58
N LEU B 196 51.87 4.54 -8.37
CA LEU B 196 51.26 3.34 -7.79
C LEU B 196 51.27 2.18 -8.79
N CYS B 197 51.04 2.48 -10.07
CA CYS B 197 51.20 1.44 -11.10
C CYS B 197 52.57 0.79 -11.03
N ALA B 198 53.63 1.60 -10.84
CA ALA B 198 54.98 1.05 -10.83
C ALA B 198 55.17 0.06 -9.68
N VAL B 199 54.49 0.28 -8.55
CA VAL B 199 54.55 -0.70 -7.47
C VAL B 199 53.97 -2.03 -7.96
N TYR B 200 52.74 -1.99 -8.49
CA TYR B 200 52.09 -3.22 -8.92
C TYR B 200 52.82 -3.91 -10.06
N GLU B 201 53.52 -3.15 -10.90
CA GLU B 201 54.20 -3.78 -12.04
C GLU B 201 55.37 -4.66 -11.63
N HIS B 202 55.77 -4.67 -10.36
CA HIS B 202 56.75 -5.66 -9.92
C HIS B 202 56.22 -7.08 -10.08
N TRP B 203 54.89 -7.27 -10.09
CA TRP B 203 54.39 -8.63 -10.27
C TRP B 203 53.09 -8.73 -11.06
N VAL B 204 52.47 -7.62 -11.46
CA VAL B 204 51.22 -7.66 -12.22
C VAL B 204 51.53 -7.16 -13.63
N PRO B 205 51.19 -7.92 -14.68
CA PRO B 205 51.40 -7.42 -16.04
C PRO B 205 50.64 -6.14 -16.26
N ARG B 206 51.22 -5.25 -17.08
CA ARG B 206 50.64 -3.94 -17.28
C ARG B 206 49.24 -4.02 -17.90
N GLU B 207 48.99 -5.02 -18.75
CA GLU B 207 47.69 -5.13 -19.39
C GLU B 207 46.57 -5.47 -18.40
N LYS B 208 46.90 -5.86 -17.18
CA LYS B 208 45.91 -6.15 -16.15
C LYS B 208 45.72 -4.98 -15.17
N ILE B 209 46.35 -3.85 -15.41
CA ILE B 209 46.22 -2.68 -14.55
C ILE B 209 45.34 -1.66 -15.27
N LEU B 210 44.18 -1.37 -14.67
CA LEU B 210 43.24 -0.38 -15.21
C LEU B 210 43.40 0.93 -14.46
N THR B 211 43.44 2.04 -15.20
CA THR B 211 43.53 3.36 -14.58
C THR B 211 42.35 4.22 -15.02
N THR B 212 41.80 4.98 -14.07
CA THR B 212 40.61 5.78 -14.32
C THR B 212 40.62 6.92 -13.29
N ASN B 213 39.48 7.60 -13.10
CA ASN B 213 39.37 8.62 -12.06
C ASN B 213 38.82 7.98 -10.78
N THR B 214 38.85 8.72 -9.67
CA THR B 214 38.57 8.06 -8.40
C THR B 214 37.12 7.59 -8.31
N TRP B 215 36.17 8.39 -8.81
CA TRP B 215 34.78 7.97 -8.68
C TRP B 215 34.49 6.75 -9.55
N SER B 216 34.99 6.75 -10.78
CA SER B 216 34.75 5.58 -11.63
C SER B 216 35.35 4.33 -11.00
N SER B 217 36.50 4.47 -10.35
CA SER B 217 37.11 3.35 -9.61
C SER B 217 36.17 2.82 -8.52
N GLU B 218 35.67 3.72 -7.66
CA GLU B 218 34.79 3.30 -6.55
C GLU B 218 33.47 2.73 -7.06
N LEU B 219 32.86 3.39 -8.06
CA LEU B 219 31.60 2.88 -8.61
C LEU B 219 31.79 1.50 -9.25
N SER B 220 32.92 1.30 -9.94
CA SER B 220 33.20 0.00 -10.54
C SER B 220 33.27 -1.09 -9.46
N LYS B 221 33.93 -0.81 -8.34
CA LYS B 221 33.99 -1.78 -7.25
C LYS B 221 32.61 -2.02 -6.65
N LEU B 222 31.86 -0.94 -6.36
CA LEU B 222 30.52 -1.11 -5.81
C LEU B 222 29.65 -1.97 -6.72
N ALA B 223 29.73 -1.73 -8.04
CA ALA B 223 28.93 -2.51 -8.98
C ALA B 223 29.44 -3.94 -9.10
N ALA B 224 30.76 -4.14 -9.18
CA ALA B 224 31.29 -5.50 -9.34
C ALA B 224 30.88 -6.38 -8.16
N ASN B 225 31.02 -5.87 -6.93
CA ASN B 225 30.58 -6.63 -5.76
C ASN B 225 29.11 -7.00 -5.87
N ALA B 226 28.29 -6.05 -6.32
CA ALA B 226 26.85 -6.31 -6.39
C ALA B 226 26.53 -7.36 -7.45
N PHE B 227 27.26 -7.36 -8.59
CA PHE B 227 27.05 -8.40 -9.61
C PHE B 227 27.36 -9.79 -9.05
N LEU B 228 28.43 -9.89 -8.25
CA LEU B 228 28.77 -11.16 -7.62
C LEU B 228 27.68 -11.62 -6.65
N ALA B 229 27.24 -10.72 -5.75
CA ALA B 229 26.18 -11.07 -4.82
C ALA B 229 24.91 -11.46 -5.56
N GLN B 230 24.63 -10.78 -6.67
CA GLN B 230 23.43 -11.07 -7.45
C GLN B 230 23.46 -12.49 -8.05
N ARG B 231 24.62 -12.96 -8.50
CA ARG B 231 24.68 -14.33 -8.99
C ARG B 231 24.26 -15.33 -7.92
N ILE B 232 24.71 -15.12 -6.67
CA ILE B 232 24.38 -16.02 -5.57
C ILE B 232 22.89 -15.96 -5.26
N SER B 233 22.35 -14.75 -5.13
CA SER B 233 20.91 -14.63 -4.90
C SER B 233 20.10 -15.21 -6.06
N SER B 234 20.60 -15.06 -7.28
CA SER B 234 19.86 -15.62 -8.42
C SER B 234 19.81 -17.14 -8.36
N ILE B 235 20.95 -17.79 -8.10
CA ILE B 235 20.93 -19.26 -8.05
C ILE B 235 20.22 -19.72 -6.79
N ASN B 236 20.26 -18.94 -5.70
CA ASN B 236 19.49 -19.30 -4.51
C ASN B 236 17.98 -19.20 -4.78
N SER B 237 17.56 -18.20 -5.55
CA SER B 237 16.14 -18.13 -5.92
C SER B 237 15.74 -19.37 -6.72
N ILE B 238 16.63 -19.83 -7.61
CA ILE B 238 16.35 -21.06 -8.37
C ILE B 238 16.34 -22.28 -7.44
N SER B 239 17.14 -22.26 -6.38
CA SER B 239 17.15 -23.39 -5.45
C SER B 239 15.79 -23.57 -4.79
N ALA B 240 15.09 -22.47 -4.49
CA ALA B 240 13.73 -22.60 -3.95
C ALA B 240 12.77 -23.18 -4.99
N LEU B 241 12.91 -22.75 -6.24
CA LEU B 241 12.09 -23.29 -7.31
C LEU B 241 12.36 -24.78 -7.54
N CYS B 242 13.63 -25.19 -7.41
CA CYS B 242 13.98 -26.61 -7.53
C CYS B 242 13.33 -27.43 -6.42
N GLU B 243 13.41 -26.95 -5.18
CA GLU B 243 12.79 -27.65 -4.05
C GLU B 243 11.29 -27.83 -4.26
N ALA B 244 10.65 -26.85 -4.88
CA ALA B 244 9.20 -26.92 -5.05
C ALA B 244 8.77 -27.79 -6.23
N THR B 245 9.69 -28.16 -7.14
CA THR B 245 9.29 -28.82 -8.38
C THR B 245 10.05 -30.11 -8.65
N GLY B 246 10.89 -30.57 -7.74
CA GLY B 246 11.57 -31.83 -7.92
C GLY B 246 12.85 -31.79 -8.71
N ALA B 247 13.40 -30.60 -8.97
CA ALA B 247 14.68 -30.52 -9.65
C ALA B 247 15.80 -30.35 -8.63
N ASP B 248 17.04 -30.42 -9.11
CA ASP B 248 18.25 -30.34 -8.27
C ASP B 248 19.04 -29.11 -8.71
N VAL B 249 19.22 -28.14 -7.80
CA VAL B 249 19.83 -26.88 -8.21
C VAL B 249 21.26 -27.07 -8.70
N GLU B 250 21.98 -28.09 -8.21
CA GLU B 250 23.35 -28.30 -8.69
C GLU B 250 23.37 -28.71 -10.16
N GLU B 251 22.40 -29.53 -10.59
CA GLU B 251 22.32 -29.91 -11.99
C GLU B 251 21.87 -28.73 -12.86
N VAL B 252 20.90 -27.96 -12.38
CA VAL B 252 20.46 -26.78 -13.09
C VAL B 252 21.61 -25.78 -13.21
N ALA B 253 22.37 -25.60 -12.13
CA ALA B 253 23.51 -24.67 -12.16
C ALA B 253 24.55 -25.08 -13.19
N THR B 254 24.83 -26.37 -13.31
CA THR B 254 25.77 -26.85 -14.30
C THR B 254 25.31 -26.49 -15.71
N ALA B 255 24.02 -26.72 -16.01
CA ALA B 255 23.47 -26.40 -17.33
C ALA B 255 23.52 -24.91 -17.60
N ILE B 256 23.18 -24.09 -16.61
CA ILE B 256 23.26 -22.65 -16.75
C ILE B 256 24.69 -22.21 -17.01
N GLY B 257 25.62 -22.68 -16.16
CA GLY B 257 27.00 -22.21 -16.17
C GLY B 257 27.79 -22.63 -17.39
N MET B 258 27.31 -23.60 -18.17
CA MET B 258 28.00 -23.96 -19.41
C MET B 258 27.80 -22.95 -20.53
N ASP B 259 26.85 -22.02 -20.40
CA ASP B 259 26.80 -20.88 -21.30
C ASP B 259 28.00 -19.99 -21.03
N GLN B 260 28.89 -19.85 -22.01
CA GLN B 260 30.11 -19.07 -21.78
C GLN B 260 29.82 -17.58 -21.62
N ARG B 261 28.63 -17.12 -21.98
CA ARG B 261 28.27 -15.74 -21.70
C ARG B 261 27.87 -15.55 -20.25
N ILE B 262 27.47 -16.61 -19.56
CA ILE B 262 27.14 -16.55 -18.15
C ILE B 262 28.36 -16.91 -17.29
N GLY B 263 29.13 -17.91 -17.70
CA GLY B 263 30.24 -18.41 -16.89
C GLY B 263 29.74 -19.37 -15.82
N ASN B 264 30.67 -20.20 -15.33
CA ASN B 264 30.28 -21.27 -14.41
C ASN B 264 30.69 -20.99 -12.96
N LYS B 265 31.13 -19.78 -12.65
CA LYS B 265 31.53 -19.42 -11.29
C LYS B 265 30.40 -18.72 -10.52
N PHE B 266 30.49 -18.81 -9.20
CA PHE B 266 29.53 -18.15 -8.28
C PHE B 266 28.10 -18.59 -8.57
N LEU B 267 27.92 -19.87 -8.84
CA LEU B 267 26.60 -20.46 -8.99
C LEU B 267 26.39 -21.59 -7.98
N LYS B 268 26.99 -21.50 -6.78
CA LYS B 268 26.87 -22.54 -5.76
C LYS B 268 25.81 -22.08 -4.76
N ALA B 269 24.62 -22.67 -4.84
CA ALA B 269 23.54 -22.31 -3.94
C ALA B 269 23.96 -22.58 -2.50
N SER B 270 23.41 -21.80 -1.57
CA SER B 270 23.86 -21.88 -0.18
C SER B 270 22.76 -21.34 0.72
N VAL B 271 22.98 -21.52 2.03
CA VAL B 271 22.10 -20.95 3.05
C VAL B 271 22.00 -19.42 2.90
N GLY B 272 23.01 -18.80 2.32
CA GLY B 272 22.96 -17.38 1.99
C GLY B 272 24.37 -16.84 2.13
N PHE B 273 24.68 -15.81 1.34
CA PHE B 273 26.01 -15.24 1.39
C PHE B 273 26.19 -14.40 2.67
N GLY B 274 27.43 -14.37 3.16
CA GLY B 274 27.80 -13.54 4.28
C GLY B 274 29.05 -12.76 3.94
N GLY B 275 29.74 -12.24 4.95
CA GLY B 275 30.95 -11.47 4.74
C GLY B 275 30.71 -9.98 4.90
N SER B 276 31.79 -9.26 5.20
CA SER B 276 31.74 -7.81 5.38
C SER B 276 31.56 -7.06 4.07
N CYS B 277 31.59 -7.73 2.91
CA CYS B 277 31.51 -7.00 1.65
C CYS B 277 30.09 -6.90 1.09
N PHE B 278 29.44 -8.04 0.78
CA PHE B 278 28.31 -8.03 -0.14
C PHE B 278 27.10 -7.29 0.41
N GLN B 279 26.61 -7.65 1.61
CA GLN B 279 25.40 -6.98 2.09
C GLN B 279 25.66 -5.49 2.29
N LYS B 280 26.80 -5.14 2.90
CA LYS B 280 27.14 -3.73 3.06
C LYS B 280 27.18 -3.02 1.72
N ASP B 281 27.74 -3.68 0.71
CA ASP B 281 27.89 -3.08 -0.62
C ASP B 281 26.54 -2.78 -1.26
N VAL B 282 25.63 -3.76 -1.22
CA VAL B 282 24.32 -3.55 -1.87
C VAL B 282 23.50 -2.52 -1.09
N LEU B 283 23.56 -2.57 0.25
CA LEU B 283 22.86 -1.56 1.04
C LEU B 283 23.32 -0.16 0.68
N ASN B 284 24.63 0.02 0.53
CA ASN B 284 25.15 1.34 0.21
C ASN B 284 24.83 1.76 -1.20
N LEU B 285 24.80 0.79 -2.13
CA LEU B 285 24.39 1.09 -3.50
C LEU B 285 22.93 1.53 -3.54
N VAL B 286 22.06 0.82 -2.83
CA VAL B 286 20.66 1.20 -2.76
C VAL B 286 20.51 2.59 -2.14
N TYR B 287 21.22 2.83 -1.02
CA TYR B 287 21.11 4.13 -0.36
C TYR B 287 21.59 5.26 -1.27
N LEU B 288 22.71 5.05 -1.95
CA LEU B 288 23.22 6.02 -2.91
C LEU B 288 22.20 6.33 -3.99
N CYS B 289 21.58 5.28 -4.54
CA CYS B 289 20.59 5.46 -5.60
C CYS B 289 19.38 6.23 -5.09
N GLU B 290 18.93 5.93 -3.88
CA GLU B 290 17.83 6.73 -3.32
C GLU B 290 18.24 8.19 -3.18
N ALA B 291 19.48 8.45 -2.75
CA ALA B 291 19.91 9.84 -2.58
C ALA B 291 19.99 10.57 -3.91
N LEU B 292 20.25 9.84 -5.00
CA LEU B 292 20.33 10.42 -6.34
C LEU B 292 19.00 10.46 -7.06
N ASN B 293 17.89 10.17 -6.36
CA ASN B 293 16.57 10.11 -6.98
C ASN B 293 16.54 9.10 -8.12
N LEU B 294 17.10 7.92 -7.86
CA LEU B 294 17.00 6.76 -8.76
C LEU B 294 16.30 5.61 -8.05
N PRO B 295 15.01 5.77 -7.71
CA PRO B 295 14.35 4.70 -6.94
C PRO B 295 14.19 3.38 -7.72
N GLU B 296 14.08 3.41 -9.05
CA GLU B 296 14.00 2.16 -9.81
C GLU B 296 15.28 1.35 -9.68
N VAL B 297 16.44 2.01 -9.75
CA VAL B 297 17.70 1.30 -9.56
C VAL B 297 17.83 0.80 -8.12
N ALA B 298 17.42 1.61 -7.14
CA ALA B 298 17.47 1.18 -5.75
C ALA B 298 16.63 -0.08 -5.52
N ARG B 299 15.40 -0.10 -6.01
CA ARG B 299 14.60 -1.30 -5.72
C ARG B 299 15.06 -2.50 -6.53
N TYR B 300 15.71 -2.26 -7.67
CA TYR B 300 16.33 -3.37 -8.42
C TYR B 300 17.39 -4.08 -7.60
N TRP B 301 18.36 -3.32 -7.05
CA TRP B 301 19.44 -3.97 -6.32
C TRP B 301 18.99 -4.45 -4.95
N GLN B 302 17.95 -3.84 -4.36
CA GLN B 302 17.45 -4.29 -3.06
C GLN B 302 17.03 -5.75 -3.09
N GLN B 303 16.58 -6.25 -4.26
CA GLN B 303 16.15 -7.65 -4.35
C GLN B 303 17.29 -8.63 -4.04
N VAL B 304 18.54 -8.23 -4.28
CA VAL B 304 19.67 -9.10 -3.96
C VAL B 304 19.71 -9.42 -2.46
N ILE B 305 19.47 -8.41 -1.61
CA ILE B 305 19.43 -8.60 -0.17
C ILE B 305 18.13 -9.29 0.26
N ASP B 306 17.00 -8.85 -0.28
CA ASP B 306 15.73 -9.49 0.09
C ASP B 306 15.78 -10.98 -0.20
N MET B 307 16.35 -11.38 -1.34
CA MET B 307 16.43 -12.80 -1.64
C MET B 307 17.35 -13.53 -0.66
N ASN B 308 18.49 -12.92 -0.32
CA ASN B 308 19.39 -13.54 0.65
C ASN B 308 18.70 -13.72 2.00
N ASP B 309 17.94 -12.71 2.45
CA ASP B 309 17.25 -12.83 3.73
C ASP B 309 16.20 -13.94 3.70
N TYR B 310 15.47 -14.04 2.59
CA TYR B 310 14.47 -15.10 2.40
C TYR B 310 15.12 -16.49 2.38
N GLN B 311 16.27 -16.62 1.70
CA GLN B 311 16.95 -17.91 1.64
C GLN B 311 17.31 -18.40 3.04
N ARG B 312 17.86 -17.50 3.87
CA ARG B 312 18.17 -17.86 5.25
C ARG B 312 16.90 -18.22 6.03
N ARG B 313 15.85 -17.41 5.93
CA ARG B 313 14.63 -17.70 6.68
C ARG B 313 14.03 -19.04 6.26
N ARG B 314 14.02 -19.32 4.95
CA ARG B 314 13.45 -20.55 4.44
C ARG B 314 14.20 -21.76 4.97
N PHE B 315 15.54 -21.67 5.02
CA PHE B 315 16.36 -22.77 5.53
C PHE B 315 16.03 -23.04 7.00
N ALA B 316 16.00 -21.98 7.82
CA ALA B 316 15.67 -22.13 9.24
C ALA B 316 14.28 -22.72 9.42
N SER B 317 13.30 -22.28 8.64
CA SER B 317 11.96 -22.82 8.88
C SER B 317 11.84 -24.26 8.40
N ARG B 318 12.65 -24.70 7.43
CA ARG B 318 12.69 -26.12 7.12
C ARG B 318 13.19 -26.93 8.30
N ILE B 319 14.22 -26.43 9.00
CA ILE B 319 14.74 -27.13 10.17
C ILE B 319 13.65 -27.23 11.24
N ILE B 320 13.00 -26.11 11.52
CA ILE B 320 11.98 -26.07 12.54
C ILE B 320 10.79 -26.94 12.17
N ASP B 321 10.36 -26.89 10.90
CA ASP B 321 9.26 -27.77 10.46
C ASP B 321 9.65 -29.23 10.58
N SER B 322 10.88 -29.58 10.18
CA SER B 322 11.30 -30.97 10.28
C SER B 322 11.28 -31.45 11.73
N LEU B 323 11.55 -30.57 12.68
CA LEU B 323 11.44 -30.87 14.10
C LEU B 323 10.01 -30.65 14.61
N PHE B 324 9.04 -30.64 13.69
CA PHE B 324 7.61 -30.53 13.99
C PHE B 324 7.26 -29.32 14.83
N ASN B 325 7.95 -28.20 14.56
CA ASN B 325 7.60 -26.87 15.04
C ASN B 325 7.73 -26.71 16.56
N THR B 326 8.38 -27.65 17.25
CA THR B 326 8.80 -27.40 18.63
C THR B 326 10.24 -27.85 18.77
N VAL B 327 11.11 -26.94 19.21
CA VAL B 327 12.51 -27.27 19.36
C VAL B 327 12.97 -26.90 20.77
N THR B 328 12.01 -26.56 21.62
CA THR B 328 12.34 -26.24 23.01
C THR B 328 13.14 -27.38 23.62
N ASP B 329 14.32 -27.04 24.16
CA ASP B 329 15.22 -27.96 24.85
C ASP B 329 15.79 -29.05 23.93
N LYS B 330 15.66 -28.92 22.61
CA LYS B 330 16.26 -29.89 21.71
C LYS B 330 17.68 -29.47 21.38
N LYS B 331 18.61 -30.42 21.48
CA LYS B 331 20.00 -30.15 21.12
C LYS B 331 20.16 -30.17 19.61
N ILE B 332 20.80 -29.14 19.07
CA ILE B 332 21.06 -29.06 17.63
C ILE B 332 22.51 -28.66 17.43
N ALA B 333 23.25 -29.43 16.64
CA ALA B 333 24.64 -29.13 16.32
C ALA B 333 24.71 -28.17 15.13
N ILE B 334 25.48 -27.09 15.30
CA ILE B 334 25.78 -26.14 14.23
C ILE B 334 27.21 -26.38 13.81
N LEU B 335 27.42 -26.93 12.60
CA LEU B 335 28.75 -27.20 12.07
C LEU B 335 29.13 -26.07 11.11
N GLY B 336 30.04 -25.21 11.54
CA GLY B 336 30.46 -24.10 10.69
C GLY B 336 29.87 -22.80 11.15
N PHE B 337 30.73 -21.86 11.56
CA PHE B 337 30.28 -20.53 11.94
C PHE B 337 30.91 -19.42 11.09
N ALA B 338 32.06 -19.68 10.47
CA ALA B 338 32.67 -18.71 9.58
C ALA B 338 31.77 -18.47 8.36
N PHE B 339 31.93 -17.30 7.72
CA PHE B 339 31.02 -16.96 6.63
C PHE B 339 31.33 -17.73 5.35
N LYS B 340 32.49 -18.38 5.29
CA LYS B 340 32.88 -19.28 4.21
C LYS B 340 34.04 -20.10 4.76
N LYS B 341 34.49 -21.09 3.99
CA LYS B 341 35.57 -21.91 4.51
C LYS B 341 36.91 -21.17 4.44
N ASP B 342 37.88 -21.66 5.22
CA ASP B 342 39.28 -21.23 5.17
C ASP B 342 39.48 -19.80 5.67
N THR B 343 38.61 -19.36 6.58
CA THR B 343 38.79 -18.09 7.30
C THR B 343 38.22 -18.26 8.69
N GLY B 344 38.71 -17.46 9.63
CA GLY B 344 38.06 -17.39 10.91
C GLY B 344 37.08 -16.23 11.02
N ASP B 345 36.87 -15.48 9.93
CA ASP B 345 35.99 -14.32 9.92
C ASP B 345 34.52 -14.73 9.97
N THR B 346 33.73 -14.08 10.83
CA THR B 346 32.30 -14.37 10.94
C THR B 346 31.40 -13.24 10.50
N ARG B 347 31.95 -12.14 9.98
CA ARG B 347 31.12 -10.96 9.72
C ARG B 347 29.96 -11.29 8.77
N GLU B 348 28.75 -11.04 9.24
CA GLU B 348 27.51 -11.31 8.52
C GLU B 348 27.38 -12.78 8.11
N SER B 349 28.02 -13.69 8.84
CA SER B 349 27.88 -15.09 8.50
C SER B 349 26.43 -15.56 8.60
N SER B 350 25.99 -16.37 7.63
CA SER B 350 24.66 -16.95 7.70
C SER B 350 24.48 -17.80 8.96
N SER B 351 25.58 -18.36 9.48
CA SER B 351 25.54 -19.15 10.71
C SER B 351 24.99 -18.32 11.89
N ILE B 352 25.29 -17.03 11.92
CA ILE B 352 24.74 -16.17 12.97
C ILE B 352 23.22 -16.13 12.89
N TYR B 353 22.70 -15.93 11.67
CA TYR B 353 21.27 -15.74 11.49
C TYR B 353 20.50 -17.04 11.72
N ILE B 354 21.02 -18.16 11.20
CA ILE B 354 20.39 -19.46 11.45
C ILE B 354 20.38 -19.78 12.94
N SER B 355 21.50 -19.54 13.63
CA SER B 355 21.57 -19.80 15.07
C SER B 355 20.51 -18.99 15.81
N LYS B 356 20.38 -17.70 15.48
CA LYS B 356 19.42 -16.84 16.18
C LYS B 356 17.98 -17.27 15.92
N TYR B 357 17.66 -17.70 14.70
CA TYR B 357 16.31 -18.23 14.44
C TYR B 357 16.04 -19.45 15.29
N LEU B 358 17.05 -20.33 15.45
CA LEU B 358 16.86 -21.51 16.29
C LEU B 358 16.82 -21.15 17.78
N MET B 359 17.62 -20.17 18.20
CA MET B 359 17.56 -19.71 19.59
C MET B 359 16.19 -19.13 19.93
N ASP B 360 15.58 -18.39 18.99
CA ASP B 360 14.24 -17.88 19.19
C ASP B 360 13.20 -18.99 19.34
N GLU B 361 13.52 -20.21 18.90
CA GLU B 361 12.64 -21.35 19.15
C GLU B 361 13.05 -22.15 20.38
N GLY B 362 14.05 -21.68 21.14
CA GLY B 362 14.44 -22.38 22.34
C GLY B 362 15.39 -23.54 22.14
N ALA B 363 16.03 -23.64 20.98
CA ALA B 363 16.97 -24.73 20.75
C ALA B 363 18.21 -24.57 21.62
N HIS B 364 18.80 -25.72 21.99
CA HIS B 364 20.09 -25.71 22.68
C HIS B 364 21.14 -25.97 21.61
N LEU B 365 21.83 -24.91 21.21
CA LEU B 365 22.81 -24.99 20.13
C LEU B 365 24.18 -25.39 20.67
N HIS B 366 24.82 -26.35 19.99
CA HIS B 366 26.21 -26.71 20.19
C HIS B 366 26.95 -26.42 18.88
N ILE B 367 27.86 -25.46 18.93
CA ILE B 367 28.45 -24.87 17.74
C ILE B 367 29.90 -25.31 17.63
N TYR B 368 30.28 -25.84 16.45
CA TYR B 368 31.68 -26.19 16.20
C TYR B 368 32.16 -25.51 14.92
N ASP B 369 33.34 -24.89 15.00
CA ASP B 369 34.02 -24.37 13.83
C ASP B 369 35.52 -24.56 14.04
N PRO B 370 36.26 -25.03 13.04
CA PRO B 370 37.68 -25.32 13.25
C PRO B 370 38.56 -24.08 13.46
N LYS B 371 38.10 -22.89 13.07
CA LYS B 371 38.95 -21.70 13.12
C LYS B 371 38.34 -20.49 13.81
N VAL B 372 37.02 -20.38 13.90
CA VAL B 372 36.45 -19.20 14.56
C VAL B 372 36.72 -19.28 16.07
N PRO B 373 37.27 -18.23 16.69
CA PRO B 373 37.51 -18.27 18.14
C PRO B 373 36.21 -18.33 18.93
N ARG B 374 36.25 -19.07 20.04
CA ARG B 374 35.06 -19.26 20.88
C ARG B 374 34.42 -17.92 21.27
N GLU B 375 35.26 -16.96 21.68
CA GLU B 375 34.72 -15.71 22.21
C GLU B 375 34.00 -14.92 21.14
N GLN B 376 34.43 -15.05 19.88
CA GLN B 376 33.72 -14.38 18.79
C GLN B 376 32.30 -14.94 18.61
N ILE B 377 32.14 -16.26 18.73
CA ILE B 377 30.80 -16.85 18.60
C ILE B 377 29.90 -16.31 19.70
N VAL B 378 30.43 -16.21 20.94
CA VAL B 378 29.64 -15.67 22.05
C VAL B 378 29.18 -14.25 21.75
N VAL B 379 30.11 -13.40 21.29
CA VAL B 379 29.79 -12.01 20.94
C VAL B 379 28.76 -11.95 19.82
N ASP B 380 28.95 -12.76 18.76
CA ASP B 380 28.05 -12.69 17.61
C ASP B 380 26.62 -13.05 17.98
N LEU B 381 26.44 -13.95 18.95
CA LEU B 381 25.11 -14.42 19.29
C LEU B 381 24.44 -13.61 20.41
N SER B 382 25.13 -12.63 20.97
CA SER B 382 24.56 -11.81 22.05
C SER B 382 23.76 -10.61 21.54
N ASP B 390 21.95 -13.34 28.15
CA ASP B 390 21.20 -14.31 28.94
C ASP B 390 20.67 -15.47 28.11
N GLN B 391 20.12 -15.14 26.93
CA GLN B 391 19.70 -16.17 26.00
C GLN B 391 20.88 -17.00 25.53
N VAL B 392 22.04 -16.36 25.32
CA VAL B 392 23.26 -17.08 24.94
C VAL B 392 23.69 -18.00 26.07
N SER B 393 23.65 -17.50 27.31
CA SER B 393 24.02 -18.31 28.47
C SER B 393 23.14 -19.53 28.60
N ARG B 394 21.84 -19.38 28.32
CA ARG B 394 20.93 -20.51 28.48
C ARG B 394 21.04 -21.52 27.35
N LEU B 395 21.27 -21.06 26.12
CA LEU B 395 21.02 -21.90 24.95
C LEU B 395 22.25 -22.30 24.15
N VAL B 396 23.39 -21.61 24.31
CA VAL B 396 24.52 -21.76 23.40
C VAL B 396 25.68 -22.44 24.12
N THR B 397 26.18 -23.51 23.52
CA THR B 397 27.41 -24.18 23.94
C THR B 397 28.40 -24.15 22.77
N ILE B 398 29.66 -23.90 23.06
CA ILE B 398 30.70 -23.90 22.03
C ILE B 398 31.44 -25.21 22.16
N SER B 399 31.38 -26.06 21.14
CA SER B 399 31.94 -27.40 21.26
C SER B 399 33.40 -27.40 20.78
N LYS B 400 34.21 -28.24 21.41
CA LYS B 400 35.62 -28.33 21.01
C LYS B 400 35.81 -29.23 19.79
N ASP B 401 34.84 -30.06 19.46
CA ASP B 401 34.95 -30.94 18.31
C ASP B 401 33.54 -31.29 17.85
N PRO B 402 33.38 -31.70 16.60
CA PRO B 402 32.02 -31.89 16.07
C PRO B 402 31.29 -33.09 16.65
N TYR B 403 32.00 -34.10 17.15
CA TYR B 403 31.30 -35.25 17.74
C TYR B 403 30.64 -34.87 19.06
N GLU B 404 31.25 -33.96 19.81
CA GLU B 404 30.63 -33.42 21.01
C GLU B 404 29.37 -32.61 20.68
N ALA B 405 29.43 -31.81 19.61
CA ALA B 405 28.26 -31.03 19.21
C ALA B 405 27.09 -31.92 18.78
N CYS B 406 27.39 -33.06 18.15
CA CYS B 406 26.36 -33.96 17.63
C CYS B 406 25.87 -34.98 18.65
N ASP B 407 26.55 -35.14 19.79
CA ASP B 407 26.20 -36.19 20.75
C ASP B 407 24.86 -35.86 21.40
N GLY B 408 23.85 -36.69 21.14
CA GLY B 408 22.50 -36.45 21.63
C GLY B 408 21.72 -35.39 20.88
N ALA B 409 22.19 -34.98 19.72
CA ALA B 409 21.52 -33.95 18.93
C ALA B 409 20.34 -34.55 18.16
N HIS B 410 19.34 -33.72 17.91
CA HIS B 410 18.24 -34.07 16.99
C HIS B 410 18.60 -33.80 15.55
N ALA B 411 19.46 -32.80 15.31
CA ALA B 411 19.74 -32.32 13.98
C ALA B 411 21.16 -31.81 13.92
N VAL B 412 21.77 -31.98 12.75
CA VAL B 412 23.09 -31.43 12.42
C VAL B 412 22.88 -30.46 11.28
N VAL B 413 23.28 -29.20 11.49
CA VAL B 413 23.09 -28.13 10.50
C VAL B 413 24.47 -27.68 10.01
N ILE B 414 24.77 -27.92 8.74
CA ILE B 414 26.05 -27.51 8.16
C ILE B 414 25.86 -26.16 7.50
N CYS B 415 26.52 -25.14 8.05
CA CYS B 415 26.38 -23.77 7.56
C CYS B 415 27.60 -23.25 6.83
N THR B 416 28.75 -23.90 6.97
CA THR B 416 30.00 -23.47 6.35
C THR B 416 30.67 -24.66 5.70
N GLU B 417 31.18 -24.47 4.49
CA GLU B 417 31.60 -25.59 3.66
C GLU B 417 33.03 -26.06 3.96
N TRP B 418 33.42 -26.12 5.23
CA TRP B 418 34.73 -26.67 5.61
C TRP B 418 34.89 -28.09 5.08
N ASP B 419 36.02 -28.37 4.44
CA ASP B 419 36.21 -29.68 3.82
C ASP B 419 36.16 -30.83 4.81
N MET B 420 36.52 -30.58 6.07
CA MET B 420 36.52 -31.66 7.06
C MET B 420 35.12 -32.22 7.32
N PHE B 421 34.06 -31.47 7.03
CA PHE B 421 32.74 -31.97 7.38
C PHE B 421 32.34 -33.15 6.50
N LYS B 422 32.86 -33.22 5.29
CA LYS B 422 32.49 -34.37 4.47
C LYS B 422 33.26 -35.62 4.85
N GLU B 423 34.24 -35.52 5.76
CA GLU B 423 35.04 -36.67 6.17
C GLU B 423 34.74 -37.13 7.58
N LEU B 424 33.71 -36.59 8.22
CA LEU B 424 33.36 -37.02 9.57
C LEU B 424 32.86 -38.48 9.57
N ASP B 425 32.96 -39.11 10.73
CA ASP B 425 32.48 -40.48 10.94
C ASP B 425 30.97 -40.40 11.20
N TYR B 426 30.19 -40.41 10.11
CA TYR B 426 28.75 -40.23 10.25
C TYR B 426 28.03 -41.46 10.78
N GLU B 427 28.64 -42.64 10.66
CA GLU B 427 28.08 -43.79 11.36
C GLU B 427 28.17 -43.59 12.87
N ARG B 428 29.31 -43.11 13.35
CA ARG B 428 29.44 -42.81 14.78
C ARG B 428 28.48 -41.71 15.21
N ILE B 429 28.31 -40.67 14.38
CA ILE B 429 27.40 -39.59 14.73
C ILE B 429 25.97 -40.11 14.87
N HIS B 430 25.55 -40.97 13.94
CA HIS B 430 24.19 -41.49 13.96
C HIS B 430 23.91 -42.28 15.23
N LYS B 431 24.89 -43.07 15.68
CA LYS B 431 24.67 -43.94 16.85
C LYS B 431 24.20 -43.14 18.05
N LYS B 432 24.75 -41.94 18.24
CA LYS B 432 24.50 -41.17 19.46
C LYS B 432 23.50 -40.06 19.28
N MET B 433 22.94 -39.87 18.09
CA MET B 433 21.89 -38.89 17.91
C MET B 433 20.55 -39.46 18.34
N LEU B 434 19.63 -38.57 18.72
CA LEU B 434 18.24 -38.96 18.85
C LEU B 434 17.60 -39.12 17.48
N LYS B 435 16.59 -39.98 17.40
CA LYS B 435 15.95 -40.30 16.14
C LYS B 435 14.50 -39.77 16.15
N PRO B 436 14.02 -39.24 15.01
CA PRO B 436 14.75 -39.14 13.74
C PRO B 436 15.90 -38.15 13.79
N ALA B 437 17.01 -38.55 13.20
CA ALA B 437 18.23 -37.78 13.17
C ALA B 437 18.32 -37.08 11.82
N PHE B 438 18.37 -35.76 11.83
CA PHE B 438 18.38 -34.96 10.62
C PHE B 438 19.76 -34.39 10.37
N ILE B 439 20.15 -34.32 9.10
CA ILE B 439 21.26 -33.50 8.65
C ILE B 439 20.70 -32.48 7.67
N PHE B 440 20.93 -31.20 7.96
CA PHE B 440 20.54 -30.10 7.08
C PHE B 440 21.80 -29.53 6.46
N ASP B 441 22.04 -29.86 5.21
CA ASP B 441 23.26 -29.47 4.52
C ASP B 441 22.98 -28.14 3.82
N GLY B 442 23.35 -27.05 4.47
CA GLY B 442 23.17 -25.75 3.86
C GLY B 442 24.23 -25.35 2.85
N ARG B 443 25.15 -26.25 2.51
CA ARG B 443 26.24 -25.91 1.59
C ARG B 443 26.44 -26.91 0.47
N ARG B 444 25.64 -27.97 0.38
CA ARG B 444 25.82 -29.04 -0.60
C ARG B 444 27.15 -29.75 -0.43
N VAL B 445 27.75 -29.75 0.77
CA VAL B 445 29.06 -30.38 0.92
C VAL B 445 28.94 -31.88 1.04
N LEU B 446 27.77 -32.40 1.38
CA LEU B 446 27.59 -33.84 1.57
C LEU B 446 27.03 -34.51 0.33
N ASP B 447 26.98 -33.82 -0.81
CA ASP B 447 26.54 -34.45 -2.04
C ASP B 447 27.40 -35.68 -2.32
N GLY B 448 26.78 -36.71 -2.87
CA GLY B 448 27.48 -37.95 -3.12
C GLY B 448 27.61 -38.87 -1.93
N LEU B 449 27.46 -38.37 -0.71
CA LEU B 449 27.30 -39.22 0.45
C LEU B 449 25.84 -39.57 0.75
N HIS B 450 24.90 -39.10 -0.07
CA HIS B 450 23.48 -39.19 0.28
C HIS B 450 23.02 -40.63 0.44
N ASN B 451 23.47 -41.53 -0.44
CA ASN B 451 23.08 -42.93 -0.32
C ASN B 451 23.59 -43.52 0.98
N GLU B 452 24.88 -43.31 1.28
CA GLU B 452 25.47 -43.86 2.50
C GLU B 452 24.77 -43.30 3.74
N LEU B 453 24.48 -42.00 3.74
CA LEU B 453 23.84 -41.39 4.91
C LEU B 453 22.42 -41.89 5.10
N GLN B 454 21.69 -42.10 3.99
CA GLN B 454 20.35 -42.66 4.10
C GLN B 454 20.38 -44.10 4.59
N THR B 455 21.35 -44.87 4.08
CA THR B 455 21.51 -46.24 4.55
C THR B 455 21.84 -46.28 6.03
N ILE B 456 22.68 -45.36 6.49
CA ILE B 456 22.99 -45.28 7.92
C ILE B 456 21.73 -44.97 8.72
N GLY B 457 20.83 -44.15 8.16
CA GLY B 457 19.57 -43.90 8.81
C GLY B 457 19.21 -42.44 8.99
N PHE B 458 20.02 -41.53 8.45
CA PHE B 458 19.76 -40.11 8.54
C PHE B 458 18.60 -39.69 7.64
N GLN B 459 17.91 -38.64 8.04
CA GLN B 459 17.06 -37.86 7.15
C GLN B 459 17.91 -36.71 6.63
N ILE B 460 18.23 -36.71 5.33
CA ILE B 460 19.11 -35.70 4.74
C ILE B 460 18.25 -34.67 4.02
N GLU B 461 18.42 -33.40 4.37
CA GLU B 461 17.78 -32.29 3.67
C GLU B 461 18.86 -31.33 3.22
N THR B 462 18.80 -30.91 1.95
CA THR B 462 19.81 -29.98 1.48
C THR B 462 19.15 -28.91 0.63
N ILE B 463 19.86 -27.80 0.48
CA ILE B 463 19.34 -26.68 -0.30
C ILE B 463 19.24 -27.05 -1.77
N GLY B 464 18.12 -26.72 -2.38
CA GLY B 464 17.95 -26.88 -3.82
C GLY B 464 17.66 -28.29 -4.27
N LYS B 465 17.28 -29.18 -3.36
CA LYS B 465 16.86 -30.53 -3.70
C LYS B 465 15.86 -30.98 -2.63
N LYS B 466 14.88 -31.78 -3.05
CA LYS B 466 13.93 -32.36 -2.11
C LYS B 466 13.86 -33.87 -2.26
N HIS C 1 -24.55 57.10 28.54
CA HIS C 1 -24.48 55.72 29.04
C HIS C 1 -23.11 55.06 28.80
N MET C 2 -22.40 54.79 29.88
CA MET C 2 -21.07 54.22 29.81
C MET C 2 -20.76 53.59 31.16
N PHE C 3 -20.32 52.34 31.13
CA PHE C 3 -19.69 51.74 32.29
C PHE C 3 -18.21 52.08 32.19
N GLU C 4 -17.68 52.74 33.22
CA GLU C 4 -16.26 53.08 33.23
C GLU C 4 -15.56 52.03 34.07
N ILE C 5 -14.64 51.35 33.43
CA ILE C 5 -13.81 50.35 34.07
C ILE C 5 -12.75 51.09 34.86
N LYS C 6 -12.75 50.88 36.19
CA LYS C 6 -11.77 51.51 37.05
C LYS C 6 -10.81 50.52 37.68
N LYS C 7 -11.16 49.24 37.71
CA LYS C 7 -10.30 48.19 38.26
C LYS C 7 -10.30 47.03 37.29
N ILE C 8 -9.11 46.58 36.90
CA ILE C 8 -8.93 45.45 36.00
C ILE C 8 -8.16 44.38 36.74
N CYS C 9 -8.63 43.14 36.63
CA CYS C 9 -7.91 41.95 37.05
C CYS C 9 -7.59 41.12 35.81
N CYS C 10 -6.36 40.61 35.72
CA CYS C 10 -5.98 39.71 34.64
C CYS C 10 -5.50 38.39 35.22
N ILE C 11 -6.20 37.32 34.90
CA ILE C 11 -5.79 35.97 35.30
C ILE C 11 -4.84 35.46 34.23
N GLY C 12 -3.57 35.31 34.61
CA GLY C 12 -2.56 34.87 33.67
C GLY C 12 -1.50 35.94 33.52
N ALA C 13 -0.33 35.73 34.10
CA ALA C 13 0.74 36.72 34.06
C ALA C 13 1.87 36.31 33.12
N GLY C 14 1.53 35.89 31.92
CA GLY C 14 2.49 35.37 30.95
C GLY C 14 2.87 36.37 29.87
N TYR C 15 3.26 35.84 28.72
CA TYR C 15 3.68 36.68 27.59
C TYR C 15 2.52 37.55 27.07
N VAL C 16 1.29 37.14 27.28
CA VAL C 16 0.16 37.99 26.87
C VAL C 16 -0.26 38.89 28.02
N GLY C 17 -0.62 38.29 29.15
CA GLY C 17 -1.24 39.04 30.24
C GLY C 17 -0.32 40.09 30.87
N GLY C 18 0.93 39.74 31.11
CA GLY C 18 1.86 40.65 31.73
C GLY C 18 2.06 41.94 30.95
N PRO C 19 2.54 41.81 29.71
CA PRO C 19 2.75 43.01 28.87
C PRO C 19 1.48 43.77 28.55
N THR C 20 0.37 43.07 28.28
CA THR C 20 -0.87 43.78 27.97
C THR C 20 -1.31 44.64 29.15
N CYS C 21 -1.31 44.08 30.35
CA CYS C 21 -1.75 44.85 31.52
C CYS C 21 -0.77 45.96 31.88
N SER C 22 0.53 45.74 31.66
CA SER C 22 1.51 46.79 31.89
C SER C 22 1.25 47.99 30.99
N VAL C 23 0.93 47.76 29.72
CA VAL C 23 0.66 48.87 28.81
C VAL C 23 -0.66 49.56 29.18
N ILE C 24 -1.69 48.79 29.53
CA ILE C 24 -2.94 49.40 29.97
C ILE C 24 -2.69 50.32 31.16
N ALA C 25 -1.95 49.83 32.16
CA ALA C 25 -1.63 50.66 33.31
C ALA C 25 -0.86 51.91 32.89
N HIS C 26 0.11 51.76 31.99
CA HIS C 26 0.92 52.90 31.57
C HIS C 26 0.09 53.96 30.86
N MET C 27 -0.87 53.54 30.03
CA MET C 27 -1.71 54.45 29.26
C MET C 27 -2.95 54.93 29.99
N CYS C 28 -3.35 54.28 31.08
CA CYS C 28 -4.59 54.59 31.81
C CYS C 28 -4.24 54.77 33.28
N PRO C 29 -3.63 55.88 33.65
CA PRO C 29 -3.15 56.03 35.05
C PRO C 29 -4.27 56.00 36.09
N GLU C 30 -5.52 56.23 35.72
CA GLU C 30 -6.61 56.25 36.68
C GLU C 30 -7.24 54.87 36.89
N ILE C 31 -6.78 53.85 36.17
CA ILE C 31 -7.30 52.49 36.28
C ILE C 31 -6.33 51.66 37.10
N ARG C 32 -6.85 50.92 38.08
CA ARG C 32 -6.04 50.00 38.86
C ARG C 32 -6.00 48.65 38.14
N VAL C 33 -4.80 48.16 37.85
CA VAL C 33 -4.59 46.95 37.06
C VAL C 33 -3.85 45.94 37.92
N THR C 34 -4.49 44.79 38.18
CA THR C 34 -3.89 43.73 38.98
C THR C 34 -3.73 42.46 38.17
N VAL C 35 -2.49 42.02 37.99
CA VAL C 35 -2.18 40.78 37.28
C VAL C 35 -1.97 39.68 38.30
N VAL C 36 -2.67 38.55 38.13
CA VAL C 36 -2.60 37.45 39.07
C VAL C 36 -2.28 36.17 38.32
N ASP C 37 -1.78 35.20 39.09
CA ASP C 37 -1.30 33.92 38.55
C ASP C 37 -1.18 32.96 39.71
N VAL C 38 -1.38 31.67 39.45
CA VAL C 38 -1.10 30.67 40.48
C VAL C 38 0.40 30.48 40.66
N ASN C 39 1.21 30.85 39.67
CA ASN C 39 2.66 30.59 39.72
C ASN C 39 3.32 31.66 40.57
N GLU C 40 3.66 31.29 41.81
CA GLU C 40 4.16 32.27 42.77
C GLU C 40 5.54 32.82 42.39
N SER C 41 6.42 31.97 41.89
CA SER C 41 7.74 32.47 41.50
C SER C 41 7.66 33.42 40.31
N ARG C 42 6.70 33.17 39.40
CA ARG C 42 6.50 34.10 38.29
C ARG C 42 6.00 35.46 38.79
N ILE C 43 5.01 35.47 39.68
CA ILE C 43 4.56 36.72 40.28
C ILE C 43 5.69 37.41 41.04
N ASN C 44 6.47 36.65 41.82
CA ASN C 44 7.60 37.26 42.51
C ASN C 44 8.57 37.91 41.52
N ALA C 45 8.80 37.27 40.38
CA ALA C 45 9.70 37.85 39.38
C ALA C 45 9.14 39.14 38.80
N TRP C 46 7.84 39.19 38.53
CA TRP C 46 7.23 40.44 38.04
C TRP C 46 7.44 41.59 39.03
N ASN C 47 7.51 41.28 40.33
CA ASN C 47 7.70 42.27 41.37
C ASN C 47 9.17 42.52 41.71
N SER C 48 10.10 41.97 40.92
CA SER C 48 11.53 42.00 41.19
C SER C 48 12.29 42.84 40.17
N PRO C 49 13.61 43.04 40.34
CA PRO C 49 14.39 43.73 39.31
C PRO C 49 14.62 42.92 38.04
N THR C 50 14.28 41.64 38.04
CA THR C 50 14.47 40.78 36.87
C THR C 50 13.13 40.17 36.48
N LEU C 51 12.47 40.76 35.48
CA LEU C 51 11.17 40.26 35.07
C LEU C 51 11.29 38.83 34.52
N PRO C 52 10.21 38.03 34.60
CA PRO C 52 10.30 36.61 34.18
C PRO C 52 10.30 36.40 32.66
N ILE C 53 10.03 37.42 31.86
CA ILE C 53 10.15 37.30 30.41
C ILE C 53 10.98 38.47 29.93
N TYR C 54 11.59 38.29 28.77
CA TYR C 54 12.35 39.36 28.13
C TYR C 54 11.57 39.95 26.97
N GLU C 55 11.21 41.25 27.09
CA GLU C 55 10.56 42.07 26.08
C GLU C 55 11.23 43.43 26.04
N PRO C 56 11.75 43.88 24.90
CA PRO C 56 12.35 45.23 24.85
C PRO C 56 11.37 46.27 25.38
N GLY C 57 11.86 47.11 26.29
CA GLY C 57 11.07 48.20 26.82
C GLY C 57 10.10 47.83 27.93
N LEU C 58 9.88 46.54 28.20
CA LEU C 58 8.90 46.14 29.22
C LEU C 58 9.34 46.55 30.62
N LYS C 59 10.62 46.33 30.96
CA LYS C 59 11.10 46.70 32.29
C LYS C 59 10.80 48.16 32.63
N GLU C 60 11.02 49.07 31.67
CA GLU C 60 10.76 50.49 31.93
C GLU C 60 9.27 50.76 32.17
N VAL C 61 8.41 50.12 31.37
CA VAL C 61 6.96 50.29 31.54
C VAL C 61 6.53 49.75 32.91
N VAL C 62 6.96 48.52 33.23
CA VAL C 62 6.58 47.92 34.51
C VAL C 62 7.05 48.78 35.68
N GLU C 63 8.31 49.21 35.64
CA GLU C 63 8.84 49.91 36.80
C GLU C 63 8.26 51.31 36.95
N SER C 64 7.77 51.92 35.89
CA SER C 64 7.12 53.21 36.11
C SER C 64 5.72 53.08 36.68
N CYS C 65 5.09 51.90 36.61
CA CYS C 65 3.71 51.74 37.03
C CYS C 65 3.54 50.90 38.28
N ARG C 66 4.45 49.96 38.53
CA ARG C 66 4.22 48.96 39.55
C ARG C 66 4.16 49.59 40.93
N GLY C 67 3.12 49.24 41.70
CA GLY C 67 2.90 49.82 43.01
C GLY C 67 2.16 51.14 42.97
N LYS C 68 1.95 51.70 41.78
CA LYS C 68 1.12 52.90 41.63
C LYS C 68 -0.27 52.46 41.20
N ASN C 69 -0.40 52.00 39.95
CA ASN C 69 -1.66 51.43 39.46
C ASN C 69 -1.46 50.07 38.80
N LEU C 70 -0.26 49.49 38.91
CA LEU C 70 0.01 48.16 38.38
C LEU C 70 0.49 47.27 39.52
N PHE C 71 -0.18 46.13 39.68
CA PHE C 71 0.12 45.23 40.79
C PHE C 71 0.18 43.80 40.26
N PHE C 72 1.09 43.02 40.83
CA PHE C 72 1.21 41.60 40.54
C PHE C 72 1.03 40.83 41.83
N SER C 73 0.13 39.85 41.84
CA SER C 73 -0.23 39.20 43.10
C SER C 73 -0.64 37.75 42.86
N THR C 74 -0.47 36.92 43.89
CA THR C 74 -1.04 35.58 43.90
C THR C 74 -2.44 35.54 44.51
N ASN C 75 -2.95 36.66 45.02
CA ASN C 75 -4.29 36.71 45.62
C ASN C 75 -5.34 36.85 44.52
N ILE C 76 -5.64 35.73 43.87
CA ILE C 76 -6.58 35.71 42.76
C ILE C 76 -7.98 36.08 43.24
N ASP C 77 -8.41 35.56 44.39
CA ASP C 77 -9.79 35.74 44.84
C ASP C 77 -10.14 37.22 45.03
N ASP C 78 -9.29 37.97 45.74
CA ASP C 78 -9.62 39.35 46.04
C ASP C 78 -9.49 40.24 44.79
N ALA C 79 -8.56 39.92 43.92
CA ALA C 79 -8.44 40.65 42.67
C ALA C 79 -9.71 40.50 41.82
N ILE C 80 -10.24 39.28 41.75
CA ILE C 80 -11.49 39.08 41.01
C ILE C 80 -12.63 39.86 41.68
N LYS C 81 -12.72 39.74 43.00
CA LYS C 81 -13.83 40.30 43.75
C LYS C 81 -13.99 41.79 43.51
N GLU C 82 -12.89 42.53 43.46
CA GLU C 82 -12.96 43.98 43.28
C GLU C 82 -13.05 44.44 41.83
N ALA C 83 -12.79 43.56 40.86
CA ALA C 83 -12.59 43.99 39.48
C ALA C 83 -13.90 44.40 38.81
N ASP C 84 -13.82 45.45 37.99
CA ASP C 84 -14.87 45.75 37.01
C ASP C 84 -14.73 44.89 35.77
N LEU C 85 -13.50 44.64 35.35
CA LEU C 85 -13.18 43.86 34.16
C LEU C 85 -12.17 42.79 34.55
N VAL C 86 -12.45 41.54 34.17
CA VAL C 86 -11.54 40.42 34.41
C VAL C 86 -11.09 39.89 33.06
N PHE C 87 -9.80 40.05 32.75
CA PHE C 87 -9.22 39.36 31.60
C PHE C 87 -8.90 37.91 31.97
N ILE C 88 -9.14 36.99 31.02
CA ILE C 88 -8.62 35.63 31.09
C ILE C 88 -7.57 35.48 29.99
N SER C 89 -6.28 35.34 30.39
CA SER C 89 -5.16 35.23 29.45
C SER C 89 -4.24 34.08 29.89
N VAL C 90 -4.75 32.86 29.83
CA VAL C 90 -4.01 31.70 30.28
C VAL C 90 -3.60 30.89 29.05
N ASN C 91 -2.82 29.85 29.29
CA ASN C 91 -2.39 28.96 28.21
C ASN C 91 -3.43 27.86 28.05
N THR C 92 -3.64 27.45 26.81
CA THR C 92 -4.58 26.37 26.50
C THR C 92 -3.78 25.30 25.77
N PRO C 93 -3.25 24.32 26.50
CA PRO C 93 -2.44 23.29 25.85
C PRO C 93 -3.35 22.40 25.02
N THR C 94 -2.75 21.71 24.06
CA THR C 94 -3.49 20.77 23.26
C THR C 94 -3.90 19.56 24.09
N LYS C 95 -5.08 19.03 23.82
CA LYS C 95 -5.57 17.84 24.50
C LYS C 95 -4.58 16.69 24.40
N THR C 96 -4.47 15.93 25.48
CA THR C 96 -3.56 14.79 25.53
C THR C 96 -4.27 13.46 25.35
N TYR C 97 -5.59 13.43 25.22
CA TYR C 97 -6.27 12.18 24.89
C TYR C 97 -7.61 12.50 24.23
N GLY C 98 -8.28 11.45 23.79
CA GLY C 98 -9.56 11.56 23.14
C GLY C 98 -9.44 12.06 21.71
N MET C 99 -10.57 12.45 21.14
CA MET C 99 -10.56 13.05 19.81
C MET C 99 -9.83 14.38 19.86
N GLY C 100 -8.97 14.61 18.87
CA GLY C 100 -8.18 15.81 18.85
C GLY C 100 -6.98 15.78 19.76
N LYS C 101 -6.60 14.60 20.26
CA LYS C 101 -5.35 14.46 20.98
C LYS C 101 -4.23 15.04 20.14
N GLY C 102 -3.44 15.92 20.73
CA GLY C 102 -2.36 16.53 20.00
C GLY C 102 -2.75 17.60 19.00
N ARG C 103 -4.04 17.92 18.86
CA ARG C 103 -4.45 18.91 17.87
C ARG C 103 -5.45 19.92 18.41
N ALA C 104 -6.47 19.45 19.11
CA ALA C 104 -7.55 20.31 19.58
C ALA C 104 -7.17 20.96 20.91
N ALA C 105 -7.66 22.18 21.12
CA ALA C 105 -7.39 22.89 22.36
C ALA C 105 -8.12 22.25 23.54
N ASP C 106 -7.46 22.20 24.69
CA ASP C 106 -8.05 21.71 25.94
C ASP C 106 -8.53 22.93 26.71
N LEU C 107 -9.83 23.06 26.88
CA LEU C 107 -10.40 24.26 27.48
C LEU C 107 -10.49 24.20 29.00
N LYS C 108 -9.90 23.18 29.63
CA LYS C 108 -10.10 23.00 31.07
C LYS C 108 -9.55 24.18 31.85
N TYR C 109 -8.44 24.79 31.40
CA TYR C 109 -7.90 25.92 32.16
C TYR C 109 -8.75 27.17 32.00
N ILE C 110 -9.30 27.40 30.80
CA ILE C 110 -10.26 28.49 30.64
C ILE C 110 -11.47 28.28 31.53
N GLU C 111 -11.99 27.05 31.53
CA GLU C 111 -13.18 26.75 32.30
C GLU C 111 -12.92 26.89 33.80
N ALA C 112 -11.72 26.48 34.24
CA ALA C 112 -11.37 26.67 35.65
C ALA C 112 -11.31 28.14 36.03
N CYS C 113 -10.81 29.00 35.12
CA CYS C 113 -10.84 30.43 35.39
C CYS C 113 -12.26 30.92 35.52
N ALA C 114 -13.15 30.44 34.64
CA ALA C 114 -14.55 30.84 34.69
C ALA C 114 -15.20 30.43 36.00
N ARG C 115 -14.96 29.19 36.46
CA ARG C 115 -15.53 28.78 37.73
C ARG C 115 -15.00 29.63 38.88
N ARG C 116 -13.72 29.97 38.85
CA ARG C 116 -13.17 30.79 39.92
C ARG C 116 -13.75 32.20 39.89
N ILE C 117 -14.05 32.73 38.71
CA ILE C 117 -14.68 34.04 38.65
C ILE C 117 -16.07 34.00 39.28
N VAL C 118 -16.88 33.01 38.91
CA VAL C 118 -18.21 32.88 39.50
C VAL C 118 -18.11 32.79 41.02
N GLN C 119 -17.13 32.04 41.50
CA GLN C 119 -16.99 31.81 42.93
C GLN C 119 -16.68 33.11 43.69
N ASN C 120 -16.03 34.08 43.05
CA ASN C 120 -15.58 35.27 43.74
C ASN C 120 -16.30 36.53 43.27
N SER C 121 -17.41 36.40 42.56
CA SER C 121 -18.07 37.56 41.96
C SER C 121 -19.49 37.72 42.49
N ASN C 122 -19.87 38.98 42.67
CA ASN C 122 -21.26 39.38 42.81
C ASN C 122 -21.47 40.63 41.98
N GLY C 123 -22.73 40.90 41.63
CA GLY C 123 -23.01 42.09 40.86
C GLY C 123 -22.57 41.98 39.41
N TYR C 124 -22.20 43.12 38.85
CA TYR C 124 -21.89 43.25 37.43
C TYR C 124 -20.38 43.21 37.20
N LYS C 125 -19.95 42.38 36.24
CA LYS C 125 -18.56 42.38 35.79
C LYS C 125 -18.51 42.03 34.30
N ILE C 126 -17.49 42.53 33.64
CA ILE C 126 -17.17 42.16 32.27
C ILE C 126 -16.01 41.19 32.30
N VAL C 127 -16.17 40.05 31.63
CA VAL C 127 -15.15 39.01 31.55
C VAL C 127 -14.72 38.91 30.10
N THR C 128 -13.44 39.13 29.85
CA THR C 128 -12.92 39.23 28.50
C THR C 128 -11.85 38.18 28.31
N GLU C 129 -12.02 37.30 27.32
CA GLU C 129 -10.98 36.34 26.99
C GLU C 129 -9.98 37.00 26.03
N LYS C 130 -8.70 36.97 26.39
CA LYS C 130 -7.65 37.58 25.57
C LYS C 130 -6.51 36.57 25.43
N SER C 131 -6.31 36.08 24.21
CA SER C 131 -5.23 35.16 23.90
C SER C 131 -4.87 35.31 22.44
N THR C 132 -3.73 34.72 22.04
CA THR C 132 -3.36 34.76 20.63
C THR C 132 -4.07 33.69 19.80
N VAL C 133 -4.52 32.60 20.42
CA VAL C 133 -5.23 31.51 19.71
C VAL C 133 -6.50 31.16 20.46
N PRO C 134 -7.57 31.94 20.32
CA PRO C 134 -8.82 31.62 21.02
C PRO C 134 -9.60 30.55 20.26
N VAL C 135 -9.89 29.43 20.93
CA VAL C 135 -10.56 28.28 20.31
C VAL C 135 -11.81 27.97 21.14
N ARG C 136 -12.97 28.43 20.69
CA ARG C 136 -14.23 28.23 21.43
C ARG C 136 -14.14 28.75 22.86
N ALA C 137 -13.33 29.78 23.08
CA ALA C 137 -13.07 30.25 24.43
C ALA C 137 -14.28 30.98 25.01
N ALA C 138 -14.84 31.95 24.27
CA ALA C 138 -16.01 32.69 24.76
C ALA C 138 -17.19 31.76 25.02
N GLU C 139 -17.39 30.79 24.13
CA GLU C 139 -18.47 29.83 24.31
C GLU C 139 -18.30 29.03 25.60
N SER C 140 -17.08 28.59 25.90
CA SER C 140 -16.89 27.77 27.08
C SER C 140 -17.04 28.61 28.36
N ILE C 141 -16.65 29.89 28.31
CA ILE C 141 -16.88 30.77 29.45
C ILE C 141 -18.36 30.97 29.69
N ARG C 142 -19.12 31.25 28.61
CA ARG C 142 -20.57 31.43 28.74
C ARG C 142 -21.23 30.19 29.30
N ARG C 143 -20.79 29.01 28.86
CA ARG C 143 -21.40 27.77 29.34
C ARG C 143 -21.22 27.62 30.85
N ILE C 144 -20.02 27.92 31.36
CA ILE C 144 -19.80 27.89 32.79
C ILE C 144 -20.69 28.91 33.49
N PHE C 145 -20.75 30.13 32.96
CA PHE C 145 -21.55 31.17 33.63
C PHE C 145 -23.03 30.82 33.63
N ASP C 146 -23.54 30.28 32.51
CA ASP C 146 -24.96 29.96 32.38
C ASP C 146 -25.37 28.86 33.36
N ALA C 147 -24.45 27.95 33.68
CA ALA C 147 -24.77 26.84 34.56
C ALA C 147 -24.55 27.14 36.03
N ASN C 148 -23.97 28.30 36.37
CA ASN C 148 -23.63 28.62 37.76
C ASN C 148 -24.11 30.04 38.11
N THR C 149 -25.41 30.24 38.04
CA THR C 149 -25.96 31.57 38.30
C THR C 149 -26.14 31.82 39.80
N LYS C 150 -26.11 33.09 40.16
CA LYS C 150 -26.46 33.59 41.48
C LYS C 150 -27.43 34.74 41.31
N PRO C 151 -28.28 34.99 42.31
CA PRO C 151 -29.06 36.24 42.30
C PRO C 151 -28.16 37.46 42.15
N ASN C 152 -28.52 38.34 41.22
CA ASN C 152 -27.85 39.61 40.97
C ASN C 152 -26.46 39.47 40.38
N LEU C 153 -25.98 38.28 40.08
CA LEU C 153 -24.71 38.14 39.37
C LEU C 153 -24.96 38.30 37.88
N ASN C 154 -24.24 39.23 37.25
CA ASN C 154 -24.48 39.57 35.86
C ASN C 154 -23.13 39.74 35.18
N LEU C 155 -22.61 38.63 34.64
CA LEU C 155 -21.31 38.61 33.97
C LEU C 155 -21.49 38.72 32.46
N GLN C 156 -20.77 39.65 31.84
CA GLN C 156 -20.81 39.82 30.40
C GLN C 156 -19.53 39.21 29.83
N VAL C 157 -19.65 38.47 28.74
CA VAL C 157 -18.50 37.79 28.15
C VAL C 157 -18.10 38.49 26.86
N LEU C 158 -16.85 38.95 26.81
CA LEU C 158 -16.27 39.53 25.62
C LEU C 158 -15.11 38.67 25.12
N SER C 159 -14.84 38.80 23.83
CA SER C 159 -13.64 38.27 23.18
C SER C 159 -12.76 39.45 22.77
N ASN C 160 -11.46 39.39 23.07
CA ASN C 160 -10.54 40.48 22.74
C ASN C 160 -9.19 39.88 22.39
N PRO C 161 -9.06 39.27 21.21
CA PRO C 161 -7.82 38.56 20.86
C PRO C 161 -6.63 39.50 20.87
N GLU C 162 -5.46 38.94 21.20
CA GLU C 162 -4.25 39.73 21.30
C GLU C 162 -3.42 39.51 20.04
N PHE C 163 -3.12 40.61 19.35
CA PHE C 163 -2.38 40.58 18.09
C PHE C 163 -0.88 40.83 18.24
N LEU C 164 -0.38 41.13 19.44
CA LEU C 164 1.03 41.46 19.57
C LEU C 164 1.90 40.29 19.13
N ALA C 165 3.10 40.62 18.65
CA ALA C 165 4.16 39.64 18.41
C ALA C 165 5.21 39.78 19.49
N GLU C 166 5.69 38.65 20.01
CA GLU C 166 6.72 38.74 21.05
C GLU C 166 7.99 39.32 20.46
N GLY C 167 8.73 40.06 21.30
CA GLY C 167 9.87 40.83 20.86
C GLY C 167 9.54 42.24 20.44
N THR C 168 8.28 42.48 20.04
CA THR C 168 7.79 43.82 19.72
C THR C 168 6.50 44.11 20.51
N ALA C 169 6.36 43.48 21.69
CA ALA C 169 5.11 43.54 22.44
C ALA C 169 4.73 44.97 22.79
N ILE C 170 5.68 45.76 23.29
CA ILE C 170 5.35 47.10 23.76
C ILE C 170 4.92 47.98 22.58
N LYS C 171 5.71 47.96 21.51
CA LYS C 171 5.34 48.73 20.32
C LYS C 171 3.99 48.28 19.74
N ASP C 172 3.79 46.96 19.66
CA ASP C 172 2.53 46.44 19.10
C ASP C 172 1.34 46.81 20.01
N LEU C 173 1.51 46.73 21.32
CA LEU C 173 0.40 47.07 22.21
C LEU C 173 0.09 48.58 22.18
N LYS C 174 1.11 49.42 22.00
CA LYS C 174 0.89 50.87 22.00
C LYS C 174 0.44 51.41 20.64
N ASN C 175 0.72 50.72 19.54
CA ASN C 175 0.25 51.15 18.23
C ASN C 175 -0.24 49.95 17.44
N PRO C 176 -1.34 49.32 17.89
CA PRO C 176 -1.84 48.14 17.18
C PRO C 176 -2.43 48.54 15.83
N ASP C 177 -2.26 47.64 14.84
CA ASP C 177 -2.92 47.85 13.55
C ASP C 177 -4.44 47.90 13.72
N ARG C 178 -4.99 47.04 14.58
CA ARG C 178 -6.38 47.17 14.97
C ARG C 178 -6.57 46.46 16.29
N VAL C 179 -7.60 46.89 17.00
CA VAL C 179 -8.05 46.20 18.21
C VAL C 179 -9.37 45.53 17.84
N LEU C 180 -9.53 44.28 18.23
CA LEU C 180 -10.69 43.50 17.82
C LEU C 180 -11.45 43.09 19.08
N ILE C 181 -12.73 43.47 19.17
CA ILE C 181 -13.54 43.15 20.35
C ILE C 181 -14.84 42.50 19.88
N GLY C 182 -15.15 41.32 20.41
CA GLY C 182 -16.41 40.63 20.14
C GLY C 182 -17.29 40.57 21.38
N GLY C 183 -18.57 40.89 21.19
CA GLY C 183 -19.55 40.80 22.25
C GLY C 183 -20.92 40.51 21.66
N ASP C 184 -21.88 40.22 22.53
CA ASP C 184 -23.22 39.87 22.07
C ASP C 184 -23.93 41.07 21.42
N GLU C 185 -24.83 40.77 20.48
CA GLU C 185 -25.67 41.79 19.84
C GLU C 185 -26.92 42.04 20.67
N THR C 186 -26.70 42.45 21.91
CA THR C 186 -27.76 42.82 22.84
C THR C 186 -27.42 44.18 23.41
N PRO C 187 -28.41 44.88 23.99
CA PRO C 187 -28.10 46.13 24.69
C PRO C 187 -26.98 45.96 25.71
N GLU C 188 -27.04 44.91 26.52
CA GLU C 188 -26.01 44.65 27.53
C GLU C 188 -24.68 44.29 26.87
N GLY C 189 -24.70 43.44 25.85
CA GLY C 189 -23.46 43.08 25.18
C GLY C 189 -22.78 44.30 24.59
N GLN C 190 -23.57 45.17 23.97
CA GLN C 190 -23.02 46.37 23.35
C GLN C 190 -22.48 47.36 24.38
N ARG C 191 -23.11 47.46 25.55
CA ARG C 191 -22.54 48.32 26.58
C ARG C 191 -21.25 47.74 27.15
N ALA C 192 -21.13 46.41 27.20
CA ALA C 192 -19.87 45.84 27.65
C ALA C 192 -18.77 46.09 26.62
N VAL C 193 -19.09 45.88 25.33
CA VAL C 193 -18.15 46.18 24.26
C VAL C 193 -17.69 47.64 24.36
N GLN C 194 -18.64 48.57 24.54
CA GLN C 194 -18.26 49.99 24.56
C GLN C 194 -17.39 50.31 25.77
N ALA C 195 -17.62 49.64 26.91
CA ALA C 195 -16.78 49.88 28.07
C ALA C 195 -15.33 49.47 27.80
N LEU C 196 -15.13 48.31 27.16
CA LEU C 196 -13.77 47.89 26.83
C LEU C 196 -13.16 48.79 25.76
N CYS C 197 -13.96 49.21 24.76
CA CYS C 197 -13.49 50.19 23.78
C CYS C 197 -12.96 51.44 24.45
N ALA C 198 -13.70 51.95 25.46
CA ALA C 198 -13.32 53.18 26.15
C ALA C 198 -11.98 53.02 26.86
N VAL C 199 -11.65 51.82 27.33
CA VAL C 199 -10.31 51.61 27.88
C VAL C 199 -9.26 51.84 26.79
N TYR C 200 -9.41 51.16 25.66
CA TYR C 200 -8.44 51.26 24.58
C TYR C 200 -8.38 52.65 23.98
N GLU C 201 -9.48 53.40 24.02
CA GLU C 201 -9.48 54.76 23.48
C GLU C 201 -8.64 55.73 24.30
N HIS C 202 -8.12 55.31 25.45
CA HIS C 202 -7.12 56.14 26.13
C HIS C 202 -5.86 56.29 25.29
N TRP C 203 -5.58 55.34 24.36
CA TRP C 203 -4.39 55.49 23.53
C TRP C 203 -4.53 54.97 22.11
N VAL C 204 -5.65 54.38 21.71
CA VAL C 204 -5.85 53.83 20.37
C VAL C 204 -6.95 54.65 19.69
N PRO C 205 -6.72 55.17 18.47
CA PRO C 205 -7.79 55.90 17.75
C PRO C 205 -9.01 55.02 17.51
N ARG C 206 -10.20 55.63 17.62
CA ARG C 206 -11.45 54.89 17.49
C ARG C 206 -11.55 54.17 16.15
N GLU C 207 -11.01 54.79 15.08
CA GLU C 207 -11.05 54.17 13.75
C GLU C 207 -10.28 52.85 13.69
N LYS C 208 -9.42 52.57 14.66
CA LYS C 208 -8.68 51.32 14.64
C LYS C 208 -9.28 50.25 15.55
N ILE C 209 -10.46 50.49 16.10
CA ILE C 209 -11.12 49.52 16.97
C ILE C 209 -12.28 48.91 16.19
N LEU C 210 -12.21 47.60 15.96
CA LEU C 210 -13.26 46.84 15.29
C LEU C 210 -14.10 46.10 16.32
N THR C 211 -15.42 46.16 16.17
CA THR C 211 -16.32 45.46 17.06
C THR C 211 -17.20 44.53 16.25
N THR C 212 -17.47 43.35 16.81
CA THR C 212 -18.20 42.28 16.14
C THR C 212 -18.78 41.39 17.25
N ASN C 213 -19.23 40.19 16.89
CA ASN C 213 -19.69 39.22 17.88
C ASN C 213 -18.53 38.29 18.26
N THR C 214 -18.72 37.51 19.34
CA THR C 214 -17.57 36.78 19.88
C THR C 214 -17.05 35.72 18.91
N TRP C 215 -17.93 35.00 18.23
CA TRP C 215 -17.44 33.96 17.32
C TRP C 215 -16.69 34.58 16.14
N SER C 216 -17.25 35.63 15.54
CA SER C 216 -16.57 36.29 14.44
C SER C 216 -15.21 36.84 14.88
N SER C 217 -15.11 37.35 16.12
CA SER C 217 -13.82 37.79 16.65
C SER C 217 -12.82 36.64 16.68
N GLU C 218 -13.22 35.50 17.25
CA GLU C 218 -12.29 34.36 17.38
C GLU C 218 -11.94 33.76 16.03
N LEU C 219 -12.92 33.62 15.14
CA LEU C 219 -12.63 33.11 13.81
C LEU C 219 -11.66 34.01 13.07
N SER C 220 -11.82 35.33 13.21
CA SER C 220 -10.95 36.28 12.55
C SER C 220 -9.50 36.11 12.99
N LYS C 221 -9.28 35.92 14.30
CA LYS C 221 -7.94 35.71 14.82
C LYS C 221 -7.35 34.39 14.31
N LEU C 222 -8.14 33.31 14.37
CA LEU C 222 -7.69 32.01 13.88
C LEU C 222 -7.27 32.11 12.42
N ALA C 223 -8.07 32.80 11.60
CA ALA C 223 -7.73 32.91 10.18
C ALA C 223 -6.54 33.83 9.97
N ALA C 224 -6.50 34.96 10.69
CA ALA C 224 -5.41 35.91 10.50
C ALA C 224 -4.06 35.28 10.82
N ASN C 225 -3.98 34.56 11.94
CA ASN C 225 -2.76 33.84 12.29
C ASN C 225 -2.36 32.87 11.19
N ALA C 226 -3.33 32.14 10.64
CA ALA C 226 -3.03 31.16 9.61
C ALA C 226 -2.53 31.83 8.34
N PHE C 227 -3.09 32.98 7.98
CA PHE C 227 -2.63 33.74 6.82
C PHE C 227 -1.18 34.17 6.97
N LEU C 228 -0.79 34.63 8.16
CA LEU C 228 0.60 35.00 8.39
C LEU C 228 1.51 33.79 8.26
N ALA C 229 1.17 32.70 8.93
CA ALA C 229 1.98 31.49 8.86
C ALA C 229 2.11 30.99 7.42
N GLN C 230 1.04 31.13 6.64
CA GLN C 230 1.05 30.70 5.25
C GLN C 230 2.03 31.50 4.39
N ARG C 231 2.15 32.82 4.63
CA ARG C 231 3.14 33.60 3.89
C ARG C 231 4.54 33.06 4.10
N ILE C 232 4.87 32.67 5.33
CA ILE C 232 6.19 32.13 5.65
C ILE C 232 6.40 30.79 4.96
N SER C 233 5.42 29.88 5.08
CA SER C 233 5.55 28.60 4.40
C SER C 233 5.60 28.76 2.88
N SER C 234 4.88 29.75 2.35
CA SER C 234 4.94 29.96 0.91
C SER C 234 6.31 30.43 0.47
N ILE C 235 6.91 31.40 1.19
CA ILE C 235 8.23 31.86 0.77
C ILE C 235 9.28 30.80 1.08
N ASN C 236 9.08 29.98 2.12
CA ASN C 236 9.99 28.87 2.37
C ASN C 236 9.92 27.80 1.28
N SER C 237 8.72 27.52 0.76
CA SER C 237 8.62 26.61 -0.37
C SER C 237 9.40 27.14 -1.58
N ILE C 238 9.35 28.45 -1.82
CA ILE C 238 10.12 29.05 -2.92
C ILE C 238 11.62 28.95 -2.64
N SER C 239 12.01 29.02 -1.36
CA SER C 239 13.43 28.91 -1.03
C SER C 239 13.98 27.56 -1.44
N ALA C 240 13.19 26.49 -1.30
CA ALA C 240 13.66 25.18 -1.75
C ALA C 240 13.78 25.16 -3.28
N LEU C 241 12.85 25.80 -3.97
CA LEU C 241 12.92 25.90 -5.43
C LEU C 241 14.13 26.73 -5.86
N CYS C 242 14.45 27.78 -5.11
CA CYS C 242 15.63 28.59 -5.40
C CYS C 242 16.91 27.78 -5.27
N GLU C 243 17.04 27.05 -4.15
CA GLU C 243 18.21 26.20 -3.96
C GLU C 243 18.35 25.19 -5.09
N ALA C 244 17.24 24.70 -5.63
CA ALA C 244 17.33 23.68 -6.68
C ALA C 244 17.66 24.26 -8.05
N THR C 245 17.53 25.58 -8.26
CA THR C 245 17.64 26.13 -9.61
C THR C 245 18.62 27.29 -9.75
N GLY C 246 19.37 27.63 -8.72
CA GLY C 246 20.34 28.69 -8.86
C GLY C 246 19.83 30.09 -8.63
N ALA C 247 18.63 30.25 -8.08
CA ALA C 247 18.10 31.56 -7.75
C ALA C 247 18.31 31.85 -6.27
N ASP C 248 18.01 33.09 -5.88
CA ASP C 248 18.21 33.54 -4.51
C ASP C 248 16.86 34.00 -3.97
N VAL C 249 16.36 33.33 -2.93
CA VAL C 249 14.99 33.62 -2.47
C VAL C 249 14.86 35.08 -1.99
N GLU C 250 15.94 35.68 -1.49
CA GLU C 250 15.83 37.06 -1.05
C GLU C 250 15.57 37.99 -2.22
N GLU C 251 16.20 37.75 -3.37
CA GLU C 251 15.92 38.54 -4.55
C GLU C 251 14.52 38.24 -5.10
N VAL C 252 14.13 36.96 -5.11
CA VAL C 252 12.78 36.62 -5.56
C VAL C 252 11.74 37.23 -4.63
N ALA C 253 11.97 37.17 -3.31
CA ALA C 253 11.02 37.75 -2.37
C ALA C 253 10.86 39.26 -2.61
N THR C 254 11.95 39.94 -2.93
CA THR C 254 11.89 41.38 -3.23
C THR C 254 10.99 41.64 -4.43
N ALA C 255 11.17 40.86 -5.50
CA ALA C 255 10.34 41.02 -6.69
C ALA C 255 8.85 40.73 -6.40
N ILE C 256 8.59 39.67 -5.62
CA ILE C 256 7.21 39.34 -5.23
C ILE C 256 6.60 40.47 -4.42
N GLY C 257 7.29 40.90 -3.38
CA GLY C 257 6.74 41.84 -2.40
C GLY C 257 6.52 43.25 -2.92
N MET C 258 7.09 43.60 -4.08
CA MET C 258 6.82 44.90 -4.67
C MET C 258 5.44 44.99 -5.29
N ASP C 259 4.73 43.88 -5.45
CA ASP C 259 3.31 43.92 -5.78
C ASP C 259 2.55 44.40 -4.53
N GLN C 260 1.91 45.58 -4.63
CA GLN C 260 1.23 46.11 -3.46
C GLN C 260 0.00 45.30 -3.06
N ARG C 261 -0.48 44.43 -3.95
CA ARG C 261 -1.56 43.51 -3.60
C ARG C 261 -1.06 42.32 -2.78
N ILE C 262 0.23 42.00 -2.88
CA ILE C 262 0.83 40.97 -2.05
C ILE C 262 1.40 41.56 -0.78
N GLY C 263 2.04 42.72 -0.88
CA GLY C 263 2.73 43.32 0.25
C GLY C 263 4.10 42.71 0.48
N ASN C 264 4.96 43.47 1.17
CA ASN C 264 6.36 43.06 1.27
C ASN C 264 6.77 42.54 2.65
N LYS C 265 5.81 42.33 3.57
CA LYS C 265 6.10 41.83 4.91
C LYS C 265 5.91 40.32 5.01
N PHE C 266 6.59 39.72 5.99
CA PHE C 266 6.47 38.28 6.25
C PHE C 266 6.83 37.45 5.03
N LEU C 267 7.87 37.88 4.31
CA LEU C 267 8.46 37.09 3.23
C LEU C 267 9.93 36.81 3.48
N LYS C 268 10.32 36.66 4.75
CA LYS C 268 11.71 36.34 5.11
C LYS C 268 11.82 34.83 5.29
N ALA C 269 12.41 34.16 4.31
CA ALA C 269 12.58 32.72 4.37
C ALA C 269 13.43 32.34 5.58
N SER C 270 13.19 31.15 6.12
CA SER C 270 13.84 30.79 7.37
C SER C 270 13.89 29.27 7.51
N VAL C 271 14.63 28.82 8.53
CA VAL C 271 14.64 27.41 8.91
C VAL C 271 13.23 26.92 9.28
N GLY C 272 12.36 27.82 9.70
CA GLY C 272 10.96 27.50 9.91
C GLY C 272 10.38 28.35 11.02
N PHE C 273 9.08 28.63 10.91
CA PHE C 273 8.45 29.45 11.95
C PHE C 273 8.27 28.64 13.22
N GLY C 274 8.37 29.35 14.36
CA GLY C 274 8.07 28.76 15.64
C GLY C 274 7.13 29.64 16.43
N GLY C 275 7.09 29.45 17.74
CA GLY C 275 6.21 30.21 18.58
C GLY C 275 4.99 29.40 18.99
N SER C 276 4.38 29.84 20.10
CA SER C 276 3.18 29.21 20.65
C SER C 276 1.93 29.51 19.84
N CYS C 277 2.00 30.36 18.81
CA CYS C 277 0.79 30.73 18.07
C CYS C 277 0.58 29.89 16.81
N PHE C 278 1.52 29.94 15.85
CA PHE C 278 1.19 29.55 14.47
C PHE C 278 0.84 28.07 14.37
N GLN C 279 1.73 27.18 14.85
CA GLN C 279 1.42 25.75 14.69
C GLN C 279 0.16 25.37 15.45
N LYS C 280 0.05 25.84 16.70
CA LYS C 280 -1.18 25.59 17.47
C LYS C 280 -2.40 26.11 16.72
N ASP C 281 -2.28 27.29 16.12
CA ASP C 281 -3.39 27.89 15.42
C ASP C 281 -3.81 27.03 14.23
N VAL C 282 -2.85 26.62 13.40
CA VAL C 282 -3.21 25.84 12.21
C VAL C 282 -3.75 24.47 12.60
N LEU C 283 -3.14 23.82 13.60
CA LEU C 283 -3.65 22.53 14.05
C LEU C 283 -5.11 22.64 14.48
N ASN C 284 -5.46 23.68 15.25
CA ASN C 284 -6.84 23.84 15.71
C ASN C 284 -7.76 24.21 14.56
N LEU C 285 -7.27 25.00 13.60
CA LEU C 285 -8.06 25.32 12.42
C LEU C 285 -8.36 24.06 11.61
N VAL C 286 -7.34 23.21 11.40
CA VAL C 286 -7.55 21.97 10.64
C VAL C 286 -8.54 21.05 11.36
N TYR C 287 -8.35 20.89 12.68
CA TYR C 287 -9.27 20.04 13.44
C TYR C 287 -10.69 20.57 13.42
N LEU C 288 -10.85 21.89 13.60
CA LEU C 288 -12.18 22.48 13.53
C LEU C 288 -12.85 22.20 12.19
N CYS C 289 -12.09 22.31 11.10
CA CYS C 289 -12.66 22.06 9.78
C CYS C 289 -13.08 20.60 9.61
N GLU C 290 -12.26 19.65 10.08
CA GLU C 290 -12.67 18.25 9.98
C GLU C 290 -13.95 18.01 10.78
N ALA C 291 -14.04 18.60 11.98
CA ALA C 291 -15.20 18.40 12.83
C ALA C 291 -16.45 19.00 12.20
N LEU C 292 -16.30 20.02 11.37
CA LEU C 292 -17.42 20.63 10.67
C LEU C 292 -17.67 19.97 9.32
N ASN C 293 -17.00 18.85 9.04
CA ASN C 293 -17.10 18.16 7.76
C ASN C 293 -16.71 19.09 6.61
N LEU C 294 -15.59 19.78 6.78
CA LEU C 294 -14.99 20.58 5.72
C LEU C 294 -13.60 20.02 5.42
N PRO C 295 -13.52 18.78 4.91
CA PRO C 295 -12.19 18.15 4.75
C PRO C 295 -11.31 18.85 3.73
N GLU C 296 -11.90 19.46 2.69
CA GLU C 296 -11.09 20.20 1.73
C GLU C 296 -10.43 21.40 2.38
N VAL C 297 -11.15 22.11 3.25
CA VAL C 297 -10.55 23.25 3.95
C VAL C 297 -9.46 22.78 4.90
N ALA C 298 -9.71 21.67 5.61
CA ALA C 298 -8.72 21.12 6.52
C ALA C 298 -7.43 20.78 5.78
N ARG C 299 -7.51 20.09 4.65
CA ARG C 299 -6.26 19.72 4.00
C ARG C 299 -5.59 20.91 3.32
N TYR C 300 -6.35 21.94 2.97
CA TYR C 300 -5.73 23.16 2.46
C TYR C 300 -4.80 23.77 3.50
N TRP C 301 -5.28 23.97 4.73
CA TRP C 301 -4.47 24.65 5.74
C TRP C 301 -3.37 23.75 6.32
N GLN C 302 -3.57 22.43 6.31
CA GLN C 302 -2.55 21.51 6.82
C GLN C 302 -1.23 21.69 6.08
N GLN C 303 -1.27 22.11 4.82
CA GLN C 303 -0.04 22.29 4.05
C GLN C 303 0.89 23.32 4.68
N VAL C 304 0.33 24.31 5.39
CA VAL C 304 1.18 25.31 6.05
C VAL C 304 2.11 24.63 7.05
N ILE C 305 1.61 23.66 7.80
CA ILE C 305 2.43 22.93 8.77
C ILE C 305 3.35 21.94 8.08
N ASP C 306 2.82 21.18 7.13
CA ASP C 306 3.66 20.18 6.44
C ASP C 306 4.84 20.86 5.78
N MET C 307 4.62 22.01 5.15
CA MET C 307 5.72 22.73 4.53
C MET C 307 6.72 23.20 5.58
N ASN C 308 6.22 23.65 6.74
CA ASN C 308 7.13 24.09 7.80
C ASN C 308 7.99 22.93 8.31
N ASP C 309 7.39 21.75 8.47
CA ASP C 309 8.15 20.59 8.94
C ASP C 309 9.21 20.18 7.92
N TYR C 310 8.86 20.24 6.64
CA TYR C 310 9.80 19.91 5.57
C TYR C 310 10.97 20.89 5.53
N GLN C 311 10.68 22.19 5.68
CA GLN C 311 11.74 23.19 5.67
C GLN C 311 12.76 22.92 6.77
N ARG C 312 12.29 22.58 7.97
CA ARG C 312 13.20 22.21 9.05
C ARG C 312 13.99 20.95 8.70
N ARG C 313 13.31 19.90 8.22
CA ARG C 313 14.01 18.67 7.88
C ARG C 313 15.05 18.90 6.78
N ARG C 314 14.70 19.71 5.78
CA ARG C 314 15.64 19.92 4.68
C ARG C 314 16.90 20.62 5.17
N PHE C 315 16.74 21.60 6.06
CA PHE C 315 17.87 22.33 6.61
C PHE C 315 18.79 21.41 7.41
N ALA C 316 18.20 20.59 8.28
CA ALA C 316 19.02 19.65 9.05
C ALA C 316 19.75 18.67 8.14
N SER C 317 19.09 18.14 7.12
CA SER C 317 19.78 17.16 6.30
C SER C 317 20.84 17.82 5.41
N ARG C 318 20.68 19.09 5.05
CA ARG C 318 21.78 19.80 4.40
C ARG C 318 23.01 19.90 5.31
N ILE C 319 22.79 20.16 6.60
CA ILE C 319 23.90 20.20 7.54
C ILE C 319 24.58 18.84 7.60
N ILE C 320 23.76 17.79 7.72
CA ILE C 320 24.28 16.44 7.86
C ILE C 320 24.99 15.99 6.59
N ASP C 321 24.44 16.35 5.41
CA ASP C 321 25.12 16.02 4.16
C ASP C 321 26.47 16.72 4.07
N SER C 322 26.53 18.00 4.46
CA SER C 322 27.81 18.72 4.39
C SER C 322 28.85 18.07 5.29
N LEU C 323 28.44 17.48 6.41
CA LEU C 323 29.36 16.74 7.27
C LEU C 323 29.50 15.28 6.83
N PHE C 324 29.15 14.98 5.58
CA PHE C 324 29.38 13.68 4.96
C PHE C 324 28.64 12.54 5.67
N ASN C 325 27.47 12.88 6.22
CA ASN C 325 26.50 11.93 6.78
C ASN C 325 27.04 11.19 8.00
N THR C 326 28.08 11.71 8.64
CA THR C 326 28.45 11.25 9.98
C THR C 326 28.72 12.45 10.88
N VAL C 327 28.02 12.50 12.01
CA VAL C 327 28.13 13.63 12.92
C VAL C 327 28.48 13.12 14.31
N THR C 328 28.71 11.82 14.44
CA THR C 328 29.06 11.27 15.74
C THR C 328 30.28 11.99 16.32
N ASP C 329 30.10 12.50 17.53
CA ASP C 329 31.15 13.17 18.30
C ASP C 329 31.66 14.46 17.65
N LYS C 330 30.99 14.98 16.62
CA LYS C 330 31.41 16.24 16.04
C LYS C 330 30.78 17.40 16.82
N LYS C 331 31.61 18.37 17.19
CA LYS C 331 31.14 19.55 17.89
C LYS C 331 30.46 20.48 16.89
N ILE C 332 29.27 20.95 17.25
CA ILE C 332 28.51 21.86 16.41
C ILE C 332 27.96 22.97 17.30
N ALA C 333 28.19 24.21 16.90
CA ALA C 333 27.64 25.37 17.63
C ALA C 333 26.23 25.69 17.11
N ILE C 334 25.29 25.82 18.03
CA ILE C 334 23.94 26.27 17.73
C ILE C 334 23.85 27.71 18.25
N LEU C 335 23.78 28.68 17.34
CA LEU C 335 23.68 30.08 17.73
C LEU C 335 22.22 30.49 17.59
N GLY C 336 21.55 30.68 18.71
CA GLY C 336 20.16 31.07 18.71
C GLY C 336 19.27 29.90 19.10
N PHE C 337 18.54 30.04 20.21
CA PHE C 337 17.59 29.02 20.59
C PHE C 337 16.17 29.57 20.73
N ALA C 338 15.98 30.86 20.98
CA ALA C 338 14.64 31.45 21.02
C ALA C 338 13.97 31.31 19.64
N PHE C 339 12.62 31.38 19.64
CA PHE C 339 11.92 31.11 18.38
C PHE C 339 12.01 32.27 17.40
N LYS C 340 12.45 33.44 17.86
CA LYS C 340 12.74 34.61 17.04
C LYS C 340 13.61 35.51 17.91
N LYS C 341 14.11 36.60 17.34
CA LYS C 341 15.00 37.45 18.15
C LYS C 341 14.21 38.30 19.15
N ASP C 342 14.93 38.79 20.16
CA ASP C 342 14.45 39.75 21.17
C ASP C 342 13.39 39.14 22.08
N THR C 343 13.46 37.85 22.30
CA THR C 343 12.63 37.17 23.30
C THR C 343 13.46 36.03 23.88
N GLY C 344 13.13 35.61 25.10
CA GLY C 344 13.65 34.38 25.67
C GLY C 344 12.74 33.19 25.51
N ASP C 345 11.63 33.36 24.82
CA ASP C 345 10.63 32.32 24.61
C ASP C 345 11.16 31.30 23.61
N THR C 346 11.04 30.02 23.92
CA THR C 346 11.46 28.94 23.03
C THR C 346 10.31 28.09 22.51
N ARG C 347 9.05 28.42 22.82
CA ARG C 347 7.95 27.53 22.44
C ARG C 347 7.93 27.27 20.93
N GLU C 348 8.02 25.99 20.56
CA GLU C 348 8.06 25.52 19.17
C GLU C 348 9.19 26.15 18.35
N SER C 349 10.26 26.60 18.99
CA SER C 349 11.38 27.16 18.23
C SER C 349 11.96 26.12 17.27
N SER C 350 12.29 26.57 16.06
CA SER C 350 12.98 25.68 15.10
C SER C 350 14.31 25.18 15.66
N SER C 351 14.93 25.94 16.56
CA SER C 351 16.20 25.51 17.16
C SER C 351 16.04 24.17 17.88
N ILE C 352 14.88 23.94 18.50
CA ILE C 352 14.65 22.66 19.18
C ILE C 352 14.71 21.52 18.17
N TYR C 353 14.00 21.69 17.05
CA TYR C 353 13.90 20.59 16.09
C TYR C 353 15.23 20.34 15.40
N ILE C 354 15.93 21.40 15.01
CA ILE C 354 17.25 21.21 14.39
C ILE C 354 18.20 20.54 15.37
N SER C 355 18.21 21.00 16.64
CA SER C 355 19.07 20.37 17.65
C SER C 355 18.74 18.89 17.80
N LYS C 356 17.45 18.54 17.83
CA LYS C 356 17.09 17.13 18.00
C LYS C 356 17.50 16.29 16.79
N TYR C 357 17.37 16.82 15.57
CA TYR C 357 17.87 16.09 14.41
C TYR C 357 19.37 15.83 14.52
N LEU C 358 20.14 16.81 15.00
CA LEU C 358 21.58 16.61 15.15
C LEU C 358 21.91 15.68 16.31
N MET C 359 21.12 15.73 17.39
CA MET C 359 21.32 14.80 18.49
C MET C 359 21.09 13.35 18.03
N ASP C 360 20.10 13.13 17.16
CA ASP C 360 19.87 11.81 16.60
C ASP C 360 21.06 11.31 15.78
N GLU C 361 21.94 12.21 15.34
CA GLU C 361 23.16 11.82 14.63
C GLU C 361 24.37 11.74 15.56
N GLY C 362 24.20 11.94 16.86
CA GLY C 362 25.32 11.84 17.78
C GLY C 362 26.17 13.09 17.89
N ALA C 363 25.67 14.23 17.42
CA ALA C 363 26.42 15.48 17.47
C ALA C 363 26.59 15.95 18.91
N HIS C 364 27.70 16.65 19.15
CA HIS C 364 27.95 17.34 20.42
C HIS C 364 27.55 18.79 20.19
N LEU C 365 26.38 19.16 20.65
CA LEU C 365 25.86 20.52 20.43
C LEU C 365 26.35 21.43 21.54
N HIS C 366 26.85 22.60 21.18
CA HIS C 366 27.15 23.66 22.13
C HIS C 366 26.24 24.82 21.78
N ILE C 367 25.31 25.15 22.68
CA ILE C 367 24.19 26.03 22.35
C ILE C 367 24.40 27.36 23.04
N TYR C 368 24.30 28.45 22.27
CA TYR C 368 24.36 29.79 22.84
C TYR C 368 23.13 30.58 22.43
N ASP C 369 22.52 31.25 23.41
CA ASP C 369 21.46 32.23 23.15
C ASP C 369 21.58 33.31 24.22
N PRO C 370 21.49 34.59 23.85
CA PRO C 370 21.70 35.66 24.83
C PRO C 370 20.60 35.80 25.88
N LYS C 371 19.40 35.26 25.65
CA LYS C 371 18.29 35.49 26.57
C LYS C 371 17.57 34.23 27.05
N VAL C 372 17.65 33.11 26.34
CA VAL C 372 16.96 31.90 26.81
C VAL C 372 17.67 31.36 28.05
N PRO C 373 16.96 31.08 29.14
CA PRO C 373 17.62 30.53 30.33
C PRO C 373 18.18 29.14 30.07
N ARG C 374 19.34 28.87 30.66
CA ARG C 374 20.01 27.59 30.54
C ARG C 374 19.07 26.41 30.77
N GLU C 375 18.33 26.45 31.88
CA GLU C 375 17.46 25.33 32.25
C GLU C 375 16.35 25.10 31.23
N GLN C 376 15.87 26.15 30.55
CA GLN C 376 14.83 25.94 29.54
C GLN C 376 15.34 25.10 28.38
N ILE C 377 16.57 25.34 27.95
CA ILE C 377 17.16 24.55 26.86
C ILE C 377 17.22 23.08 27.24
N VAL C 378 17.63 22.79 28.48
CA VAL C 378 17.73 21.42 28.97
C VAL C 378 16.36 20.75 28.93
N VAL C 379 15.33 21.44 29.42
CA VAL C 379 13.98 20.88 29.39
C VAL C 379 13.53 20.66 27.95
N ASP C 380 13.77 21.65 27.07
CA ASP C 380 13.30 21.57 25.69
C ASP C 380 13.92 20.40 24.93
N LEU C 381 15.16 20.05 25.27
CA LEU C 381 15.86 18.99 24.55
C LEU C 381 15.69 17.62 25.19
N SER C 382 15.04 17.55 26.34
CA SER C 382 14.79 16.29 27.03
C SER C 382 13.50 15.66 26.52
N HIS C 383 13.34 14.36 26.79
CA HIS C 383 12.17 13.60 26.34
C HIS C 383 10.94 13.84 27.23
N GLU C 388 15.41 14.11 33.73
CA GLU C 388 16.87 14.00 33.70
C GLU C 388 17.35 13.12 32.55
N ASP C 389 17.58 13.74 31.40
CA ASP C 389 17.68 13.04 30.12
C ASP C 389 19.12 12.64 29.83
N ASP C 390 19.34 11.34 29.59
CA ASP C 390 20.70 10.84 29.37
C ASP C 390 21.27 11.30 28.03
N GLN C 391 20.45 11.33 26.97
CA GLN C 391 20.94 11.85 25.69
C GLN C 391 21.34 13.32 25.80
N VAL C 392 20.58 14.13 26.55
CA VAL C 392 20.96 15.52 26.79
C VAL C 392 22.28 15.59 27.54
N SER C 393 22.47 14.71 28.54
CA SER C 393 23.69 14.68 29.33
C SER C 393 24.92 14.40 28.47
N ARG C 394 24.80 13.47 27.53
CA ARG C 394 25.95 13.07 26.72
C ARG C 394 26.27 14.10 25.64
N LEU C 395 25.25 14.77 25.08
CA LEU C 395 25.41 15.47 23.81
C LEU C 395 25.28 16.99 23.87
N VAL C 396 24.68 17.55 24.92
CA VAL C 396 24.30 18.97 24.93
C VAL C 396 25.16 19.72 25.93
N THR C 397 25.78 20.80 25.46
CA THR C 397 26.49 21.77 26.29
C THR C 397 25.85 23.14 26.09
N ILE C 398 25.65 23.88 27.16
CA ILE C 398 25.12 25.23 27.08
C ILE C 398 26.26 26.20 27.33
N SER C 399 26.59 26.99 26.30
CA SER C 399 27.74 27.87 26.32
C SER C 399 27.35 29.24 26.86
N LYS C 400 28.28 29.85 27.57
CA LYS C 400 28.04 31.17 28.13
C LYS C 400 28.30 32.28 27.13
N ASP C 401 29.01 31.99 26.03
CA ASP C 401 29.25 32.99 25.00
C ASP C 401 29.45 32.27 23.67
N PRO C 402 29.28 32.98 22.55
CA PRO C 402 29.31 32.27 21.26
C PRO C 402 30.69 31.78 20.85
N TYR C 403 31.77 32.41 21.33
CA TYR C 403 33.12 31.95 20.96
C TYR C 403 33.44 30.61 21.61
N GLU C 404 32.95 30.38 22.82
CA GLU C 404 33.10 29.08 23.46
C GLU C 404 32.32 28.02 22.70
N ALA C 405 31.12 28.35 22.19
CA ALA C 405 30.32 27.40 21.43
C ALA C 405 31.01 26.99 20.13
N CYS C 406 31.72 27.92 19.49
CA CYS C 406 32.35 27.67 18.21
C CYS C 406 33.77 27.11 18.31
N ASP C 407 34.38 27.10 19.51
CA ASP C 407 35.77 26.69 19.67
C ASP C 407 35.93 25.20 19.40
N GLY C 408 36.65 24.85 18.34
CA GLY C 408 36.76 23.46 17.91
C GLY C 408 35.55 22.91 17.19
N ALA C 409 34.63 23.76 16.77
CA ALA C 409 33.43 23.28 16.08
C ALA C 409 33.72 22.96 14.62
N HIS C 410 32.94 22.01 14.07
CA HIS C 410 32.93 21.76 12.64
C HIS C 410 32.01 22.72 11.90
N ALA C 411 30.95 23.18 12.57
CA ALA C 411 29.89 23.93 11.93
C ALA C 411 29.26 24.88 12.94
N VAL C 412 28.84 26.03 12.44
CA VAL C 412 28.08 27.00 13.20
C VAL C 412 26.72 27.10 12.54
N VAL C 413 25.66 26.81 13.31
CA VAL C 413 24.31 26.79 12.79
C VAL C 413 23.55 27.93 13.45
N ILE C 414 23.16 28.93 12.66
CA ILE C 414 22.43 30.10 13.16
C ILE C 414 20.94 29.83 12.95
N CYS C 415 20.20 29.69 14.06
CA CYS C 415 18.79 29.38 14.03
C CYS C 415 17.89 30.53 14.45
N THR C 416 18.44 31.56 15.08
CA THR C 416 17.68 32.72 15.54
C THR C 416 18.42 33.97 15.11
N GLU C 417 17.65 34.94 14.61
CA GLU C 417 18.24 36.11 13.95
C GLU C 417 18.65 37.23 14.92
N TRP C 418 19.22 36.89 16.08
CA TRP C 418 19.77 37.89 16.99
C TRP C 418 20.76 38.80 16.26
N ASP C 419 20.61 40.11 16.43
CA ASP C 419 21.45 41.05 15.71
C ASP C 419 22.92 40.90 16.08
N MET C 420 23.21 40.44 17.29
CA MET C 420 24.62 40.30 17.68
C MET C 420 25.36 39.28 16.83
N PHE C 421 24.65 38.36 16.16
CA PHE C 421 25.36 37.32 15.42
C PHE C 421 26.08 37.85 14.18
N LYS C 422 25.57 38.91 13.55
CA LYS C 422 26.29 39.42 12.39
C LYS C 422 27.48 40.30 12.78
N GLU C 423 27.62 40.65 14.06
CA GLU C 423 28.75 41.44 14.52
C GLU C 423 29.84 40.59 15.19
N LEU C 424 29.74 39.27 15.16
CA LEU C 424 30.77 38.44 15.77
C LEU C 424 32.09 38.57 15.02
N ASP C 425 33.16 38.23 15.73
CA ASP C 425 34.53 38.20 15.18
C ASP C 425 34.71 36.87 14.47
N TYR C 426 34.33 36.83 13.18
CA TYR C 426 34.37 35.56 12.45
C TYR C 426 35.78 35.15 12.06
N GLU C 427 36.73 36.08 12.01
CA GLU C 427 38.11 35.69 11.82
C GLU C 427 38.62 34.87 13.01
N ARG C 428 38.33 35.34 14.24
CA ARG C 428 38.67 34.59 15.44
C ARG C 428 37.94 33.24 15.48
N ILE C 429 36.66 33.22 15.11
CA ILE C 429 35.93 31.94 15.12
C ILE C 429 36.60 30.96 14.16
N HIS C 430 36.92 31.42 12.94
CA HIS C 430 37.50 30.52 11.94
C HIS C 430 38.82 29.91 12.41
N LYS C 431 39.65 30.72 13.07
CA LYS C 431 40.96 30.24 13.51
C LYS C 431 40.85 28.99 14.38
N LYS C 432 39.86 28.93 15.26
CA LYS C 432 39.74 27.84 16.21
C LYS C 432 38.73 26.79 15.78
N MET C 433 38.14 26.92 14.60
CA MET C 433 37.28 25.85 14.13
C MET C 433 38.10 24.76 13.45
N LEU C 434 37.54 23.56 13.43
CA LEU C 434 38.09 22.50 12.59
C LEU C 434 37.72 22.78 11.14
N LYS C 435 38.56 22.31 10.21
CA LYS C 435 38.37 22.57 8.79
C LYS C 435 38.05 21.27 8.02
N PRO C 436 37.13 21.34 7.06
CA PRO C 436 36.39 22.53 6.60
C PRO C 436 35.40 23.07 7.64
N ALA C 437 35.35 24.40 7.76
CA ALA C 437 34.52 25.08 8.74
C ALA C 437 33.25 25.60 8.06
N PHE C 438 32.09 25.13 8.52
CA PHE C 438 30.83 25.49 7.88
C PHE C 438 30.06 26.52 8.70
N ILE C 439 29.41 27.43 8.00
CA ILE C 439 28.36 28.26 8.59
C ILE C 439 27.06 27.95 7.87
N PHE C 440 26.06 27.51 8.62
CA PHE C 440 24.72 27.29 8.09
C PHE C 440 23.84 28.40 8.64
N ASP C 441 23.54 29.36 7.78
CA ASP C 441 22.76 30.53 8.17
C ASP C 441 21.28 30.22 7.88
N GLY C 442 20.55 29.81 8.90
CA GLY C 442 19.14 29.52 8.76
C GLY C 442 18.25 30.74 8.82
N ARG C 443 18.82 31.95 8.84
CA ARG C 443 18.04 33.17 8.98
C ARG C 443 18.40 34.27 8.00
N ARG C 444 19.37 34.06 7.10
CA ARG C 444 19.86 35.09 6.18
C ARG C 444 20.46 36.30 6.93
N VAL C 445 20.91 36.13 8.17
CA VAL C 445 21.43 37.29 8.90
C VAL C 445 22.82 37.69 8.45
N LEU C 446 23.55 36.78 7.77
CA LEU C 446 24.91 37.03 7.33
C LEU C 446 25.00 37.44 5.87
N ASP C 447 23.87 37.74 5.22
CA ASP C 447 23.92 38.24 3.86
C ASP C 447 24.80 39.49 3.82
N GLY C 448 25.53 39.64 2.72
CA GLY C 448 26.43 40.76 2.59
C GLY C 448 27.76 40.61 3.29
N LEU C 449 27.87 39.68 4.24
CA LEU C 449 29.16 39.24 4.77
C LEU C 449 29.75 38.05 4.00
N HIS C 450 29.06 37.57 2.95
CA HIS C 450 29.45 36.32 2.30
C HIS C 450 30.84 36.41 1.68
N ASN C 451 31.16 37.53 1.05
CA ASN C 451 32.50 37.68 0.47
C ASN C 451 33.57 37.67 1.56
N GLU C 452 33.35 38.44 2.63
CA GLU C 452 34.27 38.44 3.75
C GLU C 452 34.41 37.04 4.34
N LEU C 453 33.30 36.32 4.51
CA LEU C 453 33.38 35.02 5.16
C LEU C 453 34.06 33.99 4.26
N GLN C 454 33.82 34.04 2.96
CA GLN C 454 34.49 33.12 2.05
C GLN C 454 35.99 33.39 1.99
N THR C 455 36.37 34.68 1.95
CA THR C 455 37.78 35.03 1.96
C THR C 455 38.46 34.54 3.24
N ILE C 456 37.78 34.66 4.38
CA ILE C 456 38.31 34.13 5.62
C ILE C 456 38.52 32.62 5.52
N GLY C 457 37.61 31.92 4.83
CA GLY C 457 37.79 30.51 4.57
C GLY C 457 36.61 29.62 4.94
N PHE C 458 35.50 30.22 5.34
CA PHE C 458 34.31 29.45 5.66
C PHE C 458 33.64 28.89 4.41
N GLN C 459 32.99 27.74 4.56
CA GLN C 459 31.95 27.29 3.62
C GLN C 459 30.63 27.81 4.16
N ILE C 460 30.02 28.78 3.47
CA ILE C 460 28.77 29.39 3.91
C ILE C 460 27.62 28.80 3.12
N GLU C 461 26.63 28.25 3.83
CA GLU C 461 25.41 27.73 3.24
C GLU C 461 24.24 28.46 3.87
N THR C 462 23.30 28.92 3.05
CA THR C 462 22.17 29.63 3.60
C THR C 462 20.91 29.18 2.89
N ILE C 463 19.79 29.41 3.56
CA ILE C 463 18.47 29.04 3.07
C ILE C 463 18.12 29.87 1.83
N GLY C 464 17.61 29.20 0.81
CA GLY C 464 17.16 29.88 -0.38
C GLY C 464 18.25 30.32 -1.31
N LYS C 465 19.47 29.79 -1.13
CA LYS C 465 20.59 30.03 -2.01
C LYS C 465 21.51 28.82 -1.95
N LYS C 466 22.19 28.55 -3.07
CA LYS C 466 23.23 27.50 -3.13
C LYS C 466 24.40 27.84 -2.21
N PHE D 3 -7.12 -59.92 17.12
CA PHE D 3 -6.42 -59.35 18.27
C PHE D 3 -7.35 -58.79 19.33
N GLU D 4 -7.18 -59.23 20.58
CA GLU D 4 -8.02 -58.79 21.70
C GLU D 4 -7.24 -57.88 22.64
N ILE D 5 -7.76 -56.69 22.85
CA ILE D 5 -7.21 -55.77 23.83
C ILE D 5 -7.63 -56.25 25.21
N LYS D 6 -6.66 -56.59 26.06
CA LYS D 6 -6.91 -57.06 27.41
C LYS D 6 -6.48 -56.09 28.49
N LYS D 7 -5.52 -55.21 28.20
CA LYS D 7 -5.06 -54.20 29.14
C LYS D 7 -4.93 -52.87 28.40
N ILE D 8 -5.48 -51.83 29.00
CA ILE D 8 -5.43 -50.47 28.46
C ILE D 8 -4.66 -49.60 29.45
N CYS D 9 -3.74 -48.79 28.93
CA CYS D 9 -3.05 -47.73 29.65
C CYS D 9 -3.45 -46.39 29.04
N CYS D 10 -3.72 -45.39 29.88
CA CYS D 10 -3.96 -44.04 29.39
C CYS D 10 -2.95 -43.10 30.03
N ILE D 11 -2.15 -42.44 29.21
CA ILE D 11 -1.22 -41.42 29.68
C ILE D 11 -1.97 -40.10 29.68
N GLY D 12 -2.25 -39.58 30.87
CA GLY D 12 -3.00 -38.35 31.01
C GLY D 12 -4.29 -38.59 31.78
N ALA D 13 -4.31 -38.16 33.04
CA ALA D 13 -5.47 -38.36 33.89
C ALA D 13 -6.22 -37.05 34.10
N GLY D 14 -6.50 -36.34 33.02
CA GLY D 14 -7.14 -35.04 33.09
C GLY D 14 -8.63 -35.13 32.78
N TYR D 15 -9.16 -34.01 32.27
CA TYR D 15 -10.58 -33.93 31.94
C TYR D 15 -10.98 -34.89 30.83
N VAL D 16 -10.05 -35.26 29.95
CA VAL D 16 -10.34 -36.26 28.92
C VAL D 16 -10.03 -37.66 29.43
N GLY D 17 -8.79 -37.89 29.85
CA GLY D 17 -8.33 -39.24 30.13
C GLY D 17 -9.06 -39.91 31.29
N GLY D 18 -9.26 -39.17 32.39
CA GLY D 18 -9.87 -39.72 33.58
C GLY D 18 -11.28 -40.23 33.33
N PRO D 19 -12.19 -39.35 32.92
CA PRO D 19 -13.56 -39.78 32.64
C PRO D 19 -13.67 -40.80 31.51
N THR D 20 -12.93 -40.62 30.41
CA THR D 20 -13.04 -41.57 29.31
C THR D 20 -12.66 -42.99 29.76
N CYS D 21 -11.54 -43.11 30.48
CA CYS D 21 -11.12 -44.44 30.93
C CYS D 21 -12.03 -45.02 31.99
N SER D 22 -12.59 -44.17 32.85
CA SER D 22 -13.55 -44.66 33.84
C SER D 22 -14.75 -45.28 33.17
N VAL D 23 -15.24 -44.68 32.09
CA VAL D 23 -16.39 -45.23 31.38
C VAL D 23 -15.99 -46.49 30.61
N ILE D 24 -14.80 -46.50 30.01
CA ILE D 24 -14.33 -47.72 29.35
C ILE D 24 -14.27 -48.87 30.35
N ALA D 25 -13.68 -48.63 31.52
CA ALA D 25 -13.61 -49.69 32.53
C ALA D 25 -15.00 -50.14 32.94
N HIS D 26 -15.91 -49.18 33.12
CA HIS D 26 -17.27 -49.52 33.53
C HIS D 26 -17.99 -50.36 32.49
N MET D 27 -17.80 -50.04 31.20
CA MET D 27 -18.51 -50.73 30.13
C MET D 27 -17.78 -51.99 29.63
N CYS D 28 -16.52 -52.19 30.01
CA CYS D 28 -15.72 -53.33 29.56
C CYS D 28 -15.12 -53.98 30.79
N PRO D 29 -15.92 -54.69 31.59
CA PRO D 29 -15.40 -55.21 32.86
C PRO D 29 -14.25 -56.23 32.72
N GLU D 30 -14.11 -56.90 31.57
CA GLU D 30 -13.03 -57.88 31.39
C GLU D 30 -11.68 -57.23 31.05
N ILE D 31 -11.66 -55.92 30.80
CA ILE D 31 -10.45 -55.21 30.39
C ILE D 31 -9.91 -54.44 31.58
N ARG D 32 -8.60 -54.56 31.81
CA ARG D 32 -7.92 -53.80 32.86
C ARG D 32 -7.50 -52.44 32.31
N VAL D 33 -7.93 -51.37 32.99
CA VAL D 33 -7.72 -49.99 32.54
C VAL D 33 -6.88 -49.27 33.60
N THR D 34 -5.69 -48.82 33.20
CA THR D 34 -4.78 -48.13 34.11
C THR D 34 -4.53 -46.72 33.59
N VAL D 35 -4.95 -45.72 34.38
CA VAL D 35 -4.76 -44.32 34.04
C VAL D 35 -3.50 -43.82 34.76
N VAL D 36 -2.57 -43.21 34.01
CA VAL D 36 -1.32 -42.78 34.60
C VAL D 36 -1.09 -41.30 34.31
N ASP D 37 -0.24 -40.69 35.12
CA ASP D 37 -0.01 -39.26 35.03
C ASP D 37 1.28 -38.93 35.78
N VAL D 38 1.98 -37.89 35.32
CA VAL D 38 3.15 -37.44 36.07
C VAL D 38 2.76 -36.71 37.35
N ASN D 39 1.53 -36.17 37.41
CA ASN D 39 1.08 -35.35 38.52
C ASN D 39 0.58 -36.26 39.65
N GLU D 40 1.41 -36.39 40.70
CA GLU D 40 1.12 -37.32 41.78
C GLU D 40 -0.08 -36.86 42.62
N SER D 41 -0.23 -35.55 42.84
CA SER D 41 -1.38 -35.12 43.63
C SER D 41 -2.68 -35.38 42.88
N ARG D 42 -2.65 -35.28 41.55
CA ARG D 42 -3.81 -35.61 40.74
C ARG D 42 -4.12 -37.10 40.81
N ILE D 43 -3.10 -37.96 40.70
CA ILE D 43 -3.33 -39.39 40.84
C ILE D 43 -3.88 -39.72 42.23
N ASN D 44 -3.29 -39.13 43.28
CA ASN D 44 -3.78 -39.41 44.64
C ASN D 44 -5.25 -39.04 44.77
N ALA D 45 -5.65 -37.91 44.20
CA ALA D 45 -7.04 -37.49 44.28
C ALA D 45 -7.97 -38.46 43.53
N TRP D 46 -7.53 -38.96 42.37
CA TRP D 46 -8.33 -39.98 41.68
C TRP D 46 -8.56 -41.21 42.55
N ASN D 47 -7.62 -41.53 43.45
CA ASN D 47 -7.73 -42.68 44.35
C ASN D 47 -8.39 -42.34 45.69
N SER D 48 -8.95 -41.15 45.85
CA SER D 48 -9.50 -40.64 47.10
C SER D 48 -11.01 -40.46 47.03
N PRO D 49 -11.68 -40.10 48.13
CA PRO D 49 -13.11 -39.78 48.07
C PRO D 49 -13.39 -38.45 47.41
N THR D 50 -12.37 -37.65 47.10
CA THR D 50 -12.55 -36.33 46.49
C THR D 50 -11.78 -36.28 45.19
N LEU D 51 -12.48 -36.52 44.07
CA LEU D 51 -11.83 -36.56 42.77
C LEU D 51 -11.29 -35.19 42.40
N PRO D 52 -10.26 -35.13 41.55
CA PRO D 52 -9.61 -33.85 41.24
C PRO D 52 -10.36 -32.96 40.28
N ILE D 53 -11.42 -33.47 39.64
CA ILE D 53 -12.28 -32.67 38.79
C ILE D 53 -13.71 -32.92 39.21
N TYR D 54 -14.59 -31.97 38.92
CA TYR D 54 -16.01 -32.13 39.19
C TYR D 54 -16.77 -32.41 37.89
N GLU D 55 -17.37 -33.62 37.79
CA GLU D 55 -18.23 -34.05 36.69
C GLU D 55 -19.44 -34.77 37.28
N PRO D 56 -20.67 -34.35 36.99
CA PRO D 56 -21.84 -35.10 37.48
C PRO D 56 -21.74 -36.58 37.14
N GLY D 57 -21.99 -37.44 38.13
CA GLY D 57 -21.99 -38.87 37.91
C GLY D 57 -20.62 -39.55 37.86
N LEU D 58 -19.52 -38.80 37.80
CA LEU D 58 -18.20 -39.40 37.67
C LEU D 58 -17.80 -40.16 38.93
N LYS D 59 -18.07 -39.58 40.12
CA LYS D 59 -17.72 -40.25 41.37
C LYS D 59 -18.33 -41.65 41.44
N GLU D 60 -19.60 -41.79 41.02
CA GLU D 60 -20.27 -43.07 41.03
C GLU D 60 -19.65 -44.05 40.03
N VAL D 61 -19.29 -43.56 38.83
CA VAL D 61 -18.66 -44.47 37.86
C VAL D 61 -17.30 -44.93 38.38
N VAL D 62 -16.49 -43.99 38.88
CA VAL D 62 -15.16 -44.34 39.39
C VAL D 62 -15.27 -45.36 40.52
N GLU D 63 -16.17 -45.10 41.47
CA GLU D 63 -16.21 -45.95 42.66
C GLU D 63 -16.78 -47.33 42.35
N SER D 64 -17.54 -47.49 41.27
CA SER D 64 -17.97 -48.84 40.94
C SER D 64 -16.86 -49.68 40.29
N CYS D 65 -15.80 -49.06 39.76
CA CYS D 65 -14.75 -49.77 39.02
C CYS D 65 -13.37 -49.74 39.67
N ARG D 66 -13.06 -48.70 40.44
CA ARG D 66 -11.69 -48.49 40.89
C ARG D 66 -11.24 -49.64 41.77
N GLY D 67 -10.06 -50.18 41.49
CA GLY D 67 -9.59 -51.33 42.22
C GLY D 67 -10.13 -52.66 41.70
N LYS D 68 -11.08 -52.64 40.77
CA LYS D 68 -11.56 -53.87 40.14
C LYS D 68 -10.92 -54.02 38.76
N ASN D 69 -11.21 -53.11 37.85
CA ASN D 69 -10.53 -53.07 36.58
C ASN D 69 -10.11 -51.66 36.20
N LEU D 70 -10.24 -50.70 37.12
CA LEU D 70 -9.82 -49.32 36.87
C LEU D 70 -8.78 -48.94 37.91
N PHE D 71 -7.63 -48.47 37.45
CA PHE D 71 -6.52 -48.16 38.34
C PHE D 71 -5.91 -46.82 37.96
N PHE D 72 -5.46 -46.06 38.97
CA PHE D 72 -4.79 -44.77 38.77
C PHE D 72 -3.42 -44.86 39.42
N SER D 73 -2.37 -44.54 38.66
CA SER D 73 -1.01 -44.79 39.13
C SER D 73 -0.06 -43.76 38.55
N THR D 74 1.03 -43.50 39.27
CA THR D 74 2.16 -42.72 38.77
C THR D 74 3.21 -43.60 38.11
N ASN D 75 3.03 -44.92 38.11
CA ASN D 75 3.98 -45.85 37.48
C ASN D 75 3.68 -45.93 35.98
N ILE D 76 4.14 -44.91 35.26
CA ILE D 76 3.91 -44.81 33.83
C ILE D 76 4.60 -45.95 33.07
N ASP D 77 5.85 -46.27 33.44
CA ASP D 77 6.65 -47.22 32.67
C ASP D 77 6.01 -48.62 32.66
N ASP D 78 5.59 -49.11 33.83
CA ASP D 78 5.05 -50.46 33.89
C ASP D 78 3.67 -50.54 33.25
N ALA D 79 2.89 -49.47 33.33
CA ALA D 79 1.58 -49.45 32.67
C ALA D 79 1.73 -49.56 31.16
N ILE D 80 2.70 -48.83 30.59
CA ILE D 80 2.95 -48.92 29.15
C ILE D 80 3.40 -50.32 28.79
N LYS D 81 4.34 -50.86 29.57
CA LYS D 81 4.97 -52.13 29.27
C LYS D 81 3.94 -53.25 29.10
N GLU D 82 2.97 -53.33 30.01
CA GLU D 82 1.99 -54.41 29.95
C GLU D 82 0.76 -54.12 29.10
N ALA D 83 0.63 -52.91 28.54
CA ALA D 83 -0.60 -52.55 27.85
C ALA D 83 -0.62 -53.07 26.41
N ASP D 84 -1.81 -53.52 25.97
CA ASP D 84 -2.11 -53.77 24.56
C ASP D 84 -2.46 -52.49 23.81
N LEU D 85 -3.17 -51.59 24.48
CA LEU D 85 -3.62 -50.31 23.93
C LEU D 85 -3.18 -49.20 24.86
N VAL D 86 -2.52 -48.19 24.30
CA VAL D 86 -2.05 -47.03 25.05
C VAL D 86 -2.74 -45.79 24.50
N PHE D 87 -3.58 -45.16 25.33
CA PHE D 87 -4.12 -43.84 25.01
C PHE D 87 -3.10 -42.76 25.37
N ILE D 88 -2.99 -41.73 24.53
CA ILE D 88 -2.28 -40.51 24.87
C ILE D 88 -3.32 -39.40 24.95
N SER D 89 -3.55 -38.88 26.17
CA SER D 89 -4.54 -37.83 26.41
C SER D 89 -3.91 -36.77 27.28
N VAL D 90 -2.92 -36.07 26.73
CA VAL D 90 -2.20 -35.04 27.44
C VAL D 90 -2.62 -33.69 26.86
N ASN D 91 -2.19 -32.62 27.51
CA ASN D 91 -2.48 -31.28 27.04
C ASN D 91 -1.38 -30.85 26.08
N THR D 92 -1.77 -30.08 25.09
CA THR D 92 -0.84 -29.53 24.09
C THR D 92 -0.99 -28.02 24.16
N PRO D 93 -0.20 -27.35 24.97
CA PRO D 93 -0.38 -25.91 25.13
C PRO D 93 0.05 -25.17 23.87
N THR D 94 -0.42 -23.94 23.78
CA THR D 94 -0.03 -23.07 22.68
C THR D 94 1.44 -22.69 22.86
N LYS D 95 2.18 -22.64 21.74
CA LYS D 95 3.56 -22.15 21.79
C LYS D 95 3.61 -20.75 22.38
N THR D 96 4.62 -20.49 23.20
CA THR D 96 4.78 -19.18 23.81
C THR D 96 5.87 -18.34 23.17
N TYR D 97 6.60 -18.89 22.20
CA TYR D 97 7.56 -18.10 21.42
C TYR D 97 7.77 -18.82 20.08
N GLY D 98 8.54 -18.18 19.21
CA GLY D 98 8.86 -18.76 17.93
C GLY D 98 7.72 -18.67 16.93
N MET D 99 7.86 -19.45 15.87
CA MET D 99 6.86 -19.46 14.81
C MET D 99 5.52 -19.95 15.35
N GLY D 100 4.46 -19.19 15.08
CA GLY D 100 3.16 -19.58 15.59
C GLY D 100 2.93 -19.28 17.05
N LYS D 101 3.77 -18.44 17.65
CA LYS D 101 3.57 -17.99 19.02
C LYS D 101 2.13 -17.55 19.27
N GLY D 102 1.53 -18.08 20.33
CA GLY D 102 0.19 -17.73 20.70
C GLY D 102 -0.90 -18.35 19.85
N ARG D 103 -0.55 -19.16 18.85
CA ARG D 103 -1.57 -19.72 17.96
C ARG D 103 -1.37 -21.21 17.69
N ALA D 104 -0.15 -21.64 17.39
CA ALA D 104 0.08 -23.03 17.01
C ALA D 104 0.29 -23.89 18.25
N ALA D 105 -0.21 -25.12 18.19
CA ALA D 105 -0.05 -26.05 19.30
C ALA D 105 1.41 -26.49 19.42
N ASP D 106 1.84 -26.69 20.66
CA ASP D 106 3.19 -27.18 20.99
C ASP D 106 3.09 -28.68 21.22
N LEU D 107 3.73 -29.45 20.35
CA LEU D 107 3.62 -30.90 20.43
C LEU D 107 4.63 -31.55 21.37
N LYS D 108 5.33 -30.78 22.20
CA LYS D 108 6.42 -31.36 22.98
C LYS D 108 5.94 -32.47 23.91
N TYR D 109 4.73 -32.36 24.47
CA TYR D 109 4.29 -33.43 25.37
C TYR D 109 3.85 -34.67 24.61
N ILE D 110 3.22 -34.51 23.45
CA ILE D 110 2.91 -35.67 22.62
C ILE D 110 4.19 -36.40 22.23
N GLU D 111 5.19 -35.64 21.79
CA GLU D 111 6.44 -36.26 21.37
C GLU D 111 7.17 -36.95 22.53
N ALA D 112 7.16 -36.34 23.71
CA ALA D 112 7.78 -36.98 24.86
C ALA D 112 7.05 -38.28 25.21
N CYS D 113 5.72 -38.29 25.09
CA CYS D 113 4.98 -39.54 25.34
C CYS D 113 5.35 -40.61 24.33
N ALA D 114 5.39 -40.26 23.05
CA ALA D 114 5.74 -41.26 22.04
C ALA D 114 7.14 -41.83 22.28
N ARG D 115 8.10 -40.97 22.64
CA ARG D 115 9.46 -41.47 22.92
C ARG D 115 9.46 -42.38 24.14
N ARG D 116 8.69 -42.03 25.17
CA ARG D 116 8.62 -42.87 26.36
C ARG D 116 7.95 -44.21 26.07
N ILE D 117 6.95 -44.22 25.19
CA ILE D 117 6.30 -45.49 24.82
C ILE D 117 7.30 -46.41 24.12
N VAL D 118 8.05 -45.89 23.14
CA VAL D 118 9.05 -46.72 22.48
C VAL D 118 10.02 -47.28 23.50
N GLN D 119 10.47 -46.45 24.43
CA GLN D 119 11.44 -46.88 25.44
C GLN D 119 10.91 -48.05 26.28
N ASN D 120 9.60 -48.10 26.50
CA ASN D 120 9.05 -49.08 27.45
C ASN D 120 8.24 -50.17 26.75
N SER D 121 8.37 -50.32 25.44
CA SER D 121 7.53 -51.24 24.70
C SER D 121 8.36 -52.30 24.00
N ASN D 122 7.81 -53.51 23.98
CA ASN D 122 8.24 -54.58 23.10
C ASN D 122 7.00 -55.25 22.52
N GLY D 123 7.17 -55.93 21.38
CA GLY D 123 6.05 -56.64 20.79
C GLY D 123 5.03 -55.70 20.15
N TYR D 124 3.77 -56.12 20.18
CA TYR D 124 2.69 -55.43 19.48
C TYR D 124 1.90 -54.56 20.47
N LYS D 125 1.67 -53.30 20.09
CA LYS D 125 0.78 -52.41 20.83
C LYS D 125 0.09 -51.45 19.86
N ILE D 126 -1.11 -51.04 20.23
CA ILE D 126 -1.85 -49.98 19.56
C ILE D 126 -1.75 -48.71 20.41
N VAL D 127 -1.35 -47.62 19.78
CA VAL D 127 -1.20 -46.33 20.45
C VAL D 127 -2.22 -45.39 19.84
N THR D 128 -3.10 -44.85 20.67
CA THR D 128 -4.24 -44.07 20.20
C THR D 128 -4.18 -42.67 20.82
N GLU D 129 -4.14 -41.65 19.97
CA GLU D 129 -4.18 -40.28 20.46
C GLU D 129 -5.63 -39.87 20.65
N LYS D 130 -5.96 -39.39 21.86
CA LYS D 130 -7.33 -38.98 22.17
C LYS D 130 -7.30 -37.63 22.86
N SER D 131 -7.82 -36.61 22.18
CA SER D 131 -7.91 -35.27 22.74
C SER D 131 -9.08 -34.56 22.07
N THR D 132 -9.46 -33.41 22.63
CA THR D 132 -10.53 -32.64 21.99
C THR D 132 -10.03 -31.79 20.82
N VAL D 133 -8.75 -31.44 20.79
CA VAL D 133 -8.19 -30.61 19.71
C VAL D 133 -6.93 -31.29 19.17
N PRO D 134 -7.06 -32.32 18.32
CA PRO D 134 -5.85 -32.97 17.79
C PRO D 134 -5.28 -32.19 16.62
N VAL D 135 -4.03 -31.77 16.73
CA VAL D 135 -3.36 -30.94 15.72
C VAL D 135 -2.09 -31.65 15.31
N ARG D 136 -2.17 -32.42 14.21
CA ARG D 136 -1.05 -33.21 13.69
C ARG D 136 -0.48 -34.15 14.74
N ALA D 137 -1.31 -34.58 15.69
CA ALA D 137 -0.82 -35.40 16.79
C ALA D 137 -0.46 -36.81 16.32
N ALA D 138 -1.36 -37.45 15.55
CA ALA D 138 -1.06 -38.80 15.08
C ALA D 138 0.21 -38.83 14.23
N GLU D 139 0.38 -37.84 13.36
CA GLU D 139 1.55 -37.82 12.50
C GLU D 139 2.84 -37.68 13.32
N SER D 140 2.82 -36.85 14.36
CA SER D 140 4.06 -36.69 15.11
C SER D 140 4.39 -37.96 15.88
N ILE D 141 3.38 -38.67 16.39
CA ILE D 141 3.63 -39.96 17.05
C ILE D 141 4.20 -40.96 16.05
N ARG D 142 3.58 -41.05 14.88
CA ARG D 142 4.02 -41.98 13.85
C ARG D 142 5.46 -41.72 13.41
N ARG D 143 5.84 -40.45 13.25
CA ARG D 143 7.21 -40.17 12.82
C ARG D 143 8.22 -40.60 13.89
N ILE D 144 7.86 -40.50 15.17
CA ILE D 144 8.74 -41.00 16.23
C ILE D 144 8.85 -42.52 16.17
N PHE D 145 7.71 -43.20 16.03
CA PHE D 145 7.71 -44.65 15.99
C PHE D 145 8.46 -45.16 14.75
N ASP D 146 8.31 -44.47 13.61
CA ASP D 146 8.99 -44.92 12.39
C ASP D 146 10.51 -44.85 12.54
N ALA D 147 11.01 -43.88 13.29
CA ALA D 147 12.44 -43.65 13.41
C ALA D 147 13.11 -44.43 14.54
N ASN D 148 12.33 -45.10 15.41
CA ASN D 148 12.86 -45.74 16.61
C ASN D 148 12.34 -47.19 16.69
N THR D 149 12.80 -48.02 15.76
CA THR D 149 12.38 -49.42 15.68
C THR D 149 13.23 -50.30 16.59
N LYS D 150 12.65 -51.44 16.97
CA LYS D 150 13.34 -52.53 17.63
C LYS D 150 12.90 -53.82 16.96
N PRO D 151 13.73 -54.87 16.98
CA PRO D 151 13.27 -56.18 16.52
C PRO D 151 12.00 -56.59 17.25
N ASN D 152 10.98 -56.99 16.48
CA ASN D 152 9.69 -57.49 16.95
C ASN D 152 8.83 -56.41 17.60
N LEU D 153 9.27 -55.14 17.64
CA LEU D 153 8.41 -54.07 18.11
C LEU D 153 7.52 -53.62 16.95
N ASN D 154 6.21 -53.61 17.19
CA ASN D 154 5.26 -53.30 16.14
C ASN D 154 4.17 -52.40 16.74
N LEU D 155 4.40 -51.09 16.69
CA LEU D 155 3.50 -50.12 17.26
C LEU D 155 2.60 -49.54 16.16
N GLN D 156 1.29 -49.54 16.41
CA GLN D 156 0.31 -48.97 15.50
C GLN D 156 -0.21 -47.65 16.08
N VAL D 157 -0.45 -46.66 15.23
CA VAL D 157 -0.91 -45.34 15.65
C VAL D 157 -2.35 -45.14 15.14
N LEU D 158 -3.28 -44.85 16.06
CA LEU D 158 -4.65 -44.48 15.74
C LEU D 158 -4.95 -43.08 16.25
N SER D 159 -5.95 -42.46 15.63
CA SER D 159 -6.55 -41.21 16.10
C SER D 159 -7.95 -41.51 16.61
N ASN D 160 -8.30 -40.99 17.79
CA ASN D 160 -9.63 -41.22 18.37
C ASN D 160 -10.07 -39.99 19.14
N PRO D 161 -10.46 -38.94 18.44
CA PRO D 161 -10.80 -37.67 19.11
C PRO D 161 -11.95 -37.82 20.10
N GLU D 162 -11.93 -37.02 21.15
CA GLU D 162 -12.94 -37.10 22.20
C GLU D 162 -13.96 -35.97 22.02
N PHE D 163 -15.23 -36.34 21.88
CA PHE D 163 -16.30 -35.39 21.62
C PHE D 163 -17.04 -34.93 22.88
N LEU D 164 -16.71 -35.48 24.05
CA LEU D 164 -17.44 -35.11 25.25
C LEU D 164 -17.32 -33.61 25.52
N ALA D 165 -18.37 -33.05 26.13
CA ALA D 165 -18.34 -31.70 26.69
C ALA D 165 -18.27 -31.79 28.21
N GLU D 166 -17.45 -30.95 28.82
CA GLU D 166 -17.33 -30.99 30.26
C GLU D 166 -18.66 -30.56 30.90
N GLY D 167 -18.94 -31.14 32.07
CA GLY D 167 -20.24 -31.00 32.72
C GLY D 167 -21.27 -32.04 32.32
N THR D 168 -21.12 -32.65 31.15
CA THR D 168 -21.93 -33.77 30.69
C THR D 168 -21.06 -34.94 30.25
N ALA D 169 -19.86 -35.05 30.81
CA ALA D 169 -18.88 -36.02 30.33
C ALA D 169 -19.40 -37.45 30.38
N ILE D 170 -19.96 -37.85 31.53
CA ILE D 170 -20.39 -39.24 31.69
C ILE D 170 -21.53 -39.56 30.73
N LYS D 171 -22.54 -38.69 30.66
CA LYS D 171 -23.65 -38.91 29.75
C LYS D 171 -23.19 -38.94 28.30
N ASP D 172 -22.29 -38.03 27.93
CA ASP D 172 -21.75 -38.00 26.57
C ASP D 172 -20.95 -39.27 26.27
N LEU D 173 -20.15 -39.73 27.23
CA LEU D 173 -19.31 -40.91 26.99
C LEU D 173 -20.15 -42.17 26.89
N LYS D 174 -21.25 -42.27 27.64
CA LYS D 174 -22.07 -43.48 27.61
C LYS D 174 -23.02 -43.53 26.43
N ASN D 175 -23.38 -42.37 25.85
CA ASN D 175 -24.29 -42.32 24.71
C ASN D 175 -23.78 -41.28 23.69
N PRO D 176 -22.61 -41.52 23.09
CA PRO D 176 -22.07 -40.55 22.14
C PRO D 176 -22.89 -40.52 20.86
N ASP D 177 -23.00 -39.32 20.26
CA ASP D 177 -23.64 -39.21 18.95
C ASP D 177 -22.85 -40.01 17.90
N ARG D 178 -21.53 -40.01 17.99
CA ARG D 178 -20.73 -40.90 17.16
C ARG D 178 -19.36 -41.05 17.79
N VAL D 179 -18.71 -42.15 17.44
CA VAL D 179 -17.31 -42.41 17.77
C VAL D 179 -16.51 -42.35 16.48
N LEU D 180 -15.36 -41.67 16.52
CA LEU D 180 -14.54 -41.44 15.33
C LEU D 180 -13.16 -42.06 15.54
N ILE D 181 -12.77 -42.98 14.66
CA ILE D 181 -11.49 -43.66 14.76
C ILE D 181 -10.77 -43.55 13.42
N GLY D 182 -9.55 -43.04 13.43
CA GLY D 182 -8.71 -42.97 12.26
C GLY D 182 -7.52 -43.90 12.39
N GLY D 183 -7.21 -44.62 11.31
CA GLY D 183 -6.03 -45.46 11.25
C GLY D 183 -5.54 -45.58 9.82
N ASP D 184 -4.35 -46.13 9.67
CA ASP D 184 -3.77 -46.23 8.33
C ASP D 184 -4.61 -47.14 7.45
N GLU D 185 -4.62 -46.83 6.16
CA GLU D 185 -5.29 -47.68 5.16
C GLU D 185 -4.32 -48.77 4.70
N THR D 186 -3.88 -49.55 5.66
CA THR D 186 -3.02 -50.71 5.46
C THR D 186 -3.63 -51.89 6.20
N PRO D 187 -3.21 -53.13 5.89
CA PRO D 187 -3.69 -54.27 6.67
C PRO D 187 -3.49 -54.11 8.17
N GLU D 188 -2.31 -53.66 8.59
CA GLU D 188 -2.06 -53.47 10.02
C GLU D 188 -2.93 -52.35 10.60
N GLY D 189 -3.08 -51.23 9.89
CA GLY D 189 -3.90 -50.15 10.40
C GLY D 189 -5.35 -50.56 10.58
N GLN D 190 -5.89 -51.29 9.59
CA GLN D 190 -7.27 -51.74 9.67
C GLN D 190 -7.49 -52.76 10.78
N ARG D 191 -6.50 -53.62 11.06
CA ARG D 191 -6.63 -54.53 12.20
C ARG D 191 -6.62 -53.76 13.53
N ALA D 192 -5.77 -52.73 13.63
CA ALA D 192 -5.79 -51.90 14.83
C ALA D 192 -7.11 -51.14 14.97
N VAL D 193 -7.61 -50.56 13.86
CA VAL D 193 -8.90 -49.88 13.90
C VAL D 193 -9.99 -50.84 14.38
N GLN D 194 -9.99 -52.07 13.87
CA GLN D 194 -11.02 -53.04 14.28
C GLN D 194 -10.90 -53.41 15.75
N ALA D 195 -9.67 -53.52 16.28
CA ALA D 195 -9.49 -53.83 17.69
C ALA D 195 -10.05 -52.72 18.58
N LEU D 196 -9.80 -51.45 18.23
CA LEU D 196 -10.38 -50.36 19.01
C LEU D 196 -11.89 -50.28 18.82
N CYS D 197 -12.40 -50.53 17.61
CA CYS D 197 -13.85 -50.62 17.42
C CYS D 197 -14.48 -51.62 18.38
N ALA D 198 -13.85 -52.79 18.54
CA ALA D 198 -14.40 -53.82 19.43
C ALA D 198 -14.47 -53.34 20.87
N VAL D 199 -13.56 -52.47 21.31
CA VAL D 199 -13.73 -51.88 22.64
C VAL D 199 -15.03 -51.07 22.67
N TYR D 200 -15.19 -50.14 21.73
CA TYR D 200 -16.39 -49.29 21.76
C TYR D 200 -17.67 -50.08 21.54
N GLU D 201 -17.60 -51.20 20.82
CA GLU D 201 -18.80 -51.99 20.59
C GLU D 201 -19.35 -52.68 21.83
N HIS D 202 -18.62 -52.65 22.97
CA HIS D 202 -19.23 -53.11 24.23
C HIS D 202 -20.45 -52.27 24.61
N TRP D 203 -20.51 -51.00 24.16
CA TRP D 203 -21.67 -50.19 24.52
C TRP D 203 -22.16 -49.21 23.46
N VAL D 204 -21.48 -49.07 22.34
CA VAL D 204 -21.86 -48.13 21.28
C VAL D 204 -22.32 -48.95 20.09
N PRO D 205 -23.50 -48.68 19.52
CA PRO D 205 -23.94 -49.38 18.31
C PRO D 205 -22.97 -49.17 17.16
N ARG D 206 -22.82 -50.21 16.33
CA ARG D 206 -21.85 -50.18 15.25
C ARG D 206 -22.13 -49.05 14.26
N GLU D 207 -23.40 -48.70 14.05
CA GLU D 207 -23.73 -47.63 13.11
C GLU D 207 -23.30 -46.27 13.59
N LYS D 208 -22.93 -46.12 14.86
CA LYS D 208 -22.47 -44.85 15.39
C LYS D 208 -20.95 -44.75 15.45
N ILE D 209 -20.24 -45.74 14.93
CA ILE D 209 -18.78 -45.75 14.93
C ILE D 209 -18.33 -45.49 13.51
N LEU D 210 -17.63 -44.37 13.32
CA LEU D 210 -17.09 -43.98 12.02
C LEU D 210 -15.61 -44.34 11.97
N THR D 211 -15.16 -44.95 10.87
CA THR D 211 -13.74 -45.27 10.70
C THR D 211 -13.21 -44.61 9.45
N THR D 212 -11.99 -44.09 9.52
CA THR D 212 -11.37 -43.33 8.44
C THR D 212 -9.85 -43.39 8.64
N ASN D 213 -9.11 -42.51 7.97
CA ASN D 213 -7.67 -42.42 8.19
C ASN D 213 -7.37 -41.35 9.25
N THR D 214 -6.11 -41.32 9.72
CA THR D 214 -5.82 -40.48 10.90
C THR D 214 -6.01 -39.00 10.59
N TRP D 215 -5.61 -38.55 9.40
CA TRP D 215 -5.76 -37.13 9.08
C TRP D 215 -7.22 -36.71 8.96
N SER D 216 -8.03 -37.50 8.24
CA SER D 216 -9.44 -37.16 8.12
C SER D 216 -10.12 -37.12 9.49
N SER D 217 -9.71 -38.04 10.38
CA SER D 217 -10.22 -38.02 11.75
C SER D 217 -9.90 -36.69 12.46
N GLU D 218 -8.64 -36.27 12.42
CA GLU D 218 -8.27 -35.04 13.12
C GLU D 218 -8.91 -33.81 12.48
N LEU D 219 -8.94 -33.76 11.14
CA LEU D 219 -9.58 -32.63 10.47
C LEU D 219 -11.06 -32.55 10.81
N SER D 220 -11.73 -33.71 10.87
CA SER D 220 -13.15 -33.72 11.21
C SER D 220 -13.37 -33.13 12.60
N LYS D 221 -12.52 -33.48 13.55
CA LYS D 221 -12.63 -32.92 14.89
C LYS D 221 -12.37 -31.42 14.88
N LEU D 222 -11.28 -31.00 14.21
CA LEU D 222 -10.98 -29.58 14.13
C LEU D 222 -12.15 -28.81 13.55
N ALA D 223 -12.77 -29.35 12.49
CA ALA D 223 -13.89 -28.68 11.85
C ALA D 223 -15.14 -28.70 12.72
N ALA D 224 -15.47 -29.86 13.32
CA ALA D 224 -16.70 -29.94 14.11
C ALA D 224 -16.67 -28.96 15.28
N ASN D 225 -15.54 -28.89 16.00
CA ASN D 225 -15.40 -27.90 17.08
C ASN D 225 -15.65 -26.49 16.57
N ALA D 226 -15.09 -26.16 15.40
CA ALA D 226 -15.22 -24.80 14.89
C ALA D 226 -16.66 -24.48 14.51
N PHE D 227 -17.39 -25.47 13.97
CA PHE D 227 -18.81 -25.28 13.67
C PHE D 227 -19.61 -24.96 14.93
N LEU D 228 -19.30 -25.65 16.03
CA LEU D 228 -19.98 -25.37 17.30
C LEU D 228 -19.70 -23.96 17.78
N ALA D 229 -18.41 -23.56 17.82
CA ALA D 229 -18.04 -22.21 18.25
C ALA D 229 -18.69 -21.16 17.36
N GLN D 230 -18.81 -21.45 16.07
CA GLN D 230 -19.41 -20.51 15.13
C GLN D 230 -20.90 -20.27 15.42
N ARG D 231 -21.65 -21.31 15.79
CA ARG D 231 -23.05 -21.09 16.14
C ARG D 231 -23.16 -20.09 17.29
N ILE D 232 -22.28 -20.22 18.29
CA ILE D 232 -22.31 -19.32 19.44
C ILE D 232 -21.94 -17.90 19.02
N SER D 233 -20.86 -17.76 18.25
CA SER D 233 -20.50 -16.42 17.79
C SER D 233 -21.59 -15.84 16.90
N SER D 234 -22.24 -16.68 16.09
CA SER D 234 -23.29 -16.16 15.22
C SER D 234 -24.48 -15.66 16.03
N ILE D 235 -24.94 -16.42 17.03
CA ILE D 235 -26.06 -15.93 17.83
C ILE D 235 -25.62 -14.75 18.71
N ASN D 236 -24.36 -14.73 19.15
CA ASN D 236 -23.88 -13.57 19.90
C ASN D 236 -23.84 -12.31 19.03
N SER D 237 -23.45 -12.46 17.76
CA SER D 237 -23.49 -11.32 16.86
C SER D 237 -24.92 -10.80 16.72
N ILE D 238 -25.90 -11.70 16.65
CA ILE D 238 -27.29 -11.26 16.58
C ILE D 238 -27.73 -10.62 17.89
N SER D 239 -27.17 -11.06 19.03
CA SER D 239 -27.53 -10.43 20.30
C SER D 239 -27.17 -8.95 20.32
N ALA D 240 -26.03 -8.58 19.72
CA ALA D 240 -25.66 -7.17 19.66
C ALA D 240 -26.64 -6.39 18.79
N LEU D 241 -27.05 -6.98 17.67
CA LEU D 241 -28.04 -6.36 16.80
C LEU D 241 -29.39 -6.24 17.50
N CYS D 242 -29.77 -7.24 18.32
CA CYS D 242 -31.01 -7.16 19.07
C CYS D 242 -30.98 -5.99 20.06
N GLU D 243 -29.87 -5.85 20.78
CA GLU D 243 -29.72 -4.75 21.74
C GLU D 243 -29.87 -3.39 21.06
N ALA D 244 -29.38 -3.26 19.81
CA ALA D 244 -29.39 -1.99 19.12
C ALA D 244 -30.74 -1.64 18.49
N THR D 245 -31.66 -2.60 18.38
CA THR D 245 -32.90 -2.35 17.63
C THR D 245 -34.15 -2.71 18.42
N GLY D 246 -34.03 -3.09 19.69
CA GLY D 246 -35.19 -3.35 20.52
C GLY D 246 -35.79 -4.74 20.44
N ALA D 247 -35.07 -5.71 19.86
CA ALA D 247 -35.51 -7.09 19.82
C ALA D 247 -34.85 -7.91 20.93
N ASP D 248 -35.29 -9.15 21.09
CA ASP D 248 -34.82 -10.04 22.16
C ASP D 248 -34.19 -11.26 21.51
N VAL D 249 -32.89 -11.47 21.75
CA VAL D 249 -32.18 -12.55 21.07
C VAL D 249 -32.75 -13.92 21.43
N GLU D 250 -33.32 -14.06 22.64
CA GLU D 250 -33.91 -15.36 22.97
C GLU D 250 -35.13 -15.65 22.10
N GLU D 251 -35.94 -14.64 21.80
CA GLU D 251 -37.07 -14.85 20.90
C GLU D 251 -36.60 -15.06 19.47
N VAL D 252 -35.60 -14.29 19.02
CA VAL D 252 -35.06 -14.49 17.68
C VAL D 252 -34.43 -15.87 17.57
N ALA D 253 -33.69 -16.29 18.60
CA ALA D 253 -33.07 -17.61 18.60
C ALA D 253 -34.11 -18.71 18.49
N THR D 254 -35.24 -18.56 19.17
CA THR D 254 -36.31 -19.56 19.06
C THR D 254 -36.81 -19.67 17.64
N ALA D 255 -37.06 -18.53 16.98
CA ALA D 255 -37.53 -18.55 15.61
C ALA D 255 -36.49 -19.16 14.67
N ILE D 256 -35.22 -18.83 14.85
CA ILE D 256 -34.16 -19.44 14.04
C ILE D 256 -34.12 -20.95 14.24
N GLY D 257 -34.06 -21.38 15.50
CA GLY D 257 -33.80 -22.77 15.81
C GLY D 257 -34.91 -23.73 15.44
N MET D 258 -36.12 -23.20 15.18
CA MET D 258 -37.22 -24.05 14.76
C MET D 258 -37.08 -24.52 13.32
N ASP D 259 -36.19 -23.90 12.54
CA ASP D 259 -35.82 -24.46 11.24
C ASP D 259 -35.04 -25.75 11.47
N GLN D 260 -35.58 -26.88 11.00
CA GLN D 260 -34.91 -28.14 11.29
C GLN D 260 -33.57 -28.28 10.55
N ARG D 261 -33.32 -27.46 9.53
CA ARG D 261 -32.03 -27.47 8.88
C ARG D 261 -30.97 -26.74 9.68
N ILE D 262 -31.39 -25.84 10.57
CA ILE D 262 -30.45 -25.15 11.47
C ILE D 262 -30.31 -25.89 12.78
N GLY D 263 -31.41 -26.41 13.33
CA GLY D 263 -31.41 -27.02 14.64
C GLY D 263 -31.48 -25.99 15.74
N ASN D 264 -31.93 -26.42 16.92
CA ASN D 264 -32.20 -25.49 18.01
C ASN D 264 -31.17 -25.55 19.14
N LYS D 265 -30.05 -26.25 18.94
CA LYS D 265 -29.01 -26.34 19.95
C LYS D 265 -27.91 -25.31 19.70
N PHE D 266 -27.19 -24.96 20.77
CA PHE D 266 -26.03 -24.06 20.70
C PHE D 266 -26.41 -22.70 20.10
N LEU D 267 -27.59 -22.21 20.47
CA LEU D 267 -28.04 -20.87 20.12
C LEU D 267 -28.35 -20.05 21.36
N LYS D 268 -27.61 -20.28 22.45
CA LYS D 268 -27.83 -19.57 23.73
C LYS D 268 -26.77 -18.48 23.83
N ALA D 269 -27.17 -17.24 23.59
CA ALA D 269 -26.25 -16.12 23.65
C ALA D 269 -25.64 -15.99 25.04
N SER D 270 -24.43 -15.48 25.10
CA SER D 270 -23.68 -15.46 26.35
C SER D 270 -22.64 -14.36 26.28
N VAL D 271 -22.03 -14.08 27.44
CA VAL D 271 -20.90 -13.16 27.50
C VAL D 271 -19.75 -13.63 26.60
N GLY D 272 -19.67 -14.91 26.32
CA GLY D 272 -18.74 -15.45 25.34
C GLY D 272 -18.37 -16.87 25.71
N PHE D 273 -18.09 -17.68 24.69
CA PHE D 273 -17.71 -19.06 24.96
C PHE D 273 -16.30 -19.12 25.54
N GLY D 274 -16.09 -20.12 26.40
CA GLY D 274 -14.79 -20.41 26.97
C GLY D 274 -14.45 -21.89 26.85
N GLY D 275 -13.50 -22.34 27.66
CA GLY D 275 -13.08 -23.72 27.64
C GLY D 275 -11.79 -23.88 26.87
N SER D 276 -11.08 -24.98 27.18
CA SER D 276 -9.81 -25.28 26.54
C SER D 276 -9.97 -25.76 25.09
N CYS D 277 -11.17 -25.90 24.56
CA CYS D 277 -11.32 -26.43 23.22
C CYS D 277 -11.44 -25.34 22.16
N PHE D 278 -12.47 -24.50 22.23
CA PHE D 278 -12.93 -23.75 21.06
C PHE D 278 -11.90 -22.72 20.58
N GLN D 279 -11.42 -21.84 21.47
CA GLN D 279 -10.48 -20.82 21.01
C GLN D 279 -9.21 -21.46 20.48
N LYS D 280 -8.67 -22.43 21.21
CA LYS D 280 -7.50 -23.18 20.74
C LYS D 280 -7.76 -23.83 19.39
N ASP D 281 -8.96 -24.41 19.21
CA ASP D 281 -9.29 -25.08 17.96
C ASP D 281 -9.31 -24.10 16.80
N VAL D 282 -9.98 -22.96 16.97
CA VAL D 282 -10.05 -22.00 15.86
C VAL D 282 -8.68 -21.41 15.56
N LEU D 283 -7.90 -21.08 16.60
CA LEU D 283 -6.54 -20.58 16.40
C LEU D 283 -5.69 -21.56 15.60
N ASN D 284 -5.75 -22.86 15.93
CA ASN D 284 -4.95 -23.83 15.18
C ASN D 284 -5.49 -24.03 13.77
N LEU D 285 -6.82 -23.98 13.59
CA LEU D 285 -7.38 -24.09 12.25
C LEU D 285 -6.93 -22.93 11.37
N VAL D 286 -6.99 -21.70 11.91
CA VAL D 286 -6.55 -20.52 11.19
C VAL D 286 -5.06 -20.62 10.83
N TYR D 287 -4.22 -21.01 11.82
CA TYR D 287 -2.79 -21.15 11.56
C TYR D 287 -2.53 -22.21 10.51
N LEU D 288 -3.22 -23.35 10.62
CA LEU D 288 -3.08 -24.40 9.62
C LEU D 288 -3.42 -23.88 8.22
N CYS D 289 -4.52 -23.14 8.09
CA CYS D 289 -4.92 -22.62 6.79
C CYS D 289 -3.88 -21.65 6.24
N GLU D 290 -3.34 -20.77 7.09
CA GLU D 290 -2.29 -19.87 6.61
C GLU D 290 -1.08 -20.66 6.12
N ALA D 291 -0.70 -21.71 6.84
CA ALA D 291 0.46 -22.49 6.43
C ALA D 291 0.21 -23.23 5.11
N LEU D 292 -1.04 -23.56 4.82
CA LEU D 292 -1.40 -24.23 3.57
C LEU D 292 -1.70 -23.24 2.45
N ASN D 293 -1.39 -21.96 2.64
CA ASN D 293 -1.69 -20.92 1.65
C ASN D 293 -3.19 -20.88 1.33
N LEU D 294 -4.01 -20.92 2.37
CA LEU D 294 -5.45 -20.73 2.25
C LEU D 294 -5.88 -19.52 3.05
N PRO D 295 -5.44 -18.31 2.67
CA PRO D 295 -5.76 -17.14 3.49
C PRO D 295 -7.24 -16.82 3.56
N GLU D 296 -8.02 -17.13 2.51
CA GLU D 296 -9.47 -16.89 2.55
C GLU D 296 -10.14 -17.75 3.60
N VAL D 297 -9.75 -19.03 3.68
CA VAL D 297 -10.33 -19.91 4.71
C VAL D 297 -9.88 -19.44 6.09
N ALA D 298 -8.63 -19.02 6.21
CA ALA D 298 -8.11 -18.54 7.50
C ALA D 298 -8.92 -17.35 8.01
N ARG D 299 -9.14 -16.34 7.17
CA ARG D 299 -9.84 -15.16 7.69
C ARG D 299 -11.33 -15.43 7.90
N TYR D 300 -11.89 -16.41 7.19
CA TYR D 300 -13.27 -16.84 7.45
C TYR D 300 -13.44 -17.34 8.88
N TRP D 301 -12.56 -18.24 9.33
CA TRP D 301 -12.70 -18.82 10.66
C TRP D 301 -12.24 -17.87 11.77
N GLN D 302 -11.31 -16.96 11.46
CA GLN D 302 -10.84 -16.00 12.45
C GLN D 302 -11.99 -15.17 13.03
N GLN D 303 -13.05 -14.93 12.23
CA GLN D 303 -14.18 -14.14 12.70
C GLN D 303 -14.86 -14.79 13.91
N VAL D 304 -14.82 -16.12 14.02
CA VAL D 304 -15.43 -16.78 15.19
C VAL D 304 -14.78 -16.28 16.47
N ILE D 305 -13.46 -16.12 16.48
CA ILE D 305 -12.76 -15.61 17.67
C ILE D 305 -12.98 -14.12 17.81
N ASP D 306 -12.84 -13.35 16.72
CA ASP D 306 -12.99 -11.90 16.82
C ASP D 306 -14.36 -11.53 17.38
N MET D 307 -15.40 -12.24 16.94
CA MET D 307 -16.74 -11.96 17.45
C MET D 307 -16.83 -12.29 18.93
N ASN D 308 -16.22 -13.40 19.34
CA ASN D 308 -16.23 -13.78 20.76
C ASN D 308 -15.52 -12.72 21.60
N ASP D 309 -14.38 -12.20 21.13
CA ASP D 309 -13.67 -11.16 21.87
C ASP D 309 -14.50 -9.88 21.94
N TYR D 310 -15.18 -9.54 20.85
CA TYR D 310 -16.02 -8.36 20.83
C TYR D 310 -17.20 -8.50 21.79
N GLN D 311 -17.80 -9.69 21.84
CA GLN D 311 -18.93 -9.93 22.75
C GLN D 311 -18.52 -9.71 24.21
N ARG D 312 -17.35 -10.22 24.59
CA ARG D 312 -16.87 -10.00 25.96
C ARG D 312 -16.66 -8.51 26.23
N ARG D 313 -15.97 -7.81 25.32
CA ARG D 313 -15.70 -6.40 25.51
C ARG D 313 -16.98 -5.60 25.60
N ARG D 314 -17.95 -5.91 24.75
CA ARG D 314 -19.20 -5.15 24.75
C ARG D 314 -19.92 -5.32 26.07
N PHE D 315 -19.90 -6.54 26.62
CA PHE D 315 -20.56 -6.79 27.89
C PHE D 315 -19.90 -6.01 29.01
N ALA D 316 -18.56 -6.04 29.08
CA ALA D 316 -17.84 -5.34 30.14
C ALA D 316 -18.07 -3.83 30.10
N SER D 317 -18.03 -3.24 28.90
CA SER D 317 -18.19 -1.80 28.83
C SER D 317 -19.64 -1.38 29.06
N ARG D 318 -20.60 -2.27 28.76
CA ARG D 318 -21.98 -2.03 29.15
C ARG D 318 -22.13 -1.97 30.66
N ILE D 319 -21.40 -2.83 31.38
CA ILE D 319 -21.43 -2.81 32.85
C ILE D 319 -20.97 -1.46 33.36
N ILE D 320 -19.84 -0.96 32.84
CA ILE D 320 -19.29 0.31 33.31
C ILE D 320 -20.22 1.46 32.94
N ASP D 321 -20.80 1.44 31.74
CA ASP D 321 -21.70 2.52 31.33
C ASP D 321 -22.93 2.58 32.24
N SER D 322 -23.54 1.42 32.52
CA SER D 322 -24.72 1.41 33.38
C SER D 322 -24.40 1.87 34.80
N LEU D 323 -23.20 1.58 35.29
CA LEU D 323 -22.76 2.07 36.60
C LEU D 323 -22.16 3.45 36.51
N PHE D 324 -22.79 4.31 35.71
CA PHE D 324 -22.49 5.74 35.68
C PHE D 324 -21.03 6.01 35.32
N ASN D 325 -20.48 5.17 34.44
CA ASN D 325 -19.20 5.37 33.77
C ASN D 325 -18.00 5.22 34.71
N THR D 326 -18.18 4.62 35.88
CA THR D 326 -17.08 4.51 36.84
C THR D 326 -17.35 3.37 37.80
N VAL D 327 -16.32 2.53 37.99
CA VAL D 327 -16.41 1.41 38.91
C VAL D 327 -15.30 1.46 39.96
N THR D 328 -14.51 2.53 39.97
CA THR D 328 -13.46 2.70 40.96
C THR D 328 -14.05 2.64 42.36
N ASP D 329 -13.50 1.75 43.19
CA ASP D 329 -13.86 1.56 44.59
C ASP D 329 -15.28 1.05 44.77
N LYS D 330 -15.94 0.61 43.70
CA LYS D 330 -17.25 -0.01 43.78
C LYS D 330 -17.12 -1.52 43.97
N LYS D 331 -17.87 -2.06 44.92
CA LYS D 331 -17.93 -3.50 45.11
C LYS D 331 -18.85 -4.13 44.07
N ILE D 332 -18.38 -5.20 43.42
CA ILE D 332 -19.16 -5.94 42.43
C ILE D 332 -19.03 -7.42 42.70
N ALA D 333 -20.18 -8.10 42.80
CA ALA D 333 -20.20 -9.55 42.99
C ALA D 333 -20.13 -10.23 41.62
N ILE D 334 -19.22 -11.19 41.51
CA ILE D 334 -19.12 -12.04 40.33
C ILE D 334 -19.69 -13.40 40.70
N LEU D 335 -20.84 -13.74 40.12
CA LEU D 335 -21.48 -15.03 40.37
C LEU D 335 -21.16 -15.93 39.18
N GLY D 336 -20.26 -16.90 39.41
CA GLY D 336 -19.86 -17.79 38.35
C GLY D 336 -18.48 -17.48 37.82
N PHE D 337 -17.56 -18.43 37.98
CA PHE D 337 -16.22 -18.31 37.42
C PHE D 337 -15.85 -19.45 36.47
N ALA D 338 -16.50 -20.61 36.57
CA ALA D 338 -16.25 -21.72 35.66
C ALA D 338 -16.67 -21.33 34.23
N PHE D 339 -16.09 -22.01 33.23
CA PHE D 339 -16.37 -21.57 31.87
C PHE D 339 -17.77 -21.98 31.41
N LYS D 340 -18.44 -22.86 32.15
CA LYS D 340 -19.83 -23.25 31.94
C LYS D 340 -20.29 -23.90 33.23
N LYS D 341 -21.58 -24.23 33.30
CA LYS D 341 -22.06 -24.81 34.54
C LYS D 341 -21.61 -26.26 34.67
N ASP D 342 -21.65 -26.76 35.91
CA ASP D 342 -21.42 -28.16 36.28
C ASP D 342 -19.99 -28.61 36.04
N THR D 343 -19.04 -27.67 36.15
CA THR D 343 -17.63 -28.01 36.14
C THR D 343 -16.88 -27.03 37.04
N GLY D 344 -15.72 -27.47 37.53
CA GLY D 344 -14.80 -26.59 38.20
C GLY D 344 -13.72 -26.02 37.30
N ASP D 345 -13.77 -26.35 36.02
CA ASP D 345 -12.77 -25.93 35.04
C ASP D 345 -12.96 -24.45 34.69
N THR D 346 -11.86 -23.67 34.69
CA THR D 346 -11.91 -22.26 34.34
C THR D 346 -11.17 -21.91 33.05
N ARG D 347 -10.62 -22.88 32.34
CA ARG D 347 -9.77 -22.58 31.19
C ARG D 347 -10.52 -21.73 30.17
N GLU D 348 -9.94 -20.56 29.85
CA GLU D 348 -10.50 -19.57 28.92
C GLU D 348 -11.90 -19.09 29.31
N SER D 349 -12.27 -19.21 30.58
CA SER D 349 -13.57 -18.74 31.03
C SER D 349 -13.73 -17.25 30.79
N SER D 350 -14.90 -16.86 30.26
CA SER D 350 -15.19 -15.43 30.09
C SER D 350 -15.19 -14.69 31.42
N SER D 351 -15.45 -15.40 32.53
CA SER D 351 -15.40 -14.76 33.84
C SER D 351 -14.02 -14.17 34.13
N ILE D 352 -12.97 -14.83 33.65
CA ILE D 352 -11.62 -14.29 33.81
C ILE D 352 -11.50 -12.94 33.12
N TYR D 353 -11.98 -12.87 31.88
CA TYR D 353 -11.85 -11.65 31.10
C TYR D 353 -12.71 -10.53 31.68
N ILE D 354 -13.97 -10.81 32.05
CA ILE D 354 -14.80 -9.77 32.66
C ILE D 354 -14.18 -9.28 33.96
N SER D 355 -13.73 -10.23 34.80
CA SER D 355 -13.12 -9.85 36.07
C SER D 355 -11.90 -8.96 35.86
N LYS D 356 -11.03 -9.32 34.90
CA LYS D 356 -9.84 -8.51 34.67
C LYS D 356 -10.19 -7.13 34.11
N TYR D 357 -11.19 -7.04 33.25
CA TYR D 357 -11.59 -5.72 32.76
C TYR D 357 -12.05 -4.83 33.90
N LEU D 358 -12.81 -5.39 34.84
CA LEU D 358 -13.32 -4.58 35.95
C LEU D 358 -12.19 -4.22 36.93
N MET D 359 -11.24 -5.14 37.15
CA MET D 359 -10.09 -4.83 38.00
C MET D 359 -9.24 -3.72 37.42
N ASP D 360 -9.02 -3.74 36.10
CA ASP D 360 -8.27 -2.66 35.45
C ASP D 360 -9.00 -1.33 35.55
N GLU D 361 -10.30 -1.33 35.83
CA GLU D 361 -11.06 -0.10 36.07
C GLU D 361 -11.19 0.18 37.56
N GLY D 362 -10.54 -0.60 38.42
CA GLY D 362 -10.53 -0.35 39.86
C GLY D 362 -11.66 -0.94 40.66
N ALA D 363 -12.42 -1.88 40.10
CA ALA D 363 -13.51 -2.49 40.85
C ALA D 363 -12.99 -3.41 41.96
N HIS D 364 -13.75 -3.51 43.04
CA HIS D 364 -13.52 -4.47 44.12
C HIS D 364 -14.42 -5.66 43.87
N LEU D 365 -13.85 -6.77 43.38
CA LEU D 365 -14.64 -7.93 43.01
C LEU D 365 -14.80 -8.91 44.18
N HIS D 366 -16.01 -9.40 44.36
CA HIS D 366 -16.29 -10.52 45.26
C HIS D 366 -16.83 -11.66 44.42
N ILE D 367 -16.07 -12.75 44.34
CA ILE D 367 -16.30 -13.81 43.37
C ILE D 367 -16.83 -15.04 44.09
N TYR D 368 -17.94 -15.58 43.60
CA TYR D 368 -18.47 -16.83 44.12
C TYR D 368 -18.66 -17.81 42.97
N ASP D 369 -18.22 -19.05 43.19
CA ASP D 369 -18.50 -20.15 42.29
C ASP D 369 -18.66 -21.40 43.14
N PRO D 370 -19.68 -22.22 42.88
CA PRO D 370 -19.90 -23.40 43.74
C PRO D 370 -18.83 -24.49 43.62
N LYS D 371 -18.05 -24.51 42.54
CA LYS D 371 -17.10 -25.61 42.33
C LYS D 371 -15.67 -25.20 42.01
N VAL D 372 -15.42 -24.01 41.48
CA VAL D 372 -14.05 -23.64 41.16
C VAL D 372 -13.26 -23.44 42.45
N PRO D 373 -12.10 -24.09 42.62
CA PRO D 373 -11.34 -23.91 43.86
C PRO D 373 -10.84 -22.49 44.03
N ARG D 374 -10.84 -22.03 45.28
CA ARG D 374 -10.40 -20.67 45.59
C ARG D 374 -9.05 -20.33 44.98
N GLU D 375 -8.09 -21.25 45.05
CA GLU D 375 -6.73 -20.98 44.59
C GLU D 375 -6.64 -20.85 43.07
N GLN D 376 -7.52 -21.53 42.34
CA GLN D 376 -7.53 -21.39 40.89
C GLN D 376 -7.94 -19.99 40.48
N ILE D 377 -8.92 -19.42 41.17
CA ILE D 377 -9.36 -18.06 40.87
C ILE D 377 -8.23 -17.06 41.10
N VAL D 378 -7.48 -17.22 42.19
CA VAL D 378 -6.33 -16.33 42.45
C VAL D 378 -5.31 -16.45 41.32
N VAL D 379 -4.99 -17.68 40.91
CA VAL D 379 -4.04 -17.87 39.81
C VAL D 379 -4.55 -17.24 38.52
N ASP D 380 -5.84 -17.48 38.19
CA ASP D 380 -6.38 -16.99 36.91
C ASP D 380 -6.36 -15.47 36.83
N LEU D 381 -6.52 -14.78 37.96
CA LEU D 381 -6.59 -13.33 37.96
C LEU D 381 -5.23 -12.66 38.20
N SER D 382 -4.18 -13.43 38.44
CA SER D 382 -2.85 -12.87 38.70
C SER D 382 -2.05 -12.60 37.43
N ASP D 390 -0.64 -8.99 43.06
CA ASP D 390 -0.70 -7.74 43.80
C ASP D 390 -2.00 -6.97 43.57
N GLN D 391 -2.42 -6.88 42.30
CA GLN D 391 -3.73 -6.31 42.00
C GLN D 391 -4.84 -7.17 42.59
N VAL D 392 -4.65 -8.50 42.53
CA VAL D 392 -5.61 -9.41 43.15
C VAL D 392 -5.67 -9.17 44.65
N SER D 393 -4.51 -8.94 45.28
CA SER D 393 -4.50 -8.70 46.72
C SER D 393 -5.37 -7.50 47.08
N ARG D 394 -5.27 -6.42 46.30
CA ARG D 394 -6.03 -5.21 46.63
C ARG D 394 -7.51 -5.34 46.29
N LEU D 395 -7.85 -6.01 45.19
CA LEU D 395 -9.16 -5.84 44.61
C LEU D 395 -10.07 -7.06 44.69
N VAL D 396 -9.53 -8.26 44.90
CA VAL D 396 -10.29 -9.49 44.71
C VAL D 396 -10.55 -10.13 46.06
N THR D 397 -11.81 -10.44 46.32
CA THR D 397 -12.21 -11.27 47.44
C THR D 397 -12.94 -12.50 46.89
N ILE D 398 -12.62 -13.66 47.45
CA ILE D 398 -13.30 -14.90 47.07
C ILE D 398 -14.28 -15.26 48.18
N SER D 399 -15.55 -15.23 47.85
CA SER D 399 -16.63 -15.39 48.80
C SER D 399 -16.98 -16.86 48.94
N LYS D 400 -17.43 -17.23 50.12
CA LYS D 400 -17.80 -18.60 50.43
C LYS D 400 -19.23 -18.93 50.01
N ASP D 401 -20.08 -17.92 49.86
CA ASP D 401 -21.45 -18.11 49.42
C ASP D 401 -21.90 -16.86 48.68
N PRO D 402 -22.93 -16.97 47.85
CA PRO D 402 -23.31 -15.81 47.01
C PRO D 402 -23.95 -14.65 47.78
N TYR D 403 -24.56 -14.90 48.93
CA TYR D 403 -25.14 -13.78 49.68
C TYR D 403 -24.05 -12.92 50.28
N GLU D 404 -22.93 -13.52 50.67
CA GLU D 404 -21.78 -12.74 51.14
C GLU D 404 -21.18 -11.92 49.99
N ALA D 405 -21.14 -12.49 48.78
CA ALA D 405 -20.60 -11.76 47.65
C ALA D 405 -21.45 -10.54 47.31
N CYS D 406 -22.76 -10.65 47.47
CA CYS D 406 -23.68 -9.56 47.14
C CYS D 406 -23.89 -8.56 48.28
N ASP D 407 -23.39 -8.87 49.47
CA ASP D 407 -23.62 -8.00 50.64
C ASP D 407 -22.90 -6.68 50.43
N GLY D 408 -23.67 -5.59 50.31
CA GLY D 408 -23.10 -4.28 50.07
C GLY D 408 -22.62 -4.03 48.66
N ALA D 409 -23.00 -4.86 47.69
CA ALA D 409 -22.53 -4.69 46.33
C ALA D 409 -23.31 -3.60 45.60
N HIS D 410 -22.64 -2.94 44.66
CA HIS D 410 -23.33 -2.04 43.74
C HIS D 410 -24.02 -2.81 42.61
N ALA D 411 -23.45 -3.94 42.22
CA ALA D 411 -23.90 -4.68 41.07
C ALA D 411 -23.55 -6.16 41.23
N VAL D 412 -24.38 -7.01 40.64
CA VAL D 412 -24.17 -8.46 40.55
C VAL D 412 -24.02 -8.83 39.09
N VAL D 413 -22.91 -9.48 38.73
CA VAL D 413 -22.62 -9.88 37.36
C VAL D 413 -22.64 -11.40 37.27
N ILE D 414 -23.61 -11.96 36.56
CA ILE D 414 -23.73 -13.40 36.40
C ILE D 414 -23.00 -13.81 35.13
N CYS D 415 -21.92 -14.56 35.30
CA CYS D 415 -21.09 -15.00 34.17
C CYS D 415 -21.20 -16.49 33.84
N THR D 416 -21.72 -17.31 34.74
CA THR D 416 -21.82 -18.75 34.53
C THR D 416 -23.23 -19.20 34.88
N GLU D 417 -23.79 -20.07 34.06
CA GLU D 417 -25.22 -20.39 34.14
C GLU D 417 -25.55 -21.49 35.15
N TRP D 418 -24.91 -21.47 36.32
CA TRP D 418 -25.22 -22.42 37.38
C TRP D 418 -26.71 -22.35 37.74
N ASP D 419 -27.37 -23.51 37.81
CA ASP D 419 -28.81 -23.53 38.07
C ASP D 419 -29.18 -22.91 39.42
N MET D 420 -28.26 -22.96 40.39
CA MET D 420 -28.57 -22.39 41.70
C MET D 420 -28.78 -20.89 41.63
N PHE D 421 -28.27 -20.21 40.59
CA PHE D 421 -28.40 -18.76 40.54
C PHE D 421 -29.85 -18.34 40.26
N LYS D 422 -30.63 -19.20 39.62
CA LYS D 422 -32.06 -18.91 39.43
C LYS D 422 -32.83 -18.99 40.75
N GLU D 423 -32.30 -19.68 41.76
CA GLU D 423 -33.05 -20.01 42.95
C GLU D 423 -32.64 -19.19 44.16
N LEU D 424 -31.78 -18.19 44.00
CA LEU D 424 -31.36 -17.39 45.13
C LEU D 424 -32.52 -16.56 45.67
N ASP D 425 -32.39 -16.18 46.94
CA ASP D 425 -33.37 -15.31 47.62
C ASP D 425 -33.01 -13.88 47.21
N TYR D 426 -33.58 -13.44 46.08
CA TYR D 426 -33.21 -12.14 45.55
C TYR D 426 -33.81 -11.01 46.36
N GLU D 427 -34.87 -11.30 47.12
CA GLU D 427 -35.41 -10.32 48.07
C GLU D 427 -34.37 -10.01 49.14
N ARG D 428 -33.75 -11.04 49.71
CA ARG D 428 -32.68 -10.85 50.69
C ARG D 428 -31.49 -10.14 50.06
N ILE D 429 -31.14 -10.50 48.83
CA ILE D 429 -30.01 -9.85 48.15
C ILE D 429 -30.27 -8.36 47.99
N HIS D 430 -31.48 -8.00 47.57
CA HIS D 430 -31.80 -6.60 47.34
C HIS D 430 -31.68 -5.77 48.60
N LYS D 431 -32.14 -6.32 49.74
CA LYS D 431 -32.10 -5.55 51.00
C LYS D 431 -30.68 -5.11 51.34
N LYS D 432 -29.69 -5.97 51.10
CA LYS D 432 -28.32 -5.69 51.49
C LYS D 432 -27.47 -5.07 50.39
N MET D 433 -28.02 -4.88 49.20
CA MET D 433 -27.26 -4.23 48.13
C MET D 433 -27.36 -2.72 48.24
N LEU D 434 -26.37 -2.04 47.66
CA LEU D 434 -26.44 -0.60 47.51
C LEU D 434 -27.44 -0.25 46.42
N LYS D 435 -28.07 0.92 46.55
CA LYS D 435 -29.11 1.32 45.61
C LYS D 435 -28.67 2.51 44.77
N PRO D 436 -29.01 2.53 43.47
CA PRO D 436 -29.79 1.54 42.71
C PRO D 436 -29.01 0.24 42.53
N ALA D 437 -29.68 -0.89 42.68
CA ALA D 437 -29.05 -2.21 42.64
C ALA D 437 -29.19 -2.79 41.24
N PHE D 438 -28.06 -3.13 40.63
CA PHE D 438 -28.01 -3.65 39.27
C PHE D 438 -27.72 -5.14 39.27
N ILE D 439 -28.36 -5.86 38.33
CA ILE D 439 -27.99 -7.21 37.96
C ILE D 439 -27.63 -7.22 36.48
N PHE D 440 -26.43 -7.71 36.15
CA PHE D 440 -25.98 -7.87 34.77
C PHE D 440 -25.96 -9.37 34.46
N ASP D 441 -26.97 -9.83 33.72
CA ASP D 441 -27.16 -11.25 33.45
C ASP D 441 -26.44 -11.59 32.15
N GLY D 442 -25.23 -12.14 32.25
CA GLY D 442 -24.48 -12.54 31.08
C GLY D 442 -24.83 -13.89 30.50
N ARG D 443 -25.87 -14.54 31.03
CA ARG D 443 -26.22 -15.89 30.60
C ARG D 443 -27.70 -16.09 30.30
N ARG D 444 -28.53 -15.06 30.43
CA ARG D 444 -29.99 -15.20 30.29
C ARG D 444 -30.58 -16.17 31.31
N VAL D 445 -29.91 -16.38 32.46
CA VAL D 445 -30.42 -17.37 33.41
C VAL D 445 -31.58 -16.84 34.22
N LEU D 446 -31.76 -15.51 34.29
CA LEU D 446 -32.83 -14.91 35.06
C LEU D 446 -34.03 -14.50 34.21
N ASP D 447 -34.09 -14.95 32.96
CA ASP D 447 -35.26 -14.68 32.13
C ASP D 447 -36.51 -15.19 32.83
N GLY D 448 -37.62 -14.46 32.68
CA GLY D 448 -38.85 -14.82 33.33
C GLY D 448 -38.96 -14.43 34.78
N LEU D 449 -37.83 -14.20 35.46
CA LEU D 449 -37.81 -13.55 36.76
C LEU D 449 -37.77 -12.04 36.63
N HIS D 450 -37.75 -11.51 35.40
CA HIS D 450 -37.56 -10.08 35.21
C HIS D 450 -38.67 -9.28 35.88
N ASN D 451 -39.91 -9.77 35.80
CA ASN D 451 -41.02 -9.07 36.43
C ASN D 451 -40.83 -9.01 37.95
N GLU D 452 -40.56 -10.16 38.58
CA GLU D 452 -40.39 -10.19 40.02
C GLU D 452 -39.14 -9.40 40.45
N LEU D 453 -38.03 -9.56 39.73
CA LEU D 453 -36.82 -8.81 40.09
C LEU D 453 -37.02 -7.31 39.92
N GLN D 454 -37.76 -6.90 38.89
CA GLN D 454 -38.07 -5.48 38.74
C GLN D 454 -39.00 -5.01 39.84
N THR D 455 -39.99 -5.84 40.20
CA THR D 455 -40.88 -5.49 41.31
C THR D 455 -40.09 -5.31 42.61
N ILE D 456 -39.11 -6.19 42.85
CA ILE D 456 -38.26 -6.04 44.03
C ILE D 456 -37.49 -4.72 43.97
N GLY D 457 -37.09 -4.31 42.77
CA GLY D 457 -36.45 -3.01 42.61
C GLY D 457 -35.13 -3.01 41.88
N PHE D 458 -34.73 -4.16 41.35
CA PHE D 458 -33.48 -4.28 40.62
C PHE D 458 -33.53 -3.58 39.28
N GLN D 459 -32.38 -3.08 38.85
CA GLN D 459 -32.11 -2.74 37.46
C GLN D 459 -31.45 -3.94 36.79
N ILE D 460 -32.16 -4.57 35.86
CA ILE D 460 -31.68 -5.77 35.19
C ILE D 460 -31.18 -5.40 33.79
N GLU D 461 -29.94 -5.77 33.50
CA GLU D 461 -29.39 -5.68 32.16
C GLU D 461 -28.99 -7.07 31.71
N THR D 462 -29.40 -7.46 30.53
CA THR D 462 -29.09 -8.79 30.05
C THR D 462 -28.62 -8.70 28.60
N ILE D 463 -27.80 -9.68 28.22
CA ILE D 463 -27.27 -9.75 26.87
C ILE D 463 -28.41 -10.01 25.90
N GLY D 464 -28.40 -9.32 24.77
CA GLY D 464 -29.38 -9.57 23.73
C GLY D 464 -30.74 -8.98 23.98
N LYS D 465 -30.85 -8.04 24.92
CA LYS D 465 -32.07 -7.30 25.19
C LYS D 465 -31.66 -5.90 25.64
N LYS D 466 -32.38 -4.89 25.15
CA LYS D 466 -31.97 -3.49 25.33
C LYS D 466 -32.02 -3.08 26.80
N PHE E 3 23.43 52.02 -26.71
CA PHE E 3 22.51 51.56 -27.75
C PHE E 3 21.08 52.05 -27.50
N GLU E 4 20.48 52.67 -28.50
CA GLU E 4 19.13 53.20 -28.41
C GLU E 4 18.17 52.36 -29.25
N ILE E 5 17.11 51.85 -28.63
CA ILE E 5 16.07 51.13 -29.36
C ILE E 5 15.21 52.13 -30.10
N LYS E 6 15.13 51.99 -31.42
CA LYS E 6 14.34 52.89 -32.25
C LYS E 6 13.17 52.21 -32.98
N LYS E 7 13.22 50.91 -33.17
CA LYS E 7 12.14 50.17 -33.82
C LYS E 7 11.85 48.93 -32.99
N ILE E 8 10.58 48.74 -32.64
CA ILE E 8 10.14 47.60 -31.85
C ILE E 8 9.16 46.79 -32.69
N CYS E 9 9.35 45.48 -32.70
CA CYS E 9 8.40 44.54 -33.25
C CYS E 9 7.89 43.66 -32.11
N CYS E 10 6.58 43.46 -32.04
CA CYS E 10 5.99 42.54 -31.06
C CYS E 10 5.27 41.44 -31.80
N ILE E 11 5.73 40.20 -31.62
CA ILE E 11 5.07 39.03 -32.20
C ILE E 11 4.00 38.59 -31.21
N GLY E 12 2.75 38.77 -31.58
CA GLY E 12 1.65 38.42 -30.69
C GLY E 12 0.85 39.65 -30.35
N ALA E 13 -0.34 39.76 -30.95
CA ALA E 13 -1.20 40.92 -30.76
C ALA E 13 -2.39 40.59 -29.86
N GLY E 14 -2.13 39.98 -28.71
CA GLY E 14 -3.17 39.53 -27.82
C GLY E 14 -3.41 40.48 -26.65
N TYR E 15 -3.95 39.92 -25.57
CA TYR E 15 -4.22 40.70 -24.37
C TYR E 15 -2.93 41.26 -23.76
N VAL E 16 -1.80 40.61 -24.01
CA VAL E 16 -0.51 41.09 -23.54
C VAL E 16 0.13 42.01 -24.59
N GLY E 17 0.32 41.49 -25.80
CA GLY E 17 1.10 42.22 -26.80
C GLY E 17 0.48 43.53 -27.25
N GLY E 18 -0.82 43.52 -27.50
CA GLY E 18 -1.52 44.69 -27.99
C GLY E 18 -1.47 45.89 -27.05
N PRO E 19 -2.00 45.73 -25.84
CA PRO E 19 -1.98 46.86 -24.89
C PRO E 19 -0.57 47.31 -24.51
N THR E 20 0.36 46.38 -24.29
CA THR E 20 1.71 46.76 -23.85
C THR E 20 2.39 47.64 -24.90
N CYS E 21 2.33 47.21 -26.16
CA CYS E 21 2.94 47.98 -27.23
C CYS E 21 2.21 49.29 -27.48
N SER E 22 0.88 49.31 -27.31
CA SER E 22 0.14 50.56 -27.47
C SER E 22 0.60 51.58 -26.44
N VAL E 23 0.84 51.15 -25.21
CA VAL E 23 1.30 52.09 -24.19
C VAL E 23 2.74 52.49 -24.48
N ILE E 24 3.59 51.54 -24.90
CA ILE E 24 4.96 51.89 -25.26
C ILE E 24 4.95 52.97 -26.34
N ALA E 25 4.15 52.75 -27.38
CA ALA E 25 4.05 53.75 -28.44
C ALA E 25 3.56 55.08 -27.89
N HIS E 26 2.58 55.06 -26.99
CA HIS E 26 2.05 56.30 -26.44
C HIS E 26 3.12 57.07 -25.68
N MET E 27 3.94 56.37 -24.90
CA MET E 27 4.93 57.01 -24.04
C MET E 27 6.26 57.30 -24.72
N CYS E 28 6.52 56.70 -25.89
CA CYS E 28 7.81 56.83 -26.58
C CYS E 28 7.55 57.23 -28.02
N PRO E 29 7.25 58.51 -28.28
CA PRO E 29 6.90 58.93 -29.64
C PRO E 29 8.00 58.71 -30.66
N GLU E 30 9.26 58.66 -30.23
CA GLU E 30 10.37 58.51 -31.16
C GLU E 30 10.60 57.05 -31.57
N ILE E 31 9.84 56.11 -31.02
CA ILE E 31 10.01 54.69 -31.30
C ILE E 31 8.88 54.22 -32.21
N ARG E 32 9.24 53.52 -33.29
CA ARG E 32 8.25 52.90 -34.16
C ARG E 32 7.93 51.52 -33.60
N VAL E 33 6.65 51.28 -33.31
CA VAL E 33 6.19 50.06 -32.67
C VAL E 33 5.26 49.35 -33.65
N THR E 34 5.65 48.14 -34.06
CA THR E 34 4.85 47.35 -34.98
C THR E 34 4.46 46.04 -34.29
N VAL E 35 3.16 45.84 -34.10
CA VAL E 35 2.62 44.62 -33.51
C VAL E 35 2.18 43.72 -34.66
N VAL E 36 2.64 42.45 -34.63
CA VAL E 36 2.35 41.51 -35.72
C VAL E 36 1.72 40.25 -35.14
N ASP E 37 1.03 39.52 -36.00
CA ASP E 37 0.27 38.35 -35.59
C ASP E 37 -0.04 37.54 -36.85
N VAL E 38 -0.13 36.22 -36.68
CA VAL E 38 -0.60 35.39 -37.79
C VAL E 38 -2.09 35.55 -38.01
N ASN E 39 -2.83 35.99 -37.01
CA ASN E 39 -4.29 36.08 -37.10
C ASN E 39 -4.67 37.36 -37.83
N GLU E 40 -5.06 37.23 -39.10
CA GLU E 40 -5.33 38.40 -39.94
C GLU E 40 -6.56 39.18 -39.48
N SER E 41 -7.63 38.47 -39.09
CA SER E 41 -8.83 39.19 -38.64
C SER E 41 -8.57 39.91 -37.31
N ARG E 42 -7.69 39.36 -36.47
CA ARG E 42 -7.31 40.08 -35.28
C ARG E 42 -6.54 41.35 -35.63
N ILE E 43 -5.60 41.25 -36.56
CA ILE E 43 -4.85 42.43 -37.01
C ILE E 43 -5.79 43.47 -37.62
N ASN E 44 -6.72 43.02 -38.47
CA ASN E 44 -7.68 43.95 -39.05
C ASN E 44 -8.50 44.66 -37.97
N ALA E 45 -8.88 43.94 -36.92
CA ALA E 45 -9.65 44.59 -35.85
C ALA E 45 -8.82 45.64 -35.11
N TRP E 46 -7.54 45.35 -34.83
CA TRP E 46 -6.69 46.36 -34.20
C TRP E 46 -6.61 47.64 -35.04
N ASN E 47 -6.74 47.52 -36.35
CA ASN E 47 -6.70 48.66 -37.26
C ASN E 47 -8.08 49.26 -37.52
N SER E 48 -9.11 48.83 -36.79
CA SER E 48 -10.48 49.23 -37.04
C SER E 48 -11.01 50.08 -35.89
N PRO E 49 -12.22 50.63 -36.02
CA PRO E 49 -12.80 51.37 -34.89
C PRO E 49 -13.26 50.48 -33.73
N THR E 50 -13.29 49.17 -33.91
CA THR E 50 -13.74 48.23 -32.87
C THR E 50 -12.61 47.26 -32.59
N LEU E 51 -11.89 47.50 -31.49
CA LEU E 51 -10.73 46.69 -31.13
C LEU E 51 -11.12 45.25 -30.82
N PRO E 52 -10.20 44.29 -31.02
CA PRO E 52 -10.55 42.88 -30.84
C PRO E 52 -10.67 42.43 -29.39
N ILE E 53 -10.24 43.25 -28.44
CA ILE E 53 -10.39 42.97 -27.02
C ILE E 53 -11.00 44.21 -26.38
N TYR E 54 -11.63 44.01 -25.23
CA TYR E 54 -12.18 45.12 -24.46
C TYR E 54 -11.31 45.41 -23.24
N GLU E 55 -10.70 46.60 -23.23
CA GLU E 55 -9.93 47.09 -22.10
C GLU E 55 -10.30 48.55 -21.92
N PRO E 56 -10.78 48.96 -20.75
CA PRO E 56 -11.09 50.39 -20.54
C PRO E 56 -9.88 51.25 -20.87
N GLY E 57 -10.12 52.31 -21.64
CA GLY E 57 -9.09 53.26 -22.01
C GLY E 57 -8.19 52.84 -23.15
N LEU E 58 -8.26 51.58 -23.60
CA LEU E 58 -7.35 51.11 -24.64
C LEU E 58 -7.64 51.78 -25.98
N LYS E 59 -8.93 51.91 -26.32
CA LYS E 59 -9.32 52.56 -27.58
C LYS E 59 -8.69 53.94 -27.71
N GLU E 60 -8.73 54.72 -26.62
CA GLU E 60 -8.16 56.05 -26.63
C GLU E 60 -6.65 56.00 -26.81
N VAL E 61 -5.97 55.06 -26.16
CA VAL E 61 -4.53 54.96 -26.31
C VAL E 61 -4.16 54.59 -27.74
N VAL E 62 -4.81 53.56 -28.29
CA VAL E 62 -4.49 53.10 -29.64
C VAL E 62 -4.73 54.21 -30.66
N GLU E 63 -5.86 54.92 -30.56
CA GLU E 63 -6.18 55.89 -31.59
C GLU E 63 -5.29 57.13 -31.52
N SER E 64 -4.64 57.40 -30.39
CA SER E 64 -3.69 58.51 -30.35
C SER E 64 -2.36 58.17 -31.02
N CYS E 65 -2.09 56.88 -31.25
CA CYS E 65 -0.81 56.40 -31.80
C CYS E 65 -0.92 55.72 -33.15
N ARG E 66 -2.02 55.05 -33.44
CA ARG E 66 -2.06 54.17 -34.60
C ARG E 66 -1.85 54.95 -35.89
N GLY E 67 -0.92 54.49 -36.72
CA GLY E 67 -0.56 55.20 -37.93
C GLY E 67 0.47 56.30 -37.75
N LYS E 68 0.79 56.67 -36.51
CA LYS E 68 1.84 57.65 -36.25
C LYS E 68 3.14 56.92 -35.93
N ASN E 69 3.17 56.22 -34.79
CA ASN E 69 4.29 55.36 -34.45
C ASN E 69 3.83 53.99 -33.94
N LEU E 70 2.54 53.66 -34.08
CA LEU E 70 2.02 52.35 -33.70
C LEU E 70 1.35 51.72 -34.91
N PHE E 71 1.76 50.50 -35.26
CA PHE E 71 1.25 49.83 -36.45
C PHE E 71 0.90 48.38 -36.11
N PHE E 72 -0.14 47.89 -36.77
CA PHE E 72 -0.56 46.50 -36.66
C PHE E 72 -0.51 45.88 -38.04
N SER E 73 0.17 44.74 -38.17
CA SER E 73 0.45 44.18 -39.49
C SER E 73 0.51 42.67 -39.42
N THR E 74 0.20 42.03 -40.55
CA THR E 74 0.44 40.61 -40.73
C THR E 74 1.81 40.33 -41.33
N ASN E 75 2.58 41.35 -41.70
CA ASN E 75 3.91 41.17 -42.29
C ASN E 75 4.92 40.95 -41.16
N ILE E 76 4.95 39.72 -40.67
CA ILE E 76 5.83 39.35 -39.56
C ILE E 76 7.30 39.47 -39.97
N ASP E 77 7.63 39.01 -41.17
CA ASP E 77 9.02 38.91 -41.59
C ASP E 77 9.69 40.27 -41.65
N ASP E 78 9.02 41.26 -42.27
CA ASP E 78 9.66 42.57 -42.44
C ASP E 78 9.71 43.35 -41.12
N ALA E 79 8.73 43.15 -40.24
CA ALA E 79 8.81 43.81 -38.93
C ALA E 79 10.00 43.31 -38.12
N ILE E 80 10.27 42.00 -38.14
CA ILE E 80 11.44 41.45 -37.46
C ILE E 80 12.72 42.01 -38.07
N LYS E 81 12.80 41.98 -39.40
CA LYS E 81 14.03 42.33 -40.10
C LYS E 81 14.51 43.72 -39.70
N GLU E 82 13.58 44.65 -39.53
CA GLU E 82 13.90 46.05 -39.23
C GLU E 82 14.01 46.35 -37.74
N ALA E 83 13.55 45.46 -36.86
CA ALA E 83 13.44 45.79 -35.44
C ALA E 83 14.81 45.81 -34.75
N ASP E 84 14.97 46.76 -33.83
CA ASP E 84 16.06 46.68 -32.86
C ASP E 84 15.69 45.74 -31.71
N LEU E 85 14.43 45.75 -31.30
CA LEU E 85 13.94 44.94 -30.19
C LEU E 85 12.72 44.16 -30.66
N VAL E 86 12.73 42.85 -30.43
CA VAL E 86 11.59 42.00 -30.78
C VAL E 86 11.02 41.39 -29.51
N PHE E 87 9.77 41.76 -29.20
CA PHE E 87 9.02 41.09 -28.16
C PHE E 87 8.41 39.81 -28.71
N ILE E 88 8.40 38.76 -27.89
CA ILE E 88 7.62 37.55 -28.13
C ILE E 88 6.55 37.49 -27.04
N SER E 89 5.27 37.65 -27.45
CA SER E 89 4.13 37.63 -26.54
C SER E 89 3.06 36.73 -27.14
N VAL E 90 3.35 35.44 -27.23
CA VAL E 90 2.43 34.49 -27.83
C VAL E 90 1.88 33.60 -26.71
N ASN E 91 0.89 32.79 -27.07
CA ASN E 91 0.28 31.90 -26.10
C ASN E 91 1.06 30.60 -26.06
N THR E 92 1.16 30.03 -24.86
CA THR E 92 1.82 28.75 -24.64
C THR E 92 0.73 27.86 -24.05
N PRO E 93 -0.04 27.17 -24.88
CA PRO E 93 -1.15 26.39 -24.37
C PRO E 93 -0.64 25.16 -23.64
N THR E 94 -1.49 24.63 -22.76
CA THR E 94 -1.16 23.43 -22.04
C THR E 94 -1.11 22.25 -23.01
N LYS E 95 -0.14 21.36 -22.82
CA LYS E 95 -0.06 20.16 -23.64
C LYS E 95 -1.33 19.33 -23.50
N THR E 96 -1.82 18.80 -24.62
CA THR E 96 -3.02 17.98 -24.63
C THR E 96 -2.71 16.49 -24.77
N TYR E 97 -1.44 16.10 -24.91
CA TYR E 97 -1.06 14.69 -24.88
C TYR E 97 0.40 14.62 -24.45
N GLY E 98 0.88 13.39 -24.26
CA GLY E 98 2.26 13.17 -23.89
C GLY E 98 2.57 13.50 -22.43
N MET E 99 3.87 13.59 -22.16
CA MET E 99 4.34 13.89 -20.82
C MET E 99 3.89 15.27 -20.38
N GLY E 100 3.27 15.35 -19.21
CA GLY E 100 2.75 16.61 -18.73
C GLY E 100 1.44 17.02 -19.34
N LYS E 101 0.75 16.09 -20.01
CA LYS E 101 -0.59 16.34 -20.55
C LYS E 101 -1.49 17.00 -19.52
N GLY E 102 -2.13 18.10 -19.93
CA GLY E 102 -3.01 18.83 -19.04
C GLY E 102 -2.33 19.67 -17.99
N ARG E 103 -0.99 19.70 -17.97
CA ARG E 103 -0.30 20.45 -16.93
C ARG E 103 0.83 21.31 -17.45
N ALA E 104 1.71 20.74 -18.28
CA ALA E 104 2.89 21.47 -18.71
C ALA E 104 2.55 22.34 -19.92
N ALA E 105 3.16 23.51 -19.97
CA ALA E 105 2.97 24.42 -21.09
C ALA E 105 3.69 23.87 -22.33
N ASP E 106 3.10 24.12 -23.49
CA ASP E 106 3.65 23.69 -24.77
C ASP E 106 4.43 24.87 -25.35
N LEU E 107 5.74 24.70 -25.52
CA LEU E 107 6.57 25.80 -26.00
C LEU E 107 6.63 25.89 -27.52
N LYS E 108 5.79 25.14 -28.23
CA LYS E 108 5.97 25.06 -29.69
C LYS E 108 5.84 26.43 -30.36
N TYR E 109 4.99 27.33 -29.85
CA TYR E 109 4.89 28.63 -30.51
C TYR E 109 6.07 29.54 -30.18
N ILE E 110 6.58 29.48 -28.94
CA ILE E 110 7.79 30.24 -28.61
C ILE E 110 8.95 29.80 -29.49
N GLU E 111 9.12 28.49 -29.63
CA GLU E 111 10.23 27.98 -30.43
C GLU E 111 10.08 28.36 -31.91
N ALA E 112 8.84 28.30 -32.43
CA ALA E 112 8.64 28.70 -33.82
C ALA E 112 8.96 30.18 -34.04
N CYS E 113 8.62 31.03 -33.07
CA CYS E 113 8.99 32.44 -33.19
C CYS E 113 10.49 32.62 -33.18
N ALA E 114 11.19 31.89 -32.30
CA ALA E 114 12.65 32.01 -32.22
C ALA E 114 13.31 31.62 -33.54
N ARG E 115 12.85 30.53 -34.15
CA ARG E 115 13.40 30.12 -35.45
C ARG E 115 13.06 31.15 -36.51
N ARG E 116 11.86 31.72 -36.45
CA ARG E 116 11.47 32.72 -37.43
C ARG E 116 12.29 33.99 -37.28
N ILE E 117 12.64 34.36 -36.03
CA ILE E 117 13.50 35.53 -35.83
C ILE E 117 14.89 35.28 -36.43
N VAL E 118 15.49 34.11 -36.15
CA VAL E 118 16.80 33.82 -36.75
C VAL E 118 16.73 33.93 -38.27
N GLN E 119 15.67 33.37 -38.87
CA GLN E 119 15.56 33.34 -40.32
C GLN E 119 15.50 34.74 -40.92
N ASN E 120 15.01 35.73 -40.17
CA ASN E 120 14.76 37.05 -40.72
C ASN E 120 15.67 38.12 -40.13
N SER E 121 16.74 37.74 -39.45
CA SER E 121 17.56 38.70 -38.73
C SER E 121 19.00 38.73 -39.26
N ASN E 122 19.57 39.92 -39.30
CA ASN E 122 21.00 40.10 -39.42
C ASN E 122 21.44 41.17 -38.43
N GLY E 123 22.72 41.16 -38.08
CA GLY E 123 23.18 42.21 -37.18
C GLY E 123 22.70 42.01 -35.75
N TYR E 124 22.52 43.13 -35.05
CA TYR E 124 22.22 43.13 -33.62
C TYR E 124 20.73 43.33 -33.37
N LYS E 125 20.15 42.47 -32.54
CA LYS E 125 18.78 42.64 -32.07
C LYS E 125 18.68 42.12 -30.65
N ILE E 126 17.79 42.73 -29.89
CA ILE E 126 17.42 42.27 -28.56
C ILE E 126 16.08 41.56 -28.69
N VAL E 127 16.00 40.33 -28.18
CA VAL E 127 14.77 39.55 -28.23
C VAL E 127 14.30 39.34 -26.80
N THR E 128 13.07 39.78 -26.52
CA THR E 128 12.54 39.83 -25.17
C THR E 128 11.24 39.03 -25.10
N GLU E 129 11.20 38.03 -24.24
CA GLU E 129 9.99 37.27 -24.03
C GLU E 129 9.15 37.98 -22.97
N LYS E 130 7.89 38.25 -23.31
CA LYS E 130 6.96 38.94 -22.40
C LYS E 130 5.66 38.18 -22.36
N SER E 131 5.35 37.62 -21.19
CA SER E 131 4.11 36.89 -20.98
C SER E 131 3.75 36.99 -19.51
N THR E 132 2.52 36.58 -19.18
CA THR E 132 2.14 36.53 -17.77
C THR E 132 2.62 35.27 -17.08
N VAL E 133 2.87 34.19 -17.82
CA VAL E 133 3.32 32.91 -17.25
C VAL E 133 4.51 32.39 -18.04
N PRO E 134 5.73 32.90 -17.81
CA PRO E 134 6.89 32.39 -18.58
C PRO E 134 7.39 31.10 -17.97
N VAL E 135 7.47 30.05 -18.79
CA VAL E 135 7.85 28.72 -18.34
C VAL E 135 9.03 28.28 -19.20
N ARG E 136 10.24 28.48 -18.70
CA ARG E 136 11.47 28.16 -19.42
C ARG E 136 11.51 28.81 -20.81
N ALA E 137 10.84 29.96 -20.95
CA ALA E 137 10.71 30.59 -22.27
C ALA E 137 12.03 31.17 -22.75
N ALA E 138 12.71 31.93 -21.87
CA ALA E 138 13.99 32.53 -22.27
C ALA E 138 15.01 31.44 -22.63
N GLU E 139 15.03 30.36 -21.87
CA GLU E 139 16.01 29.29 -22.14
C GLU E 139 15.75 28.65 -23.49
N SER E 140 14.49 28.42 -23.84
CA SER E 140 14.26 27.75 -25.11
C SER E 140 14.60 28.66 -26.28
N ILE E 141 14.38 29.98 -26.14
CA ILE E 141 14.78 30.93 -27.18
C ILE E 141 16.30 30.92 -27.34
N ARG E 142 17.04 30.99 -26.21
CA ARG E 142 18.51 30.95 -26.27
C ARG E 142 18.99 29.67 -26.92
N ARG E 143 18.36 28.54 -26.58
CA ARG E 143 18.75 27.26 -27.16
C ARG E 143 18.68 27.32 -28.68
N ILE E 144 17.63 27.94 -29.21
CA ILE E 144 17.50 28.07 -30.66
C ILE E 144 18.56 29.01 -31.21
N PHE E 145 18.77 30.15 -30.56
CA PHE E 145 19.74 31.11 -31.07
C PHE E 145 21.16 30.57 -31.01
N ASP E 146 21.50 29.86 -29.94
CA ASP E 146 22.86 29.35 -29.78
C ASP E 146 23.22 28.34 -30.87
N ALA E 147 22.24 27.58 -31.36
CA ALA E 147 22.49 26.54 -32.34
C ALA E 147 22.39 27.04 -33.77
N ASN E 148 21.94 28.28 -33.99
CA ASN E 148 21.70 28.78 -35.36
C ASN E 148 22.37 30.14 -35.52
N THR E 149 23.70 30.15 -35.42
CA THR E 149 24.46 31.38 -35.54
C THR E 149 24.75 31.71 -37.00
N LYS E 150 24.93 32.99 -37.27
CA LYS E 150 25.37 33.55 -38.54
C LYS E 150 26.46 34.58 -38.29
N PRO E 151 27.37 34.76 -39.23
CA PRO E 151 28.32 35.87 -39.13
C PRO E 151 27.62 37.20 -38.93
N ASN E 152 28.06 37.94 -37.92
CA ASN E 152 27.60 39.28 -37.54
C ASN E 152 26.18 39.28 -36.98
N LEU E 153 25.54 38.11 -36.86
CA LEU E 153 24.26 38.04 -36.17
C LEU E 153 24.50 37.95 -34.67
N ASN E 154 23.90 38.87 -33.92
CA ASN E 154 24.14 38.98 -32.49
C ASN E 154 22.78 39.22 -31.81
N LEU E 155 22.11 38.15 -31.43
CA LEU E 155 20.80 38.23 -30.78
C LEU E 155 20.97 38.11 -29.28
N GLN E 156 20.40 39.05 -28.53
CA GLN E 156 20.41 39.01 -27.08
C GLN E 156 19.03 38.61 -26.59
N VAL E 157 18.97 37.76 -25.58
CA VAL E 157 17.70 37.26 -25.06
C VAL E 157 17.45 37.87 -23.69
N LEU E 158 16.31 38.57 -23.55
CA LEU E 158 15.85 39.12 -22.28
C LEU E 158 14.53 38.47 -21.89
N SER E 159 14.27 38.49 -20.58
CA SER E 159 12.99 38.15 -19.99
C SER E 159 12.37 39.42 -19.41
N ASN E 160 11.09 39.66 -19.71
CA ASN E 160 10.39 40.86 -19.24
C ASN E 160 8.93 40.50 -18.99
N PRO E 161 8.65 39.79 -17.88
CA PRO E 161 7.28 39.33 -17.61
C PRO E 161 6.31 40.49 -17.48
N GLU E 162 5.06 40.24 -17.86
CA GLU E 162 4.03 41.27 -17.85
C GLU E 162 3.14 41.08 -16.64
N PHE E 163 3.04 42.13 -15.81
CA PHE E 163 2.30 42.11 -14.55
C PHE E 163 0.89 42.69 -14.65
N LEU E 164 0.51 43.24 -15.79
CA LEU E 164 -0.80 43.86 -15.89
C LEU E 164 -1.88 42.83 -15.59
N ALA E 165 -3.00 43.31 -15.07
CA ALA E 165 -4.22 42.51 -14.94
C ALA E 165 -5.23 43.01 -15.96
N GLU E 166 -5.94 42.08 -16.59
CA GLU E 166 -6.94 42.47 -17.58
C GLU E 166 -8.09 43.22 -16.90
N GLY E 167 -8.69 44.13 -17.63
CA GLY E 167 -9.66 45.05 -17.07
C GLY E 167 -9.06 46.31 -16.49
N THR E 168 -7.78 46.27 -16.10
CA THR E 168 -7.03 47.45 -15.68
C THR E 168 -5.70 47.57 -16.43
N ALA E 169 -5.65 47.03 -17.66
CA ALA E 169 -4.39 46.92 -18.38
C ALA E 169 -3.73 48.29 -18.55
N ILE E 170 -4.50 49.28 -19.01
CA ILE E 170 -3.92 50.58 -19.31
C ILE E 170 -3.39 51.24 -18.04
N LYS E 171 -4.19 51.21 -16.97
CA LYS E 171 -3.74 51.79 -15.69
C LYS E 171 -2.50 51.06 -15.17
N ASP E 172 -2.49 49.72 -15.28
CA ASP E 172 -1.35 48.94 -14.79
C ASP E 172 -0.10 49.22 -15.62
N LEU E 173 -0.24 49.34 -16.94
CA LEU E 173 0.92 49.56 -17.78
C LEU E 173 1.52 50.94 -17.58
N LYS E 174 0.68 51.95 -17.28
CA LYS E 174 1.17 53.32 -17.12
C LYS E 174 1.76 53.57 -15.74
N ASN E 175 1.34 52.82 -14.72
CA ASN E 175 1.83 53.00 -13.36
C ASN E 175 2.07 51.63 -12.72
N PRO E 176 3.04 50.87 -13.24
CA PRO E 176 3.29 49.54 -12.66
C PRO E 176 3.92 49.65 -11.28
N ASP E 177 3.57 48.69 -10.41
CA ASP E 177 4.28 48.60 -9.14
C ASP E 177 5.77 48.34 -9.36
N ARG E 178 6.12 47.51 -10.32
CA ARG E 178 7.51 47.36 -10.70
C ARG E 178 7.58 46.78 -12.10
N VAL E 179 8.71 47.04 -12.76
CA VAL E 179 9.06 46.44 -14.04
C VAL E 179 10.22 45.49 -13.77
N LEU E 180 10.14 44.28 -14.34
CA LEU E 180 11.10 43.23 -14.08
C LEU E 180 11.77 42.84 -15.39
N ILE E 181 13.10 42.94 -15.44
CA ILE E 181 13.88 42.62 -16.63
C ILE E 181 14.99 41.66 -16.24
N GLY E 182 15.06 40.52 -16.91
CA GLY E 182 16.14 39.54 -16.70
C GLY E 182 17.00 39.43 -17.94
N GLY E 183 18.32 39.41 -17.72
CA GLY E 183 19.28 39.24 -18.80
C GLY E 183 20.55 38.61 -18.26
N ASP E 184 21.41 38.17 -19.19
CA ASP E 184 22.64 37.49 -18.80
C ASP E 184 23.58 38.42 -18.05
N GLU E 185 24.34 37.84 -17.13
CA GLU E 185 25.33 38.57 -16.35
C GLU E 185 26.65 38.63 -17.12
N THR E 186 26.57 39.19 -18.32
CA THR E 186 27.69 39.41 -19.23
C THR E 186 27.64 40.85 -19.69
N PRO E 187 28.75 41.36 -20.26
CA PRO E 187 28.69 42.72 -20.83
C PRO E 187 27.57 42.89 -21.85
N GLU E 188 27.41 41.93 -22.76
CA GLU E 188 26.35 42.02 -23.75
C GLU E 188 24.98 41.98 -23.11
N GLY E 189 24.78 41.08 -22.14
CA GLY E 189 23.50 40.99 -21.47
C GLY E 189 23.13 42.27 -20.75
N GLN E 190 24.10 42.86 -20.05
CA GLN E 190 23.82 44.09 -19.32
C GLN E 190 23.58 45.26 -20.25
N ARG E 191 24.27 45.30 -21.41
CA ARG E 191 23.98 46.32 -22.41
C ARG E 191 22.56 46.19 -22.96
N ALA E 192 22.09 44.96 -23.19
CA ALA E 192 20.72 44.75 -23.66
C ALA E 192 19.71 45.15 -22.58
N VAL E 193 19.94 44.71 -21.34
CA VAL E 193 19.06 45.09 -20.24
C VAL E 193 18.94 46.60 -20.15
N GLN E 194 20.07 47.30 -20.21
CA GLN E 194 20.08 48.76 -20.07
C GLN E 194 19.31 49.42 -21.21
N ALA E 195 19.42 48.86 -22.42
CA ALA E 195 18.65 49.38 -23.55
C ALA E 195 17.15 49.25 -23.29
N LEU E 196 16.71 48.10 -22.78
CA LEU E 196 15.28 47.93 -22.48
C LEU E 196 14.85 48.81 -21.31
N CYS E 197 15.70 48.94 -20.29
CA CYS E 197 15.44 49.89 -19.21
C CYS E 197 15.20 51.29 -19.75
N ALA E 198 16.01 51.71 -20.72
CA ALA E 198 15.91 53.05 -21.29
C ALA E 198 14.55 53.28 -21.93
N VAL E 199 13.94 52.24 -22.50
CA VAL E 199 12.57 52.38 -23.01
C VAL E 199 11.60 52.66 -21.88
N TYR E 200 11.60 51.82 -20.84
CA TYR E 200 10.64 52.00 -19.75
C TYR E 200 10.85 53.30 -18.99
N GLU E 201 12.08 53.81 -18.95
CA GLU E 201 12.34 55.05 -18.21
C GLU E 201 11.70 56.26 -18.86
N HIS E 202 11.10 56.11 -20.05
CA HIS E 202 10.30 57.21 -20.59
C HIS E 202 9.10 57.51 -19.70
N TRP E 203 8.64 56.53 -18.92
CA TRP E 203 7.50 56.79 -18.05
C TRP E 203 7.54 56.07 -16.71
N VAL E 204 8.52 55.21 -16.46
CA VAL E 204 8.61 54.46 -15.21
C VAL E 204 9.82 54.94 -14.45
N PRO E 205 9.68 55.33 -13.17
CA PRO E 205 10.85 55.74 -12.39
C PRO E 205 11.86 54.61 -12.28
N ARG E 206 13.15 54.96 -12.32
CA ARG E 206 14.19 53.93 -12.37
C ARG E 206 14.14 53.01 -11.14
N GLU E 207 13.79 53.56 -9.98
CA GLU E 207 13.71 52.73 -8.76
C GLU E 207 12.62 51.68 -8.82
N LYS E 208 11.70 51.75 -9.78
CA LYS E 208 10.66 50.74 -9.93
C LYS E 208 11.04 49.70 -10.97
N ILE E 209 12.27 49.74 -11.48
CA ILE E 209 12.74 48.78 -12.48
C ILE E 209 13.72 47.85 -11.78
N LEU E 210 13.37 46.57 -11.72
CA LEU E 210 14.23 45.56 -11.13
C LEU E 210 14.95 44.83 -12.26
N THR E 211 16.27 44.62 -12.10
CA THR E 211 17.04 43.87 -13.09
C THR E 211 17.70 42.67 -12.42
N THR E 212 17.71 41.55 -13.12
CA THR E 212 18.22 40.27 -12.62
C THR E 212 18.59 39.40 -13.83
N ASN E 213 18.76 38.10 -13.62
CA ASN E 213 18.99 37.17 -14.72
C ASN E 213 17.67 36.57 -15.22
N THR E 214 17.71 35.87 -16.36
CA THR E 214 16.46 35.48 -17.00
C THR E 214 15.69 34.48 -16.15
N TRP E 215 16.39 33.50 -15.55
CA TRP E 215 15.67 32.51 -14.74
C TRP E 215 15.07 33.13 -13.50
N SER E 216 15.83 33.98 -12.80
CA SER E 216 15.27 34.61 -11.61
C SER E 216 14.05 35.44 -11.96
N SER E 217 14.09 36.11 -13.10
CA SER E 217 12.94 36.85 -13.60
C SER E 217 11.73 35.94 -13.78
N GLU E 218 11.90 34.82 -14.47
CA GLU E 218 10.74 33.95 -14.71
C GLU E 218 10.25 33.32 -13.42
N LEU E 219 11.17 32.86 -12.57
CA LEU E 219 10.76 32.26 -11.31
C LEU E 219 10.00 33.26 -10.44
N SER E 220 10.46 34.52 -10.42
CA SER E 220 9.77 35.54 -9.62
C SER E 220 8.34 35.75 -10.10
N LYS E 221 8.12 35.76 -11.41
CA LYS E 221 6.75 35.89 -11.95
C LYS E 221 5.91 34.66 -11.59
N LEU E 222 6.47 33.46 -11.79
CA LEU E 222 5.75 32.23 -11.44
C LEU E 222 5.31 32.24 -10.00
N ALA E 223 6.22 32.65 -9.11
CA ALA E 223 5.92 32.69 -7.68
C ALA E 223 4.92 33.79 -7.36
N ALA E 224 5.12 34.99 -7.92
CA ALA E 224 4.23 36.10 -7.60
C ALA E 224 2.79 35.78 -7.99
N ASN E 225 2.59 35.23 -9.19
CA ASN E 225 1.24 34.83 -9.62
C ASN E 225 0.64 33.85 -8.62
N ALA E 226 1.45 32.87 -8.15
CA ALA E 226 0.91 31.84 -7.24
C ALA E 226 0.56 32.43 -5.88
N PHE E 227 1.34 33.39 -5.38
CA PHE E 227 0.98 34.06 -4.12
C PHE E 227 -0.37 34.75 -4.23
N LEU E 228 -0.63 35.43 -5.35
CA LEU E 228 -1.90 36.11 -5.56
C LEU E 228 -3.06 35.11 -5.57
N ALA E 229 -2.92 34.04 -6.36
CA ALA E 229 -3.95 33.01 -6.40
C ALA E 229 -4.19 32.40 -5.02
N GLN E 230 -3.11 32.22 -4.24
CA GLN E 230 -3.22 31.62 -2.91
C GLN E 230 -4.04 32.50 -1.96
N ARG E 231 -3.88 33.82 -2.04
CA ARG E 231 -4.71 34.70 -1.23
C ARG E 231 -6.18 34.47 -1.52
N ILE E 232 -6.53 34.30 -2.79
CA ILE E 232 -7.93 34.09 -3.16
C ILE E 232 -8.43 32.76 -2.62
N SER E 233 -7.67 31.69 -2.85
CA SER E 233 -8.08 30.39 -2.31
C SER E 233 -8.13 30.38 -0.79
N SER E 234 -7.23 31.12 -0.14
CA SER E 234 -7.26 31.18 1.31
C SER E 234 -8.54 31.84 1.80
N ILE E 235 -8.92 32.98 1.21
CA ILE E 235 -10.13 33.63 1.70
C ILE E 235 -11.35 32.83 1.28
N ASN E 236 -11.28 32.13 0.13
CA ASN E 236 -12.40 31.27 -0.26
C ASN E 236 -12.59 30.10 0.70
N SER E 237 -11.47 29.50 1.17
CA SER E 237 -11.56 28.47 2.20
C SER E 237 -12.20 29.01 3.48
N ILE E 238 -11.85 30.24 3.88
CA ILE E 238 -12.51 30.84 5.05
C ILE E 238 -13.98 31.10 4.77
N SER E 239 -14.33 31.37 3.50
CA SER E 239 -15.74 31.60 3.18
C SER E 239 -16.57 30.36 3.48
N ALA E 240 -16.01 29.17 3.21
CA ALA E 240 -16.74 27.94 3.51
C ALA E 240 -16.92 27.75 5.02
N LEU E 241 -15.89 28.08 5.80
CA LEU E 241 -15.99 28.02 7.25
C LEU E 241 -17.00 29.04 7.77
N CYS E 242 -17.05 30.23 7.19
CA CYS E 242 -18.05 31.23 7.57
C CYS E 242 -19.46 30.70 7.34
N GLU E 243 -19.72 30.12 6.16
CA GLU E 243 -21.05 29.56 5.88
C GLU E 243 -21.43 28.49 6.90
N ALA E 244 -20.45 27.69 7.34
CA ALA E 244 -20.73 26.58 8.24
C ALA E 244 -20.93 27.02 9.68
N THR E 245 -20.56 28.25 10.05
CA THR E 245 -20.55 28.65 11.45
C THR E 245 -21.29 29.97 11.72
N GLY E 246 -21.93 30.55 10.72
CA GLY E 246 -22.71 31.76 10.98
C GLY E 246 -21.94 33.05 10.96
N ALA E 247 -20.72 33.07 10.42
CA ALA E 247 -19.96 34.31 10.28
C ALA E 247 -20.08 34.82 8.85
N ASP E 248 -19.57 36.04 8.62
CA ASP E 248 -19.65 36.71 7.32
C ASP E 248 -18.23 36.91 6.80
N VAL E 249 -17.91 36.31 5.65
CA VAL E 249 -16.52 36.33 5.18
C VAL E 249 -16.05 37.76 4.91
N GLU E 250 -16.97 38.64 4.49
CA GLU E 250 -16.55 40.02 4.25
C GLU E 250 -16.13 40.71 5.54
N GLU E 251 -16.82 40.42 6.65
CA GLU E 251 -16.39 40.98 7.92
C GLU E 251 -15.08 40.37 8.39
N VAL E 252 -14.93 39.05 8.23
CA VAL E 252 -13.68 38.40 8.63
C VAL E 252 -12.51 38.91 7.78
N ALA E 253 -12.74 39.08 6.48
CA ALA E 253 -11.69 39.59 5.60
C ALA E 253 -11.23 40.98 6.03
N THR E 254 -12.18 41.82 6.46
CA THR E 254 -11.83 43.16 6.95
C THR E 254 -10.92 43.08 8.17
N ALA E 255 -11.27 42.23 9.13
CA ALA E 255 -10.40 42.07 10.30
C ALA E 255 -9.04 41.52 9.91
N ILE E 256 -9.00 40.54 9.00
CA ILE E 256 -7.73 40.00 8.54
C ILE E 256 -6.90 41.08 7.88
N GLY E 257 -7.51 41.80 6.93
CA GLY E 257 -6.77 42.73 6.08
C GLY E 257 -6.24 43.96 6.77
N MET E 258 -6.71 44.26 7.98
CA MET E 258 -6.18 45.41 8.72
C MET E 258 -4.81 45.12 9.32
N ASP E 259 -4.38 43.86 9.36
CA ASP E 259 -2.97 43.58 9.65
C ASP E 259 -2.13 44.05 8.47
N GLN E 260 -1.27 45.04 8.68
CA GLN E 260 -0.48 45.56 7.58
C GLN E 260 0.55 44.55 7.08
N ARG E 261 0.85 43.51 7.87
CA ARG E 261 1.73 42.46 7.37
C ARG E 261 1.02 41.51 6.42
N ILE E 262 -0.32 41.44 6.48
CA ILE E 262 -1.10 40.66 5.52
C ILE E 262 -1.54 41.50 4.34
N GLY E 263 -1.96 42.74 4.59
CA GLY E 263 -2.52 43.60 3.56
C GLY E 263 -3.99 43.31 3.31
N ASN E 264 -4.68 44.29 2.72
CA ASN E 264 -6.12 44.20 2.55
C ASN E 264 -6.55 43.95 1.11
N LYS E 265 -5.61 43.66 0.20
CA LYS E 265 -5.96 43.40 -1.19
C LYS E 265 -6.10 41.91 -1.46
N PHE E 266 -6.87 41.59 -2.50
CA PHE E 266 -7.05 40.21 -2.96
C PHE E 266 -7.60 39.32 -1.85
N LEU E 267 -8.57 39.85 -1.10
CA LEU E 267 -9.30 39.11 -0.09
C LEU E 267 -10.80 39.14 -0.34
N LYS E 268 -11.20 39.21 -1.61
CA LYS E 268 -12.62 39.26 -1.99
C LYS E 268 -13.02 37.83 -2.38
N ALA E 269 -13.70 37.14 -1.47
CA ALA E 269 -14.17 35.79 -1.76
C ALA E 269 -15.07 35.79 -2.97
N SER E 270 -15.09 34.67 -3.68
CA SER E 270 -15.76 34.62 -4.97
C SER E 270 -16.10 33.18 -5.31
N VAL E 271 -16.88 33.01 -6.39
CA VAL E 271 -17.16 31.70 -6.94
C VAL E 271 -15.87 30.98 -7.35
N GLY E 272 -14.81 31.71 -7.63
CA GLY E 272 -13.50 31.12 -7.86
C GLY E 272 -12.74 31.95 -8.86
N PHE E 273 -11.41 31.95 -8.73
CA PHE E 273 -10.63 32.73 -9.67
C PHE E 273 -10.62 32.06 -11.04
N GLY E 274 -10.55 32.91 -12.07
CA GLY E 274 -10.36 32.43 -13.42
C GLY E 274 -9.25 33.20 -14.10
N GLY E 275 -9.22 33.15 -15.41
CA GLY E 275 -8.20 33.81 -16.20
C GLY E 275 -7.15 32.84 -16.71
N SER E 276 -6.46 33.27 -17.79
CA SER E 276 -5.41 32.46 -18.39
C SER E 276 -4.14 32.42 -17.56
N CYS E 277 -4.05 33.16 -16.46
CA CYS E 277 -2.80 33.18 -15.70
C CYS E 277 -2.79 32.17 -14.55
N PHE E 278 -3.71 32.31 -13.59
CA PHE E 278 -3.48 31.71 -12.27
C PHE E 278 -3.44 30.19 -12.32
N GLN E 279 -4.48 29.56 -12.89
CA GLN E 279 -4.49 28.11 -12.90
C GLN E 279 -3.31 27.55 -13.70
N LYS E 280 -3.08 28.10 -14.90
CA LYS E 280 -1.92 27.71 -15.70
C LYS E 280 -0.61 27.88 -14.93
N ASP E 281 -0.49 28.98 -14.19
CA ASP E 281 0.73 29.25 -13.42
C ASP E 281 0.96 28.19 -12.36
N VAL E 282 -0.08 27.88 -11.57
CA VAL E 282 0.08 26.90 -10.50
C VAL E 282 0.32 25.50 -11.08
N LEU E 283 -0.40 25.15 -12.16
CA LEU E 283 -0.16 23.86 -12.81
C LEU E 283 1.29 23.72 -13.24
N ASN E 284 1.86 24.77 -13.82
CA ASN E 284 3.25 24.68 -14.27
C ASN E 284 4.22 24.71 -13.10
N LEU E 285 3.89 25.45 -12.03
CA LEU E 285 4.76 25.46 -10.86
C LEU E 285 4.82 24.07 -10.23
N VAL E 286 3.65 23.43 -10.08
CA VAL E 286 3.57 22.08 -9.53
C VAL E 286 4.35 21.11 -10.41
N TYR E 287 4.16 21.20 -11.73
CA TYR E 287 4.85 20.28 -12.65
C TYR E 287 6.36 20.46 -12.58
N LEU E 288 6.82 21.71 -12.57
CA LEU E 288 8.24 22.00 -12.43
C LEU E 288 8.80 21.40 -11.14
N CYS E 289 8.08 21.57 -10.04
CA CYS E 289 8.56 21.05 -8.76
C CYS E 289 8.67 19.54 -8.78
N GLU E 290 7.68 18.86 -9.39
CA GLU E 290 7.77 17.41 -9.51
C GLU E 290 8.99 17.02 -10.33
N ALA E 291 9.25 17.75 -11.42
CA ALA E 291 10.41 17.42 -12.27
C ALA E 291 11.74 17.65 -11.56
N LEU E 292 11.78 18.59 -10.61
CA LEU E 292 12.97 18.87 -9.81
C LEU E 292 13.06 18.01 -8.56
N ASN E 293 12.21 16.98 -8.44
CA ASN E 293 12.17 16.13 -7.25
C ASN E 293 11.92 16.97 -5.99
N LEU E 294 10.95 17.88 -6.08
CA LEU E 294 10.48 18.65 -4.93
C LEU E 294 9.00 18.35 -4.68
N PRO E 295 8.66 17.11 -4.30
CA PRO E 295 7.24 16.76 -4.18
C PRO E 295 6.53 17.50 -3.06
N GLU E 296 7.22 17.85 -1.96
CA GLU E 296 6.55 18.60 -0.91
C GLU E 296 6.14 19.98 -1.39
N VAL E 297 7.01 20.65 -2.16
CA VAL E 297 6.64 21.95 -2.71
C VAL E 297 5.50 21.79 -3.71
N ALA E 298 5.54 20.74 -4.54
CA ALA E 298 4.47 20.51 -5.51
C ALA E 298 3.12 20.37 -4.83
N ARG E 299 3.02 19.53 -3.80
CA ARG E 299 1.70 19.36 -3.20
C ARG E 299 1.28 20.56 -2.36
N TYR E 300 2.22 21.38 -1.90
CA TYR E 300 1.85 22.63 -1.23
C TYR E 300 1.07 23.55 -2.19
N TRP E 301 1.62 23.79 -3.38
CA TRP E 301 0.97 24.73 -4.30
C TRP E 301 -0.27 24.14 -4.95
N GLN E 302 -0.33 22.82 -5.09
CA GLN E 302 -1.51 22.18 -5.70
C GLN E 302 -2.79 22.55 -4.95
N GLN E 303 -2.69 22.78 -3.64
CA GLN E 303 -3.86 23.09 -2.83
C GLN E 303 -4.55 24.36 -3.30
N VAL E 304 -3.80 25.28 -3.91
CA VAL E 304 -4.42 26.49 -4.44
C VAL E 304 -5.48 26.14 -5.49
N ILE E 305 -5.17 25.18 -6.37
CA ILE E 305 -6.12 24.77 -7.40
C ILE E 305 -7.23 23.91 -6.80
N ASP E 306 -6.87 22.92 -5.96
CA ASP E 306 -7.89 22.04 -5.38
C ASP E 306 -8.94 22.85 -4.62
N MET E 307 -8.51 23.87 -3.87
CA MET E 307 -9.46 24.72 -3.15
C MET E 307 -10.33 25.52 -4.11
N ASN E 308 -9.74 26.04 -5.19
CA ASN E 308 -10.51 26.77 -6.19
C ASN E 308 -11.56 25.86 -6.84
N ASP E 309 -11.18 24.61 -7.14
CA ASP E 309 -12.16 23.68 -7.72
C ASP E 309 -13.26 23.37 -6.72
N TYR E 310 -12.89 23.21 -5.45
CA TYR E 310 -13.89 22.95 -4.41
C TYR E 310 -14.85 24.12 -4.26
N GLN E 311 -14.33 25.36 -4.31
CA GLN E 311 -15.20 26.53 -4.18
C GLN E 311 -16.28 26.56 -5.28
N ARG E 312 -15.88 26.26 -6.52
CA ARG E 312 -16.84 26.20 -7.63
C ARG E 312 -17.89 25.12 -7.40
N ARG E 313 -17.44 23.91 -7.04
CA ARG E 313 -18.39 22.82 -6.78
C ARG E 313 -19.34 23.17 -5.63
N ARG E 314 -18.82 23.77 -4.55
CA ARG E 314 -19.68 24.07 -3.40
C ARG E 314 -20.77 25.08 -3.76
N PHE E 315 -20.41 26.12 -4.51
CA PHE E 315 -21.39 27.12 -4.94
C PHE E 315 -22.47 26.47 -5.80
N ALA E 316 -22.07 25.65 -6.77
CA ALA E 316 -23.03 24.99 -7.65
C ALA E 316 -23.98 24.09 -6.88
N SER E 317 -23.47 23.31 -5.92
CA SER E 317 -24.38 22.41 -5.21
C SER E 317 -25.26 23.18 -4.23
N ARG E 318 -24.77 24.32 -3.74
CA ARG E 318 -25.63 25.19 -2.94
C ARG E 318 -26.80 25.70 -3.75
N ILE E 319 -26.56 26.04 -5.03
CA ILE E 319 -27.65 26.47 -5.91
C ILE E 319 -28.70 25.37 -6.04
N ILE E 320 -28.24 24.14 -6.30
CA ILE E 320 -29.16 23.02 -6.48
C ILE E 320 -29.90 22.71 -5.19
N ASP E 321 -29.18 22.76 -4.06
CA ASP E 321 -29.84 22.52 -2.76
C ASP E 321 -30.90 23.56 -2.47
N SER E 322 -30.60 24.85 -2.70
CA SER E 322 -31.57 25.91 -2.43
C SER E 322 -32.79 25.82 -3.33
N LEU E 323 -32.62 25.35 -4.56
CA LEU E 323 -33.75 25.15 -5.48
C LEU E 323 -34.41 23.79 -5.31
N PHE E 324 -34.53 23.31 -4.07
CA PHE E 324 -35.29 22.11 -3.74
C PHE E 324 -34.71 20.85 -4.39
N ASN E 325 -33.37 20.78 -4.43
CA ASN E 325 -32.61 19.60 -4.85
C ASN E 325 -32.84 19.22 -6.30
N THR E 326 -33.39 20.12 -7.12
CA THR E 326 -33.67 19.78 -8.50
C THR E 326 -33.72 21.03 -9.36
N VAL E 327 -33.01 21.01 -10.48
CA VAL E 327 -33.00 22.11 -11.43
C VAL E 327 -33.44 21.68 -12.81
N THR E 328 -33.84 20.41 -12.96
CA THR E 328 -34.36 19.93 -14.23
C THR E 328 -35.54 20.77 -14.67
N ASP E 329 -35.47 21.29 -15.90
CA ASP E 329 -36.50 22.09 -16.57
C ASP E 329 -36.73 23.44 -15.92
N LYS E 330 -35.87 23.85 -14.99
CA LYS E 330 -35.92 25.17 -14.39
C LYS E 330 -35.05 26.16 -15.17
N LYS E 331 -35.60 27.35 -15.42
CA LYS E 331 -34.84 28.42 -16.05
C LYS E 331 -33.96 29.12 -15.02
N ILE E 332 -32.69 29.32 -15.36
CA ILE E 332 -31.75 30.03 -14.48
C ILE E 332 -30.99 31.06 -15.31
N ALA E 333 -31.02 32.31 -14.86
CA ALA E 333 -30.27 33.39 -15.48
C ALA E 333 -28.84 33.41 -14.94
N ILE E 334 -27.87 33.44 -15.85
CA ILE E 334 -26.47 33.58 -15.52
C ILE E 334 -26.04 35.00 -15.90
N LEU E 335 -25.76 35.81 -14.89
CA LEU E 335 -25.31 37.19 -15.09
C LEU E 335 -23.80 37.22 -14.91
N GLY E 336 -23.09 37.40 -16.01
CA GLY E 336 -21.64 37.45 -15.98
C GLY E 336 -21.02 36.18 -16.51
N PHE E 337 -20.28 36.30 -17.60
CA PHE E 337 -19.55 35.18 -18.16
C PHE E 337 -18.06 35.42 -18.26
N ALA E 338 -17.62 36.68 -18.32
CA ALA E 338 -16.20 36.98 -18.30
C ALA E 338 -15.60 36.55 -16.96
N PHE E 339 -14.27 36.31 -16.95
CA PHE E 339 -13.66 35.80 -15.73
C PHE E 339 -13.51 36.85 -14.64
N LYS E 340 -13.68 38.13 -14.99
CA LYS E 340 -13.72 39.25 -14.06
C LYS E 340 -14.37 40.39 -14.80
N LYS E 341 -14.64 41.49 -14.10
CA LYS E 341 -15.33 42.59 -14.74
C LYS E 341 -14.38 43.36 -15.65
N ASP E 342 -14.99 44.07 -16.61
CA ASP E 342 -14.32 45.01 -17.52
C ASP E 342 -13.40 44.31 -18.52
N THR E 343 -13.73 43.09 -18.89
CA THR E 343 -13.06 42.38 -19.96
C THR E 343 -14.07 41.49 -20.65
N GLY E 344 -13.80 41.16 -21.91
CA GLY E 344 -14.55 40.14 -22.61
C GLY E 344 -13.90 38.78 -22.57
N ASP E 345 -12.79 38.65 -21.86
CA ASP E 345 -12.03 37.41 -21.79
C ASP E 345 -12.76 36.40 -20.89
N THR E 346 -12.92 35.17 -21.37
CA THR E 346 -13.57 34.10 -20.62
C THR E 346 -12.64 32.96 -20.23
N ARG E 347 -11.35 33.04 -20.52
CA ARG E 347 -10.46 31.91 -20.29
C ARG E 347 -10.50 31.48 -18.82
N GLU E 348 -10.84 30.21 -18.58
CA GLU E 348 -10.96 29.59 -17.25
C GLU E 348 -11.95 30.33 -16.34
N SER E 349 -12.92 31.05 -16.91
CA SER E 349 -13.90 31.73 -16.10
C SER E 349 -14.71 30.75 -15.27
N SER E 350 -14.95 31.11 -14.00
CA SER E 350 -15.80 30.28 -13.16
C SER E 350 -17.21 30.15 -13.73
N SER E 351 -17.65 31.14 -14.52
CA SER E 351 -18.96 31.06 -15.15
C SER E 351 -19.08 29.84 -16.04
N ILE E 352 -18.00 29.46 -16.71
CA ILE E 352 -18.04 28.27 -17.57
C ILE E 352 -18.35 27.03 -16.74
N TYR E 353 -17.65 26.87 -15.61
CA TYR E 353 -17.80 25.66 -14.80
C TYR E 353 -19.17 25.62 -14.13
N ILE E 354 -19.61 26.75 -13.58
CA ILE E 354 -20.94 26.83 -12.96
C ILE E 354 -22.03 26.50 -13.97
N SER E 355 -21.93 27.08 -15.17
CA SER E 355 -22.91 26.78 -16.21
C SER E 355 -22.95 25.30 -16.54
N LYS E 356 -21.77 24.68 -16.68
CA LYS E 356 -21.71 23.27 -17.04
C LYS E 356 -22.25 22.39 -15.93
N TYR E 357 -21.96 22.71 -14.66
CA TYR E 357 -22.53 21.93 -13.56
C TYR E 357 -24.06 21.98 -13.59
N LEU E 358 -24.62 23.16 -13.85
CA LEU E 358 -26.08 23.29 -13.87
C LEU E 358 -26.68 22.64 -15.11
N MET E 359 -26.00 22.73 -16.25
CA MET E 359 -26.48 22.07 -17.45
C MET E 359 -26.53 20.55 -17.28
N ASP E 360 -25.51 19.98 -16.63
CA ASP E 360 -25.51 18.55 -16.36
C ASP E 360 -26.64 18.14 -15.45
N GLU E 361 -27.24 19.10 -14.74
CA GLU E 361 -28.40 18.85 -13.90
C GLU E 361 -29.71 19.18 -14.60
N GLY E 362 -29.67 19.50 -15.90
CA GLY E 362 -30.85 19.74 -16.70
C GLY E 362 -31.41 21.16 -16.68
N ALA E 363 -30.65 22.13 -16.19
CA ALA E 363 -31.10 23.51 -16.16
C ALA E 363 -31.11 24.13 -17.55
N HIS E 364 -32.06 25.04 -17.77
CA HIS E 364 -32.13 25.87 -18.97
C HIS E 364 -31.52 27.23 -18.67
N LEU E 365 -30.31 27.46 -19.18
CA LEU E 365 -29.57 28.68 -18.87
C LEU E 365 -29.87 29.81 -19.84
N HIS E 366 -30.08 31.01 -19.31
CA HIS E 366 -30.10 32.25 -20.09
C HIS E 366 -28.94 33.10 -19.59
N ILE E 367 -27.95 33.30 -20.45
CA ILE E 367 -26.66 33.84 -20.05
C ILE E 367 -26.56 35.25 -20.62
N TYR E 368 -26.21 36.21 -19.76
CA TYR E 368 -26.00 37.59 -20.18
C TYR E 368 -24.62 38.06 -19.73
N ASP E 369 -23.88 38.69 -20.65
CA ASP E 369 -22.66 39.35 -20.27
C ASP E 369 -22.55 40.57 -21.18
N PRO E 370 -22.21 41.73 -20.63
CA PRO E 370 -22.19 42.95 -21.44
C PRO E 370 -21.08 43.00 -22.49
N LYS E 371 -20.04 42.18 -22.38
CA LYS E 371 -18.91 42.26 -23.32
C LYS E 371 -18.51 40.94 -23.96
N VAL E 372 -18.81 39.79 -23.36
CA VAL E 372 -18.39 38.53 -23.97
C VAL E 372 -19.22 38.26 -25.22
N PRO E 373 -18.60 37.96 -26.36
CA PRO E 373 -19.38 37.65 -27.58
C PRO E 373 -20.17 36.36 -27.45
N ARG E 374 -21.27 36.30 -28.19
CA ARG E 374 -22.17 35.15 -28.14
C ARG E 374 -21.47 33.87 -28.56
N GLU E 375 -20.77 33.87 -29.70
CA GLU E 375 -20.06 32.68 -30.16
C GLU E 375 -19.06 32.16 -29.13
N GLN E 376 -18.42 33.06 -28.37
CA GLN E 376 -17.47 32.59 -27.37
C GLN E 376 -18.17 31.75 -26.31
N ILE E 377 -19.34 32.19 -25.86
CA ILE E 377 -20.09 31.46 -24.85
C ILE E 377 -20.45 30.06 -25.35
N VAL E 378 -20.92 29.97 -26.60
CA VAL E 378 -21.26 28.67 -27.18
C VAL E 378 -20.03 27.76 -27.21
N VAL E 379 -18.91 28.29 -27.68
CA VAL E 379 -17.67 27.51 -27.72
C VAL E 379 -17.27 27.05 -26.33
N ASP E 380 -17.33 27.96 -25.35
CA ASP E 380 -16.89 27.62 -23.99
C ASP E 380 -17.74 26.53 -23.37
N LEU E 381 -19.03 26.47 -23.69
CA LEU E 381 -19.91 25.51 -23.05
C LEU E 381 -20.01 24.19 -23.81
N SER E 382 -19.39 24.09 -24.99
CA SER E 382 -19.39 22.87 -25.78
C SER E 382 -18.26 21.94 -25.36
N ASP E 390 -24.57 20.06 -28.53
CA ASP E 390 -25.91 19.50 -28.54
C ASP E 390 -26.63 19.80 -27.22
N GLN E 391 -25.92 19.62 -26.12
CA GLN E 391 -26.45 20.06 -24.83
C GLN E 391 -26.62 21.57 -24.83
N VAL E 392 -25.71 22.27 -25.50
CA VAL E 392 -25.80 23.72 -25.64
C VAL E 392 -27.06 24.11 -26.40
N SER E 393 -27.39 23.38 -27.48
CA SER E 393 -28.57 23.71 -28.27
C SER E 393 -29.84 23.62 -27.44
N ARG E 394 -29.96 22.59 -26.61
CA ARG E 394 -31.18 22.36 -25.85
C ARG E 394 -31.31 23.30 -24.65
N LEU E 395 -30.20 23.61 -23.98
CA LEU E 395 -30.28 24.19 -22.64
C LEU E 395 -29.81 25.63 -22.54
N VAL E 396 -29.06 26.14 -23.50
CA VAL E 396 -28.37 27.42 -23.36
C VAL E 396 -29.01 28.45 -24.29
N THR E 397 -29.41 29.58 -23.73
CA THR E 397 -29.84 30.76 -24.48
C THR E 397 -28.94 31.93 -24.10
N ILE E 398 -28.52 32.71 -25.09
CA ILE E 398 -27.71 33.90 -24.85
C ILE E 398 -28.57 35.14 -25.08
N SER E 399 -28.76 35.90 -24.01
CA SER E 399 -29.67 37.05 -24.01
C SER E 399 -28.93 38.33 -24.38
N LYS E 400 -29.68 39.28 -24.94
CA LYS E 400 -29.13 40.57 -25.31
C LYS E 400 -29.11 41.56 -24.14
N ASP E 401 -29.95 41.35 -23.15
CA ASP E 401 -30.04 42.26 -22.02
C ASP E 401 -30.34 41.46 -20.76
N PRO E 402 -30.04 42.01 -19.58
CA PRO E 402 -30.22 41.21 -18.36
C PRO E 402 -31.66 41.01 -17.93
N TYR E 403 -32.57 41.91 -18.31
CA TYR E 403 -33.98 41.72 -17.93
C TYR E 403 -34.61 40.56 -18.70
N GLU E 404 -34.20 40.37 -19.96
CA GLU E 404 -34.68 39.22 -20.73
C GLU E 404 -34.15 37.91 -20.16
N ALA E 405 -32.90 37.90 -19.67
CA ALA E 405 -32.35 36.69 -19.07
C ALA E 405 -33.12 36.28 -17.83
N CYS E 406 -33.60 37.27 -17.06
CA CYS E 406 -34.31 37.04 -15.81
C CYS E 406 -35.82 36.83 -16.00
N ASP E 407 -36.34 37.06 -17.21
CA ASP E 407 -37.78 36.97 -17.49
C ASP E 407 -38.25 35.52 -17.37
N GLY E 408 -39.09 35.25 -16.37
CA GLY E 408 -39.53 33.89 -16.15
C GLY E 408 -38.52 32.97 -15.50
N ALA E 409 -37.42 33.50 -14.96
CA ALA E 409 -36.41 32.65 -14.37
C ALA E 409 -36.82 32.21 -12.97
N HIS E 410 -36.36 31.02 -12.58
CA HIS E 410 -36.49 30.59 -11.19
C HIS E 410 -35.42 31.20 -10.30
N ALA E 411 -34.23 31.47 -10.85
CA ALA E 411 -33.09 31.91 -10.06
C ALA E 411 -32.19 32.77 -10.93
N VAL E 412 -31.50 33.71 -10.28
CA VAL E 412 -30.48 34.53 -10.91
C VAL E 412 -29.15 34.23 -10.25
N VAL E 413 -28.15 33.85 -11.05
CA VAL E 413 -26.81 33.52 -10.54
C VAL E 413 -25.83 34.55 -11.07
N ILE E 414 -25.25 35.33 -10.17
CA ILE E 414 -24.27 36.34 -10.53
C ILE E 414 -22.89 35.73 -10.40
N CYS E 415 -22.17 35.62 -11.52
CA CYS E 415 -20.85 35.01 -11.56
C CYS E 415 -19.72 36.00 -11.80
N THR E 416 -20.03 37.19 -12.31
CA THR E 416 -19.01 38.19 -12.63
C THR E 416 -19.45 39.53 -12.04
N GLU E 417 -18.51 40.25 -11.42
CA GLU E 417 -18.82 41.43 -10.62
C GLU E 417 -18.97 42.73 -11.42
N TRP E 418 -19.58 42.65 -12.60
CA TRP E 418 -19.89 43.84 -13.39
C TRP E 418 -20.68 44.85 -12.57
N ASP E 419 -20.23 46.10 -12.61
CA ASP E 419 -20.85 47.14 -11.79
C ASP E 419 -22.31 47.36 -12.15
N MET E 420 -22.69 47.09 -13.42
CA MET E 420 -24.06 47.29 -13.86
C MET E 420 -25.05 46.36 -13.14
N PHE E 421 -24.57 45.25 -12.58
CA PHE E 421 -25.47 44.33 -11.90
C PHE E 421 -26.00 44.93 -10.60
N LYS E 422 -25.17 45.72 -9.90
CA LYS E 422 -25.60 46.39 -8.68
C LYS E 422 -26.76 47.36 -8.95
N GLU E 423 -26.85 47.89 -10.16
CA GLU E 423 -27.80 48.95 -10.49
C GLU E 423 -29.03 48.45 -11.25
N LEU E 424 -29.20 47.15 -11.39
CA LEU E 424 -30.36 46.66 -12.13
C LEU E 424 -31.66 47.00 -11.40
N ASP E 425 -32.74 47.04 -12.18
CA ASP E 425 -34.08 47.31 -11.64
C ASP E 425 -34.60 46.02 -11.04
N TYR E 426 -34.25 45.80 -9.77
CA TYR E 426 -34.62 44.54 -9.12
C TYR E 426 -36.10 44.50 -8.79
N GLU E 427 -36.75 45.67 -8.74
CA GLU E 427 -38.20 45.73 -8.65
C GLU E 427 -38.83 45.07 -9.88
N ARG E 428 -38.39 45.50 -11.06
CA ARG E 428 -38.88 44.93 -12.32
C ARG E 428 -38.50 43.46 -12.46
N ILE E 429 -37.28 43.09 -12.06
CA ILE E 429 -36.83 41.70 -12.18
C ILE E 429 -37.72 40.77 -11.36
N HIS E 430 -38.03 41.16 -10.12
CA HIS E 430 -38.81 40.30 -9.24
C HIS E 430 -40.20 40.03 -9.80
N LYS E 431 -40.82 41.04 -10.40
CA LYS E 431 -42.19 40.91 -10.90
C LYS E 431 -42.34 39.71 -11.84
N LYS E 432 -41.43 39.59 -12.80
CA LYS E 432 -41.54 38.59 -13.85
C LYS E 432 -40.73 37.32 -13.56
N MET E 433 -40.12 37.21 -12.39
CA MET E 433 -39.52 35.94 -12.02
C MET E 433 -40.58 35.00 -11.46
N LEU E 434 -40.29 33.71 -11.55
CA LEU E 434 -41.10 32.72 -10.86
C LEU E 434 -40.82 32.78 -9.36
N LYS E 435 -41.82 32.43 -8.56
CA LYS E 435 -41.70 32.53 -7.11
C LYS E 435 -41.69 31.15 -6.44
N PRO E 436 -40.87 30.97 -5.40
CA PRO E 436 -39.95 31.93 -4.76
C PRO E 436 -38.78 32.31 -5.68
N ALA E 437 -38.41 33.59 -5.66
CA ALA E 437 -37.37 34.12 -6.55
C ALA E 437 -36.04 34.15 -5.81
N PHE E 438 -35.06 33.43 -6.34
CA PHE E 438 -33.75 33.30 -5.72
C PHE E 438 -32.73 34.13 -6.48
N ILE E 439 -31.82 34.77 -5.72
CA ILE E 439 -30.60 35.36 -6.25
C ILE E 439 -29.41 34.69 -5.59
N PHE E 440 -28.50 34.16 -6.39
CA PHE E 440 -27.26 33.55 -5.91
C PHE E 440 -26.10 34.47 -6.28
N ASP E 441 -25.60 35.21 -5.30
CA ASP E 441 -24.57 36.21 -5.54
C ASP E 441 -23.19 35.57 -5.34
N GLY E 442 -22.56 35.17 -6.45
CA GLY E 442 -21.24 34.58 -6.37
C GLY E 442 -20.09 35.56 -6.25
N ARG E 443 -20.38 36.86 -6.12
CA ARG E 443 -19.34 37.87 -6.11
C ARG E 443 -19.45 38.88 -4.96
N ARG E 444 -20.45 38.74 -4.07
CA ARG E 444 -20.73 39.73 -3.02
C ARG E 444 -21.05 41.10 -3.60
N VAL E 445 -21.51 41.14 -4.85
CA VAL E 445 -21.76 42.43 -5.50
C VAL E 445 -23.05 43.08 -5.01
N LEU E 446 -23.95 42.31 -4.39
CA LEU E 446 -25.23 42.84 -3.90
C LEU E 446 -25.24 43.10 -2.39
N ASP E 447 -24.07 43.07 -1.74
CA ASP E 447 -24.03 43.41 -0.32
C ASP E 447 -24.60 44.80 -0.09
N GLY E 448 -25.30 44.97 1.02
CA GLY E 448 -25.93 46.23 1.33
C GLY E 448 -27.26 46.44 0.64
N LEU E 449 -27.54 45.73 -0.45
CA LEU E 449 -28.88 45.67 -1.01
C LEU E 449 -29.72 44.56 -0.40
N HIS E 450 -29.17 43.80 0.56
CA HIS E 450 -29.88 42.62 1.06
C HIS E 450 -31.22 42.98 1.67
N ASN E 451 -31.26 44.09 2.43
CA ASN E 451 -32.52 44.51 3.04
C ASN E 451 -33.54 44.88 1.97
N GLU E 452 -33.17 45.79 1.07
CA GLU E 452 -34.06 46.19 -0.02
C GLU E 452 -34.51 44.98 -0.84
N LEU E 453 -33.58 44.05 -1.13
CA LEU E 453 -33.91 42.88 -1.94
C LEU E 453 -34.82 41.91 -1.19
N GLN E 454 -34.59 41.73 0.11
CA GLN E 454 -35.47 40.86 0.90
C GLN E 454 -36.87 41.46 1.01
N THR E 455 -36.97 42.78 1.21
CA THR E 455 -38.28 43.43 1.26
C THR E 455 -39.02 43.24 -0.06
N ILE E 456 -38.30 43.35 -1.18
CA ILE E 456 -38.92 43.09 -2.48
C ILE E 456 -39.43 41.66 -2.54
N GLY E 457 -38.71 40.72 -1.92
CA GLY E 457 -39.21 39.37 -1.81
C GLY E 457 -38.25 38.29 -2.27
N PHE E 458 -37.03 38.69 -2.61
CA PHE E 458 -36.04 37.72 -3.05
C PHE E 458 -35.53 36.87 -1.89
N GLN E 459 -35.19 35.63 -2.19
CA GLN E 459 -34.29 34.85 -1.36
C GLN E 459 -32.86 35.02 -1.88
N ILE E 460 -32.01 35.67 -1.08
CA ILE E 460 -30.63 35.95 -1.46
C ILE E 460 -29.71 34.99 -0.74
N GLU E 461 -28.88 34.27 -1.50
CA GLU E 461 -27.84 33.43 -0.95
C GLU E 461 -26.52 33.90 -1.54
N THR E 462 -25.52 34.09 -0.68
CA THR E 462 -24.25 34.61 -1.16
C THR E 462 -23.09 33.83 -0.54
N ILE E 463 -21.96 33.87 -1.25
CA ILE E 463 -20.77 33.19 -0.79
C ILE E 463 -20.27 33.81 0.51
N GLY E 464 -19.88 32.94 1.44
CA GLY E 464 -19.29 33.40 2.68
C GLY E 464 -20.27 33.89 3.71
N LYS E 465 -21.56 33.58 3.55
CA LYS E 465 -22.55 33.89 4.56
C LYS E 465 -23.67 32.85 4.47
N LYS E 466 -24.15 32.40 5.63
CA LYS E 466 -25.12 31.29 5.74
C LYS E 466 -26.39 31.49 4.91
N MET F 2 -64.77 -11.56 16.80
CA MET F 2 -63.60 -12.05 16.08
C MET F 2 -63.73 -11.90 14.56
N PHE F 3 -62.69 -11.34 13.94
CA PHE F 3 -62.69 -11.07 12.52
C PHE F 3 -62.28 -12.31 11.73
N GLU F 4 -63.09 -12.67 10.73
CA GLU F 4 -62.82 -13.83 9.89
C GLU F 4 -62.41 -13.38 8.50
N ILE F 5 -61.21 -13.81 8.07
CA ILE F 5 -60.73 -13.51 6.72
C ILE F 5 -61.46 -14.43 5.74
N LYS F 6 -62.17 -13.82 4.77
CA LYS F 6 -62.92 -14.57 3.78
C LYS F 6 -62.45 -14.32 2.35
N LYS F 7 -61.81 -13.19 2.09
CA LYS F 7 -61.28 -12.86 0.77
C LYS F 7 -59.83 -12.44 0.93
N ILE F 8 -58.93 -13.06 0.19
CA ILE F 8 -57.51 -12.74 0.23
C ILE F 8 -57.09 -12.28 -1.16
N CYS F 9 -56.35 -11.17 -1.20
CA CYS F 9 -55.65 -10.70 -2.40
C CYS F 9 -54.15 -10.76 -2.15
N CYS F 10 -53.40 -11.23 -3.14
CA CYS F 10 -51.94 -11.21 -3.08
C CYS F 10 -51.41 -10.40 -4.25
N ILE F 11 -50.71 -9.31 -3.95
CA ILE F 11 -50.05 -8.50 -4.97
C ILE F 11 -48.67 -9.10 -5.21
N GLY F 12 -48.49 -9.70 -6.39
CA GLY F 12 -47.25 -10.37 -6.74
C GLY F 12 -47.47 -11.85 -6.99
N ALA F 13 -47.43 -12.26 -8.27
CA ALA F 13 -47.66 -13.65 -8.63
C ALA F 13 -46.38 -14.36 -9.03
N GLY F 14 -45.35 -14.26 -8.19
CA GLY F 14 -44.04 -14.82 -8.46
C GLY F 14 -43.80 -16.12 -7.72
N TYR F 15 -42.52 -16.42 -7.45
CA TYR F 15 -42.15 -17.65 -6.75
C TYR F 15 -42.69 -17.71 -5.33
N VAL F 16 -42.94 -16.56 -4.71
CA VAL F 16 -43.50 -16.57 -3.37
C VAL F 16 -45.02 -16.53 -3.43
N GLY F 17 -45.57 -15.51 -4.09
CA GLY F 17 -47.01 -15.27 -4.03
C GLY F 17 -47.84 -16.37 -4.67
N GLY F 18 -47.41 -16.85 -5.84
CA GLY F 18 -48.15 -17.87 -6.56
C GLY F 18 -48.31 -19.16 -5.77
N PRO F 19 -47.20 -19.82 -5.44
CA PRO F 19 -47.32 -21.08 -4.67
C PRO F 19 -47.97 -20.88 -3.30
N THR F 20 -47.63 -19.81 -2.58
CA THR F 20 -48.20 -19.61 -1.25
C THR F 20 -49.72 -19.51 -1.33
N CYS F 21 -50.22 -18.66 -2.24
CA CYS F 21 -51.67 -18.51 -2.35
C CYS F 21 -52.34 -19.76 -2.89
N SER F 22 -51.67 -20.49 -3.78
CA SER F 22 -52.24 -21.74 -4.26
C SER F 22 -52.45 -22.71 -3.11
N VAL F 23 -51.46 -22.79 -2.21
CA VAL F 23 -51.59 -23.72 -1.09
C VAL F 23 -52.66 -23.24 -0.12
N ILE F 24 -52.72 -21.92 0.15
CA ILE F 24 -53.78 -21.38 1.00
C ILE F 24 -55.15 -21.73 0.46
N ALA F 25 -55.36 -21.51 -0.85
CA ALA F 25 -56.64 -21.88 -1.45
C ALA F 25 -56.93 -23.36 -1.29
N HIS F 26 -55.89 -24.20 -1.49
CA HIS F 26 -56.06 -25.65 -1.40
C HIS F 26 -56.47 -26.08 0.01
N MET F 27 -55.90 -25.44 1.03
CA MET F 27 -56.17 -25.79 2.42
C MET F 27 -57.39 -25.07 2.99
N CYS F 28 -57.88 -24.02 2.35
CA CYS F 28 -58.98 -23.21 2.86
C CYS F 28 -60.03 -23.06 1.78
N PRO F 29 -60.84 -24.10 1.52
CA PRO F 29 -61.77 -24.05 0.39
C PRO F 29 -62.80 -22.94 0.49
N GLU F 30 -63.06 -22.44 1.70
CA GLU F 30 -64.07 -21.42 1.92
C GLU F 30 -63.53 -20.00 1.76
N ILE F 31 -62.23 -19.83 1.57
CA ILE F 31 -61.63 -18.51 1.41
C ILE F 31 -61.37 -18.28 -0.07
N ARG F 32 -61.77 -17.10 -0.58
CA ARG F 32 -61.50 -16.74 -1.97
C ARG F 32 -60.13 -16.07 -2.05
N VAL F 33 -59.25 -16.62 -2.88
CA VAL F 33 -57.86 -16.18 -2.99
C VAL F 33 -57.62 -15.68 -4.41
N THR F 34 -57.29 -14.40 -4.54
CA THR F 34 -57.03 -13.79 -5.84
C THR F 34 -55.59 -13.28 -5.86
N VAL F 35 -54.79 -13.85 -6.76
CA VAL F 35 -53.41 -13.43 -6.96
C VAL F 35 -53.36 -12.47 -8.14
N VAL F 36 -52.76 -11.29 -7.95
CA VAL F 36 -52.72 -10.27 -8.99
C VAL F 36 -51.29 -9.84 -9.23
N ASP F 37 -51.08 -9.26 -10.41
CA ASP F 37 -49.75 -8.89 -10.88
C ASP F 37 -49.91 -7.92 -12.03
N VAL F 38 -48.92 -7.03 -12.19
CA VAL F 38 -48.89 -6.14 -13.35
C VAL F 38 -48.49 -6.89 -14.61
N ASN F 39 -47.78 -8.01 -14.48
CA ASN F 39 -47.24 -8.74 -15.62
C ASN F 39 -48.37 -9.59 -16.19
N GLU F 40 -48.92 -9.16 -17.33
CA GLU F 40 -50.09 -9.83 -17.88
C GLU F 40 -49.75 -11.22 -18.40
N SER F 41 -48.58 -11.39 -19.03
CA SER F 41 -48.23 -12.70 -19.58
C SER F 41 -47.99 -13.70 -18.45
N ARG F 42 -47.50 -13.24 -17.31
CA ARG F 42 -47.36 -14.11 -16.15
C ARG F 42 -48.73 -14.55 -15.62
N ILE F 43 -49.69 -13.63 -15.53
CA ILE F 43 -51.04 -13.99 -15.09
C ILE F 43 -51.66 -14.99 -16.07
N ASN F 44 -51.54 -14.72 -17.37
CA ASN F 44 -52.09 -15.63 -18.38
C ASN F 44 -51.46 -17.02 -18.25
N ALA F 45 -50.17 -17.10 -17.95
CA ALA F 45 -49.55 -18.40 -17.78
C ALA F 45 -50.11 -19.12 -16.56
N TRP F 46 -50.32 -18.39 -15.45
CA TRP F 46 -50.93 -19.01 -14.27
C TRP F 46 -52.30 -19.58 -14.61
N ASN F 47 -53.00 -19.00 -15.59
CA ASN F 47 -54.32 -19.47 -15.99
C ASN F 47 -54.26 -20.52 -17.10
N SER F 48 -53.08 -20.98 -17.48
CA SER F 48 -52.88 -21.84 -18.63
C SER F 48 -52.44 -23.24 -18.18
N PRO F 49 -52.31 -24.20 -19.12
CA PRO F 49 -51.77 -25.51 -18.74
C PRO F 49 -50.27 -25.51 -18.48
N THR F 50 -49.56 -24.43 -18.78
CA THR F 50 -48.11 -24.33 -18.59
C THR F 50 -47.85 -23.16 -17.65
N LEU F 51 -47.63 -23.47 -16.37
CA LEU F 51 -47.43 -22.44 -15.35
C LEU F 51 -46.15 -21.65 -15.61
N PRO F 52 -46.06 -20.39 -15.14
CA PRO F 52 -44.90 -19.56 -15.46
C PRO F 52 -43.64 -19.91 -14.67
N ILE F 53 -43.74 -20.76 -13.64
CA ILE F 53 -42.60 -21.27 -12.91
C ILE F 53 -42.73 -22.78 -12.82
N TYR F 54 -41.60 -23.45 -12.61
CA TYR F 54 -41.59 -24.88 -12.40
C TYR F 54 -41.37 -25.18 -10.92
N GLU F 55 -42.37 -25.80 -10.29
CA GLU F 55 -42.33 -26.28 -8.92
C GLU F 55 -42.97 -27.66 -8.85
N PRO F 56 -42.27 -28.68 -8.36
CA PRO F 56 -42.89 -30.00 -8.22
C PRO F 56 -44.21 -29.92 -7.46
N GLY F 57 -45.25 -30.53 -8.06
CA GLY F 57 -46.56 -30.58 -7.45
C GLY F 57 -47.40 -29.34 -7.59
N LEU F 58 -46.85 -28.24 -8.11
CA LEU F 58 -47.60 -27.00 -8.17
C LEU F 58 -48.75 -27.09 -9.17
N LYS F 59 -48.52 -27.69 -10.34
CA LYS F 59 -49.59 -27.82 -11.34
C LYS F 59 -50.81 -28.50 -10.76
N GLU F 60 -50.60 -29.56 -9.98
CA GLU F 60 -51.73 -30.28 -9.39
C GLU F 60 -52.48 -29.41 -8.39
N VAL F 61 -51.75 -28.67 -7.55
CA VAL F 61 -52.41 -27.81 -6.57
C VAL F 61 -53.23 -26.72 -7.26
N VAL F 62 -52.61 -26.05 -8.23
CA VAL F 62 -53.29 -24.96 -8.95
C VAL F 62 -54.56 -25.48 -9.62
N GLU F 63 -54.46 -26.60 -10.32
CA GLU F 63 -55.60 -27.08 -11.11
C GLU F 63 -56.74 -27.61 -10.24
N SER F 64 -56.47 -27.98 -8.99
CA SER F 64 -57.56 -28.39 -8.11
C SER F 64 -58.34 -27.22 -7.54
N CYS F 65 -57.80 -26.01 -7.60
CA CYS F 65 -58.41 -24.83 -7.00
C CYS F 65 -58.79 -23.75 -7.99
N ARG F 66 -58.06 -23.62 -9.10
CA ARG F 66 -58.22 -22.47 -9.96
C ARG F 66 -59.62 -22.44 -10.54
N GLY F 67 -60.28 -21.30 -10.41
CA GLY F 67 -61.67 -21.16 -10.81
C GLY F 67 -62.68 -21.56 -9.76
N LYS F 68 -62.28 -22.33 -8.74
CA LYS F 68 -63.15 -22.57 -7.60
C LYS F 68 -62.96 -21.47 -6.56
N ASN F 69 -61.84 -21.50 -5.82
CA ASN F 69 -61.56 -20.44 -4.86
C ASN F 69 -60.19 -19.80 -5.08
N LEU F 70 -59.50 -20.13 -6.17
CA LEU F 70 -58.20 -19.56 -6.51
C LEU F 70 -58.29 -18.88 -7.88
N PHE F 71 -57.90 -17.61 -7.95
CA PHE F 71 -58.00 -16.82 -9.16
C PHE F 71 -56.71 -16.03 -9.39
N PHE F 72 -56.36 -15.86 -10.66
CA PHE F 72 -55.23 -15.06 -11.10
C PHE F 72 -55.73 -13.98 -12.04
N SER F 73 -55.39 -12.72 -11.76
CA SER F 73 -55.99 -11.63 -12.51
C SER F 73 -55.03 -10.45 -12.60
N THR F 74 -55.18 -9.66 -13.66
CA THR F 74 -54.52 -8.36 -13.76
C THR F 74 -55.36 -7.24 -13.18
N ASN F 75 -56.58 -7.53 -12.73
CA ASN F 75 -57.45 -6.51 -12.13
C ASN F 75 -57.03 -6.33 -10.66
N ILE F 76 -55.96 -5.58 -10.47
CA ILE F 76 -55.42 -5.34 -9.13
C ILE F 76 -56.40 -4.55 -8.27
N ASP F 77 -57.03 -3.53 -8.85
CA ASP F 77 -57.85 -2.61 -8.09
C ASP F 77 -59.04 -3.30 -7.42
N ASP F 78 -59.75 -4.14 -8.17
CA ASP F 78 -60.94 -4.77 -7.60
C ASP F 78 -60.58 -5.86 -6.61
N ALA F 79 -59.46 -6.56 -6.80
CA ALA F 79 -59.05 -7.55 -5.82
C ALA F 79 -58.75 -6.90 -4.48
N ILE F 80 -58.07 -5.75 -4.49
CA ILE F 80 -57.79 -5.03 -3.25
C ILE F 80 -59.09 -4.60 -2.58
N LYS F 81 -60.00 -4.03 -3.38
CA LYS F 81 -61.24 -3.46 -2.84
C LYS F 81 -62.01 -4.48 -2.02
N GLU F 82 -62.20 -5.69 -2.56
CA GLU F 82 -62.99 -6.73 -1.89
C GLU F 82 -62.22 -7.49 -0.82
N ALA F 83 -60.91 -7.33 -0.73
CA ALA F 83 -60.09 -8.19 0.12
C ALA F 83 -60.25 -7.85 1.60
N ASP F 84 -60.31 -8.90 2.43
CA ASP F 84 -60.10 -8.74 3.86
C ASP F 84 -58.61 -8.72 4.19
N LEU F 85 -57.82 -9.53 3.48
CA LEU F 85 -56.40 -9.62 3.71
C LEU F 85 -55.68 -9.40 2.39
N VAL F 86 -54.71 -8.50 2.38
CA VAL F 86 -53.88 -8.23 1.20
C VAL F 86 -52.43 -8.59 1.54
N PHE F 87 -51.92 -9.62 0.88
CA PHE F 87 -50.48 -9.93 0.90
C PHE F 87 -49.75 -9.03 -0.08
N ILE F 88 -48.55 -8.61 0.29
CA ILE F 88 -47.60 -7.97 -0.63
C ILE F 88 -46.40 -8.90 -0.76
N SER F 89 -46.21 -9.49 -1.95
CA SER F 89 -45.12 -10.44 -2.21
C SER F 89 -44.46 -10.06 -3.53
N VAL F 90 -43.80 -8.92 -3.55
CA VAL F 90 -43.18 -8.40 -4.76
C VAL F 90 -41.67 -8.51 -4.59
N ASN F 91 -40.95 -8.21 -5.66
CA ASN F 91 -39.50 -8.26 -5.62
C ASN F 91 -38.97 -6.92 -5.14
N THR F 92 -37.90 -6.95 -4.36
CA THR F 92 -37.26 -5.75 -3.84
C THR F 92 -35.82 -5.74 -4.34
N PRO F 93 -35.56 -5.10 -5.48
CA PRO F 93 -34.20 -5.10 -6.04
C PRO F 93 -33.27 -4.23 -5.20
N THR F 94 -31.98 -4.44 -5.40
CA THR F 94 -30.99 -3.63 -4.71
C THR F 94 -30.99 -2.21 -5.27
N LYS F 95 -30.81 -1.23 -4.38
CA LYS F 95 -30.73 0.16 -4.81
C LYS F 95 -29.61 0.31 -5.83
N THR F 96 -29.87 1.10 -6.86
CA THR F 96 -28.90 1.33 -7.94
C THR F 96 -28.20 2.67 -7.86
N TYR F 97 -28.52 3.52 -6.87
CA TYR F 97 -27.78 4.75 -6.68
C TYR F 97 -27.92 5.19 -5.23
N GLY F 98 -27.16 6.21 -4.87
CA GLY F 98 -27.22 6.74 -3.52
C GLY F 98 -26.51 5.85 -2.54
N MET F 99 -26.77 6.12 -1.26
CA MET F 99 -26.21 5.30 -0.19
C MET F 99 -26.76 3.88 -0.28
N GLY F 100 -25.86 2.90 -0.17
CA GLY F 100 -26.25 1.51 -0.27
C GLY F 100 -26.47 1.01 -1.67
N LYS F 101 -26.04 1.74 -2.69
CA LYS F 101 -26.07 1.23 -4.06
C LYS F 101 -25.41 -0.14 -4.09
N GLY F 102 -26.10 -1.12 -4.67
CA GLY F 102 -25.58 -2.46 -4.73
C GLY F 102 -25.65 -3.26 -3.45
N ARG F 103 -26.20 -2.69 -2.37
CA ARG F 103 -26.21 -3.36 -1.07
C ARG F 103 -27.58 -3.34 -0.41
N ALA F 104 -28.21 -2.16 -0.32
CA ALA F 104 -29.48 -2.01 0.39
C ALA F 104 -30.68 -2.26 -0.51
N ALA F 105 -31.72 -2.84 0.06
CA ALA F 105 -32.93 -3.11 -0.70
C ALA F 105 -33.65 -1.80 -1.07
N ASP F 106 -34.21 -1.78 -2.28
CA ASP F 106 -34.98 -0.62 -2.75
C ASP F 106 -36.45 -0.88 -2.44
N LEU F 107 -37.01 -0.05 -1.56
CA LEU F 107 -38.36 -0.25 -1.07
C LEU F 107 -39.42 0.39 -1.96
N LYS F 108 -39.05 0.84 -3.16
CA LYS F 108 -39.99 1.59 -3.99
C LYS F 108 -41.18 0.74 -4.43
N TYR F 109 -40.94 -0.56 -4.72
CA TYR F 109 -42.04 -1.38 -5.20
C TYR F 109 -42.99 -1.74 -4.07
N ILE F 110 -42.46 -1.97 -2.87
CA ILE F 110 -43.32 -2.17 -1.71
C ILE F 110 -44.16 -0.93 -1.48
N GLU F 111 -43.53 0.25 -1.54
CA GLU F 111 -44.24 1.50 -1.28
C GLU F 111 -45.32 1.76 -2.33
N ALA F 112 -45.04 1.41 -3.59
CA ALA F 112 -46.06 1.55 -4.64
C ALA F 112 -47.26 0.65 -4.37
N CYS F 113 -47.01 -0.56 -3.86
CA CYS F 113 -48.13 -1.43 -3.48
C CYS F 113 -48.94 -0.82 -2.34
N ALA F 114 -48.26 -0.26 -1.35
CA ALA F 114 -48.96 0.37 -0.23
C ALA F 114 -49.81 1.53 -0.69
N ARG F 115 -49.29 2.36 -1.60
CA ARG F 115 -50.09 3.46 -2.13
C ARG F 115 -51.26 2.95 -2.94
N ARG F 116 -51.06 1.88 -3.71
CA ARG F 116 -52.17 1.34 -4.49
C ARG F 116 -53.24 0.75 -3.57
N ILE F 117 -52.85 0.16 -2.45
CA ILE F 117 -53.83 -0.37 -1.49
C ILE F 117 -54.66 0.76 -0.92
N VAL F 118 -54.02 1.86 -0.51
CA VAL F 118 -54.77 3.00 0.03
C VAL F 118 -55.80 3.48 -0.99
N GLN F 119 -55.41 3.56 -2.26
CA GLN F 119 -56.31 4.07 -3.28
C GLN F 119 -57.56 3.23 -3.43
N ASN F 120 -57.49 1.94 -3.11
CA ASN F 120 -58.59 1.04 -3.39
C ASN F 120 -59.25 0.49 -2.12
N SER F 121 -58.99 1.10 -0.97
CA SER F 121 -59.45 0.55 0.30
C SER F 121 -60.38 1.52 1.00
N ASN F 122 -61.41 0.97 1.63
CA ASN F 122 -62.20 1.66 2.64
C ASN F 122 -62.42 0.69 3.78
N GLY F 123 -62.69 1.23 4.97
CA GLY F 123 -62.94 0.33 6.07
C GLY F 123 -61.70 -0.38 6.57
N TYR F 124 -61.90 -1.61 7.03
CA TYR F 124 -60.89 -2.39 7.70
C TYR F 124 -60.26 -3.40 6.74
N LYS F 125 -58.93 -3.45 6.71
CA LYS F 125 -58.20 -4.48 5.98
C LYS F 125 -56.91 -4.81 6.71
N ILE F 126 -56.47 -6.06 6.59
CA ILE F 126 -55.17 -6.49 7.09
C ILE F 126 -54.23 -6.57 5.91
N VAL F 127 -53.08 -5.90 6.03
CA VAL F 127 -52.06 -5.87 4.98
C VAL F 127 -50.81 -6.58 5.52
N THR F 128 -50.40 -7.64 4.85
CA THR F 128 -49.34 -8.51 5.34
C THR F 128 -48.22 -8.58 4.32
N GLU F 129 -47.01 -8.22 4.74
CA GLU F 129 -45.86 -8.35 3.86
C GLU F 129 -45.28 -9.76 4.00
N LYS F 130 -45.15 -10.45 2.86
CA LYS F 130 -44.64 -11.81 2.80
C LYS F 130 -43.56 -11.87 1.73
N SER F 131 -42.31 -12.10 2.16
CA SER F 131 -41.18 -12.24 1.25
C SER F 131 -40.12 -13.11 1.93
N THR F 132 -39.13 -13.53 1.16
CA THR F 132 -38.05 -14.29 1.77
C THR F 132 -37.00 -13.38 2.43
N VAL F 133 -36.89 -12.13 2.00
CA VAL F 133 -35.90 -11.20 2.56
C VAL F 133 -36.59 -9.89 2.89
N PRO F 134 -37.32 -9.77 4.00
CA PRO F 134 -37.97 -8.50 4.34
C PRO F 134 -36.97 -7.55 4.99
N VAL F 135 -36.83 -6.36 4.40
CA VAL F 135 -35.87 -5.35 4.83
C VAL F 135 -36.64 -4.05 5.08
N ARG F 136 -36.96 -3.77 6.34
CA ARG F 136 -37.73 -2.58 6.71
C ARG F 136 -39.06 -2.51 5.97
N ALA F 137 -39.63 -3.68 5.65
CA ALA F 137 -40.82 -3.72 4.81
C ALA F 137 -42.05 -3.25 5.56
N ALA F 138 -42.30 -3.78 6.76
CA ALA F 138 -43.46 -3.35 7.53
C ALA F 138 -43.36 -1.87 7.88
N GLU F 139 -42.16 -1.39 8.21
CA GLU F 139 -41.99 0.02 8.55
C GLU F 139 -42.38 0.92 7.38
N SER F 140 -41.95 0.56 6.16
CA SER F 140 -42.23 1.44 5.03
C SER F 140 -43.72 1.42 4.65
N ILE F 141 -44.40 0.28 4.81
CA ILE F 141 -45.84 0.24 4.55
C ILE F 141 -46.59 1.13 5.55
N ARG F 142 -46.24 1.02 6.83
CA ARG F 142 -46.89 1.85 7.85
C ARG F 142 -46.68 3.34 7.56
N ARG F 143 -45.48 3.72 7.15
CA ARG F 143 -45.23 5.13 6.88
C ARG F 143 -46.12 5.64 5.74
N ILE F 144 -46.36 4.80 4.72
CA ILE F 144 -47.28 5.20 3.66
C ILE F 144 -48.70 5.33 4.19
N PHE F 145 -49.16 4.35 4.98
CA PHE F 145 -50.53 4.38 5.47
C PHE F 145 -50.75 5.55 6.41
N ASP F 146 -49.75 5.85 7.26
CA ASP F 146 -49.87 6.92 8.24
C ASP F 146 -50.01 8.28 7.57
N ALA F 147 -49.42 8.46 6.39
CA ALA F 147 -49.46 9.73 5.68
C ALA F 147 -50.67 9.87 4.77
N ASN F 148 -51.45 8.80 4.60
CA ASN F 148 -52.59 8.79 3.68
C ASN F 148 -53.81 8.26 4.43
N THR F 149 -54.21 8.97 5.48
CA THR F 149 -55.35 8.53 6.26
C THR F 149 -56.65 9.02 5.63
N LYS F 150 -57.72 8.26 5.87
CA LYS F 150 -59.09 8.63 5.52
C LYS F 150 -59.97 8.38 6.72
N PRO F 151 -61.09 9.09 6.84
CA PRO F 151 -62.11 8.68 7.80
C PRO F 151 -62.52 7.24 7.53
N ASN F 152 -62.57 6.45 8.61
CA ASN F 152 -63.02 5.06 8.61
C ASN F 152 -62.08 4.08 7.90
N LEU F 153 -60.96 4.54 7.36
CA LEU F 153 -59.96 3.63 6.80
C LEU F 153 -59.05 3.11 7.92
N ASN F 154 -58.97 1.79 8.06
CA ASN F 154 -58.26 1.17 9.18
C ASN F 154 -57.43 -0.01 8.65
N LEU F 155 -56.20 0.27 8.25
CA LEU F 155 -55.33 -0.75 7.70
C LEU F 155 -54.36 -1.21 8.79
N GLN F 156 -54.29 -2.51 9.00
CA GLN F 156 -53.33 -3.12 9.92
C GLN F 156 -52.21 -3.73 9.12
N VAL F 157 -50.99 -3.56 9.61
CA VAL F 157 -49.79 -4.03 8.92
C VAL F 157 -49.20 -5.20 9.71
N LEU F 158 -49.08 -6.34 9.04
CA LEU F 158 -48.43 -7.52 9.61
C LEU F 158 -47.21 -7.87 8.78
N SER F 159 -46.27 -8.57 9.43
CA SER F 159 -45.15 -9.22 8.78
C SER F 159 -45.36 -10.72 8.82
N ASN F 160 -45.17 -11.40 7.70
CA ASN F 160 -45.36 -12.86 7.61
C ASN F 160 -44.34 -13.43 6.64
N PRO F 161 -43.08 -13.53 7.06
CA PRO F 161 -42.01 -13.99 6.17
C PRO F 161 -42.25 -15.41 5.65
N GLU F 162 -41.80 -15.65 4.43
CA GLU F 162 -41.99 -16.94 3.77
C GLU F 162 -40.71 -17.74 3.85
N PHE F 163 -40.78 -18.93 4.45
CA PHE F 163 -39.64 -19.81 4.68
C PHE F 163 -39.47 -20.88 3.61
N LEU F 164 -40.36 -20.97 2.62
CA LEU F 164 -40.26 -22.03 1.63
C LEU F 164 -38.94 -21.92 0.87
N ALA F 165 -38.43 -23.07 0.44
CA ALA F 165 -37.32 -23.13 -0.50
C ALA F 165 -37.84 -23.54 -1.86
N GLU F 166 -37.33 -22.89 -2.91
CA GLU F 166 -37.80 -23.22 -4.25
C GLU F 166 -37.37 -24.64 -4.61
N GLY F 167 -38.19 -25.32 -5.41
CA GLY F 167 -38.01 -26.72 -5.68
C GLY F 167 -38.68 -27.65 -4.69
N THR F 168 -38.91 -27.19 -3.46
CA THR F 168 -39.69 -27.94 -2.48
C THR F 168 -40.82 -27.08 -1.93
N ALA F 169 -41.29 -26.12 -2.73
CA ALA F 169 -42.22 -25.10 -2.22
C ALA F 169 -43.50 -25.73 -1.68
N ILE F 170 -44.09 -26.68 -2.43
CA ILE F 170 -45.38 -27.23 -2.04
C ILE F 170 -45.28 -28.00 -0.74
N LYS F 171 -44.29 -28.90 -0.66
CA LYS F 171 -44.09 -29.64 0.59
C LYS F 171 -43.75 -28.70 1.73
N ASP F 172 -42.93 -27.68 1.47
CA ASP F 172 -42.59 -26.71 2.52
C ASP F 172 -43.83 -25.94 2.99
N LEU F 173 -44.69 -25.53 2.05
CA LEU F 173 -45.87 -24.75 2.41
C LEU F 173 -46.90 -25.58 3.14
N LYS F 174 -47.02 -26.87 2.80
CA LYS F 174 -48.01 -27.72 3.46
C LYS F 174 -47.55 -28.22 4.82
N ASN F 175 -46.25 -28.29 5.09
CA ASN F 175 -45.74 -28.74 6.39
C ASN F 175 -44.57 -27.86 6.81
N PRO F 176 -44.82 -26.59 7.09
CA PRO F 176 -43.71 -25.70 7.47
C PRO F 176 -43.16 -26.06 8.83
N ASP F 177 -41.85 -25.86 9.00
CA ASP F 177 -41.26 -26.03 10.33
C ASP F 177 -41.89 -25.04 11.31
N ARG F 178 -42.12 -23.82 10.87
CA ARG F 178 -42.90 -22.87 11.66
C ARG F 178 -43.43 -21.80 10.73
N VAL F 179 -44.49 -21.14 11.20
CA VAL F 179 -45.04 -19.94 10.58
C VAL F 179 -44.74 -18.79 11.54
N LEU F 180 -44.28 -17.67 10.99
CA LEU F 180 -43.87 -16.51 11.76
C LEU F 180 -44.73 -15.32 11.38
N ILE F 181 -45.42 -14.73 12.35
CA ILE F 181 -46.30 -13.60 12.13
C ILE F 181 -45.92 -12.49 13.10
N GLY F 182 -45.66 -11.30 12.59
CA GLY F 182 -45.37 -10.13 13.38
C GLY F 182 -46.47 -9.10 13.23
N GLY F 183 -46.90 -8.53 14.35
CA GLY F 183 -47.89 -7.46 14.36
C GLY F 183 -47.68 -6.59 15.59
N ASP F 184 -48.34 -5.44 15.58
CA ASP F 184 -48.17 -4.47 16.66
C ASP F 184 -48.67 -5.05 17.98
N GLU F 185 -48.04 -4.62 19.07
CA GLU F 185 -48.46 -5.01 20.41
C GLU F 185 -49.52 -4.03 20.95
N THR F 186 -50.62 -3.96 20.23
CA THR F 186 -51.80 -3.17 20.52
C THR F 186 -53.01 -4.08 20.41
N PRO F 187 -54.16 -3.68 20.95
CA PRO F 187 -55.38 -4.47 20.73
C PRO F 187 -55.68 -4.75 19.26
N GLU F 188 -55.61 -3.73 18.41
CA GLU F 188 -55.88 -3.94 16.99
C GLU F 188 -54.81 -4.83 16.35
N GLY F 189 -53.54 -4.61 16.69
CA GLY F 189 -52.51 -5.46 16.13
C GLY F 189 -52.72 -6.92 16.48
N GLN F 190 -53.09 -7.20 17.74
CA GLN F 190 -53.27 -8.58 18.15
C GLN F 190 -54.47 -9.22 17.46
N ARG F 191 -55.53 -8.44 17.23
CA ARG F 191 -56.71 -8.97 16.55
C ARG F 191 -56.40 -9.32 15.10
N ALA F 192 -55.57 -8.51 14.45
CA ALA F 192 -55.13 -8.83 13.09
C ALA F 192 -54.25 -10.08 13.07
N VAL F 193 -53.29 -10.15 14.00
CA VAL F 193 -52.42 -11.33 14.10
C VAL F 193 -53.26 -12.60 14.25
N GLN F 194 -54.23 -12.56 15.16
CA GLN F 194 -55.07 -13.73 15.40
C GLN F 194 -55.87 -14.10 14.15
N ALA F 195 -56.40 -13.11 13.43
CA ALA F 195 -57.11 -13.39 12.18
C ALA F 195 -56.22 -14.11 11.18
N LEU F 196 -54.96 -13.68 11.05
CA LEU F 196 -54.06 -14.40 10.14
C LEU F 196 -53.72 -15.77 10.68
N CYS F 197 -53.51 -15.90 12.00
CA CYS F 197 -53.29 -17.23 12.59
C CYS F 197 -54.40 -18.20 12.23
N ALA F 198 -55.65 -17.73 12.30
CA ALA F 198 -56.80 -18.57 12.02
C ALA F 198 -56.79 -19.10 10.60
N VAL F 199 -56.22 -18.35 9.66
CA VAL F 199 -56.04 -18.88 8.30
C VAL F 199 -55.11 -20.09 8.32
N TYR F 200 -53.90 -19.91 8.87
CA TYR F 200 -52.91 -20.98 8.88
C TYR F 200 -53.35 -22.16 9.72
N GLU F 201 -54.20 -21.93 10.74
CA GLU F 201 -54.64 -23.03 11.59
C GLU F 201 -55.51 -24.03 10.86
N HIS F 202 -55.94 -23.74 9.63
CA HIS F 202 -56.61 -24.75 8.81
C HIS F 202 -55.71 -25.94 8.51
N TRP F 203 -54.38 -25.77 8.53
CA TRP F 203 -53.52 -26.91 8.25
C TRP F 203 -52.22 -26.93 9.04
N VAL F 204 -51.92 -25.90 9.84
CA VAL F 204 -50.68 -25.84 10.61
C VAL F 204 -51.02 -25.95 12.08
N PRO F 205 -50.41 -26.88 12.81
CA PRO F 205 -50.65 -26.98 14.26
C PRO F 205 -50.28 -25.68 14.96
N ARG F 206 -51.07 -25.33 15.97
CA ARG F 206 -50.92 -24.02 16.61
C ARG F 206 -49.55 -23.85 17.29
N GLU F 207 -48.94 -24.95 17.77
CA GLU F 207 -47.61 -24.84 18.36
C GLU F 207 -46.52 -24.55 17.33
N LYS F 208 -46.81 -24.63 16.04
CA LYS F 208 -45.82 -24.26 15.03
C LYS F 208 -46.01 -22.84 14.51
N ILE F 209 -46.93 -22.07 15.11
CA ILE F 209 -47.18 -20.69 14.74
C ILE F 209 -46.59 -19.79 15.81
N LEU F 210 -45.60 -19.00 15.44
CA LEU F 210 -44.97 -18.03 16.33
C LEU F 210 -45.51 -16.65 16.03
N THR F 211 -45.84 -15.88 17.07
CA THR F 211 -46.32 -14.52 16.91
C THR F 211 -45.42 -13.57 17.69
N THR F 212 -45.16 -12.40 17.11
CA THR F 212 -44.24 -11.42 17.67
C THR F 212 -44.60 -10.05 17.08
N ASN F 213 -43.70 -9.07 17.21
CA ASN F 213 -43.88 -7.77 16.58
C ASN F 213 -43.22 -7.77 15.20
N THR F 214 -43.49 -6.73 14.40
CA THR F 214 -43.06 -6.77 13.00
C THR F 214 -41.55 -6.76 12.88
N TRP F 215 -40.85 -5.98 13.71
CA TRP F 215 -39.39 -5.92 13.58
C TRP F 215 -38.74 -7.24 13.96
N SER F 216 -39.15 -7.83 15.09
CA SER F 216 -38.57 -9.11 15.50
C SER F 216 -38.81 -10.19 14.44
N SER F 217 -39.98 -10.16 13.80
CA SER F 217 -40.28 -11.06 12.70
C SER F 217 -39.28 -10.89 11.56
N GLU F 218 -39.08 -9.65 11.10
CA GLU F 218 -38.16 -9.41 9.98
C GLU F 218 -36.73 -9.72 10.37
N LEU F 219 -36.31 -9.30 11.57
CA LEU F 219 -34.94 -9.61 12.00
C LEU F 219 -34.73 -11.11 12.11
N SER F 220 -35.73 -11.84 12.61
CA SER F 220 -35.59 -13.29 12.72
C SER F 220 -35.38 -13.92 11.36
N LYS F 221 -36.10 -13.45 10.35
CA LYS F 221 -35.95 -13.99 8.99
C LYS F 221 -34.57 -13.64 8.43
N LEU F 222 -34.17 -12.38 8.59
CA LEU F 222 -32.86 -11.94 8.11
C LEU F 222 -31.76 -12.80 8.70
N ALA F 223 -31.84 -13.07 10.00
CA ALA F 223 -30.82 -13.87 10.67
C ALA F 223 -30.89 -15.33 10.26
N ALA F 224 -32.11 -15.89 10.22
CA ALA F 224 -32.26 -17.31 9.87
C ALA F 224 -31.68 -17.60 8.49
N ASN F 225 -31.97 -16.75 7.51
CA ASN F 225 -31.38 -16.92 6.18
C ASN F 225 -29.86 -16.90 6.26
N ALA F 226 -29.31 -15.99 7.04
CA ALA F 226 -27.86 -15.88 7.11
C ALA F 226 -27.24 -17.11 7.78
N PHE F 227 -27.92 -17.68 8.79
CA PHE F 227 -27.40 -18.90 9.41
C PHE F 227 -27.31 -20.03 8.41
N LEU F 228 -28.34 -20.17 7.55
CA LEU F 228 -28.32 -21.21 6.52
C LEU F 228 -27.17 -21.01 5.54
N ALA F 229 -27.04 -19.78 5.01
CA ALA F 229 -25.94 -19.46 4.10
C ALA F 229 -24.59 -19.72 4.75
N GLN F 230 -24.47 -19.43 6.06
CA GLN F 230 -23.20 -19.63 6.75
C GLN F 230 -22.80 -21.10 6.80
N ARG F 231 -23.76 -22.01 7.02
CA ARG F 231 -23.45 -23.44 7.02
C ARG F 231 -22.84 -23.88 5.70
N ILE F 232 -23.37 -23.36 4.58
CA ILE F 232 -22.85 -23.70 3.26
C ILE F 232 -21.45 -23.14 3.07
N SER F 233 -21.26 -21.86 3.40
CA SER F 233 -19.93 -21.28 3.28
C SER F 233 -18.94 -21.97 4.23
N SER F 234 -19.40 -22.37 5.40
CA SER F 234 -18.51 -23.06 6.33
C SER F 234 -18.08 -24.41 5.76
N ILE F 235 -19.03 -25.19 5.24
CA ILE F 235 -18.64 -26.48 4.70
C ILE F 235 -17.84 -26.30 3.42
N ASN F 236 -18.13 -25.24 2.66
CA ASN F 236 -17.33 -24.97 1.47
C ASN F 236 -15.90 -24.58 1.83
N SER F 237 -15.72 -23.80 2.91
CA SER F 237 -14.36 -23.51 3.34
C SER F 237 -13.61 -24.79 3.70
N ILE F 238 -14.29 -25.74 4.34
CA ILE F 238 -13.67 -27.02 4.67
C ILE F 238 -13.34 -27.82 3.41
N SER F 239 -14.15 -27.67 2.36
CA SER F 239 -13.88 -28.38 1.11
C SER F 239 -12.55 -27.97 0.51
N ALA F 240 -12.18 -26.69 0.64
CA ALA F 240 -10.88 -26.24 0.15
C ALA F 240 -9.75 -26.83 0.99
N LEU F 241 -9.97 -26.91 2.30
CA LEU F 241 -8.98 -27.52 3.17
C LEU F 241 -8.83 -29.01 2.86
N CYS F 242 -9.95 -29.69 2.53
CA CYS F 242 -9.90 -31.10 2.17
C CYS F 242 -9.07 -31.31 0.90
N GLU F 243 -9.31 -30.48 -0.12
CA GLU F 243 -8.54 -30.55 -1.35
C GLU F 243 -7.05 -30.36 -1.09
N ALA F 244 -6.68 -29.46 -0.17
CA ALA F 244 -5.27 -29.18 0.04
C ALA F 244 -4.55 -30.26 0.85
N THR F 245 -5.30 -31.13 1.54
CA THR F 245 -4.69 -32.06 2.48
C THR F 245 -5.04 -33.52 2.22
N GLY F 246 -5.77 -33.83 1.15
CA GLY F 246 -6.04 -35.21 0.82
C GLY F 246 -7.23 -35.83 1.51
N ALA F 247 -8.10 -35.04 2.14
CA ALA F 247 -9.31 -35.55 2.75
C ALA F 247 -10.52 -35.31 1.82
N ASP F 248 -11.66 -35.87 2.19
CA ASP F 248 -12.88 -35.82 1.38
C ASP F 248 -13.97 -35.10 2.16
N VAL F 249 -14.46 -33.96 1.62
CA VAL F 249 -15.40 -33.14 2.37
C VAL F 249 -16.71 -33.89 2.67
N GLU F 250 -17.13 -34.82 1.82
CA GLU F 250 -18.37 -35.57 2.11
C GLU F 250 -18.21 -36.44 3.34
N GLU F 251 -17.03 -37.05 3.51
CA GLU F 251 -16.77 -37.84 4.72
C GLU F 251 -16.65 -36.95 5.95
N VAL F 252 -15.95 -35.82 5.82
CA VAL F 252 -15.82 -34.89 6.93
C VAL F 252 -17.17 -34.31 7.32
N ALA F 253 -18.01 -33.99 6.32
CA ALA F 253 -19.34 -33.47 6.58
C ALA F 253 -20.20 -34.48 7.33
N THR F 254 -20.08 -35.76 6.99
CA THR F 254 -20.82 -36.79 7.71
C THR F 254 -20.41 -36.82 9.19
N ALA F 255 -19.10 -36.78 9.45
CA ALA F 255 -18.63 -36.78 10.83
C ALA F 255 -19.12 -35.55 11.59
N ILE F 256 -19.07 -34.37 10.95
CA ILE F 256 -19.57 -33.14 11.57
C ILE F 256 -21.06 -33.25 11.87
N GLY F 257 -21.84 -33.63 10.85
CA GLY F 257 -23.30 -33.61 10.94
C GLY F 257 -23.89 -34.63 11.89
N MET F 258 -23.11 -35.64 12.32
CA MET F 258 -23.65 -36.58 13.30
C MET F 258 -23.71 -36.02 14.71
N ASP F 259 -23.06 -34.88 14.97
CA ASP F 259 -23.28 -34.15 16.19
C ASP F 259 -24.69 -33.56 16.14
N GLN F 260 -25.57 -34.00 17.04
CA GLN F 260 -26.95 -33.53 17.02
C GLN F 260 -27.07 -32.07 17.42
N ARG F 261 -26.03 -31.49 18.02
CA ARG F 261 -26.05 -30.05 18.27
C ARG F 261 -25.74 -29.26 17.00
N ILE F 262 -25.07 -29.87 16.03
CA ILE F 262 -24.83 -29.21 14.74
C ILE F 262 -25.94 -29.53 13.74
N GLY F 263 -26.42 -30.77 13.72
CA GLY F 263 -27.38 -31.21 12.73
C GLY F 263 -26.71 -31.59 11.42
N ASN F 264 -27.40 -32.41 10.62
CA ASN F 264 -26.78 -32.98 9.41
C ASN F 264 -27.30 -32.37 8.12
N LYS F 265 -28.09 -31.31 8.18
CA LYS F 265 -28.63 -30.67 6.98
C LYS F 265 -27.76 -29.48 6.58
N PHE F 266 -27.83 -29.13 5.29
CA PHE F 266 -27.13 -27.96 4.74
C PHE F 266 -25.62 -28.05 4.98
N LEU F 267 -25.08 -29.25 4.82
CA LEU F 267 -23.64 -29.46 4.84
C LEU F 267 -23.15 -30.07 3.54
N LYS F 268 -23.80 -29.75 2.42
CA LYS F 268 -23.45 -30.32 1.13
C LYS F 268 -22.61 -29.30 0.37
N ALA F 269 -21.30 -29.56 0.29
CA ALA F 269 -20.39 -28.64 -0.39
C ALA F 269 -20.79 -28.49 -1.85
N SER F 270 -20.48 -27.33 -2.41
CA SER F 270 -20.97 -27.03 -3.75
C SER F 270 -20.08 -25.98 -4.38
N VAL F 271 -20.30 -25.75 -5.67
CA VAL F 271 -19.63 -24.66 -6.37
C VAL F 271 -19.96 -23.32 -5.71
N GLY F 272 -21.09 -23.23 -5.02
CA GLY F 272 -21.43 -22.06 -4.23
C GLY F 272 -22.94 -21.85 -4.23
N PHE F 273 -23.45 -21.28 -3.14
CA PHE F 273 -24.89 -21.07 -3.09
C PHE F 273 -25.31 -19.94 -4.02
N GLY F 274 -26.54 -20.06 -4.53
CA GLY F 274 -27.20 -19.03 -5.33
C GLY F 274 -28.62 -18.78 -4.85
N GLY F 275 -29.44 -18.18 -5.70
CA GLY F 275 -30.80 -17.85 -5.32
C GLY F 275 -30.94 -16.37 -4.95
N SER F 276 -32.18 -15.89 -5.06
CA SER F 276 -32.51 -14.50 -4.75
C SER F 276 -32.56 -14.21 -3.26
N CYS F 277 -32.35 -15.21 -2.39
CA CYS F 277 -32.43 -14.97 -0.96
C CYS F 277 -31.07 -14.70 -0.33
N PHE F 278 -30.14 -15.67 -0.39
CA PHE F 278 -29.01 -15.67 0.55
C PHE F 278 -28.09 -14.48 0.35
N GLN F 279 -27.58 -14.26 -0.87
CA GLN F 279 -26.64 -13.14 -1.05
C GLN F 279 -27.31 -11.81 -0.75
N LYS F 280 -28.51 -11.59 -1.27
CA LYS F 280 -29.25 -10.37 -0.95
C LYS F 280 -29.42 -10.22 0.57
N ASP F 281 -29.74 -11.31 1.24
CA ASP F 281 -29.98 -11.26 2.68
C ASP F 281 -28.73 -10.83 3.44
N VAL F 282 -27.60 -11.45 3.15
CA VAL F 282 -26.36 -11.13 3.87
C VAL F 282 -25.92 -9.70 3.56
N LEU F 283 -26.01 -9.29 2.28
CA LEU F 283 -25.69 -7.91 1.92
C LEU F 283 -26.52 -6.91 2.72
N ASN F 284 -27.83 -7.17 2.86
CA ASN F 284 -28.67 -6.25 3.62
C ASN F 284 -28.35 -6.31 5.10
N LEU F 285 -28.04 -7.51 5.61
CA LEU F 285 -27.67 -7.62 7.02
C LEU F 285 -26.38 -6.87 7.30
N VAL F 286 -25.37 -7.02 6.44
CA VAL F 286 -24.11 -6.31 6.60
C VAL F 286 -24.34 -4.81 6.54
N TYR F 287 -25.11 -4.35 5.55
CA TYR F 287 -25.37 -2.92 5.41
C TYR F 287 -26.13 -2.38 6.63
N LEU F 288 -27.14 -3.11 7.11
CA LEU F 288 -27.86 -2.69 8.31
C LEU F 288 -26.92 -2.54 9.51
N CYS F 289 -26.00 -3.49 9.69
CA CYS F 289 -25.09 -3.41 10.83
C CYS F 289 -24.15 -2.20 10.74
N GLU F 290 -23.66 -1.89 9.54
CA GLU F 290 -22.84 -0.70 9.39
C GLU F 290 -23.65 0.55 9.69
N ALA F 291 -24.91 0.59 9.25
CA ALA F 291 -25.72 1.77 9.50
C ALA F 291 -26.00 1.95 10.98
N LEU F 292 -26.04 0.85 11.74
CA LEU F 292 -26.27 0.89 13.17
C LEU F 292 -24.97 1.02 13.97
N ASN F 293 -23.85 1.28 13.29
CA ASN F 293 -22.54 1.37 13.95
C ASN F 293 -22.20 0.06 14.68
N LEU F 294 -22.41 -1.06 14.00
CA LEU F 294 -22.00 -2.39 14.45
C LEU F 294 -21.01 -2.97 13.44
N PRO F 295 -19.81 -2.36 13.31
CA PRO F 295 -18.88 -2.83 12.29
C PRO F 295 -18.36 -4.23 12.54
N GLU F 296 -18.22 -4.63 13.81
CA GLU F 296 -17.76 -5.99 14.08
C GLU F 296 -18.77 -7.02 13.60
N VAL F 297 -20.07 -6.74 13.80
CA VAL F 297 -21.08 -7.66 13.32
C VAL F 297 -21.13 -7.65 11.80
N ALA F 298 -20.97 -6.47 11.18
CA ALA F 298 -21.00 -6.37 9.73
C ALA F 298 -19.91 -7.24 9.10
N ARG F 299 -18.67 -7.13 9.58
CA ARG F 299 -17.59 -7.88 8.95
C ARG F 299 -17.65 -9.38 9.30
N TYR F 300 -18.28 -9.74 10.40
CA TYR F 300 -18.51 -11.16 10.69
C TYR F 300 -19.36 -11.79 9.59
N TRP F 301 -20.51 -11.19 9.27
CA TRP F 301 -21.39 -11.80 8.29
C TRP F 301 -20.89 -11.62 6.86
N GLN F 302 -20.10 -10.58 6.58
CA GLN F 302 -19.55 -10.43 5.23
C GLN F 302 -18.75 -11.65 4.80
N GLN F 303 -18.14 -12.36 5.74
CA GLN F 303 -17.36 -13.55 5.38
C GLN F 303 -18.20 -14.62 4.69
N VAL F 304 -19.50 -14.67 4.97
CA VAL F 304 -20.34 -15.67 4.31
C VAL F 304 -20.33 -15.46 2.79
N ILE F 305 -20.41 -14.20 2.36
CA ILE F 305 -20.36 -13.88 0.93
C ILE F 305 -18.95 -14.00 0.37
N ASP F 306 -17.94 -13.50 1.08
CA ASP F 306 -16.56 -13.60 0.58
C ASP F 306 -16.16 -15.05 0.34
N MET F 307 -16.53 -15.94 1.24
CA MET F 307 -16.21 -17.37 1.08
C MET F 307 -16.93 -17.95 -0.12
N ASN F 308 -18.20 -17.57 -0.32
CA ASN F 308 -18.95 -18.05 -1.47
C ASN F 308 -18.33 -17.58 -2.79
N ASP F 309 -17.90 -16.31 -2.83
CA ASP F 309 -17.24 -15.81 -4.04
C ASP F 309 -15.92 -16.53 -4.29
N TYR F 310 -15.16 -16.81 -3.23
CA TYR F 310 -13.91 -17.55 -3.37
C TYR F 310 -14.15 -18.98 -3.85
N GLN F 311 -15.18 -19.63 -3.31
CA GLN F 311 -15.50 -21.00 -3.71
C GLN F 311 -15.76 -21.06 -5.21
N ARG F 312 -16.53 -20.11 -5.74
CA ARG F 312 -16.80 -20.09 -7.17
C ARG F 312 -15.53 -19.87 -7.99
N ARG F 313 -14.73 -18.87 -7.60
CA ARG F 313 -13.49 -18.60 -8.33
C ARG F 313 -12.55 -19.80 -8.29
N ARG F 314 -12.44 -20.46 -7.12
CA ARG F 314 -11.55 -21.62 -6.99
C ARG F 314 -12.00 -22.75 -7.90
N PHE F 315 -13.31 -22.99 -7.97
CA PHE F 315 -13.80 -24.05 -8.85
C PHE F 315 -13.45 -23.74 -10.31
N ALA F 316 -13.70 -22.50 -10.74
CA ALA F 316 -13.40 -22.13 -12.12
C ALA F 316 -11.91 -22.26 -12.43
N SER F 317 -11.04 -21.83 -11.51
CA SER F 317 -9.62 -21.87 -11.82
C SER F 317 -9.07 -23.30 -11.76
N ARG F 318 -9.71 -24.19 -11.00
CA ARG F 318 -9.36 -25.61 -11.09
C ARG F 318 -9.65 -26.16 -12.49
N ILE F 319 -10.79 -25.78 -13.06
CA ILE F 319 -11.13 -26.21 -14.42
C ILE F 319 -10.09 -25.72 -15.39
N ILE F 320 -9.74 -24.44 -15.30
CA ILE F 320 -8.82 -23.83 -16.26
C ILE F 320 -7.42 -24.44 -16.12
N ASP F 321 -6.96 -24.64 -14.87
CA ASP F 321 -5.67 -25.27 -14.63
C ASP F 321 -5.64 -26.71 -15.14
N SER F 322 -6.71 -27.47 -14.87
CA SER F 322 -6.77 -28.83 -15.37
C SER F 322 -6.71 -28.88 -16.89
N LEU F 323 -7.27 -27.87 -17.56
CA LEU F 323 -7.14 -27.74 -19.01
C LEU F 323 -5.88 -26.98 -19.41
N PHE F 324 -4.88 -26.93 -18.53
CA PHE F 324 -3.54 -26.43 -18.84
C PHE F 324 -3.54 -24.94 -19.21
N ASN F 325 -4.49 -24.19 -18.65
CA ASN F 325 -4.53 -22.73 -18.68
C ASN F 325 -4.79 -22.17 -20.07
N THR F 326 -5.30 -22.98 -20.99
CA THR F 326 -5.77 -22.45 -22.27
C THR F 326 -7.11 -23.11 -22.62
N VAL F 327 -8.12 -22.29 -22.84
CA VAL F 327 -9.46 -22.80 -23.11
C VAL F 327 -10.01 -22.18 -24.39
N THR F 328 -9.19 -21.38 -25.09
CA THR F 328 -9.62 -20.78 -26.33
C THR F 328 -10.12 -21.83 -27.31
N ASP F 329 -11.36 -21.65 -27.79
CA ASP F 329 -11.99 -22.50 -28.79
C ASP F 329 -12.22 -23.93 -28.31
N LYS F 330 -12.06 -24.21 -27.01
CA LYS F 330 -12.35 -25.55 -26.50
C LYS F 330 -13.83 -25.64 -26.16
N LYS F 331 -14.48 -26.71 -26.63
CA LYS F 331 -15.88 -26.94 -26.29
C LYS F 331 -15.98 -27.48 -24.87
N ILE F 332 -16.86 -26.88 -24.08
CA ILE F 332 -17.09 -27.30 -22.70
C ILE F 332 -18.59 -27.39 -22.48
N ALA F 333 -19.07 -28.53 -22.00
CA ALA F 333 -20.48 -28.69 -21.67
C ALA F 333 -20.73 -28.18 -20.25
N ILE F 334 -21.75 -27.33 -20.11
CA ILE F 334 -22.24 -26.87 -18.82
C ILE F 334 -23.55 -27.61 -18.54
N LEU F 335 -23.55 -28.52 -17.57
CA LEU F 335 -24.73 -29.28 -17.20
C LEU F 335 -25.35 -28.67 -15.95
N GLY F 336 -26.49 -28.00 -16.11
CA GLY F 336 -27.17 -27.37 -15.01
C GLY F 336 -26.99 -25.86 -15.01
N PHE F 337 -28.08 -25.11 -15.15
CA PHE F 337 -28.01 -23.67 -15.07
C PHE F 337 -28.84 -23.08 -13.96
N ALA F 338 -29.89 -23.77 -13.51
CA ALA F 338 -30.68 -23.31 -12.38
C ALA F 338 -29.83 -23.24 -11.11
N PHE F 339 -30.28 -22.43 -10.14
CA PHE F 339 -29.46 -22.22 -8.95
C PHE F 339 -29.50 -23.41 -8.00
N LYS F 340 -30.44 -24.33 -8.21
CA LYS F 340 -30.52 -25.61 -7.50
C LYS F 340 -31.43 -26.50 -8.35
N LYS F 341 -31.55 -27.76 -7.95
CA LYS F 341 -32.37 -28.66 -8.77
C LYS F 341 -33.86 -28.38 -8.56
N ASP F 342 -34.65 -28.84 -9.53
CA ASP F 342 -36.11 -28.85 -9.49
C ASP F 342 -36.72 -27.45 -9.51
N THR F 343 -36.05 -26.51 -10.16
CA THR F 343 -36.58 -25.18 -10.43
C THR F 343 -36.00 -24.68 -11.75
N GLY F 344 -36.73 -23.76 -12.39
CA GLY F 344 -36.21 -23.02 -13.52
C GLY F 344 -35.58 -21.68 -13.17
N ASP F 345 -35.54 -21.34 -11.89
CA ASP F 345 -35.00 -20.05 -11.43
C ASP F 345 -33.48 -20.03 -11.54
N THR F 346 -32.93 -18.95 -12.11
CA THR F 346 -31.48 -18.79 -12.23
C THR F 346 -30.93 -17.64 -11.40
N ARG F 347 -31.74 -16.97 -10.58
CA ARG F 347 -31.27 -15.79 -9.87
C ARG F 347 -30.02 -16.11 -9.04
N GLU F 348 -28.93 -15.40 -9.32
CA GLU F 348 -27.64 -15.57 -8.64
C GLU F 348 -27.11 -17.00 -8.73
N SER F 349 -27.51 -17.77 -9.74
CA SER F 349 -26.99 -19.13 -9.87
C SER F 349 -25.48 -19.14 -10.06
N SER F 350 -24.80 -20.05 -9.35
CA SER F 350 -23.36 -20.20 -9.56
C SER F 350 -23.03 -20.54 -11.01
N SER F 351 -23.98 -21.15 -11.74
CA SER F 351 -23.74 -21.47 -13.14
C SER F 351 -23.45 -20.23 -13.96
N ILE F 352 -24.09 -19.11 -13.63
CA ILE F 352 -23.82 -17.85 -14.34
C ILE F 352 -22.36 -17.45 -14.18
N TYR F 353 -21.86 -17.52 -12.95
CA TYR F 353 -20.49 -17.07 -12.66
C TYR F 353 -19.46 -18.00 -13.28
N ILE F 354 -19.65 -19.31 -13.17
CA ILE F 354 -18.72 -20.26 -13.78
C ILE F 354 -18.68 -20.05 -15.29
N SER F 355 -19.85 -19.90 -15.91
CA SER F 355 -19.90 -19.65 -17.35
C SER F 355 -19.12 -18.39 -17.71
N LYS F 356 -19.29 -17.32 -16.92
CA LYS F 356 -18.60 -16.08 -17.25
C LYS F 356 -17.10 -16.22 -17.10
N TYR F 357 -16.64 -16.93 -16.07
CA TYR F 357 -15.20 -17.16 -15.93
C TYR F 357 -14.64 -17.93 -17.13
N LEU F 358 -15.37 -18.95 -17.59
CA LEU F 358 -14.90 -19.72 -18.73
C LEU F 358 -15.01 -18.92 -20.03
N MET F 359 -16.06 -18.08 -20.16
CA MET F 359 -16.15 -17.22 -21.34
C MET F 359 -14.99 -16.24 -21.40
N ASP F 360 -14.56 -15.71 -20.25
CA ASP F 360 -13.39 -14.83 -20.23
C ASP F 360 -12.11 -15.55 -20.67
N GLU F 361 -12.11 -16.88 -20.64
CA GLU F 361 -10.99 -17.66 -21.17
C GLU F 361 -11.21 -18.06 -22.63
N GLY F 362 -12.31 -17.63 -23.24
CA GLY F 362 -12.54 -17.95 -24.63
C GLY F 362 -13.16 -19.31 -24.90
N ALA F 363 -13.72 -19.96 -23.88
CA ALA F 363 -14.33 -21.27 -24.08
C ALA F 363 -15.61 -21.15 -24.88
N HIS F 364 -15.92 -22.21 -25.63
CA HIS F 364 -17.20 -22.36 -26.32
C HIS F 364 -18.08 -23.22 -25.43
N LEU F 365 -19.02 -22.60 -24.73
CA LEU F 365 -19.87 -23.29 -23.78
C LEU F 365 -21.11 -23.83 -24.49
N HIS F 366 -21.44 -25.09 -24.22
CA HIS F 366 -22.71 -25.66 -24.64
C HIS F 366 -23.47 -25.98 -23.36
N ILE F 367 -24.58 -25.28 -23.13
CA ILE F 367 -25.26 -25.28 -21.84
C ILE F 367 -26.57 -26.04 -21.96
N TYR F 368 -26.78 -26.99 -21.08
CA TYR F 368 -28.02 -27.75 -21.02
C TYR F 368 -28.60 -27.66 -19.62
N ASP F 369 -29.90 -27.37 -19.53
CA ASP F 369 -30.65 -27.44 -18.29
C ASP F 369 -32.05 -27.90 -18.65
N PRO F 370 -32.63 -28.84 -17.90
CA PRO F 370 -33.96 -29.38 -18.28
C PRO F 370 -35.12 -28.40 -18.10
N LYS F 371 -34.99 -27.36 -17.30
CA LYS F 371 -36.14 -26.49 -17.02
C LYS F 371 -35.88 -25.01 -17.22
N VAL F 372 -34.64 -24.54 -17.19
CA VAL F 372 -34.41 -23.11 -17.41
C VAL F 372 -34.72 -22.78 -18.86
N PRO F 373 -35.58 -21.79 -19.17
CA PRO F 373 -35.87 -21.49 -20.57
C PRO F 373 -34.64 -20.97 -21.29
N ARG F 374 -34.56 -21.30 -22.58
CA ARG F 374 -33.41 -20.95 -23.40
C ARG F 374 -33.08 -19.47 -23.28
N GLU F 375 -34.09 -18.60 -23.42
CA GLU F 375 -33.88 -17.16 -23.47
C GLU F 375 -33.37 -16.61 -22.15
N GLN F 376 -33.68 -17.28 -21.03
CA GLN F 376 -33.18 -16.83 -19.73
C GLN F 376 -31.68 -17.03 -19.63
N ILE F 377 -31.17 -18.16 -20.16
CA ILE F 377 -29.72 -18.38 -20.14
C ILE F 377 -29.01 -17.30 -20.96
N VAL F 378 -29.56 -16.97 -22.14
CA VAL F 378 -28.97 -15.93 -22.99
C VAL F 378 -28.98 -14.59 -22.26
N VAL F 379 -30.10 -14.24 -21.63
CA VAL F 379 -30.20 -12.98 -20.90
C VAL F 379 -29.19 -12.94 -19.76
N ASP F 380 -29.07 -14.03 -18.99
CA ASP F 380 -28.19 -14.04 -17.82
C ASP F 380 -26.72 -13.83 -18.21
N LEU F 381 -26.31 -14.31 -19.37
CA LEU F 381 -24.91 -14.24 -19.76
C LEU F 381 -24.59 -12.98 -20.55
N SER F 382 -25.60 -12.15 -20.87
CA SER F 382 -25.41 -10.90 -21.61
C SER F 382 -25.12 -9.69 -20.72
N ASP F 390 -22.27 -9.73 -27.48
CA ASP F 390 -21.31 -10.09 -28.52
C ASP F 390 -20.48 -11.30 -28.08
N GLN F 391 -20.02 -11.28 -26.83
CA GLN F 391 -19.32 -12.44 -26.30
C GLN F 391 -20.25 -13.65 -26.20
N VAL F 392 -21.52 -13.42 -25.82
CA VAL F 392 -22.51 -14.49 -25.82
C VAL F 392 -22.73 -15.02 -27.22
N SER F 393 -22.78 -14.13 -28.20
CA SER F 393 -22.98 -14.56 -29.58
C SER F 393 -21.87 -15.48 -30.06
N ARG F 394 -20.62 -15.17 -29.71
CA ARG F 394 -19.46 -15.92 -30.19
C ARG F 394 -19.28 -17.25 -29.46
N LEU F 395 -19.57 -17.29 -28.16
CA LEU F 395 -19.09 -18.37 -27.30
C LEU F 395 -20.15 -19.30 -26.75
N VAL F 396 -21.43 -18.93 -26.77
CA VAL F 396 -22.46 -19.65 -26.03
C VAL F 396 -23.41 -20.35 -27.00
N THR F 397 -23.60 -21.65 -26.79
CA THR F 397 -24.63 -22.45 -27.44
C THR F 397 -25.55 -23.03 -26.38
N ILE F 398 -26.85 -23.01 -26.64
CA ILE F 398 -27.84 -23.58 -25.72
C ILE F 398 -28.24 -24.93 -26.28
N SER F 399 -27.92 -26.00 -25.56
CA SER F 399 -28.12 -27.35 -26.07
C SER F 399 -29.50 -27.86 -25.69
N LYS F 400 -30.08 -28.66 -26.58
CA LYS F 400 -31.41 -29.21 -26.36
C LYS F 400 -31.38 -30.51 -25.56
N ASP F 401 -30.24 -31.19 -25.52
CA ASP F 401 -30.10 -32.38 -24.71
C ASP F 401 -28.66 -32.47 -24.25
N PRO F 402 -28.37 -33.22 -23.17
CA PRO F 402 -27.01 -33.20 -22.62
C PRO F 402 -25.98 -33.90 -23.50
N TYR F 403 -26.41 -34.87 -24.33
CA TYR F 403 -25.47 -35.55 -25.20
C TYR F 403 -24.96 -34.63 -26.29
N GLU F 404 -25.81 -33.69 -26.75
CA GLU F 404 -25.37 -32.67 -27.69
C GLU F 404 -24.36 -31.73 -27.05
N ALA F 405 -24.56 -31.38 -25.78
CA ALA F 405 -23.63 -30.50 -25.09
C ALA F 405 -22.26 -31.14 -24.94
N CYS F 406 -22.22 -32.46 -24.71
CA CYS F 406 -20.96 -33.16 -24.48
C CYS F 406 -20.26 -33.63 -25.74
N ASP F 407 -20.93 -33.59 -26.89
CA ASP F 407 -20.37 -34.14 -28.13
C ASP F 407 -19.20 -33.29 -28.60
N GLY F 408 -18.01 -33.88 -28.60
CA GLY F 408 -16.80 -33.14 -28.93
C GLY F 408 -16.29 -32.22 -27.84
N ALA F 409 -16.79 -32.33 -26.62
CA ALA F 409 -16.33 -31.47 -25.52
C ALA F 409 -15.04 -32.01 -24.91
N HIS F 410 -14.22 -31.10 -24.39
CA HIS F 410 -13.05 -31.45 -23.58
C HIS F 410 -13.44 -31.74 -22.13
N ALA F 411 -14.49 -31.11 -21.63
CA ALA F 411 -14.83 -31.19 -20.22
C ALA F 411 -16.34 -31.05 -20.05
N VAL F 412 -16.83 -31.70 -19.01
CA VAL F 412 -18.22 -31.59 -18.60
C VAL F 412 -18.24 -30.95 -17.21
N VAL F 413 -18.92 -29.83 -17.06
CA VAL F 413 -18.98 -29.09 -15.80
C VAL F 413 -20.41 -29.18 -15.27
N ILE F 414 -20.57 -29.87 -14.15
CA ILE F 414 -21.87 -30.05 -13.52
C ILE F 414 -22.01 -28.99 -12.43
N CYS F 415 -22.94 -28.05 -12.64
CA CYS F 415 -23.16 -26.93 -11.73
C CYS F 415 -24.45 -27.03 -10.93
N THR F 416 -25.38 -27.89 -11.34
CA THR F 416 -26.67 -28.03 -10.68
C THR F 416 -26.96 -29.52 -10.48
N GLU F 417 -27.46 -29.87 -9.30
CA GLU F 417 -27.58 -31.28 -8.91
C GLU F 417 -28.85 -31.96 -9.43
N TRP F 418 -29.24 -31.68 -10.68
CA TRP F 418 -30.36 -32.38 -11.31
C TRP F 418 -30.15 -33.88 -11.24
N ASP F 419 -31.19 -34.60 -10.79
CA ASP F 419 -31.05 -36.04 -10.59
C ASP F 419 -30.75 -36.78 -11.88
N MET F 420 -31.22 -36.26 -13.02
CA MET F 420 -30.98 -36.94 -14.30
C MET F 420 -29.51 -37.01 -14.65
N PHE F 421 -28.66 -36.15 -14.06
CA PHE F 421 -27.26 -36.19 -14.43
C PHE F 421 -26.59 -37.47 -13.93
N LYS F 422 -27.09 -38.04 -12.84
CA LYS F 422 -26.67 -39.36 -12.38
C LYS F 422 -26.97 -40.46 -13.39
N GLU F 423 -27.93 -40.25 -14.28
CA GLU F 423 -28.46 -41.32 -15.12
C GLU F 423 -27.98 -41.23 -16.55
N LEU F 424 -27.08 -40.32 -16.85
CA LEU F 424 -26.59 -40.19 -18.22
C LEU F 424 -25.77 -41.42 -18.61
N ASP F 425 -25.72 -41.66 -19.93
CA ASP F 425 -24.91 -42.73 -20.50
C ASP F 425 -23.49 -42.22 -20.64
N TYR F 426 -22.68 -42.41 -19.58
CA TYR F 426 -21.35 -41.83 -19.58
C TYR F 426 -20.38 -42.59 -20.50
N GLU F 427 -20.67 -43.85 -20.81
CA GLU F 427 -19.90 -44.53 -21.86
C GLU F 427 -20.12 -43.85 -23.21
N ARG F 428 -21.38 -43.56 -23.54
CA ARG F 428 -21.67 -42.84 -24.77
C ARG F 428 -21.05 -41.47 -24.79
N ILE F 429 -21.13 -40.75 -23.67
CA ILE F 429 -20.54 -39.41 -23.62
C ILE F 429 -19.02 -39.50 -23.84
N HIS F 430 -18.37 -40.47 -23.19
CA HIS F 430 -16.92 -40.58 -23.27
C HIS F 430 -16.44 -40.85 -24.69
N LYS F 431 -17.14 -41.69 -25.44
CA LYS F 431 -16.68 -42.01 -26.79
C LYS F 431 -16.53 -40.77 -27.68
N LYS F 432 -17.43 -39.80 -27.54
CA LYS F 432 -17.41 -38.65 -28.43
C LYS F 432 -16.75 -37.41 -27.82
N MET F 433 -16.23 -37.51 -26.60
CA MET F 433 -15.43 -36.42 -26.07
C MET F 433 -14.00 -36.50 -26.59
N LEU F 434 -13.35 -35.35 -26.66
CA LEU F 434 -11.92 -35.29 -26.89
C LEU F 434 -11.19 -35.72 -25.62
N LYS F 435 -10.01 -36.29 -25.80
CA LYS F 435 -9.26 -36.84 -24.68
C LYS F 435 -7.97 -36.03 -24.44
N PRO F 436 -7.60 -35.81 -23.17
CA PRO F 436 -8.28 -36.29 -21.96
C PRO F 436 -9.64 -35.66 -21.72
N ALA F 437 -10.60 -36.48 -21.29
CA ALA F 437 -11.97 -36.08 -21.07
C ALA F 437 -12.20 -35.84 -19.58
N PHE F 438 -12.60 -34.62 -19.23
CA PHE F 438 -12.76 -34.20 -17.84
C PHE F 438 -14.23 -34.13 -17.45
N ILE F 439 -14.51 -34.51 -16.20
CA ILE F 439 -15.77 -34.17 -15.55
C ILE F 439 -15.43 -33.36 -14.30
N PHE F 440 -15.97 -32.15 -14.22
CA PHE F 440 -15.81 -31.32 -13.03
C PHE F 440 -17.17 -31.32 -12.33
N ASP F 441 -17.26 -32.10 -11.25
CA ASP F 441 -18.52 -32.27 -10.54
C ASP F 441 -18.59 -31.21 -9.45
N GLY F 442 -19.30 -30.12 -9.73
CA GLY F 442 -19.47 -29.08 -8.74
C GLY F 442 -20.55 -29.34 -7.71
N ARG F 443 -21.15 -30.54 -7.69
CA ARG F 443 -22.25 -30.82 -6.78
C ARG F 443 -22.14 -32.14 -6.03
N ARG F 444 -21.07 -32.91 -6.21
CA ARG F 444 -20.92 -34.23 -5.61
C ARG F 444 -22.04 -35.16 -6.05
N VAL F 445 -22.66 -34.87 -7.21
CA VAL F 445 -23.80 -35.65 -7.65
C VAL F 445 -23.39 -36.98 -8.26
N LEU F 446 -22.14 -37.13 -8.69
CA LEU F 446 -21.65 -38.36 -9.29
C LEU F 446 -20.84 -39.20 -8.31
N ASP F 447 -20.85 -38.86 -7.02
CA ASP F 447 -20.19 -39.70 -6.02
C ASP F 447 -20.74 -41.12 -6.11
N GLY F 448 -19.86 -42.08 -5.86
CA GLY F 448 -20.23 -43.48 -5.97
C GLY F 448 -20.22 -44.03 -7.38
N LEU F 449 -20.29 -43.17 -8.40
CA LEU F 449 -19.99 -43.54 -9.78
C LEU F 449 -18.52 -43.36 -10.13
N HIS F 450 -17.69 -42.91 -9.18
CA HIS F 450 -16.32 -42.52 -9.52
C HIS F 450 -15.52 -43.69 -10.07
N ASN F 451 -15.66 -44.88 -9.47
CA ASN F 451 -14.94 -46.04 -10.00
C ASN F 451 -15.40 -46.40 -11.41
N GLU F 452 -16.71 -46.35 -11.65
CA GLU F 452 -17.20 -46.62 -13.00
C GLU F 452 -16.70 -45.57 -13.97
N LEU F 453 -16.70 -44.30 -13.56
CA LEU F 453 -16.27 -43.22 -14.46
C LEU F 453 -14.78 -43.29 -14.75
N GLN F 454 -13.96 -43.63 -13.74
CA GLN F 454 -12.54 -43.77 -14.02
C GLN F 454 -12.28 -44.96 -14.93
N THR F 455 -12.99 -46.06 -14.71
CA THR F 455 -12.85 -47.23 -15.57
C THR F 455 -13.22 -46.90 -17.01
N ILE F 456 -14.27 -46.11 -17.20
CA ILE F 456 -14.65 -45.67 -18.54
C ILE F 456 -13.54 -44.85 -19.19
N GLY F 457 -12.84 -44.03 -18.39
CA GLY F 457 -11.69 -43.29 -18.88
C GLY F 457 -11.70 -41.80 -18.58
N PHE F 458 -12.68 -41.34 -17.81
CA PHE F 458 -12.77 -39.93 -17.45
C PHE F 458 -11.71 -39.54 -16.43
N GLN F 459 -11.30 -38.27 -16.51
CA GLN F 459 -10.61 -37.58 -15.43
C GLN F 459 -11.70 -36.88 -14.64
N ILE F 460 -11.99 -37.36 -13.44
CA ILE F 460 -13.08 -36.81 -12.64
C ILE F 460 -12.47 -35.96 -11.52
N GLU F 461 -12.88 -34.70 -11.47
CA GLU F 461 -12.46 -33.77 -10.43
C GLU F 461 -13.71 -33.27 -9.74
N THR F 462 -13.72 -33.31 -8.41
CA THR F 462 -14.91 -32.90 -7.70
C THR F 462 -14.53 -32.00 -6.53
N ILE F 463 -15.49 -31.19 -6.10
CA ILE F 463 -15.28 -30.25 -5.01
C ILE F 463 -15.03 -30.99 -3.71
N GLY F 464 -14.02 -30.53 -2.97
CA GLY F 464 -13.76 -31.11 -1.67
C GLY F 464 -13.03 -32.43 -1.71
N LYS F 465 -12.39 -32.74 -2.83
CA LYS F 465 -11.56 -33.94 -2.95
C LYS F 465 -10.41 -33.64 -3.91
N LYS F 466 -9.23 -34.20 -3.62
CA LYS F 466 -8.04 -33.98 -4.47
C LYS F 466 -8.31 -34.30 -5.94
C1' UDX G . 10.47 -18.91 -30.79
C2' UDX G . 10.58 -19.62 -29.44
O2' UDX G . 11.21 -20.88 -29.58
C3' UDX G . 9.23 -19.84 -28.75
O3' UDX G . 9.50 -20.25 -27.40
C4' UDX G . 8.39 -18.55 -28.81
O4' UDX G . 7.06 -18.77 -28.34
C5' UDX G . 8.34 -18.04 -30.24
O5' UDX G . 9.67 -17.71 -30.64
PB UDX G . 10.14 -19.19 -33.34
O1B UDX G . 10.74 -20.24 -34.25
O2B UDX G . 11.06 -18.01 -33.30
O3B UDX G . 9.94 -19.74 -31.85
O3A UDX G . 8.66 -18.69 -33.74
PA UDX G . 8.09 -18.39 -35.23
O1A UDX G . 9.02 -17.58 -36.09
O2A UDX G . 6.73 -17.77 -35.05
O5D UDX G . 7.91 -19.86 -35.86
C5D UDX G . 6.89 -20.74 -35.36
C4D UDX G . 6.29 -21.44 -36.57
O4D UDX G . 5.40 -22.50 -36.16
C3D UDX G . 5.46 -20.47 -37.40
O3D UDX G . 6.04 -20.38 -38.70
C2D UDX G . 4.06 -21.05 -37.39
O2D UDX G . 3.43 -20.89 -38.67
C1D UDX G . 4.30 -22.50 -37.06
N1 UDX G . 3.20 -23.20 -36.41
C6 UDX G . 2.67 -22.71 -35.28
C2 UDX G . 2.74 -24.42 -36.93
O2 UDX G . 3.25 -24.86 -37.98
N3 UDX G . 1.75 -25.08 -36.32
C4 UDX G . 1.19 -24.61 -35.22
O4 UDX G . 0.26 -25.24 -34.65
C5 UDX G . 1.64 -23.41 -34.67
C1' UDX H . 18.57 -15.08 -26.54
C2' UDX H . 19.66 -15.92 -25.89
O2' UDX H . 20.93 -15.33 -26.12
C3' UDX H . 19.63 -17.33 -26.47
O3' UDX H . 20.61 -18.16 -25.81
C4' UDX H . 18.24 -17.91 -26.29
O4' UDX H . 18.19 -19.22 -26.90
C5' UDX H . 17.25 -17.00 -27.00
O5' UDX H . 17.30 -15.73 -26.39
PB UDX H . 18.34 -13.65 -28.75
O1B UDX H . 17.20 -12.98 -28.02
O2B UDX H . 17.90 -14.11 -30.12
O3B UDX H . 18.87 -14.94 -27.93
O3A UDX H . 19.59 -12.65 -28.93
PA UDX H . 20.52 -11.99 -27.78
O1A UDX H . 21.89 -11.86 -28.40
O2A UDX H . 20.52 -12.77 -26.51
O5D UDX H . 19.86 -10.54 -27.55
C5D UDX H . 18.69 -10.36 -26.74
C4D UDX H . 18.49 -8.85 -26.55
O4D UDX H . 19.45 -8.34 -25.59
C3D UDX H . 18.71 -8.08 -27.84
O3D UDX H . 17.72 -7.03 -27.89
C2D UDX H . 20.09 -7.47 -27.65
O2D UDX H . 20.30 -6.30 -28.43
C1D UDX H . 20.14 -7.22 -26.15
N1 UDX H . 21.49 -7.23 -25.55
C6 UDX H . 22.25 -8.34 -25.58
C2 UDX H . 21.93 -6.07 -24.88
O2 UDX H . 21.18 -5.06 -24.86
N3 UDX H . 23.15 -6.05 -24.29
C4 UDX H . 23.92 -7.14 -24.32
O4 UDX H . 25.04 -7.13 -23.77
C5 UDX H . 23.50 -8.33 -24.97
C1' UDX I . 37.05 -4.58 5.03
C2' UDX I . 36.60 -3.64 3.91
O2' UDX I . 37.72 -3.22 3.13
C3' UDX I . 35.83 -2.39 4.38
O3' UDX I . 35.12 -1.88 3.24
C4' UDX I . 34.87 -2.73 5.51
O4' UDX I . 34.41 -1.55 6.18
C5' UDX I . 35.49 -3.68 6.53
O5' UDX I . 35.90 -4.86 5.83
PB UDX I . 38.91 -5.07 6.83
O1B UDX I . 40.40 -5.04 6.66
O2B UDX I . 38.36 -6.46 6.63
O3B UDX I . 38.15 -4.05 5.83
O3A UDX I . 38.45 -4.59 8.29
PA UDX I . 39.09 -4.95 9.72
O1A UDX I . 39.52 -6.39 9.91
O2A UDX I . 38.10 -4.50 10.77
O5D UDX I . 40.44 -4.06 9.81
C5D UDX I . 40.39 -2.64 9.81
C4D UDX I . 41.50 -2.19 10.74
O4D UDX I . 41.58 -0.77 10.74
C3D UDX I . 41.19 -2.62 12.18
O3D UDX I . 42.20 -3.54 12.67
C2D UDX I . 41.12 -1.31 12.96
O2D UDX I . 41.70 -1.41 14.27
C1D UDX I . 41.90 -0.36 12.07
N1 UDX I . 41.54 1.04 12.22
C6 UDX I . 40.27 1.44 12.07
C2 UDX I . 42.55 1.99 12.52
O2 UDX I . 43.75 1.64 12.65
N3 UDX I . 42.23 3.28 12.64
C4 UDX I . 40.98 3.70 12.49
O4 UDX I . 40.74 4.92 12.62
C5 UDX I . 39.96 2.79 12.19
C1' UDX J . 33.98 -10.78 -1.88
C2' UDX J . 34.41 -10.73 -3.34
O2' UDX J . 34.48 -12.09 -3.86
C3' UDX J . 35.75 -9.99 -3.46
O3' UDX J . 36.07 -9.75 -4.82
C4' UDX J . 35.61 -8.62 -2.78
O4' UDX J . 36.84 -7.90 -2.92
C5' UDX J . 35.19 -8.78 -1.32
O5' UDX J . 33.92 -9.45 -1.31
PB UDX J . 34.53 -12.40 0.14
O1B UDX J . 33.28 -11.86 0.82
O2B UDX J . 35.71 -12.43 1.07
O3B UDX J . 34.92 -11.59 -1.18
O3A UDX J . 34.34 -13.95 -0.25
PA UDX J . 33.43 -14.62 -1.39
O1A UDX J . 34.23 -15.82 -1.85
O2A UDX J . 33.11 -13.66 -2.49
O5D UDX J . 32.13 -15.11 -0.60
C5D UDX J . 31.12 -14.19 -0.17
C4D UDX J . 29.96 -15.01 0.38
O4D UDX J . 29.26 -15.62 -0.72
C3D UDX J . 30.41 -16.14 1.29
O3D UDX J . 29.46 -16.22 2.38
C2D UDX J . 30.33 -17.36 0.38
O2D UDX J . 30.16 -18.60 1.09
C1D UDX J . 29.14 -17.04 -0.51
N1 UDX J . 29.13 -17.69 -1.83
C6 UDX J . 30.12 -17.46 -2.72
C2 UDX J . 28.06 -18.54 -2.15
O2 UDX J . 27.15 -18.74 -1.32
N3 UDX J . 28.02 -19.13 -3.36
C4 UDX J . 28.96 -18.91 -4.26
O4 UDX J . 28.88 -19.49 -5.36
C5 UDX J . 30.06 -18.08 -3.97
PB ADP K . 0.81 33.03 27.13
O1B ADP K . 0.74 34.22 28.06
O2B ADP K . -0.50 32.68 26.46
O3B ADP K . 1.96 33.06 26.16
PA ADP K . 2.04 31.56 29.33
O1A ADP K . 3.32 32.34 29.25
O2A ADP K . 2.07 30.10 29.66
O3A ADP K . 1.08 31.72 28.04
O5' ADP K . 1.18 32.26 30.48
C5' ADP K . -0.01 31.65 30.97
C4' ADP K . -0.06 31.89 32.46
O4' ADP K . -1.38 31.58 32.90
C3' ADP K . 0.89 30.98 33.23
O3' ADP K . 1.79 31.77 34.03
C2' ADP K . 0.00 30.16 34.15
O2' ADP K . 0.55 30.03 35.47
C1' ADP K . -1.28 30.99 34.19
N9 ADP K . -2.51 30.24 34.49
C8 ADP K . -3.06 29.21 33.80
N7 ADP K . -4.23 28.81 34.41
C5 ADP K . -4.41 29.59 35.50
C6 ADP K . -5.41 29.71 36.60
N6 ADP K . -6.49 28.91 36.66
N1 ADP K . -5.20 30.67 37.54
C2 ADP K . -4.12 31.49 37.50
N3 ADP K . -3.17 31.45 36.54
C4 ADP K . -3.26 30.53 35.54
C1' UDX L . 2.44 35.85 15.90
C2' UDX L . 1.66 36.90 15.13
O2' UDX L . 2.66 37.69 14.47
C3' UDX L . 0.85 37.77 16.09
O3' UDX L . 0.05 38.74 15.39
C4' UDX L . -0.05 36.87 16.97
O4' UDX L . -0.82 37.63 17.92
C5' UDX L . 0.85 35.89 17.71
O5' UDX L . 1.59 35.10 16.76
PB UDX L . 4.76 35.83 17.24
O1B UDX L . 4.65 34.35 17.07
O2B UDX L . 5.09 36.22 18.64
O3B UDX L . 3.39 36.52 16.73
O3A UDX L . 5.95 36.45 16.35
PA UDX L . 6.10 36.51 14.75
O1A UDX L . 6.83 37.80 14.49
O2A UDX L . 4.79 36.42 14.03
O5D UDX L . 6.99 35.23 14.38
C5D UDX L . 6.48 33.91 14.30
C4D UDX L . 7.54 32.99 13.72
O4D UDX L . 7.65 33.18 12.30
C3D UDX L . 8.91 33.25 14.30
O3D UDX L . 9.53 31.96 14.48
C2D UDX L . 9.61 34.08 13.23
O2D UDX L . 11.03 33.96 13.30
C1D UDX L . 9.01 33.48 11.95
N1 UDX L . 9.01 34.37 10.78
C6 UDX L . 8.31 35.51 10.80
C2 UDX L . 9.75 34.01 9.62
O2 UDX L . 10.42 32.96 9.61
N3 UDX L . 9.75 34.80 8.53
C4 UDX L . 9.05 35.95 8.52
O4 UDX L . 9.08 36.67 7.51
C5 UDX L . 8.30 36.32 9.65
C1' UDX M . -7.79 -31.31 26.87
C2' UDX M . -7.72 -31.50 25.34
O2' UDX M . -7.98 -32.84 24.96
C3' UDX M . -6.37 -31.10 24.75
O3' UDX M . -6.51 -31.02 23.32
C4' UDX M . -5.94 -29.74 25.30
O4' UDX M . -4.59 -29.45 24.90
C5' UDX M . -6.06 -29.71 26.82
O5' UDX M . -7.42 -29.96 27.16
PB UDX M . -7.30 -32.34 29.25
O1B UDX M . -7.48 -33.75 29.77
O2B UDX M . -8.53 -31.53 29.47
O3B UDX M . -7.00 -32.25 27.66
O3A UDX M . -6.05 -31.60 29.92
PA UDX M . -5.55 -31.71 31.45
O1A UDX M . -6.71 -31.57 32.41
O2A UDX M . -4.52 -30.64 31.63
O5D UDX M . -4.86 -33.14 31.66
C5D UDX M . -3.70 -33.50 30.94
C4D UDX M . -2.88 -34.38 31.86
O4D UDX M . -1.79 -34.95 31.16
C3D UDX M . -2.28 -33.55 33.00
O3D UDX M . -2.86 -34.03 34.23
C2D UDX M . -0.79 -33.80 32.90
O2D UDX M . -0.22 -33.97 34.19
C1D UDX M . -0.70 -35.09 32.07
N1 UDX M . 0.54 -35.22 31.29
C6 UDX M . 0.85 -34.27 30.40
C2 UDX M . 1.38 -36.33 31.45
O2 UDX M . 1.11 -37.24 32.27
N3 UDX M . 2.51 -36.42 30.71
C4 UDX M . 2.83 -35.48 29.83
O4 UDX M . 3.89 -35.58 29.16
C5 UDX M . 2.01 -34.38 29.66
C1' UDX N . -16.77 -28.53 23.51
C2' UDX N . -17.56 -29.36 22.50
O2' UDX N . -18.95 -29.15 22.79
C3' UDX N . -17.16 -30.83 22.66
O3' UDX N . -17.81 -31.68 21.72
C4' UDX N . -15.65 -30.92 22.47
O4' UDX N . -15.17 -32.27 22.58
C5' UDX N . -14.94 -30.03 23.48
O5' UDX N . -15.37 -28.68 23.31
PB UDX N . -16.87 -28.01 26.09
O1B UDX N . -15.98 -26.86 25.71
O2B UDX N . -16.35 -28.82 27.23
O3B UDX N . -17.07 -28.99 24.82
O3A UDX N . -18.35 -27.52 26.52
PA UDX N . -19.47 -26.72 25.64
O1A UDX N . -20.83 -27.15 26.18
O2A UDX N . -19.30 -26.91 24.18
O5D UDX N . -19.25 -25.17 25.97
C5D UDX N . -18.16 -24.43 25.40
C4D UDX N . -18.43 -22.95 25.64
O4D UDX N . -19.53 -22.48 24.84
C3D UDX N . -18.85 -22.73 27.09
O3D UDX N . -18.17 -21.57 27.59
C2D UDX N . -20.36 -22.54 27.03
O2D UDX N . -20.86 -21.81 28.16
C1D UDX N . -20.51 -21.84 25.69
N1 UDX N . -21.82 -21.96 25.06
C6 UDX N . -22.26 -23.15 24.62
C2 UDX N . -22.61 -20.79 24.85
O2 UDX N . -22.18 -19.69 25.27
N3 UDX N . -23.80 -20.89 24.26
C4 UDX N . -24.26 -22.08 23.83
O4 UDX N . -25.37 -22.17 23.27
C5 UDX N . -23.49 -23.24 24.00
C1' UDX O . -1.31 35.35 -22.19
C2' UDX O . -0.04 34.97 -21.41
O2' UDX O . 0.97 35.99 -21.51
C3' UDX O . 0.56 33.63 -21.84
O3' UDX O . 1.51 33.24 -20.83
C4' UDX O . -0.55 32.57 -21.99
O4' UDX O . -0.05 31.40 -22.65
C5' UDX O . -1.76 33.09 -22.76
O5' UDX O . -2.25 34.27 -22.13
PB UDX O . -2.19 36.53 -24.37
O1B UDX O . -1.66 37.76 -25.05
O2B UDX O . -3.32 36.84 -23.44
O3B UDX O . -1.04 35.73 -23.57
O3A UDX O . -2.70 35.42 -25.41
PA UDX O . -3.59 35.63 -26.74
O1A UDX O . -4.80 36.51 -26.53
O2A UDX O . -4.02 34.26 -27.19
O5D UDX O . -2.63 36.31 -27.84
C5D UDX O . -1.49 35.62 -28.33
C4D UDX O . -1.38 35.98 -29.81
O4D UDX O . -0.15 35.54 -30.39
C3D UDX O . -2.50 35.36 -30.63
O3D UDX O . -3.23 36.42 -31.26
C2D UDX O . -1.80 34.47 -31.63
O2D UDX O . -2.42 34.49 -32.92
C1D UDX O . -0.41 35.06 -31.71
N1 UDX O . 0.59 34.08 -32.12
C6 UDX O . 0.69 32.92 -31.46
C2 UDX O . 1.46 34.36 -33.18
O2 UDX O . 1.39 35.45 -33.79
N3 UDX O . 2.40 33.47 -33.55
C4 UDX O . 2.52 32.31 -32.91
O4 UDX O . 3.40 31.49 -33.27
C5 UDX O . 1.67 32.00 -31.86
C1' UDX P . -3.43 38.22 -12.93
C2' UDX P . -2.46 39.01 -12.04
O2' UDX P . -3.25 39.91 -11.25
C3' UDX P . -1.47 39.79 -12.89
O3' UDX P . -0.54 40.57 -12.10
C4' UDX P . -0.75 38.85 -13.87
O4' UDX P . 0.12 39.60 -14.72
C5' UDX P . -1.84 38.16 -14.70
O5' UDX P . -2.68 37.40 -13.83
PB UDX P . -5.69 38.74 -14.20
O1B UDX P . -5.86 37.23 -14.18
O2B UDX P . -5.89 39.32 -15.58
O3B UDX P . -4.24 39.15 -13.65
O3A UDX P . -6.73 39.48 -13.23
PA UDX P . -6.88 39.36 -11.62
O1A UDX P . -7.41 40.68 -11.16
O2A UDX P . -5.57 39.04 -10.96
O5D UDX P . -8.01 38.25 -11.36
C5D UDX P . -7.80 36.86 -11.53
C4D UDX P . -9.06 36.15 -11.03
O4D UDX P . -9.12 36.23 -9.60
C3D UDX P . -10.35 36.78 -11.54
O3D UDX P . -11.24 35.70 -11.85
C2D UDX P . -10.86 37.58 -10.36
O2D UDX P . -12.27 37.78 -10.36
C1D UDX P . -10.40 36.72 -9.18
N1 UDX P . -10.27 37.46 -7.92
C6 UDX P . -9.37 38.46 -7.82
C2 UDX P . -11.03 37.08 -6.81
O2 UDX P . -11.83 36.14 -6.91
N3 UDX P . -10.88 37.72 -5.63
C4 UDX P . -9.99 38.72 -5.52
O4 UDX P . -9.86 39.33 -4.42
C5 UDX P . -9.22 39.11 -6.60
PB ADP Q . -40.35 -13.41 -5.80
O1B ADP Q . -40.08 -12.53 -4.61
O2B ADP Q . -39.33 -14.51 -6.00
O3B ADP Q . -41.77 -13.93 -5.92
PA ADP Q . -40.64 -12.47 -8.53
O1A ADP Q . -39.88 -11.41 -9.28
O2A ADP Q . -40.68 -13.88 -9.06
O3A ADP Q . -40.13 -12.36 -7.00
O5' ADP Q . -42.18 -12.00 -8.35
C5' ADP Q . -42.49 -10.64 -8.06
C4' ADP Q . -43.77 -10.28 -8.82
O4' ADP Q . -44.33 -9.09 -8.31
C3' ADP Q . -43.47 -10.04 -10.31
O3' ADP Q . -44.26 -10.93 -11.11
C2' ADP Q . -43.85 -8.59 -10.55
O2' ADP Q . -44.49 -8.44 -11.83
C1' ADP Q . -44.79 -8.29 -9.41
N9 ADP Q . -44.87 -6.86 -8.98
C8 ADP Q . -43.85 -6.06 -8.59
N7 ADP Q . -44.32 -4.82 -8.25
C5 ADP Q . -45.66 -4.82 -8.42
C6 ADP Q . -46.78 -3.85 -8.24
N6 ADP Q . -46.54 -2.58 -7.82
N1 ADP Q . -48.03 -4.27 -8.55
C2 ADP Q . -48.27 -5.52 -8.97
N3 ADP Q . -47.31 -6.45 -9.16
C4 ADP Q . -46.02 -6.16 -8.89
C1' UDX R . -33.64 -20.27 0.89
C2' UDX R . -34.01 -20.80 2.28
O2' UDX R . -33.71 -22.20 2.35
C3' UDX R . -35.51 -20.58 2.52
O3' UDX R . -35.84 -20.96 3.85
C4' UDX R . -35.82 -19.10 2.32
O4' UDX R . -37.21 -18.80 2.56
C5' UDX R . -35.44 -18.70 0.91
O5' UDX R . -34.03 -18.91 0.77
PB UDX R . -33.82 -21.25 -1.55
O1B UDX R . -32.77 -20.23 -1.91
O2B UDX R . -35.00 -21.19 -2.52
O3B UDX R . -34.36 -21.06 -0.04
O3A UDX R . -33.29 -22.75 -1.62
PA UDX R . -32.12 -23.45 -0.75
O1A UDX R . -32.49 -24.91 -0.67
O2A UDX R . -31.92 -22.82 0.61
O5D UDX R . -30.80 -23.26 -1.66
C5D UDX R . -30.02 -22.05 -1.60
C4D UDX R . -28.70 -22.29 -2.34
O4D UDX R . -27.79 -23.00 -1.48
C3D UDX R . -28.89 -23.17 -3.57
O3D UDX R . -28.05 -22.69 -4.64
C2D UDX R . -28.45 -24.54 -3.11
O2D UDX R . -27.99 -25.35 -4.21
C1D UDX R . -27.35 -24.20 -2.12
N1 UDX R . -27.13 -25.22 -1.10
C6 UDX R . -28.07 -25.59 -0.24
C2 UDX R . -25.84 -25.80 -1.04
O2 UDX R . -24.97 -25.42 -1.86
N3 UDX R . -25.56 -26.74 -0.13
C4 UDX R . -26.51 -27.12 0.75
O4 UDX R . -26.24 -27.98 1.60
C5 UDX R . -27.79 -26.56 0.72
#